data_7LN3
#
_entry.id   7LN3
#
_cell.length_a   1.00
_cell.length_b   1.00
_cell.length_c   1.00
_cell.angle_alpha   90.00
_cell.angle_beta   90.00
_cell.angle_gamma   90.00
#
_symmetry.space_group_name_H-M   'P 1'
#
loop_
_entity.id
_entity.type
_entity.pdbx_description
1 polymer 'Transitional endoplasmic reticulum ATPase'
2 polymer 'polyubiquitinated Ub-Eos'
3 non-polymer "ADENOSINE-5'-DIPHOSPHATE"
4 non-polymer "ADENOSINE-5'-TRIPHOSPHATE"
5 non-polymer 'MAGNESIUM ION'
#
loop_
_entity_poly.entity_id
_entity_poly.type
_entity_poly.pdbx_seq_one_letter_code
_entity_poly.pdbx_strand_id
1 'polypeptide(L)'
;MASGADSKGDDLSTAILKQKNRPNRLIVDEAINEDNSVVSLSQPKMDELQLFRGDTVLLKGKKRREAVCIVLSDDTCSDE
KIRMNRVVRNNLRVRLGDVISIQPCPDVKYGKRIHVLPIDDTVEGITGNLFEVYLKPYFLEAYRPIRKGDIFLVRGGMRA
VEFKVVETDPSPYCIVAPDTVIHCEGEPIKREDEEESLNEVGYDDIGGCRKQLAQIKEMVELPLRHPALFKEIGVKPPRG
ILLYGPPGTGKTLIARAVANETGAFFFLINGPEIMSKLAGESESNLRKAFEEAEKNAPAIIFIDELDAIAPKREKTHGEV
ERRIVSQLLTLMDGLKQRAHVIVMAATNRPNSIDPALRRFGRFDREVDIGIPDATGRLEILQIHTKNMKLADDVDLEQVA
NETHGHVGADLAALCSEAALQAIRKKMDLIDLEDETIDAEVMNSLAVTMDDFRWALSQSNPSALRETVVEVPQVTWEDIG
GLEDVKRELQELVQYPVEHPDKFLKFGMTPSKGVLFYGPPGCGKTLLAKAIANECQANFISIKGPELLTMWFGESEANVR
EIFDKARQAAPCVLFFDQLDSIAKARGGNIGDGGGAADRVINQILTEMDGMSTKKNVFIIGATNRPDIIDPAILRPGRLD
QLIYIPLPDEKSRVAILKANLRKSPVAKDVDLEFLAKMTNGFSGADLTEICQRACKLAIRESIESEIRRERERQTNPSAM
EVEEDDPVPEIRRDHFEEAMRFARRSVSDNDIRKYEMFAQTLQQSRGFGSFRFPSGNQGGAGPSQGSGGGTGGSVYTEDN
DDDLYG
;
A,B,C,D,E,F
2 'polypeptide(L)'
;(UNK)(UNK)(UNK)(UNK)(UNK)(UNK)(UNK)(UNK)(UNK)(UNK)(UNK)(UNK)(UNK)(UNK)(UNK)(UNK)
(UNK)(UNK)(UNK)(UNK)(UNK)(UNK)
;
G
#
# COMPACT_ATOMS: atom_id res chain seq x y z
N PRO A 23 28.17 -59.39 -3.17
CA PRO A 23 27.48 -60.62 -2.76
C PRO A 23 26.57 -60.38 -1.56
N ASN A 24 26.56 -59.14 -1.07
CA ASN A 24 25.73 -58.80 0.08
C ASN A 24 24.24 -58.86 -0.26
N ARG A 25 23.88 -58.44 -1.47
CA ARG A 25 22.47 -58.46 -1.89
C ARG A 25 21.94 -59.89 -1.91
N LEU A 26 20.74 -60.07 -1.36
CA LEU A 26 20.14 -61.39 -1.27
C LEU A 26 18.62 -61.26 -1.37
N ILE A 27 17.96 -62.36 -1.68
CA ILE A 27 16.52 -62.38 -1.92
C ILE A 27 15.82 -62.97 -0.70
N VAL A 28 14.81 -62.25 -0.20
CA VAL A 28 14.11 -62.66 1.01
C VAL A 28 13.32 -63.93 0.73
N ASP A 29 13.49 -64.93 1.58
CA ASP A 29 12.80 -66.20 1.43
C ASP A 29 12.31 -66.69 2.80
N GLU A 30 11.24 -67.47 2.78
CA GLU A 30 10.68 -68.00 4.02
C GLU A 30 11.59 -69.08 4.60
N ALA A 31 11.56 -69.21 5.92
CA ALA A 31 12.33 -70.21 6.64
C ALA A 31 11.41 -71.37 7.01
N ILE A 32 11.78 -72.59 6.61
CA ILE A 32 10.98 -73.76 6.95
C ILE A 32 11.03 -74.04 8.44
N ASN A 33 12.24 -74.02 9.02
CA ASN A 33 12.43 -74.31 10.42
C ASN A 33 13.22 -73.25 11.19
N GLU A 34 13.87 -72.32 10.49
CA GLU A 34 14.67 -71.31 11.17
C GLU A 34 13.77 -70.25 11.82
N ASP A 35 14.07 -69.92 13.06
CA ASP A 35 13.30 -68.91 13.79
C ASP A 35 13.88 -67.52 13.53
N ASN A 36 13.46 -66.55 14.33
CA ASN A 36 13.95 -65.18 14.16
C ASN A 36 15.42 -65.07 14.57
N SER A 37 15.84 -65.79 15.61
CA SER A 37 17.18 -65.62 16.15
C SER A 37 18.25 -66.05 15.17
N VAL A 38 17.98 -67.07 14.35
CA VAL A 38 18.96 -67.60 13.42
C VAL A 38 18.43 -67.51 12.00
N VAL A 39 19.35 -67.57 11.04
CA VAL A 39 19.01 -67.58 9.62
C VAL A 39 19.81 -68.67 8.93
N SER A 40 19.29 -69.13 7.79
CA SER A 40 19.92 -70.19 7.01
C SER A 40 20.21 -69.68 5.61
N LEU A 41 21.42 -69.95 5.12
CA LEU A 41 21.85 -69.54 3.79
C LEU A 41 22.44 -70.74 3.06
N SER A 42 22.60 -70.59 1.75
CA SER A 42 23.25 -71.62 0.96
C SER A 42 24.74 -71.70 1.29
N GLN A 43 25.27 -72.91 1.21
CA GLN A 43 26.70 -73.12 1.47
C GLN A 43 27.61 -72.36 0.50
N PRO A 44 27.37 -72.37 -0.83
CA PRO A 44 28.26 -71.59 -1.71
C PRO A 44 28.28 -70.10 -1.39
N LYS A 45 27.14 -69.54 -0.98
CA LYS A 45 27.13 -68.12 -0.62
C LYS A 45 27.97 -67.86 0.62
N MET A 46 27.90 -68.76 1.61
CA MET A 46 28.75 -68.64 2.79
C MET A 46 30.22 -68.73 2.41
N ASP A 47 30.56 -69.66 1.51
CA ASP A 47 31.94 -69.79 1.06
C ASP A 47 32.41 -68.53 0.35
N GLU A 48 31.54 -67.93 -0.48
CA GLU A 48 31.87 -66.67 -1.12
C GLU A 48 31.99 -65.54 -0.10
N LEU A 49 31.14 -65.56 0.93
CA LEU A 49 31.21 -64.58 2.00
C LEU A 49 32.21 -64.95 3.09
N GLN A 50 32.83 -66.14 2.99
CA GLN A 50 33.84 -66.59 3.96
C GLN A 50 33.31 -66.57 5.38
N LEU A 51 32.10 -67.08 5.57
CA LEU A 51 31.49 -67.20 6.89
C LEU A 51 31.34 -68.66 7.23
N PHE A 52 31.88 -69.06 8.39
CA PHE A 52 31.68 -70.41 8.87
C PHE A 52 30.26 -70.59 9.38
N ARG A 53 29.84 -71.85 9.55
CA ARG A 53 28.53 -72.13 10.09
C ARG A 53 28.43 -71.59 11.52
N GLY A 54 27.30 -70.96 11.82
CA GLY A 54 27.06 -70.41 13.13
C GLY A 54 27.63 -69.03 13.38
N ASP A 55 28.29 -68.42 12.39
CA ASP A 55 28.83 -67.09 12.58
C ASP A 55 27.73 -66.04 12.71
N THR A 56 27.95 -65.09 13.61
CA THR A 56 27.02 -63.99 13.80
C THR A 56 27.07 -63.06 12.58
N VAL A 57 25.89 -62.69 12.08
CA VAL A 57 25.78 -61.85 10.89
C VAL A 57 24.81 -60.71 11.17
N LEU A 58 24.94 -59.65 10.38
CA LEU A 58 24.09 -58.47 10.46
C LEU A 58 23.27 -58.35 9.18
N LEU A 59 21.96 -58.27 9.32
CA LEU A 59 21.05 -58.20 8.19
C LEU A 59 20.55 -56.77 8.01
N LYS A 60 21.05 -56.09 6.99
CA LYS A 60 20.61 -54.72 6.73
C LYS A 60 19.17 -54.73 6.24
N GLY A 61 18.45 -53.63 6.49
CA GLY A 61 17.08 -53.52 6.10
C GLY A 61 16.67 -52.08 5.91
N LYS A 62 15.41 -51.90 5.50
CA LYS A 62 14.86 -50.57 5.31
C LYS A 62 14.77 -49.85 6.66
N LYS A 63 14.83 -48.51 6.61
CA LYS A 63 14.85 -47.65 7.79
C LYS A 63 16.05 -47.90 8.68
N ARG A 64 17.13 -48.44 8.10
CA ARG A 64 18.34 -48.82 8.83
C ARG A 64 18.01 -49.81 9.94
N ARG A 65 17.02 -50.66 9.69
CA ARG A 65 16.69 -51.72 10.63
C ARG A 65 17.57 -52.93 10.36
N GLU A 66 18.34 -53.32 11.36
CA GLU A 66 19.32 -54.39 11.21
C GLU A 66 19.17 -55.36 12.37
N ALA A 67 19.14 -56.65 12.05
CA ALA A 67 18.92 -57.70 13.02
C ALA A 67 20.12 -58.64 13.06
N VAL A 68 20.60 -58.92 14.27
CA VAL A 68 21.71 -59.85 14.47
C VAL A 68 21.18 -61.28 14.49
N CYS A 69 21.78 -62.14 13.68
CA CYS A 69 21.33 -63.51 13.55
C CYS A 69 22.53 -64.45 13.45
N ILE A 70 22.24 -65.75 13.55
CA ILE A 70 23.24 -66.80 13.42
C ILE A 70 23.04 -67.48 12.07
N VAL A 71 24.11 -67.52 11.27
CA VAL A 71 24.01 -68.11 9.93
C VAL A 71 23.95 -69.62 10.03
N LEU A 72 23.24 -70.24 9.10
CA LEU A 72 23.11 -71.69 9.04
C LEU A 72 23.21 -72.16 7.59
N SER A 73 23.45 -73.45 7.43
CA SER A 73 23.59 -74.07 6.11
C SER A 73 22.31 -74.83 5.78
N ASP A 74 21.71 -74.51 4.63
CA ASP A 74 20.54 -75.19 4.12
C ASP A 74 20.80 -75.63 2.69
N ASP A 75 20.69 -76.94 2.44
CA ASP A 75 20.86 -77.44 1.09
C ASP A 75 19.72 -76.98 0.18
N THR A 76 18.51 -76.86 0.75
CA THR A 76 17.37 -76.38 -0.04
C THR A 76 17.52 -74.92 -0.40
N CYS A 77 18.14 -74.13 0.48
CA CYS A 77 18.24 -72.69 0.26
C CYS A 77 19.03 -72.38 -1.00
N SER A 78 18.50 -71.47 -1.81
CA SER A 78 19.15 -71.11 -3.06
C SER A 78 20.39 -70.27 -2.81
N ASP A 79 21.24 -70.17 -3.84
CA ASP A 79 22.45 -69.37 -3.73
C ASP A 79 22.13 -67.89 -3.58
N GLU A 80 21.12 -67.41 -4.30
CA GLU A 80 20.75 -66.00 -4.31
C GLU A 80 19.67 -65.65 -3.29
N LYS A 81 19.23 -66.60 -2.49
CA LYS A 81 18.14 -66.38 -1.54
C LYS A 81 18.60 -66.65 -0.12
N ILE A 82 17.94 -66.00 0.84
CA ILE A 82 18.21 -66.15 2.26
C ILE A 82 16.91 -66.46 2.97
N ARG A 83 16.93 -67.46 3.84
CA ARG A 83 15.72 -67.94 4.50
C ARG A 83 15.65 -67.37 5.92
N MET A 84 14.54 -66.70 6.23
CA MET A 84 14.33 -66.11 7.54
C MET A 84 12.84 -66.14 7.86
N ASN A 85 12.52 -65.98 9.15
CA ASN A 85 11.14 -66.01 9.59
C ASN A 85 10.46 -64.67 9.29
N ARG A 86 9.13 -64.67 9.31
CA ARG A 86 8.36 -63.47 8.99
C ARG A 86 8.64 -62.35 9.98
N VAL A 87 8.85 -62.68 11.25
CA VAL A 87 9.13 -61.65 12.25
C VAL A 87 10.43 -60.93 11.94
N VAL A 88 11.35 -61.60 11.24
CA VAL A 88 12.54 -60.92 10.75
C VAL A 88 12.15 -59.82 9.77
N ARG A 89 11.24 -60.12 8.86
CA ARG A 89 10.75 -59.12 7.91
C ARG A 89 10.03 -57.99 8.65
N ASN A 90 9.31 -58.33 9.72
CA ASN A 90 8.68 -57.30 10.54
C ASN A 90 9.73 -56.38 11.17
N ASN A 91 10.83 -56.95 11.69
CA ASN A 91 11.88 -56.14 12.29
C ASN A 91 12.60 -55.29 11.25
N LEU A 92 12.91 -55.88 10.10
CA LEU A 92 13.70 -55.19 9.08
C LEU A 92 12.85 -54.26 8.21
N ARG A 93 11.52 -54.30 8.36
CA ARG A 93 10.61 -53.45 7.59
C ARG A 93 10.75 -53.69 6.09
N VAL A 94 10.89 -54.96 5.70
CA VAL A 94 11.04 -55.36 4.31
C VAL A 94 9.97 -56.39 3.99
N ARG A 95 9.54 -56.43 2.72
CA ARG A 95 8.56 -57.42 2.30
C ARG A 95 9.25 -58.70 1.81
N LEU A 96 8.43 -59.67 1.43
CA LEU A 96 8.96 -60.93 0.91
C LEU A 96 9.60 -60.74 -0.45
N GLY A 97 10.78 -61.35 -0.64
CA GLY A 97 11.52 -61.26 -1.87
C GLY A 97 12.38 -60.02 -2.02
N ASP A 98 12.38 -59.13 -1.02
CA ASP A 98 13.12 -57.88 -1.13
C ASP A 98 14.62 -58.12 -1.11
N VAL A 99 15.36 -57.23 -1.77
CA VAL A 99 16.81 -57.31 -1.79
C VAL A 99 17.36 -56.75 -0.47
N ILE A 100 18.11 -57.59 0.24
CA ILE A 100 18.67 -57.21 1.54
C ILE A 100 20.16 -57.52 1.53
N SER A 101 20.89 -56.82 2.41
CA SER A 101 22.33 -56.93 2.50
C SER A 101 22.71 -57.57 3.83
N ILE A 102 23.64 -58.52 3.78
CA ILE A 102 24.14 -59.22 4.97
C ILE A 102 25.63 -58.91 5.12
N GLN A 103 26.03 -58.57 6.35
CA GLN A 103 27.44 -58.35 6.64
C GLN A 103 27.78 -58.99 7.98
N PRO A 104 29.00 -59.50 8.15
CA PRO A 104 29.39 -60.08 9.44
C PRO A 104 29.33 -59.03 10.54
N CYS A 105 28.90 -59.46 11.73
CA CYS A 105 28.82 -58.57 12.88
C CYS A 105 29.91 -58.92 13.86
N PRO A 106 31.00 -58.16 13.91
CA PRO A 106 32.12 -58.54 14.77
C PRO A 106 32.04 -57.97 16.18
N ASP A 107 32.77 -58.57 17.11
CA ASP A 107 32.86 -58.09 18.49
C ASP A 107 31.50 -58.05 19.17
N VAL A 108 30.70 -59.09 18.97
CA VAL A 108 29.40 -59.23 19.63
C VAL A 108 29.64 -60.02 20.92
N LYS A 109 29.91 -59.30 22.01
CA LYS A 109 30.21 -59.92 23.29
C LYS A 109 28.93 -60.43 23.96
N TYR A 110 29.12 -61.30 24.94
CA TYR A 110 27.98 -61.84 25.67
C TYR A 110 27.27 -60.75 26.46
N GLY A 111 25.94 -60.76 26.38
CA GLY A 111 25.16 -59.71 27.03
C GLY A 111 25.21 -59.85 28.53
N LYS A 112 25.57 -58.74 29.20
CA LYS A 112 25.52 -58.71 30.66
C LYS A 112 24.08 -58.71 31.15
N ARG A 113 23.22 -57.91 30.52
CA ARG A 113 21.82 -57.80 30.88
C ARG A 113 21.06 -57.23 29.70
N ILE A 114 19.85 -57.75 29.46
CA ILE A 114 19.01 -57.31 28.36
C ILE A 114 17.63 -56.94 28.90
N HIS A 115 17.06 -55.87 28.36
CA HIS A 115 15.73 -55.42 28.70
C HIS A 115 14.87 -55.42 27.44
N VAL A 116 13.73 -56.10 27.50
CA VAL A 116 12.81 -56.20 26.37
C VAL A 116 11.41 -55.82 26.85
N LEU A 117 10.72 -55.01 26.05
CA LEU A 117 9.38 -54.55 26.36
C LEU A 117 8.39 -55.11 25.34
N PRO A 118 7.42 -55.90 25.77
CA PRO A 118 6.49 -56.53 24.82
C PRO A 118 5.49 -55.54 24.25
N ILE A 119 4.72 -56.02 23.28
CA ILE A 119 3.74 -55.18 22.60
C ILE A 119 2.49 -55.04 23.47
N ASP A 120 1.79 -53.91 23.32
CA ASP A 120 0.64 -53.62 24.18
C ASP A 120 -0.50 -54.59 23.95
N ASP A 121 -0.81 -54.90 22.69
CA ASP A 121 -1.95 -55.79 22.42
C ASP A 121 -1.64 -57.22 22.83
N THR A 122 -0.36 -57.58 22.90
CA THR A 122 0.02 -58.95 23.21
C THR A 122 -0.19 -59.28 24.68
N VAL A 123 0.11 -58.33 25.57
CA VAL A 123 0.08 -58.62 27.00
C VAL A 123 -1.36 -58.78 27.49
N GLU A 124 -2.33 -58.32 26.70
CA GLU A 124 -3.72 -58.47 27.08
C GLU A 124 -4.12 -59.94 27.06
N GLY A 125 -4.84 -60.38 28.09
CA GLY A 125 -5.28 -61.74 28.20
C GLY A 125 -4.25 -62.71 28.77
N ILE A 126 -3.12 -62.23 29.27
CA ILE A 126 -2.07 -63.07 29.82
C ILE A 126 -2.02 -62.85 31.33
N THR A 127 -2.10 -63.95 32.09
CA THR A 127 -2.04 -63.88 33.55
C THR A 127 -0.65 -64.12 34.11
N GLY A 128 0.03 -65.17 33.63
CA GLY A 128 1.35 -65.48 34.15
C GLY A 128 2.40 -64.48 33.69
N ASN A 129 3.55 -64.54 34.35
CA ASN A 129 4.64 -63.62 34.02
C ASN A 129 5.08 -63.80 32.58
N LEU A 130 5.22 -62.68 31.87
CA LEU A 130 5.63 -62.73 30.47
C LEU A 130 7.03 -63.32 30.33
N PHE A 131 7.96 -62.91 31.20
CA PHE A 131 9.33 -63.40 31.14
C PHE A 131 9.39 -64.91 31.40
N GLU A 132 8.62 -65.38 32.39
CA GLU A 132 8.64 -66.80 32.71
C GLU A 132 8.09 -67.64 31.57
N VAL A 133 6.95 -67.23 31.01
CA VAL A 133 6.31 -68.04 29.98
C VAL A 133 7.10 -68.00 28.68
N TYR A 134 7.56 -66.81 28.27
CA TYR A 134 8.15 -66.63 26.95
C TYR A 134 9.66 -66.42 27.00
N LEU A 135 10.13 -65.43 27.75
CA LEU A 135 11.55 -65.06 27.69
C LEU A 135 12.44 -66.10 28.35
N LYS A 136 12.02 -66.66 29.48
CA LYS A 136 12.89 -67.54 30.24
C LYS A 136 13.28 -68.81 29.49
N PRO A 137 12.35 -69.56 28.87
CA PRO A 137 12.80 -70.75 28.12
C PRO A 137 13.43 -70.40 26.78
N TYR A 138 13.12 -69.22 26.23
CA TYR A 138 13.61 -68.87 24.89
C TYR A 138 15.13 -68.76 24.88
N PHE A 139 15.71 -68.14 25.90
CA PHE A 139 17.14 -67.88 25.96
C PHE A 139 17.88 -68.91 26.83
N LEU A 140 17.25 -70.03 27.17
CA LEU A 140 17.87 -71.05 27.99
C LEU A 140 18.73 -71.95 27.10
N GLU A 141 20.05 -71.91 27.32
CA GLU A 141 21.01 -72.72 26.59
C GLU A 141 20.91 -72.52 25.08
N ALA A 142 20.65 -71.28 24.66
CA ALA A 142 20.49 -70.97 23.25
C ALA A 142 21.51 -69.98 22.72
N TYR A 143 22.00 -69.06 23.57
CA TYR A 143 22.98 -68.05 23.17
C TYR A 143 22.47 -67.22 21.99
N ARG A 144 21.18 -66.88 22.03
CA ARG A 144 20.56 -66.18 20.92
C ARG A 144 21.03 -64.71 20.88
N PRO A 145 21.52 -64.24 19.73
CA PRO A 145 21.95 -62.84 19.62
C PRO A 145 20.82 -61.90 19.23
N ILE A 146 20.81 -60.71 19.84
CA ILE A 146 19.80 -59.69 19.59
C ILE A 146 20.51 -58.34 19.55
N ARG A 147 19.80 -57.35 19.01
CA ARG A 147 20.31 -56.00 18.93
C ARG A 147 19.20 -55.05 19.37
N LYS A 148 19.58 -53.80 19.63
CA LYS A 148 18.62 -52.75 19.90
C LYS A 148 17.68 -52.59 18.72
N GLY A 149 16.40 -52.38 19.02
CA GLY A 149 15.41 -52.23 17.98
C GLY A 149 14.94 -53.51 17.34
N ASP A 150 15.39 -54.67 17.82
CA ASP A 150 14.96 -55.94 17.27
C ASP A 150 13.58 -56.31 17.79
N ILE A 151 12.85 -57.10 17.01
CA ILE A 151 11.55 -57.63 17.40
C ILE A 151 11.61 -59.15 17.29
N PHE A 152 11.31 -59.86 18.38
CA PHE A 152 11.28 -61.32 18.35
C PHE A 152 10.00 -61.82 19.02
N LEU A 153 9.46 -62.89 18.46
CA LEU A 153 8.19 -63.46 18.89
C LEU A 153 8.41 -64.86 19.44
N VAL A 154 7.84 -65.14 20.60
CA VAL A 154 7.98 -66.42 21.29
C VAL A 154 6.60 -67.04 21.43
N ARG A 155 6.44 -68.25 20.91
CA ARG A 155 5.15 -68.93 20.97
C ARG A 155 4.91 -69.52 22.35
N GLY A 156 3.66 -69.47 22.79
CA GLY A 156 3.29 -69.98 24.09
C GLY A 156 2.11 -69.20 24.65
N GLY A 157 1.55 -69.73 25.72
CA GLY A 157 0.42 -69.09 26.38
C GLY A 157 -0.84 -69.11 25.51
N MET A 158 -1.83 -68.33 25.97
CA MET A 158 -3.06 -68.21 25.19
C MET A 158 -2.84 -67.34 23.96
N ARG A 159 -1.98 -66.32 24.07
CA ARG A 159 -1.63 -65.46 22.96
C ARG A 159 -0.12 -65.36 22.89
N ALA A 160 0.44 -65.59 21.70
CA ALA A 160 1.87 -65.41 21.50
C ALA A 160 2.22 -63.94 21.62
N VAL A 161 3.25 -63.64 22.41
CA VAL A 161 3.60 -62.28 22.78
C VAL A 161 4.94 -61.93 22.14
N GLU A 162 4.95 -60.86 21.35
CA GLU A 162 6.18 -60.35 20.74
C GLU A 162 6.92 -59.47 21.74
N PHE A 163 8.24 -59.42 21.59
CA PHE A 163 9.08 -58.64 22.50
C PHE A 163 10.03 -57.76 21.70
N LYS A 164 10.20 -56.52 22.16
CA LYS A 164 11.03 -55.52 21.50
C LYS A 164 12.27 -55.26 22.34
N VAL A 165 13.44 -55.32 21.71
CA VAL A 165 14.69 -55.13 22.42
C VAL A 165 15.02 -53.64 22.47
N VAL A 166 14.53 -52.95 23.51
CA VAL A 166 14.77 -51.51 23.62
C VAL A 166 16.22 -51.22 24.00
N GLU A 167 16.78 -52.04 24.89
CA GLU A 167 18.10 -51.78 25.46
C GLU A 167 18.99 -53.01 25.30
N THR A 168 20.25 -52.77 24.93
CA THR A 168 21.26 -53.83 24.81
C THR A 168 22.49 -53.45 25.61
N ASP A 169 22.98 -54.40 26.41
CA ASP A 169 24.20 -54.23 27.21
C ASP A 169 25.06 -55.48 27.04
N PRO A 170 26.18 -55.42 26.30
CA PRO A 170 26.75 -54.23 25.66
C PRO A 170 26.01 -53.77 24.40
N SER A 171 25.93 -52.46 24.23
CA SER A 171 25.28 -51.90 23.06
C SER A 171 26.22 -51.97 21.85
N PRO A 172 25.68 -52.19 20.64
CA PRO A 172 24.28 -52.55 20.41
C PRO A 172 24.08 -54.06 20.22
N TYR A 173 25.18 -54.79 20.10
CA TYR A 173 25.16 -56.23 19.85
C TYR A 173 25.48 -56.97 21.14
N CYS A 174 24.71 -58.00 21.45
CA CYS A 174 24.91 -58.78 22.66
C CYS A 174 24.52 -60.23 22.43
N ILE A 175 25.08 -61.12 23.23
CA ILE A 175 24.76 -62.54 23.23
C ILE A 175 24.07 -62.86 24.56
N VAL A 176 22.87 -63.43 24.48
CA VAL A 176 22.06 -63.68 25.66
C VAL A 176 22.31 -65.12 26.11
N ALA A 177 23.20 -65.28 27.07
CA ALA A 177 23.48 -66.57 27.68
C ALA A 177 22.48 -66.83 28.81
N PRO A 178 22.37 -68.08 29.27
CA PRO A 178 21.46 -68.36 30.39
C PRO A 178 21.76 -67.56 31.65
N ASP A 179 23.04 -67.27 31.92
CA ASP A 179 23.37 -66.52 33.13
C ASP A 179 22.95 -65.05 33.00
N THR A 180 22.77 -64.57 31.78
CA THR A 180 22.34 -63.19 31.57
C THR A 180 20.96 -62.97 32.15
N VAL A 181 20.80 -61.90 32.92
CA VAL A 181 19.53 -61.59 33.56
C VAL A 181 18.56 -61.05 32.52
N ILE A 182 17.32 -61.52 32.57
CA ILE A 182 16.27 -61.13 31.64
C ILE A 182 15.08 -60.64 32.44
N HIS A 183 14.77 -59.35 32.33
CA HIS A 183 13.63 -58.77 33.03
C HIS A 183 12.75 -58.04 32.02
N CYS A 184 11.44 -58.28 32.10
CA CYS A 184 10.47 -57.64 31.23
C CYS A 184 9.78 -56.46 31.89
N GLU A 185 10.21 -56.07 33.09
CA GLU A 185 9.54 -55.00 33.82
C GLU A 185 9.67 -53.68 33.09
N GLY A 186 8.61 -52.89 33.11
CA GLY A 186 8.57 -51.59 32.48
C GLY A 186 7.25 -51.39 31.77
N GLU A 187 7.17 -50.29 30.99
CA GLU A 187 5.97 -49.96 30.26
C GLU A 187 6.02 -50.62 28.89
N PRO A 188 5.10 -51.53 28.57
CA PRO A 188 5.17 -52.23 27.27
C PRO A 188 4.99 -51.28 26.10
N ILE A 189 5.65 -51.61 24.99
CA ILE A 189 5.66 -50.74 23.83
C ILE A 189 4.27 -50.69 23.19
N LYS A 190 3.89 -49.50 22.74
CA LYS A 190 2.58 -49.30 22.13
C LYS A 190 2.45 -50.07 20.83
N ARG A 191 1.29 -50.71 20.65
CA ARG A 191 1.04 -51.52 19.45
C ARG A 191 0.99 -50.65 18.19
N GLU A 192 0.39 -49.46 18.30
CA GLU A 192 0.19 -48.64 17.10
C GLU A 192 1.51 -48.13 16.55
N ASP A 193 2.48 -47.85 17.42
CA ASP A 193 3.80 -47.44 16.96
C ASP A 193 4.45 -48.53 16.11
N GLU A 194 4.41 -49.76 16.60
CA GLU A 194 4.97 -50.87 15.83
C GLU A 194 4.21 -51.09 14.53
N GLU A 195 2.89 -50.94 14.57
CA GLU A 195 2.10 -51.03 13.35
C GLU A 195 2.53 -50.00 12.32
N GLU A 196 2.66 -48.74 12.75
CA GLU A 196 3.04 -47.67 11.82
C GLU A 196 4.43 -47.89 11.27
N SER A 197 5.38 -48.28 12.12
CA SER A 197 6.74 -48.54 11.64
C SER A 197 6.74 -49.69 10.63
N LEU A 198 5.98 -50.75 10.92
CA LEU A 198 5.84 -51.83 9.97
C LEU A 198 5.03 -51.40 8.75
N ASN A 199 4.02 -50.55 8.95
CA ASN A 199 3.19 -50.11 7.84
C ASN A 199 4.01 -49.37 6.79
N GLU A 200 4.91 -48.50 7.23
CA GLU A 200 5.83 -47.84 6.31
C GLU A 200 6.80 -48.86 5.75
N VAL A 201 6.99 -48.85 4.43
CA VAL A 201 7.91 -49.75 3.74
C VAL A 201 8.93 -48.97 2.91
N GLY A 202 8.45 -48.19 1.94
CA GLY A 202 9.33 -47.46 1.06
C GLY A 202 8.69 -47.19 -0.29
N TYR A 203 9.46 -47.36 -1.37
CA TYR A 203 8.89 -47.16 -2.71
C TYR A 203 7.93 -48.27 -3.10
N ASP A 204 7.88 -49.35 -2.33
CA ASP A 204 6.92 -50.41 -2.60
C ASP A 204 5.49 -49.90 -2.45
N ASP A 205 5.24 -49.09 -1.42
CA ASP A 205 3.90 -48.61 -1.14
C ASP A 205 3.39 -47.70 -2.26
N ILE A 206 4.23 -46.81 -2.76
CA ILE A 206 3.81 -45.84 -3.77
C ILE A 206 3.80 -46.50 -5.14
N GLY A 207 2.95 -45.99 -6.02
CA GLY A 207 2.87 -46.50 -7.38
C GLY A 207 2.42 -45.40 -8.32
N GLY A 208 2.64 -45.66 -9.62
CA GLY A 208 2.27 -44.72 -10.64
C GLY A 208 3.21 -43.55 -10.81
N CYS A 209 4.30 -43.50 -10.04
CA CYS A 209 5.26 -42.41 -10.09
C CYS A 209 6.69 -42.90 -10.22
N ARG A 210 6.90 -44.02 -10.91
CA ARG A 210 8.19 -44.70 -10.87
C ARG A 210 9.29 -43.88 -11.55
N LYS A 211 8.98 -43.24 -12.68
CA LYS A 211 10.03 -42.58 -13.45
C LYS A 211 10.60 -41.37 -12.72
N GLN A 212 9.73 -40.49 -12.21
CA GLN A 212 10.24 -39.36 -11.44
C GLN A 212 10.79 -39.81 -10.09
N LEU A 213 10.29 -40.92 -9.56
CA LEU A 213 10.90 -41.49 -8.37
C LEU A 213 12.35 -41.89 -8.62
N ALA A 214 12.61 -42.52 -9.77
CA ALA A 214 13.98 -42.89 -10.10
C ALA A 214 14.84 -41.65 -10.34
N GLN A 215 14.26 -40.62 -10.98
CA GLN A 215 15.00 -39.37 -11.15
C GLN A 215 15.39 -38.77 -9.81
N ILE A 216 14.46 -38.74 -8.85
CA ILE A 216 14.76 -38.24 -7.52
C ILE A 216 15.84 -39.10 -6.87
N LYS A 217 15.68 -40.42 -6.93
CA LYS A 217 16.67 -41.32 -6.36
C LYS A 217 18.06 -41.04 -6.92
N GLU A 218 18.14 -40.76 -8.22
CA GLU A 218 19.42 -40.36 -8.79
C GLU A 218 19.91 -39.06 -8.16
N MET A 219 19.01 -38.09 -7.99
CA MET A 219 19.48 -36.78 -7.54
C MET A 219 19.80 -36.75 -6.05
N VAL A 220 19.03 -37.46 -5.21
CA VAL A 220 19.18 -37.38 -3.76
C VAL A 220 19.88 -38.62 -3.21
N GLU A 221 19.47 -39.81 -3.63
CA GLU A 221 19.92 -41.03 -2.97
C GLU A 221 21.35 -41.38 -3.38
N LEU A 222 21.71 -41.08 -4.63
CA LEU A 222 23.07 -41.39 -5.09
C LEU A 222 24.16 -40.66 -4.33
N PRO A 223 24.11 -39.33 -4.13
CA PRO A 223 25.14 -38.70 -3.29
C PRO A 223 25.08 -39.16 -1.84
N LEU A 224 23.89 -39.46 -1.33
CA LEU A 224 23.76 -39.90 0.05
C LEU A 224 24.47 -41.24 0.26
N ARG A 225 24.29 -42.18 -0.66
CA ARG A 225 24.83 -43.53 -0.45
C ARG A 225 26.36 -43.54 -0.56
N HIS A 226 26.93 -42.75 -1.45
CA HIS A 226 28.37 -42.79 -1.74
C HIS A 226 28.94 -41.39 -1.84
N PRO A 227 29.44 -40.83 -0.73
CA PRO A 227 30.03 -39.49 -0.80
C PRO A 227 31.40 -39.46 -1.42
N ALA A 228 32.20 -40.52 -1.21
CA ALA A 228 33.58 -40.50 -1.70
C ALA A 228 33.64 -40.45 -3.22
N LEU A 229 32.65 -41.04 -3.89
CA LEU A 229 32.59 -40.98 -5.35
C LEU A 229 32.50 -39.53 -5.83
N PHE A 230 31.66 -38.74 -5.18
CA PHE A 230 31.57 -37.32 -5.52
C PHE A 230 32.82 -36.57 -5.10
N LYS A 231 33.39 -36.93 -3.95
CA LYS A 231 34.53 -36.20 -3.40
C LYS A 231 35.76 -36.34 -4.28
N GLU A 232 35.99 -37.53 -4.83
CA GLU A 232 37.22 -37.77 -5.58
C GLU A 232 37.35 -36.81 -6.77
N ILE A 233 36.21 -36.40 -7.35
CA ILE A 233 36.20 -35.50 -8.49
C ILE A 233 35.90 -34.07 -8.10
N GLY A 234 35.65 -33.81 -6.82
CA GLY A 234 35.14 -32.53 -6.38
C GLY A 234 33.72 -32.69 -5.86
N VAL A 235 33.56 -32.75 -4.54
CA VAL A 235 32.26 -33.06 -3.97
C VAL A 235 31.29 -31.92 -4.26
N LYS A 236 30.11 -32.28 -4.77
CA LYS A 236 29.09 -31.30 -5.13
C LYS A 236 27.72 -31.99 -5.19
N PRO A 237 27.22 -32.42 -4.03
CA PRO A 237 25.85 -32.94 -3.99
C PRO A 237 24.87 -31.85 -4.36
N PRO A 238 23.73 -32.20 -4.96
CA PRO A 238 22.79 -31.17 -5.38
C PRO A 238 22.13 -30.48 -4.19
N ARG A 239 22.42 -29.19 -4.04
CA ARG A 239 22.03 -28.47 -2.83
C ARG A 239 20.52 -28.47 -2.66
N GLY A 240 19.78 -28.27 -3.75
CA GLY A 240 18.33 -28.30 -3.69
C GLY A 240 17.73 -28.97 -4.91
N ILE A 241 16.52 -29.48 -4.74
CA ILE A 241 15.77 -30.14 -5.80
C ILE A 241 14.46 -29.41 -5.97
N LEU A 242 14.17 -29.00 -7.21
CA LEU A 242 12.94 -28.29 -7.54
C LEU A 242 12.02 -29.22 -8.31
N LEU A 243 10.87 -29.52 -7.73
CA LEU A 243 9.85 -30.35 -8.36
C LEU A 243 8.64 -29.48 -8.65
N TYR A 244 8.26 -29.39 -9.92
CA TYR A 244 7.10 -28.62 -10.33
C TYR A 244 6.18 -29.51 -11.16
N GLY A 245 4.89 -29.46 -10.86
CA GLY A 245 3.90 -30.22 -11.58
C GLY A 245 2.50 -29.78 -11.21
N PRO A 246 1.51 -30.18 -11.99
CA PRO A 246 0.13 -29.82 -11.67
C PRO A 246 -0.32 -30.48 -10.39
N PRO A 247 -1.37 -29.98 -9.75
CA PRO A 247 -1.89 -30.66 -8.55
C PRO A 247 -2.25 -32.10 -8.86
N GLY A 248 -1.89 -33.00 -7.95
CA GLY A 248 -2.11 -34.42 -8.15
C GLY A 248 -0.90 -35.21 -8.57
N THR A 249 0.26 -34.58 -8.69
CA THR A 249 1.48 -35.32 -8.98
C THR A 249 1.94 -36.13 -7.77
N GLY A 250 1.53 -35.72 -6.57
CA GLY A 250 1.94 -36.41 -5.36
C GLY A 250 3.41 -36.28 -5.05
N LYS A 251 3.97 -35.08 -5.21
CA LYS A 251 5.37 -34.87 -4.86
C LYS A 251 5.60 -35.09 -3.38
N THR A 252 4.68 -34.61 -2.54
CA THR A 252 4.79 -34.86 -1.10
C THR A 252 4.67 -36.34 -0.80
N LEU A 253 3.79 -37.05 -1.52
CA LEU A 253 3.66 -38.49 -1.33
C LEU A 253 4.95 -39.20 -1.72
N ILE A 254 5.60 -38.76 -2.80
CA ILE A 254 6.89 -39.33 -3.19
C ILE A 254 7.93 -39.09 -2.10
N ALA A 255 7.91 -37.88 -1.50
CA ALA A 255 8.80 -37.60 -0.39
C ALA A 255 8.55 -38.54 0.78
N ARG A 256 7.27 -38.78 1.10
CA ARG A 256 6.96 -39.71 2.17
C ARG A 256 7.47 -41.11 1.86
N ALA A 257 7.31 -41.55 0.62
CA ALA A 257 7.77 -42.88 0.24
C ALA A 257 9.29 -43.00 0.36
N VAL A 258 10.03 -42.02 -0.17
CA VAL A 258 11.49 -42.09 -0.10
C VAL A 258 11.95 -41.97 1.36
N ALA A 259 11.27 -41.14 2.16
CA ALA A 259 11.60 -41.03 3.57
C ALA A 259 11.40 -42.37 4.29
N ASN A 260 10.34 -43.10 3.92
CA ASN A 260 10.15 -44.43 4.48
C ASN A 260 11.27 -45.37 4.05
N GLU A 261 11.68 -45.30 2.77
CA GLU A 261 12.70 -46.23 2.30
C GLU A 261 14.07 -45.90 2.86
N THR A 262 14.46 -44.63 2.84
CA THR A 262 15.79 -44.21 3.26
C THR A 262 15.91 -44.20 4.77
N GLY A 263 17.09 -44.56 5.27
CA GLY A 263 17.36 -44.51 6.70
C GLY A 263 17.72 -43.13 7.21
N ALA A 264 17.93 -42.17 6.30
CA ALA A 264 18.25 -40.81 6.72
C ALA A 264 17.05 -40.15 7.37
N PHE A 265 17.31 -39.26 8.32
CA PHE A 265 16.23 -38.56 9.00
C PHE A 265 15.51 -37.60 8.05
N PHE A 266 14.20 -37.49 8.21
CA PHE A 266 13.35 -36.68 7.36
C PHE A 266 12.66 -35.62 8.20
N PHE A 267 12.54 -34.41 7.66
CA PHE A 267 11.86 -33.32 8.35
C PHE A 267 10.98 -32.57 7.35
N LEU A 268 9.75 -32.28 7.76
CA LEU A 268 8.73 -31.74 6.87
C LEU A 268 8.51 -30.27 7.16
N ILE A 269 8.58 -29.45 6.11
CA ILE A 269 8.33 -28.02 6.19
C ILE A 269 7.25 -27.69 5.19
N ASN A 270 6.34 -26.81 5.59
CA ASN A 270 5.32 -26.29 4.70
C ASN A 270 5.69 -24.86 4.30
N GLY A 271 5.79 -24.62 2.99
CA GLY A 271 6.27 -23.35 2.48
C GLY A 271 5.44 -22.13 2.84
N PRO A 272 4.11 -22.16 2.67
CA PRO A 272 3.32 -20.94 2.92
C PRO A 272 3.30 -20.51 4.38
N GLU A 273 3.24 -21.45 5.33
CA GLU A 273 3.28 -21.07 6.73
C GLU A 273 4.64 -20.51 7.12
N ILE A 274 5.70 -20.93 6.42
CA ILE A 274 6.99 -20.26 6.54
C ILE A 274 6.91 -18.85 5.97
N MET A 275 6.19 -18.68 4.86
CA MET A 275 6.04 -17.35 4.27
C MET A 275 5.38 -16.38 5.24
N SER A 276 4.30 -16.81 5.90
CA SER A 276 3.63 -15.94 6.88
C SER A 276 4.21 -16.19 8.27
N LYS A 277 5.41 -15.66 8.48
CA LYS A 277 6.07 -15.72 9.77
C LYS A 277 6.85 -14.44 10.00
N LEU A 278 7.17 -14.18 11.26
CA LEU A 278 7.83 -12.94 11.64
C LEU A 278 9.24 -12.91 11.08
N ALA A 279 9.75 -11.69 10.86
CA ALA A 279 11.07 -11.53 10.27
C ALA A 279 12.14 -12.18 11.13
N GLY A 280 12.76 -13.23 10.59
CA GLY A 280 13.76 -13.99 11.30
C GLY A 280 13.23 -15.15 12.09
N GLU A 281 11.92 -15.19 12.37
CA GLU A 281 11.35 -16.32 13.11
C GLU A 281 11.39 -17.60 12.29
N SER A 282 10.92 -17.54 11.04
CA SER A 282 10.96 -18.71 10.18
C SER A 282 12.40 -19.12 9.89
N GLU A 283 13.27 -18.14 9.65
CA GLU A 283 14.68 -18.46 9.46
C GLU A 283 15.25 -19.19 10.66
N SER A 284 14.75 -18.88 11.86
CA SER A 284 15.26 -19.50 13.07
C SER A 284 14.95 -20.99 13.11
N ASN A 285 13.70 -21.38 12.82
CA ASN A 285 13.39 -22.81 12.87
C ASN A 285 13.98 -23.54 11.68
N LEU A 286 14.15 -22.85 10.55
CA LEU A 286 14.90 -23.42 9.43
C LEU A 286 16.33 -23.74 9.86
N ARG A 287 16.96 -22.82 10.57
CA ARG A 287 18.33 -23.05 11.06
C ARG A 287 18.37 -24.18 12.07
N LYS A 288 17.37 -24.26 12.95
CA LYS A 288 17.34 -25.36 13.92
C LYS A 288 17.17 -26.70 13.22
N ALA A 289 16.36 -26.75 12.16
CA ALA A 289 16.24 -27.97 11.38
C ALA A 289 17.56 -28.33 10.70
N PHE A 290 18.26 -27.33 10.18
CA PHE A 290 19.57 -27.59 9.57
C PHE A 290 20.55 -28.14 10.61
N GLU A 291 20.52 -27.58 11.82
CA GLU A 291 21.38 -28.06 12.89
C GLU A 291 21.06 -29.50 13.25
N GLU A 292 19.78 -29.84 13.34
CA GLU A 292 19.40 -31.22 13.64
C GLU A 292 19.84 -32.15 12.51
N ALA A 293 19.71 -31.70 11.26
CA ALA A 293 20.11 -32.53 10.13
C ALA A 293 21.61 -32.80 10.14
N GLU A 294 22.41 -31.76 10.40
CA GLU A 294 23.86 -31.97 10.47
C GLU A 294 24.24 -32.78 11.70
N LYS A 295 23.42 -32.73 12.75
CA LYS A 295 23.65 -33.57 13.92
C LYS A 295 23.48 -35.05 13.56
N ASN A 296 22.51 -35.36 12.70
CA ASN A 296 22.29 -36.72 12.23
C ASN A 296 23.08 -37.03 10.96
N ALA A 297 23.95 -36.13 10.52
CA ALA A 297 24.80 -36.27 9.34
C ALA A 297 23.90 -36.34 8.09
N PRO A 298 23.80 -37.40 7.28
CA PRO A 298 22.86 -37.32 6.15
C PRO A 298 21.41 -37.20 6.59
N ALA A 299 20.64 -36.41 5.84
CA ALA A 299 19.21 -36.23 6.10
C ALA A 299 18.54 -35.68 4.85
N ILE A 300 17.21 -35.78 4.83
CA ILE A 300 16.38 -35.28 3.74
C ILE A 300 15.48 -34.18 4.28
N ILE A 301 15.34 -33.10 3.51
CA ILE A 301 14.55 -31.94 3.90
C ILE A 301 13.54 -31.65 2.79
N PHE A 302 12.28 -31.43 3.18
CA PHE A 302 11.20 -31.19 2.22
C PHE A 302 10.42 -29.95 2.61
N ILE A 303 10.16 -29.09 1.63
CA ILE A 303 9.29 -27.93 1.78
C ILE A 303 8.06 -28.13 0.89
N ASP A 304 6.88 -27.95 1.47
CA ASP A 304 5.63 -28.28 0.80
C ASP A 304 4.96 -27.01 0.28
N GLU A 305 4.47 -27.08 -0.96
CA GLU A 305 3.79 -25.97 -1.63
C GLU A 305 4.62 -24.70 -1.61
N LEU A 306 5.81 -24.74 -2.22
CA LEU A 306 6.58 -23.52 -2.38
C LEU A 306 6.02 -22.64 -3.50
N ASP A 307 4.84 -22.96 -4.02
CA ASP A 307 4.15 -22.08 -4.95
C ASP A 307 3.74 -20.77 -4.29
N ALA A 308 3.25 -20.83 -3.05
CA ALA A 308 2.77 -19.65 -2.34
C ALA A 308 3.97 -18.83 -1.86
N ILE A 309 4.61 -18.17 -2.82
CA ILE A 309 5.78 -17.34 -2.58
C ILE A 309 5.65 -16.08 -3.43
N ALA A 310 6.69 -15.25 -3.38
CA ALA A 310 6.75 -14.10 -4.25
C ALA A 310 6.89 -14.55 -5.70
N PRO A 311 6.16 -13.94 -6.64
CA PRO A 311 6.39 -14.25 -8.05
C PRO A 311 7.58 -13.53 -8.64
N LYS A 312 8.68 -14.27 -8.86
CA LYS A 312 9.93 -13.84 -9.48
C LYS A 312 10.65 -12.75 -8.71
N ARG A 313 10.17 -12.38 -7.51
CA ARG A 313 10.85 -11.49 -6.57
C ARG A 313 10.96 -10.07 -7.11
N GLU A 314 10.55 -9.87 -8.36
CA GLU A 314 10.58 -8.53 -8.94
C GLU A 314 9.18 -8.03 -9.23
N LYS A 315 8.25 -8.95 -9.50
CA LYS A 315 6.86 -8.60 -9.79
C LYS A 315 6.06 -8.58 -8.49
N THR A 316 6.58 -7.82 -7.53
CA THR A 316 5.95 -7.70 -6.21
C THR A 316 5.83 -6.23 -5.85
N HIS A 317 4.72 -5.91 -5.19
CA HIS A 317 4.49 -4.58 -4.62
C HIS A 317 4.76 -4.66 -3.13
N GLY A 318 5.85 -4.04 -2.69
CA GLY A 318 6.33 -4.19 -1.34
C GLY A 318 7.44 -5.22 -1.24
N GLU A 319 8.39 -4.94 -0.36
CA GLU A 319 9.64 -5.69 -0.32
C GLU A 319 9.69 -6.75 0.78
N VAL A 320 8.56 -7.03 1.44
CA VAL A 320 8.57 -8.00 2.54
C VAL A 320 8.76 -9.42 2.00
N GLU A 321 8.05 -9.76 0.92
CA GLU A 321 8.27 -11.06 0.28
C GLU A 321 9.69 -11.16 -0.24
N ARG A 322 10.24 -10.06 -0.76
CA ARG A 322 11.64 -10.03 -1.15
C ARG A 322 12.54 -10.35 0.04
N ARG A 323 12.24 -9.77 1.20
CA ARG A 323 13.04 -10.02 2.39
C ARG A 323 13.00 -11.50 2.76
N ILE A 324 11.81 -12.09 2.75
CA ILE A 324 11.68 -13.49 3.15
C ILE A 324 12.44 -14.39 2.18
N VAL A 325 12.27 -14.16 0.88
CA VAL A 325 12.91 -15.03 -0.10
C VAL A 325 14.42 -14.83 -0.10
N SER A 326 14.89 -13.61 0.15
CA SER A 326 16.33 -13.38 0.21
C SER A 326 16.93 -14.03 1.45
N GLN A 327 16.19 -14.05 2.56
CA GLN A 327 16.62 -14.82 3.72
C GLN A 327 16.69 -16.31 3.39
N LEU A 328 15.71 -16.81 2.63
CA LEU A 328 15.77 -18.20 2.20
C LEU A 328 16.99 -18.47 1.33
N LEU A 329 17.30 -17.54 0.42
CA LEU A 329 18.49 -17.68 -0.42
C LEU A 329 19.76 -17.70 0.41
N THR A 330 19.83 -16.82 1.41
CA THR A 330 21.02 -16.77 2.26
C THR A 330 21.18 -18.05 3.06
N LEU A 331 20.08 -18.59 3.59
CA LEU A 331 20.17 -19.86 4.29
C LEU A 331 20.59 -20.98 3.35
N MET A 332 20.08 -20.96 2.11
CA MET A 332 20.44 -21.99 1.14
C MET A 332 21.92 -21.92 0.82
N ASP A 333 22.45 -20.71 0.63
CA ASP A 333 23.86 -20.55 0.35
C ASP A 333 24.72 -20.91 1.54
N GLY A 334 24.21 -20.68 2.76
CA GLY A 334 24.97 -21.01 3.94
C GLY A 334 25.20 -22.50 4.09
N LEU A 335 24.36 -23.31 3.46
CA LEU A 335 24.54 -24.76 3.50
C LEU A 335 25.73 -25.17 2.66
N LYS A 336 26.74 -25.72 3.32
CA LYS A 336 27.96 -26.19 2.66
C LYS A 336 27.86 -27.66 2.26
N GLN A 337 26.80 -28.35 2.68
CA GLN A 337 26.56 -29.75 2.32
C GLN A 337 27.67 -30.69 2.79
N ARG A 338 28.30 -30.39 3.93
CA ARG A 338 29.28 -31.33 4.47
C ARG A 338 28.60 -32.60 4.96
N ALA A 339 27.42 -32.48 5.57
CA ALA A 339 26.64 -33.62 6.00
C ALA A 339 25.77 -34.19 4.89
N HIS A 340 25.81 -33.61 3.69
CA HIS A 340 25.08 -34.10 2.53
C HIS A 340 23.57 -34.13 2.78
N VAL A 341 23.08 -33.11 3.49
CA VAL A 341 21.64 -32.95 3.71
C VAL A 341 21.03 -32.24 2.52
N ILE A 342 19.95 -32.82 1.98
CA ILE A 342 19.35 -32.36 0.73
C ILE A 342 18.00 -31.75 1.05
N VAL A 343 17.74 -30.57 0.48
CA VAL A 343 16.46 -29.89 0.63
C VAL A 343 15.71 -29.95 -0.69
N MET A 344 14.52 -30.54 -0.67
CA MET A 344 13.69 -30.70 -1.85
C MET A 344 12.54 -29.71 -1.77
N ALA A 345 12.16 -29.15 -2.92
CA ALA A 345 11.10 -28.15 -3.00
C ALA A 345 9.97 -28.66 -3.88
N ALA A 346 8.74 -28.41 -3.47
CA ALA A 346 7.55 -28.78 -4.23
C ALA A 346 6.75 -27.52 -4.56
N THR A 347 6.37 -27.36 -5.82
CA THR A 347 5.60 -26.22 -6.28
C THR A 347 4.69 -26.67 -7.42
N ASN A 348 3.65 -25.88 -7.70
CA ASN A 348 2.76 -26.22 -8.80
C ASN A 348 3.18 -25.55 -10.10
N ARG A 349 3.41 -24.24 -10.06
CA ARG A 349 3.80 -23.47 -11.23
C ARG A 349 5.29 -23.17 -11.17
N PRO A 350 6.07 -23.62 -12.15
CA PRO A 350 7.51 -23.32 -12.12
C PRO A 350 7.79 -21.83 -12.17
N ASN A 351 6.90 -21.05 -12.79
CA ASN A 351 7.06 -19.60 -12.83
C ASN A 351 6.97 -19.00 -11.43
N SER A 352 6.25 -19.66 -10.53
CA SER A 352 6.11 -19.13 -9.17
C SER A 352 7.45 -19.04 -8.47
N ILE A 353 8.28 -20.09 -8.59
CA ILE A 353 9.61 -20.06 -7.99
C ILE A 353 10.44 -18.98 -8.67
N ASP A 354 11.15 -18.20 -7.86
CA ASP A 354 11.86 -17.05 -8.39
C ASP A 354 12.98 -17.52 -9.32
N PRO A 355 13.36 -16.73 -10.32
CA PRO A 355 14.42 -17.16 -11.24
C PRO A 355 15.74 -17.44 -10.55
N ALA A 356 16.03 -16.72 -9.46
CA ALA A 356 17.28 -16.95 -8.74
C ALA A 356 17.34 -18.36 -8.16
N LEU A 357 16.24 -18.82 -7.57
CA LEU A 357 16.23 -20.16 -6.96
C LEU A 357 16.52 -21.25 -7.99
N ARG A 358 16.15 -21.01 -9.25
CA ARG A 358 16.41 -22.00 -10.28
C ARG A 358 17.88 -21.99 -10.71
N ARG A 359 18.64 -21.02 -10.24
CA ARG A 359 20.06 -20.94 -10.55
C ARG A 359 20.89 -21.73 -9.54
N PHE A 360 22.20 -21.75 -9.77
CA PHE A 360 23.10 -22.54 -8.94
C PHE A 360 23.25 -21.93 -7.55
N GLY A 361 23.66 -22.76 -6.60
CA GLY A 361 23.75 -22.38 -5.20
C GLY A 361 22.44 -22.47 -4.46
N ARG A 362 21.35 -22.80 -5.15
CA ARG A 362 20.01 -22.90 -4.60
C ARG A 362 19.32 -24.08 -5.26
N PHE A 363 17.99 -24.10 -5.26
CA PHE A 363 17.24 -25.24 -5.80
C PHE A 363 17.41 -25.28 -7.33
N ASP A 364 18.63 -25.59 -7.74
CA ASP A 364 18.98 -25.55 -9.16
C ASP A 364 18.43 -26.76 -9.91
N ARG A 365 18.41 -27.92 -9.28
CA ARG A 365 17.90 -29.12 -9.96
C ARG A 365 16.43 -28.96 -10.27
N GLU A 366 16.10 -29.03 -11.56
CA GLU A 366 14.75 -28.78 -12.06
C GLU A 366 14.20 -30.06 -12.64
N VAL A 367 13.07 -30.53 -12.09
CA VAL A 367 12.39 -31.73 -12.56
C VAL A 367 10.92 -31.39 -12.76
N ASP A 368 10.38 -31.77 -13.92
CA ASP A 368 8.96 -31.65 -14.19
C ASP A 368 8.27 -32.95 -13.83
N ILE A 369 7.30 -32.89 -12.93
CA ILE A 369 6.58 -34.07 -12.47
C ILE A 369 5.27 -34.14 -13.24
N GLY A 370 5.13 -35.15 -14.10
CA GLY A 370 3.94 -35.24 -14.91
C GLY A 370 2.76 -35.77 -14.13
N ILE A 371 1.56 -35.36 -14.54
CA ILE A 371 0.35 -35.89 -13.90
C ILE A 371 0.24 -37.38 -14.18
N PRO A 372 -0.01 -38.21 -13.17
CA PRO A 372 -0.03 -39.67 -13.41
C PRO A 372 -1.06 -40.06 -14.46
N ASP A 373 -0.67 -40.99 -15.33
CA ASP A 373 -1.50 -41.39 -16.46
C ASP A 373 -2.59 -42.35 -16.00
N ALA A 374 -3.28 -42.94 -16.99
CA ALA A 374 -4.35 -43.87 -16.68
C ALA A 374 -3.82 -45.10 -15.94
N THR A 375 -2.69 -45.64 -16.39
CA THR A 375 -2.11 -46.79 -15.72
C THR A 375 -1.56 -46.42 -14.35
N GLY A 376 -0.94 -45.24 -14.23
CA GLY A 376 -0.45 -44.81 -12.94
C GLY A 376 -1.56 -44.59 -11.93
N ARG A 377 -2.62 -43.91 -12.34
CA ARG A 377 -3.76 -43.70 -11.45
C ARG A 377 -4.46 -45.03 -11.15
N LEU A 378 -4.42 -45.97 -12.09
CA LEU A 378 -4.95 -47.30 -11.80
C LEU A 378 -4.16 -47.99 -10.70
N GLU A 379 -2.83 -47.92 -10.78
CA GLU A 379 -2.01 -48.51 -9.71
C GLU A 379 -2.25 -47.79 -8.39
N ILE A 380 -2.43 -46.47 -8.43
CA ILE A 380 -2.73 -45.72 -7.21
C ILE A 380 -4.05 -46.18 -6.60
N LEU A 381 -5.06 -46.39 -7.45
CA LEU A 381 -6.34 -46.91 -6.96
C LEU A 381 -6.18 -48.30 -6.37
N GLN A 382 -5.34 -49.13 -6.98
CA GLN A 382 -5.06 -50.44 -6.40
C GLN A 382 -4.43 -50.31 -5.02
N ILE A 383 -3.50 -49.37 -4.86
CA ILE A 383 -2.87 -49.15 -3.55
C ILE A 383 -3.92 -48.70 -2.54
N HIS A 384 -4.81 -47.79 -2.95
CA HIS A 384 -5.86 -47.34 -2.04
C HIS A 384 -6.78 -48.49 -1.65
N THR A 385 -7.10 -49.36 -2.60
CA THR A 385 -8.08 -50.41 -2.39
C THR A 385 -7.48 -51.73 -1.92
N LYS A 386 -6.17 -51.77 -1.64
CA LYS A 386 -5.59 -53.00 -1.11
C LYS A 386 -6.21 -53.37 0.23
N ASN A 387 -6.73 -52.38 0.96
CA ASN A 387 -7.36 -52.68 2.25
C ASN A 387 -8.83 -53.03 2.09
N MET A 388 -9.60 -52.15 1.46
CA MET A 388 -11.04 -52.38 1.31
C MET A 388 -11.31 -53.50 0.31
N LYS A 389 -12.41 -54.22 0.53
CA LYS A 389 -12.68 -55.43 -0.22
C LYS A 389 -13.41 -55.11 -1.52
N LEU A 390 -12.91 -55.67 -2.62
CA LEU A 390 -13.47 -55.46 -3.95
C LEU A 390 -14.13 -56.74 -4.43
N ALA A 391 -15.29 -56.61 -5.06
CA ALA A 391 -16.01 -57.76 -5.60
C ALA A 391 -15.52 -58.11 -7.00
N ASP A 392 -16.22 -59.04 -7.64
CA ASP A 392 -15.85 -59.46 -8.99
C ASP A 392 -16.22 -58.40 -10.02
N ASP A 393 -17.41 -57.81 -9.88
CA ASP A 393 -17.89 -56.86 -10.88
C ASP A 393 -17.00 -55.62 -10.96
N VAL A 394 -16.52 -55.14 -9.81
CA VAL A 394 -15.81 -53.88 -9.77
C VAL A 394 -14.46 -54.02 -10.46
N ASP A 395 -14.18 -53.09 -11.38
CA ASP A 395 -12.87 -52.97 -12.02
C ASP A 395 -12.31 -51.57 -11.78
N LEU A 396 -11.08 -51.51 -11.32
CA LEU A 396 -10.48 -50.21 -11.04
C LEU A 396 -10.03 -49.51 -12.32
N GLU A 397 -9.71 -50.29 -13.36
CA GLU A 397 -9.18 -49.71 -14.58
C GLU A 397 -10.21 -48.83 -15.29
N GLN A 398 -11.45 -49.29 -15.38
CA GLN A 398 -12.49 -48.48 -15.99
C GLN A 398 -12.76 -47.22 -15.18
N VAL A 399 -12.76 -47.35 -13.85
CA VAL A 399 -12.95 -46.19 -12.98
C VAL A 399 -11.84 -45.16 -13.22
N ALA A 400 -10.60 -45.64 -13.32
CA ALA A 400 -9.48 -44.74 -13.59
C ALA A 400 -9.63 -44.08 -14.96
N ASN A 401 -10.06 -44.83 -15.96
CA ASN A 401 -10.26 -44.26 -17.29
C ASN A 401 -11.34 -43.19 -17.26
N GLU A 402 -12.39 -43.39 -16.46
CA GLU A 402 -13.40 -42.35 -16.28
C GLU A 402 -12.80 -41.13 -15.60
N THR A 403 -11.91 -41.34 -14.64
CA THR A 403 -11.28 -40.24 -13.91
C THR A 403 -9.99 -39.80 -14.61
N HIS A 404 -10.14 -39.38 -15.87
CA HIS A 404 -9.01 -38.81 -16.59
C HIS A 404 -8.57 -37.49 -15.96
N GLY A 405 -9.50 -36.57 -15.76
CA GLY A 405 -9.19 -35.28 -15.21
C GLY A 405 -9.24 -35.18 -13.71
N HIS A 406 -9.40 -36.31 -13.01
CA HIS A 406 -9.49 -36.27 -11.56
C HIS A 406 -8.11 -36.24 -10.93
N VAL A 407 -7.98 -35.40 -9.90
CA VAL A 407 -6.74 -35.30 -9.15
C VAL A 407 -6.55 -36.55 -8.30
N GLY A 408 -5.28 -36.86 -8.00
CA GLY A 408 -5.00 -37.96 -7.09
C GLY A 408 -5.66 -37.78 -5.74
N ALA A 409 -5.73 -36.53 -5.27
CA ALA A 409 -6.54 -36.25 -4.09
C ALA A 409 -8.00 -36.61 -4.34
N ASP A 410 -8.53 -36.26 -5.51
CA ASP A 410 -9.89 -36.66 -5.86
C ASP A 410 -9.98 -38.17 -6.04
N LEU A 411 -8.90 -38.83 -6.43
CA LEU A 411 -8.92 -40.29 -6.51
C LEU A 411 -9.03 -40.93 -5.13
N ALA A 412 -8.25 -40.45 -4.17
CA ALA A 412 -8.37 -40.94 -2.80
C ALA A 412 -9.74 -40.64 -2.23
N ALA A 413 -10.26 -39.44 -2.53
CA ALA A 413 -11.62 -39.10 -2.09
C ALA A 413 -12.65 -40.03 -2.72
N LEU A 414 -12.47 -40.36 -3.99
CA LEU A 414 -13.40 -41.25 -4.67
C LEU A 414 -13.37 -42.64 -4.03
N CYS A 415 -12.18 -43.15 -3.71
CA CYS A 415 -12.09 -44.43 -3.04
C CYS A 415 -12.75 -44.38 -1.66
N SER A 416 -12.53 -43.29 -0.92
CA SER A 416 -13.13 -43.16 0.41
C SER A 416 -14.65 -43.10 0.34
N GLU A 417 -15.19 -42.34 -0.61
CA GLU A 417 -16.65 -42.26 -0.74
C GLU A 417 -17.23 -43.57 -1.25
N ALA A 418 -16.48 -44.31 -2.08
CA ALA A 418 -16.92 -45.63 -2.47
C ALA A 418 -17.03 -46.57 -1.28
N ALA A 419 -16.02 -46.53 -0.40
CA ALA A 419 -16.08 -47.33 0.83
C ALA A 419 -17.24 -46.91 1.71
N LEU A 420 -17.45 -45.60 1.84
CA LEU A 420 -18.55 -45.10 2.65
C LEU A 420 -19.89 -45.54 2.08
N GLN A 421 -20.05 -45.48 0.76
CA GLN A 421 -21.28 -45.95 0.13
C GLN A 421 -21.49 -47.44 0.33
N ALA A 422 -20.41 -48.22 0.22
CA ALA A 422 -20.51 -49.66 0.48
C ALA A 422 -20.99 -49.91 1.90
N ILE A 423 -20.51 -49.12 2.86
CA ILE A 423 -21.06 -49.18 4.22
C ILE A 423 -22.53 -48.77 4.21
N ARG A 424 -22.87 -47.73 3.44
CA ARG A 424 -24.24 -47.23 3.43
C ARG A 424 -25.23 -48.29 2.98
N LYS A 425 -24.84 -49.14 2.04
CA LYS A 425 -25.74 -50.20 1.60
C LYS A 425 -26.09 -51.14 2.75
N LYS A 426 -25.39 -51.02 3.87
CA LYS A 426 -25.52 -51.99 4.95
C LYS A 426 -25.98 -51.39 6.27
N MET A 427 -26.49 -50.15 6.31
CA MET A 427 -27.01 -49.67 7.59
C MET A 427 -28.28 -50.41 7.96
N ASP A 428 -29.07 -50.80 6.96
CA ASP A 428 -30.34 -51.45 7.24
C ASP A 428 -30.14 -52.79 7.93
N LEU A 429 -29.14 -53.55 7.51
CA LEU A 429 -28.86 -54.85 8.14
C LEU A 429 -28.39 -54.66 9.57
N ILE A 430 -27.48 -53.71 9.80
CA ILE A 430 -26.91 -53.53 11.12
C ILE A 430 -27.90 -52.79 12.02
N ASP A 431 -27.70 -52.93 13.34
CA ASP A 431 -28.55 -52.29 14.33
C ASP A 431 -27.68 -51.51 15.31
N LEU A 432 -27.91 -50.19 15.37
CA LEU A 432 -27.19 -49.37 16.33
C LEU A 432 -27.55 -49.76 17.76
N GLU A 433 -28.80 -50.15 17.99
CA GLU A 433 -29.21 -50.62 19.31
C GLU A 433 -28.47 -51.88 19.70
N ASP A 434 -28.25 -52.79 18.75
CA ASP A 434 -27.50 -54.01 19.04
C ASP A 434 -26.07 -53.69 19.43
N GLU A 435 -25.58 -54.39 20.45
CA GLU A 435 -24.25 -54.12 20.98
C GLU A 435 -23.16 -54.37 19.96
N THR A 436 -23.26 -55.46 19.21
CA THR A 436 -22.28 -55.81 18.19
C THR A 436 -22.97 -56.47 17.01
N ILE A 437 -22.31 -56.41 15.86
CA ILE A 437 -22.84 -56.93 14.61
C ILE A 437 -21.97 -58.11 14.18
N ASP A 438 -22.62 -59.16 13.67
CA ASP A 438 -21.89 -60.33 13.20
C ASP A 438 -20.91 -59.92 12.10
N ALA A 439 -19.73 -60.54 12.13
CA ALA A 439 -18.69 -60.18 11.16
C ALA A 439 -19.01 -60.76 9.79
N GLU A 440 -19.84 -61.82 9.73
CA GLU A 440 -20.08 -62.48 8.46
C GLU A 440 -20.79 -61.56 7.47
N VAL A 441 -21.77 -60.78 7.94
CA VAL A 441 -22.57 -59.96 7.03
C VAL A 441 -21.72 -58.83 6.45
N MET A 442 -20.79 -58.29 7.24
CA MET A 442 -20.02 -57.14 6.78
C MET A 442 -18.77 -57.58 6.01
N ASN A 443 -18.24 -58.76 6.31
CA ASN A 443 -17.14 -59.27 5.49
C ASN A 443 -17.65 -59.82 4.17
N SER A 444 -18.92 -60.27 4.15
CA SER A 444 -19.54 -60.61 2.88
C SER A 444 -19.73 -59.36 2.01
N LEU A 445 -19.75 -58.19 2.65
CA LEU A 445 -19.90 -56.94 1.92
C LEU A 445 -18.64 -56.61 1.14
N ALA A 446 -18.84 -56.18 -0.11
CA ALA A 446 -17.75 -55.73 -0.97
C ALA A 446 -18.26 -54.56 -1.80
N VAL A 447 -17.32 -53.73 -2.26
CA VAL A 447 -17.69 -52.58 -3.07
C VAL A 447 -17.95 -53.03 -4.51
N THR A 448 -19.04 -52.54 -5.09
CA THR A 448 -19.42 -52.86 -6.45
C THR A 448 -19.22 -51.64 -7.34
N MET A 449 -19.52 -51.82 -8.63
CA MET A 449 -19.47 -50.70 -9.57
C MET A 449 -20.48 -49.62 -9.20
N ASP A 450 -21.59 -49.99 -8.56
CA ASP A 450 -22.58 -48.99 -8.19
C ASP A 450 -22.00 -47.95 -7.22
N ASP A 451 -21.25 -48.42 -6.22
CA ASP A 451 -20.69 -47.50 -5.24
C ASP A 451 -19.66 -46.58 -5.89
N PHE A 452 -18.79 -47.14 -6.74
CA PHE A 452 -17.80 -46.31 -7.42
C PHE A 452 -18.45 -45.29 -8.33
N ARG A 453 -19.49 -45.70 -9.06
CA ARG A 453 -20.17 -44.76 -9.95
C ARG A 453 -20.86 -43.66 -9.17
N TRP A 454 -21.51 -44.01 -8.05
CA TRP A 454 -22.13 -42.99 -7.22
C TRP A 454 -21.10 -42.02 -6.67
N ALA A 455 -19.97 -42.53 -6.19
CA ALA A 455 -18.93 -41.67 -5.64
C ALA A 455 -18.34 -40.78 -6.73
N LEU A 456 -18.18 -41.31 -7.94
CA LEU A 456 -17.70 -40.49 -9.05
C LEU A 456 -18.71 -39.40 -9.39
N SER A 457 -20.00 -39.70 -9.28
CA SER A 457 -21.02 -38.67 -9.41
C SER A 457 -20.85 -37.60 -8.33
N GLN A 458 -20.60 -38.01 -7.09
CA GLN A 458 -20.39 -37.04 -6.02
C GLN A 458 -19.11 -36.24 -6.23
N SER A 459 -18.03 -36.90 -6.62
CA SER A 459 -16.76 -36.21 -6.79
C SER A 459 -16.80 -35.32 -8.02
N ASN A 460 -16.04 -34.21 -7.96
CA ASN A 460 -15.96 -33.25 -9.03
C ASN A 460 -14.55 -33.22 -9.58
N PRO A 461 -14.36 -32.95 -10.89
CA PRO A 461 -13.04 -32.92 -11.54
C PRO A 461 -12.08 -31.90 -10.92
N VAL A 471 -11.39 -34.34 -24.84
CA VAL A 471 -11.66 -35.20 -25.99
C VAL A 471 -13.14 -35.14 -26.34
N PRO A 472 -13.44 -34.84 -27.61
CA PRO A 472 -14.84 -34.71 -28.02
C PRO A 472 -15.57 -36.03 -27.95
N GLN A 473 -16.88 -35.95 -27.67
CA GLN A 473 -17.72 -37.14 -27.69
C GLN A 473 -18.03 -37.59 -29.11
N VAL A 474 -17.85 -36.71 -30.10
CA VAL A 474 -18.23 -37.03 -31.47
C VAL A 474 -17.37 -38.17 -32.00
N THR A 475 -18.03 -39.14 -32.63
CA THR A 475 -17.37 -40.31 -33.19
C THR A 475 -17.65 -40.38 -34.68
N TRP A 476 -16.90 -41.24 -35.37
CA TRP A 476 -17.04 -41.36 -36.81
C TRP A 476 -18.44 -41.82 -37.20
N GLU A 477 -19.11 -42.56 -36.32
CA GLU A 477 -20.44 -43.04 -36.63
C GLU A 477 -21.47 -41.92 -36.55
N ASP A 478 -21.17 -40.87 -35.77
CA ASP A 478 -22.08 -39.73 -35.70
C ASP A 478 -22.18 -39.01 -37.04
N ILE A 479 -21.05 -38.83 -37.72
CA ILE A 479 -21.05 -38.12 -38.99
C ILE A 479 -21.47 -39.06 -40.11
N GLY A 480 -22.27 -38.53 -41.04
CA GLY A 480 -22.76 -39.30 -42.18
C GLY A 480 -22.28 -38.68 -43.49
N GLY A 481 -21.79 -39.53 -44.38
CA GLY A 481 -21.23 -39.07 -45.63
C GLY A 481 -19.75 -38.74 -45.50
N LEU A 482 -19.20 -38.27 -46.61
CA LEU A 482 -17.80 -37.82 -46.67
C LEU A 482 -16.84 -38.94 -46.29
N GLU A 483 -17.12 -40.16 -46.77
CA GLU A 483 -16.32 -41.32 -46.39
C GLU A 483 -14.87 -41.19 -46.84
N ASP A 484 -14.66 -40.70 -48.07
CA ASP A 484 -13.30 -40.47 -48.53
C ASP A 484 -12.59 -39.42 -47.68
N VAL A 485 -13.29 -38.34 -47.36
CA VAL A 485 -12.72 -37.31 -46.50
C VAL A 485 -12.42 -37.89 -45.12
N LYS A 486 -13.31 -38.75 -44.62
CA LYS A 486 -13.09 -39.36 -43.32
C LYS A 486 -11.85 -40.24 -43.33
N ARG A 487 -11.67 -41.02 -44.39
CA ARG A 487 -10.47 -41.86 -44.49
C ARG A 487 -9.21 -41.01 -44.60
N GLU A 488 -9.29 -39.89 -45.33
CA GLU A 488 -8.16 -38.97 -45.40
C GLU A 488 -7.80 -38.45 -44.01
N LEU A 489 -8.80 -38.00 -43.25
CA LEU A 489 -8.54 -37.46 -41.92
C LEU A 489 -7.95 -38.54 -41.02
N GLN A 490 -8.41 -39.78 -41.17
CA GLN A 490 -7.78 -40.90 -40.47
C GLN A 490 -6.32 -41.03 -40.87
N GLU A 491 -6.02 -40.86 -42.16
CA GLU A 491 -4.65 -40.93 -42.65
C GLU A 491 -3.75 -39.88 -42.00
N LEU A 492 -4.22 -38.62 -41.95
CA LEU A 492 -3.32 -37.51 -41.70
C LEU A 492 -2.65 -37.57 -40.33
N VAL A 493 -3.40 -37.86 -39.27
CA VAL A 493 -2.95 -37.63 -37.90
C VAL A 493 -2.88 -38.91 -37.08
N GLN A 494 -3.88 -39.78 -37.23
CA GLN A 494 -3.96 -40.95 -36.37
C GLN A 494 -2.74 -41.85 -36.51
N TYR A 495 -2.40 -42.22 -37.74
CA TYR A 495 -1.25 -43.10 -37.96
C TYR A 495 0.09 -42.50 -37.56
N PRO A 496 0.40 -41.23 -37.85
CA PRO A 496 1.68 -40.68 -37.37
C PRO A 496 1.86 -40.79 -35.86
N VAL A 497 0.80 -40.57 -35.09
CA VAL A 497 0.90 -40.81 -33.65
C VAL A 497 1.00 -42.31 -33.38
N GLU A 498 0.27 -43.12 -34.14
CA GLU A 498 0.38 -44.57 -34.00
C GLU A 498 1.75 -45.08 -34.42
N HIS A 499 2.31 -44.53 -35.51
CA HIS A 499 3.58 -44.98 -36.05
C HIS A 499 4.49 -43.78 -36.31
N PRO A 500 5.01 -43.15 -35.25
CA PRO A 500 6.05 -42.12 -35.47
C PRO A 500 7.36 -42.72 -35.93
N ASP A 501 7.61 -43.99 -35.59
CA ASP A 501 8.87 -44.64 -35.96
C ASP A 501 9.01 -44.78 -37.46
N LYS A 502 7.91 -45.10 -38.16
CA LYS A 502 7.96 -45.19 -39.62
C LYS A 502 8.35 -43.85 -40.23
N PHE A 503 7.76 -42.76 -39.73
CA PHE A 503 8.13 -41.44 -40.22
C PHE A 503 9.60 -41.14 -39.94
N LEU A 504 10.07 -41.51 -38.75
CA LEU A 504 11.47 -41.24 -38.42
C LEU A 504 12.41 -42.02 -39.33
N LYS A 505 12.08 -43.28 -39.63
CA LYS A 505 12.93 -44.07 -40.51
C LYS A 505 12.91 -43.53 -41.93
N PHE A 506 11.75 -43.13 -42.43
CA PHE A 506 11.65 -42.66 -43.81
C PHE A 506 12.00 -41.19 -43.97
N GLY A 507 12.33 -40.49 -42.90
CA GLY A 507 12.78 -39.11 -43.00
C GLY A 507 11.76 -38.12 -43.51
N MET A 508 10.54 -38.16 -42.97
CA MET A 508 9.50 -37.22 -43.34
C MET A 508 8.88 -36.63 -42.08
N THR A 509 8.85 -35.30 -42.01
CA THR A 509 8.13 -34.63 -40.93
C THR A 509 6.63 -34.69 -41.20
N PRO A 510 5.85 -35.12 -40.21
CA PRO A 510 4.40 -35.24 -40.43
C PRO A 510 3.74 -33.89 -40.72
N SER A 511 2.74 -33.92 -41.59
CA SER A 511 1.97 -32.72 -41.89
C SER A 511 1.06 -32.36 -40.73
N LYS A 512 0.93 -31.06 -40.45
CA LYS A 512 0.16 -30.59 -39.31
C LYS A 512 -0.90 -29.56 -39.67
N GLY A 513 -1.32 -29.49 -40.92
CA GLY A 513 -2.30 -28.50 -41.31
C GLY A 513 -3.36 -29.00 -42.26
N VAL A 514 -4.63 -28.70 -41.96
CA VAL A 514 -5.74 -29.06 -42.82
C VAL A 514 -6.72 -27.90 -42.86
N LEU A 515 -7.17 -27.54 -44.05
CA LEU A 515 -8.16 -26.49 -44.23
C LEU A 515 -9.44 -27.07 -44.80
N PHE A 516 -10.55 -26.83 -44.12
CA PHE A 516 -11.88 -27.24 -44.57
C PHE A 516 -12.60 -26.00 -45.07
N TYR A 517 -12.96 -25.98 -46.34
CA TYR A 517 -13.72 -24.87 -46.90
C TYR A 517 -14.97 -25.40 -47.56
N GLY A 518 -16.11 -24.80 -47.23
CA GLY A 518 -17.38 -25.21 -47.76
C GLY A 518 -18.53 -24.40 -47.20
N PRO A 519 -19.74 -24.68 -47.67
CA PRO A 519 -20.90 -23.94 -47.20
C PRO A 519 -21.16 -24.24 -45.74
N PRO A 520 -21.81 -23.31 -45.02
CA PRO A 520 -22.05 -23.52 -43.59
C PRO A 520 -22.95 -24.73 -43.34
N GLY A 521 -22.71 -25.38 -42.21
CA GLY A 521 -23.56 -26.47 -41.78
C GLY A 521 -23.23 -27.82 -42.35
N CYS A 522 -22.04 -28.01 -42.92
CA CYS A 522 -21.65 -29.28 -43.50
C CYS A 522 -20.83 -30.15 -42.55
N GLY A 523 -20.80 -29.83 -41.27
CA GLY A 523 -20.10 -30.65 -40.30
C GLY A 523 -18.59 -30.63 -40.41
N LYS A 524 -18.01 -29.46 -40.70
CA LYS A 524 -16.56 -29.32 -40.62
C LYS A 524 -16.07 -29.43 -39.18
N THR A 525 -16.78 -28.76 -38.26
CA THR A 525 -16.46 -28.94 -36.85
C THR A 525 -16.71 -30.37 -36.40
N LEU A 526 -17.64 -31.06 -37.06
CA LEU A 526 -17.84 -32.47 -36.76
C LEU A 526 -16.63 -33.30 -37.17
N LEU A 527 -16.06 -33.01 -38.34
CA LEU A 527 -14.85 -33.71 -38.76
C LEU A 527 -13.70 -33.43 -37.79
N ALA A 528 -13.56 -32.17 -37.38
CA ALA A 528 -12.51 -31.82 -36.43
C ALA A 528 -12.70 -32.55 -35.11
N LYS A 529 -13.91 -32.56 -34.57
CA LYS A 529 -14.18 -33.26 -33.33
C LYS A 529 -13.95 -34.75 -33.47
N ALA A 530 -14.31 -35.31 -34.63
CA ALA A 530 -14.13 -36.73 -34.85
C ALA A 530 -12.66 -37.11 -34.87
N ILE A 531 -11.82 -36.33 -35.56
CA ILE A 531 -10.39 -36.64 -35.57
C ILE A 531 -9.78 -36.42 -34.19
N ALA A 532 -10.24 -35.39 -33.46
CA ALA A 532 -9.72 -35.19 -32.12
C ALA A 532 -10.07 -36.36 -31.21
N ASN A 533 -11.29 -36.90 -31.34
CA ASN A 533 -11.67 -38.08 -30.58
C ASN A 533 -10.86 -39.30 -31.00
N GLU A 534 -10.65 -39.46 -32.30
CA GLU A 534 -9.92 -40.63 -32.80
C GLU A 534 -8.49 -40.66 -32.29
N CYS A 535 -7.83 -39.49 -32.27
CA CYS A 535 -6.44 -39.44 -31.82
C CYS A 535 -6.32 -39.26 -30.32
N GLN A 536 -7.45 -39.23 -29.59
CA GLN A 536 -7.45 -39.10 -28.13
C GLN A 536 -6.70 -37.84 -27.69
N ALA A 537 -6.84 -36.78 -28.46
CA ALA A 537 -6.10 -35.55 -28.24
C ALA A 537 -7.05 -34.43 -27.84
N ASN A 538 -6.56 -33.54 -26.98
CA ASN A 538 -7.35 -32.42 -26.49
C ASN A 538 -7.83 -31.56 -27.65
N PHE A 539 -9.08 -31.12 -27.58
CA PHE A 539 -9.68 -30.32 -28.62
C PHE A 539 -9.94 -28.92 -28.09
N ILE A 540 -9.33 -27.92 -28.73
CA ILE A 540 -9.52 -26.52 -28.39
C ILE A 540 -10.07 -25.80 -29.62
N SER A 541 -11.22 -25.17 -29.45
CA SER A 541 -11.89 -24.49 -30.56
C SER A 541 -12.01 -23.01 -30.24
N ILE A 542 -11.69 -22.17 -31.21
CA ILE A 542 -11.77 -20.73 -31.06
C ILE A 542 -12.38 -20.13 -32.31
N LYS A 543 -12.88 -18.90 -32.19
CA LYS A 543 -13.42 -18.14 -33.30
C LYS A 543 -12.68 -16.82 -33.40
N GLY A 544 -12.33 -16.42 -34.63
CA GLY A 544 -11.53 -15.23 -34.84
C GLY A 544 -12.08 -13.96 -34.25
N PRO A 545 -13.37 -13.65 -34.45
CA PRO A 545 -13.92 -12.45 -33.82
C PRO A 545 -13.78 -12.43 -32.31
N GLU A 546 -13.70 -13.60 -31.65
CA GLU A 546 -13.41 -13.60 -30.22
C GLU A 546 -12.00 -13.10 -29.96
N LEU A 547 -11.06 -13.44 -30.83
CA LEU A 547 -9.67 -13.03 -30.61
C LEU A 547 -9.46 -11.56 -30.94
N LEU A 548 -10.27 -11.01 -31.85
CA LEU A 548 -9.90 -9.75 -32.49
C LEU A 548 -9.74 -8.59 -31.50
N THR A 549 -10.61 -8.49 -30.51
CA THR A 549 -10.63 -7.46 -29.45
C THR A 549 -10.55 -6.06 -30.08
N MET A 550 -10.21 -5.04 -29.28
CA MET A 550 -10.21 -3.66 -29.76
C MET A 550 -9.02 -2.82 -29.31
N TRP A 551 -8.24 -3.26 -28.33
CA TRP A 551 -7.12 -2.48 -27.87
C TRP A 551 -5.95 -2.60 -28.85
N PHE A 552 -4.84 -1.95 -28.51
CA PHE A 552 -3.74 -1.83 -29.48
C PHE A 552 -3.07 -3.18 -29.74
N GLY A 553 -2.61 -3.84 -28.70
CA GLY A 553 -1.84 -5.06 -28.90
C GLY A 553 -2.41 -6.30 -28.27
N GLU A 554 -3.71 -6.29 -27.94
CA GLU A 554 -4.29 -7.42 -27.24
C GLU A 554 -4.66 -8.56 -28.19
N SER A 555 -4.91 -8.25 -29.46
CA SER A 555 -5.26 -9.30 -30.42
C SER A 555 -4.12 -10.30 -30.58
N GLU A 556 -2.91 -9.80 -30.82
CA GLU A 556 -1.77 -10.68 -30.98
C GLU A 556 -1.46 -11.40 -29.69
N ALA A 557 -1.70 -10.75 -28.55
CA ALA A 557 -1.52 -11.43 -27.27
C ALA A 557 -2.49 -12.59 -27.14
N ASN A 558 -3.74 -12.41 -27.58
CA ASN A 558 -4.70 -13.50 -27.54
C ASN A 558 -4.28 -14.65 -28.45
N VAL A 559 -3.77 -14.33 -29.64
CA VAL A 559 -3.32 -15.38 -30.54
C VAL A 559 -2.15 -16.15 -29.95
N ARG A 560 -1.18 -15.44 -29.38
CA ARG A 560 -0.06 -16.11 -28.74
C ARG A 560 -0.53 -16.96 -27.57
N GLU A 561 -1.53 -16.47 -26.84
CA GLU A 561 -2.04 -17.23 -25.70
C GLU A 561 -2.73 -18.52 -26.14
N ILE A 562 -3.53 -18.45 -27.21
CA ILE A 562 -4.21 -19.66 -27.66
C ILE A 562 -3.20 -20.68 -28.16
N PHE A 563 -2.15 -20.22 -28.85
CA PHE A 563 -1.12 -21.15 -29.31
C PHE A 563 -0.34 -21.73 -28.14
N ASP A 564 -0.08 -20.92 -27.11
CA ASP A 564 0.62 -21.43 -25.93
C ASP A 564 -0.23 -22.47 -25.20
N LYS A 565 -1.53 -22.24 -25.08
CA LYS A 565 -2.41 -23.23 -24.47
C LYS A 565 -2.45 -24.52 -25.28
N ALA A 566 -2.46 -24.39 -26.61
CA ALA A 566 -2.39 -25.58 -27.46
C ALA A 566 -1.09 -26.35 -27.25
N ARG A 567 0.02 -25.62 -27.09
CA ARG A 567 1.29 -26.28 -26.81
C ARG A 567 1.26 -27.00 -25.46
N GLN A 568 0.68 -26.36 -24.44
CA GLN A 568 0.65 -26.98 -23.12
C GLN A 568 -0.17 -28.26 -23.11
N ALA A 569 -1.30 -28.26 -23.82
CA ALA A 569 -2.19 -29.41 -23.89
C ALA A 569 -1.76 -30.42 -24.96
N ALA A 570 -0.52 -30.36 -25.41
CA ALA A 570 -0.06 -31.28 -26.44
C ALA A 570 -0.02 -32.70 -25.91
N PRO A 571 -0.44 -33.70 -26.70
CA PRO A 571 -0.89 -33.56 -28.08
C PRO A 571 -2.31 -33.01 -28.15
N CYS A 572 -2.48 -31.93 -28.91
CA CYS A 572 -3.73 -31.20 -28.93
C CYS A 572 -4.11 -30.89 -30.38
N VAL A 573 -5.40 -30.76 -30.62
CA VAL A 573 -5.93 -30.37 -31.92
C VAL A 573 -6.49 -28.95 -31.76
N LEU A 574 -5.95 -28.02 -32.53
CA LEU A 574 -6.37 -26.62 -32.49
C LEU A 574 -7.24 -26.32 -33.69
N PHE A 575 -8.48 -25.91 -33.44
CA PHE A 575 -9.46 -25.68 -34.48
C PHE A 575 -9.79 -24.19 -34.53
N PHE A 576 -9.61 -23.58 -35.70
CA PHE A 576 -9.95 -22.18 -35.91
C PHE A 576 -11.22 -22.11 -36.75
N ASP A 577 -12.30 -21.64 -36.15
CA ASP A 577 -13.57 -21.47 -36.84
C ASP A 577 -13.65 -20.07 -37.40
N GLN A 578 -14.35 -19.94 -38.53
CA GLN A 578 -14.48 -18.65 -39.21
C GLN A 578 -13.11 -18.03 -39.47
N LEU A 579 -12.20 -18.84 -39.99
CA LEU A 579 -10.82 -18.38 -40.20
C LEU A 579 -10.77 -17.22 -41.18
N ASP A 580 -11.82 -17.04 -41.98
CA ASP A 580 -11.82 -15.97 -42.97
C ASP A 580 -11.75 -14.60 -42.31
N SER A 581 -12.34 -14.45 -41.12
CA SER A 581 -12.36 -13.16 -40.45
C SER A 581 -10.98 -12.77 -39.94
N ILE A 582 -10.32 -13.68 -39.23
CA ILE A 582 -9.07 -13.34 -38.56
C ILE A 582 -7.94 -13.17 -39.58
N ALA A 583 -7.96 -13.96 -40.65
CA ALA A 583 -6.88 -13.98 -41.62
C ALA A 583 -7.42 -13.56 -42.99
N LYS A 584 -6.82 -12.53 -43.57
CA LYS A 584 -7.20 -12.03 -44.88
C LYS A 584 -5.94 -11.79 -45.69
N ALA A 585 -6.11 -11.23 -46.88
CA ALA A 585 -4.96 -10.81 -47.66
C ALA A 585 -4.34 -9.57 -47.04
N ARG A 586 -3.05 -9.67 -46.69
CA ARG A 586 -2.38 -8.51 -46.10
C ARG A 586 -2.20 -7.40 -47.12
N GLY A 587 -2.17 -7.75 -48.41
CA GLY A 587 -1.87 -6.76 -49.43
C GLY A 587 -2.89 -5.63 -49.47
N GLY A 588 -4.16 -5.96 -49.32
CA GLY A 588 -5.19 -4.95 -49.42
C GLY A 588 -6.08 -4.85 -48.21
N ASN A 589 -6.01 -3.72 -47.50
CA ASN A 589 -6.86 -3.45 -46.35
C ASN A 589 -6.89 -1.94 -46.14
N ILE A 590 -8.00 -1.31 -46.51
CA ILE A 590 -8.07 0.15 -46.51
C ILE A 590 -8.10 0.70 -45.10
N GLY A 591 -8.90 0.11 -44.21
CA GLY A 591 -9.07 0.66 -42.89
C GLY A 591 -7.88 0.41 -41.97
N ASP A 592 -7.83 1.17 -40.88
CA ASP A 592 -6.79 0.95 -39.88
C ASP A 592 -7.04 -0.32 -39.09
N GLY A 593 -8.32 -0.68 -38.91
CA GLY A 593 -8.63 -2.02 -38.47
C GLY A 593 -8.05 -3.06 -39.41
N GLY A 594 -7.92 -2.71 -40.69
CA GLY A 594 -7.18 -3.55 -41.62
C GLY A 594 -5.72 -3.66 -41.26
N GLY A 595 -5.13 -2.57 -40.76
CA GLY A 595 -3.75 -2.65 -40.29
C GLY A 595 -3.60 -3.58 -39.10
N ALA A 596 -4.50 -3.46 -38.13
CA ALA A 596 -4.47 -4.40 -37.00
C ALA A 596 -4.70 -5.82 -37.47
N ALA A 597 -5.57 -6.01 -38.47
CA ALA A 597 -5.80 -7.34 -39.01
C ALA A 597 -4.54 -7.91 -39.64
N ASP A 598 -3.82 -7.09 -40.41
CA ASP A 598 -2.57 -7.53 -41.01
C ASP A 598 -1.56 -7.95 -39.95
N ARG A 599 -1.50 -7.18 -38.87
CA ARG A 599 -0.61 -7.54 -37.78
C ARG A 599 -1.01 -8.87 -37.14
N VAL A 600 -2.31 -9.11 -37.01
CA VAL A 600 -2.78 -10.40 -36.47
C VAL A 600 -2.38 -11.54 -37.38
N ILE A 601 -2.50 -11.35 -38.70
CA ILE A 601 -2.08 -12.38 -39.64
C ILE A 601 -0.60 -12.69 -39.48
N ASN A 602 0.23 -11.66 -39.33
CA ASN A 602 1.66 -11.89 -39.16
C ASN A 602 1.94 -12.68 -37.89
N GLN A 603 1.24 -12.36 -36.81
CA GLN A 603 1.41 -13.13 -35.58
C GLN A 603 1.03 -14.59 -35.77
N ILE A 604 -0.09 -14.84 -36.46
CA ILE A 604 -0.51 -16.21 -36.71
C ILE A 604 0.53 -16.95 -37.55
N LEU A 605 1.07 -16.30 -38.57
CA LEU A 605 2.07 -16.94 -39.43
C LEU A 605 3.29 -17.34 -38.63
N THR A 606 3.80 -16.43 -37.80
CA THR A 606 4.98 -16.75 -37.02
C THR A 606 4.70 -17.87 -36.02
N GLU A 607 3.53 -17.85 -35.39
CA GLU A 607 3.19 -18.91 -34.45
C GLU A 607 3.10 -20.26 -35.15
N MET A 608 2.53 -20.28 -36.37
CA MET A 608 2.44 -21.53 -37.11
C MET A 608 3.82 -22.05 -37.50
N ASP A 609 4.72 -21.14 -37.91
CA ASP A 609 6.09 -21.55 -38.19
C ASP A 609 6.75 -22.15 -36.95
N GLY A 610 6.50 -21.56 -35.78
CA GLY A 610 7.01 -22.15 -34.55
C GLY A 610 6.34 -23.48 -34.22
N MET A 611 5.11 -23.67 -34.70
CA MET A 611 4.32 -24.83 -34.32
C MET A 611 4.77 -26.08 -35.05
N SER A 612 5.40 -25.92 -36.21
CA SER A 612 5.88 -27.07 -36.97
C SER A 612 6.92 -27.85 -36.17
N THR A 613 7.59 -27.19 -35.23
CA THR A 613 8.53 -27.89 -34.36
C THR A 613 7.80 -28.87 -33.45
N LYS A 614 6.78 -28.43 -32.74
CA LYS A 614 5.99 -29.29 -31.88
C LYS A 614 5.13 -30.17 -32.77
N LYS A 615 5.63 -31.37 -33.07
CA LYS A 615 4.98 -32.21 -34.07
C LYS A 615 3.60 -32.67 -33.63
N ASN A 616 3.45 -33.03 -32.35
CA ASN A 616 2.23 -33.69 -31.92
C ASN A 616 1.01 -32.77 -32.00
N VAL A 617 1.23 -31.46 -32.13
CA VAL A 617 0.11 -30.53 -32.20
C VAL A 617 -0.39 -30.40 -33.63
N PHE A 618 -1.70 -30.43 -33.80
CA PHE A 618 -2.35 -30.43 -35.11
C PHE A 618 -3.23 -29.20 -35.23
N ILE A 619 -3.18 -28.53 -36.38
CA ILE A 619 -3.92 -27.30 -36.61
C ILE A 619 -4.98 -27.58 -37.66
N ILE A 620 -6.23 -27.21 -37.34
CA ILE A 620 -7.35 -27.37 -38.24
C ILE A 620 -8.02 -26.02 -38.41
N GLY A 621 -8.24 -25.62 -39.66
CA GLY A 621 -8.95 -24.39 -39.91
C GLY A 621 -10.13 -24.61 -40.83
N ALA A 622 -11.28 -24.01 -40.49
CA ALA A 622 -12.48 -24.12 -41.29
C ALA A 622 -12.94 -22.73 -41.70
N THR A 623 -13.20 -22.54 -43.00
CA THR A 623 -13.63 -21.26 -43.52
C THR A 623 -14.87 -21.44 -44.39
N ASN A 624 -15.80 -20.50 -44.30
CA ASN A 624 -16.96 -20.51 -45.19
C ASN A 624 -16.59 -19.94 -46.55
N ARG A 625 -15.68 -18.96 -46.58
CA ARG A 625 -15.26 -18.33 -47.82
C ARG A 625 -13.73 -18.39 -47.93
N PRO A 626 -13.18 -19.19 -48.85
CA PRO A 626 -11.73 -19.34 -48.95
C PRO A 626 -11.07 -18.40 -49.94
N ASP A 627 -11.80 -17.45 -50.51
CA ASP A 627 -11.22 -16.58 -51.52
C ASP A 627 -10.27 -15.56 -50.89
N ILE A 628 -10.49 -15.22 -49.62
CA ILE A 628 -9.76 -14.12 -48.99
C ILE A 628 -8.62 -14.59 -48.10
N ILE A 629 -8.44 -15.90 -47.92
CA ILE A 629 -7.39 -16.38 -47.02
C ILE A 629 -6.03 -16.01 -47.58
N ASP A 630 -5.14 -15.59 -46.70
CA ASP A 630 -3.81 -15.14 -47.11
C ASP A 630 -3.03 -16.30 -47.73
N PRO A 631 -2.45 -16.10 -48.92
CA PRO A 631 -1.67 -17.20 -49.53
C PRO A 631 -0.52 -17.68 -48.68
N ALA A 632 0.03 -16.81 -47.81
CA ALA A 632 1.15 -17.23 -46.98
C ALA A 632 0.72 -18.29 -45.97
N ILE A 633 -0.57 -18.33 -45.63
CA ILE A 633 -1.07 -19.40 -44.76
C ILE A 633 -1.17 -20.71 -45.53
N LEU A 634 -1.61 -20.62 -46.79
CA LEU A 634 -1.85 -21.83 -47.57
C LEU A 634 -0.54 -22.48 -48.02
N ARG A 635 0.58 -21.83 -47.75
CA ARG A 635 1.88 -22.39 -48.09
C ARG A 635 2.08 -23.72 -47.35
N PRO A 636 2.63 -24.73 -48.01
CA PRO A 636 2.89 -26.00 -47.32
C PRO A 636 3.79 -25.80 -46.11
N GLY A 637 3.50 -26.52 -45.05
CA GLY A 637 4.16 -26.36 -43.78
C GLY A 637 3.30 -25.71 -42.72
N ARG A 638 2.28 -24.95 -43.11
CA ARG A 638 1.35 -24.37 -42.15
C ARG A 638 -0.05 -24.96 -42.25
N LEU A 639 -0.70 -24.81 -43.41
CA LEU A 639 -1.97 -25.46 -43.70
C LEU A 639 -1.84 -26.05 -45.10
N ASP A 640 -1.26 -27.25 -45.19
CA ASP A 640 -0.78 -27.73 -46.48
C ASP A 640 -1.77 -28.66 -47.16
N GLN A 641 -2.58 -29.38 -46.39
CA GLN A 641 -3.66 -30.19 -46.96
C GLN A 641 -4.94 -29.36 -47.01
N LEU A 642 -5.52 -29.25 -48.18
CA LEU A 642 -6.65 -28.38 -48.43
C LEU A 642 -7.83 -29.22 -48.92
N ILE A 643 -8.89 -29.28 -48.12
CA ILE A 643 -9.98 -30.23 -48.32
C ILE A 643 -11.28 -29.45 -48.53
N TYR A 644 -12.10 -29.91 -49.45
CA TYR A 644 -13.39 -29.30 -49.75
C TYR A 644 -14.52 -30.18 -49.23
N ILE A 645 -15.42 -29.58 -48.47
CA ILE A 645 -16.57 -30.28 -47.91
C ILE A 645 -17.83 -29.75 -48.61
N PRO A 646 -18.40 -30.49 -49.56
CA PRO A 646 -19.58 -30.00 -50.26
C PRO A 646 -20.86 -30.32 -49.52
N LEU A 647 -21.97 -29.99 -50.16
CA LEU A 647 -23.27 -30.38 -49.64
C LEU A 647 -23.36 -31.91 -49.58
N PRO A 648 -23.89 -32.47 -48.50
CA PRO A 648 -24.03 -33.93 -48.44
C PRO A 648 -24.91 -34.42 -49.57
N ASP A 649 -24.51 -35.54 -50.17
CA ASP A 649 -25.19 -36.05 -51.34
C ASP A 649 -26.36 -36.95 -50.93
N GLU A 650 -27.03 -37.53 -51.93
CA GLU A 650 -28.26 -38.29 -51.71
C GLU A 650 -28.05 -39.37 -50.65
N LYS A 651 -27.08 -40.26 -50.86
CA LYS A 651 -26.80 -41.30 -49.88
C LYS A 651 -26.27 -40.71 -48.58
N SER A 652 -25.46 -39.65 -48.70
CA SER A 652 -25.00 -38.95 -47.50
C SER A 652 -26.17 -38.36 -46.73
N ARG A 653 -27.16 -37.79 -47.43
CA ARG A 653 -28.35 -37.31 -46.74
C ARG A 653 -29.05 -38.44 -45.99
N VAL A 654 -29.15 -39.61 -46.63
CA VAL A 654 -29.75 -40.75 -45.94
C VAL A 654 -28.95 -41.10 -44.69
N ALA A 655 -27.63 -41.05 -44.79
CA ALA A 655 -26.77 -41.38 -43.65
C ALA A 655 -26.95 -40.39 -42.51
N ILE A 656 -27.02 -39.09 -42.81
CA ILE A 656 -27.22 -38.10 -41.75
C ILE A 656 -28.59 -38.29 -41.11
N LEU A 657 -29.62 -38.57 -41.91
CA LEU A 657 -30.94 -38.80 -41.34
C LEU A 657 -30.93 -40.00 -40.39
N LYS A 658 -30.30 -41.10 -40.81
CA LYS A 658 -30.20 -42.27 -39.93
C LYS A 658 -29.43 -41.94 -38.65
N ALA A 659 -28.32 -41.21 -38.79
CA ALA A 659 -27.48 -40.90 -37.63
C ALA A 659 -28.21 -40.01 -36.64
N ASN A 660 -28.99 -39.04 -37.15
CA ASN A 660 -29.77 -38.19 -36.25
C ASN A 660 -30.93 -38.96 -35.64
N LEU A 661 -31.47 -39.95 -36.36
CA LEU A 661 -32.66 -40.66 -35.92
C LEU A 661 -32.36 -42.00 -35.25
N ARG A 662 -31.09 -42.28 -34.91
CA ARG A 662 -30.82 -43.43 -34.06
C ARG A 662 -31.52 -43.29 -32.71
N LYS A 663 -31.47 -42.09 -32.14
CA LYS A 663 -32.02 -41.85 -30.81
C LYS A 663 -33.54 -41.94 -30.79
N SER A 664 -34.20 -41.40 -31.82
CA SER A 664 -35.65 -41.34 -31.84
C SER A 664 -36.22 -42.38 -32.79
N PRO A 665 -37.10 -43.27 -32.31
CA PRO A 665 -37.69 -44.26 -33.22
C PRO A 665 -38.48 -43.61 -34.34
N VAL A 666 -38.46 -44.23 -35.51
CA VAL A 666 -39.14 -43.73 -36.69
C VAL A 666 -40.16 -44.77 -37.14
N ALA A 667 -41.31 -44.30 -37.61
CA ALA A 667 -42.35 -45.19 -38.10
C ALA A 667 -41.94 -45.81 -39.44
N LYS A 668 -42.59 -46.91 -39.79
CA LYS A 668 -42.29 -47.57 -41.06
C LYS A 668 -42.80 -46.76 -42.24
N ASP A 669 -43.87 -45.98 -42.03
CA ASP A 669 -44.42 -45.18 -43.12
C ASP A 669 -43.43 -44.14 -43.61
N VAL A 670 -42.76 -43.44 -42.69
CA VAL A 670 -41.85 -42.39 -43.10
C VAL A 670 -40.64 -43.01 -43.79
N ASP A 671 -40.35 -42.52 -45.00
CA ASP A 671 -39.31 -43.08 -45.83
C ASP A 671 -38.19 -42.06 -45.95
N LEU A 672 -37.07 -42.31 -45.25
CA LEU A 672 -36.00 -41.34 -45.23
C LEU A 672 -35.47 -41.05 -46.62
N GLU A 673 -35.62 -41.99 -47.54
CA GLU A 673 -35.17 -41.74 -48.91
C GLU A 673 -35.92 -40.59 -49.55
N PHE A 674 -37.26 -40.58 -49.45
CA PHE A 674 -38.02 -39.47 -50.02
C PHE A 674 -37.65 -38.15 -49.34
N LEU A 675 -37.46 -38.19 -48.01
CA LEU A 675 -36.98 -37.02 -47.28
C LEU A 675 -35.71 -36.49 -47.92
N ALA A 676 -34.77 -37.37 -48.20
CA ALA A 676 -33.54 -36.96 -48.84
C ALA A 676 -33.82 -36.41 -50.24
N LYS A 677 -34.75 -37.04 -50.97
CA LYS A 677 -35.04 -36.61 -52.33
C LYS A 677 -35.48 -35.16 -52.35
N MET A 678 -36.40 -34.78 -51.45
CA MET A 678 -37.02 -33.47 -51.55
C MET A 678 -36.06 -32.37 -51.11
N THR A 679 -35.12 -32.68 -50.21
CA THR A 679 -34.17 -31.70 -49.70
C THR A 679 -32.92 -31.66 -50.59
N ASN A 680 -33.11 -31.16 -51.82
CA ASN A 680 -32.03 -31.16 -52.79
C ASN A 680 -30.86 -30.32 -52.34
N GLY A 681 -31.12 -29.12 -51.81
CA GLY A 681 -30.09 -28.20 -51.41
C GLY A 681 -29.91 -28.01 -49.93
N PHE A 682 -30.64 -28.74 -49.10
CA PHE A 682 -30.58 -28.50 -47.67
C PHE A 682 -29.31 -29.10 -47.08
N SER A 683 -28.71 -28.39 -46.14
CA SER A 683 -27.50 -28.86 -45.48
C SER A 683 -27.85 -29.82 -44.35
N GLY A 684 -26.81 -30.32 -43.68
CA GLY A 684 -27.04 -31.23 -42.58
C GLY A 684 -27.75 -30.60 -41.41
N ALA A 685 -27.49 -29.32 -41.16
CA ALA A 685 -28.19 -28.60 -40.10
C ALA A 685 -29.69 -28.58 -40.37
N ASP A 686 -30.09 -28.44 -41.64
CA ASP A 686 -31.50 -28.45 -41.98
C ASP A 686 -32.13 -29.80 -41.65
N LEU A 687 -31.44 -30.89 -41.95
CA LEU A 687 -31.97 -32.21 -41.62
C LEU A 687 -32.09 -32.38 -40.11
N THR A 688 -31.08 -31.92 -39.37
CA THR A 688 -31.13 -32.04 -37.91
C THR A 688 -32.28 -31.25 -37.32
N GLU A 689 -32.48 -30.00 -37.78
CA GLU A 689 -33.58 -29.22 -37.24
C GLU A 689 -34.92 -29.79 -37.66
N ILE A 690 -34.99 -30.39 -38.86
CA ILE A 690 -36.20 -31.10 -39.26
C ILE A 690 -36.54 -32.18 -38.25
N CYS A 691 -35.56 -33.01 -37.90
CA CYS A 691 -35.82 -34.07 -36.93
C CYS A 691 -36.21 -33.50 -35.58
N GLN A 692 -35.54 -32.44 -35.14
CA GLN A 692 -35.84 -31.85 -33.84
C GLN A 692 -37.26 -31.31 -33.77
N ARG A 693 -37.70 -30.59 -34.81
CA ARG A 693 -39.05 -30.03 -34.79
C ARG A 693 -40.10 -31.12 -34.98
N ALA A 694 -39.79 -32.16 -35.76
CA ALA A 694 -40.71 -33.29 -35.85
C ALA A 694 -40.92 -33.95 -34.50
N CYS A 695 -39.85 -34.18 -33.76
CA CYS A 695 -40.00 -34.82 -32.45
C CYS A 695 -40.59 -33.87 -31.42
N LYS A 696 -40.40 -32.55 -31.60
CA LYS A 696 -41.11 -31.60 -30.76
C LYS A 696 -42.62 -31.70 -30.97
N LEU A 697 -43.05 -31.78 -32.23
CA LEU A 697 -44.48 -31.93 -32.50
C LEU A 697 -44.98 -33.28 -31.98
N ALA A 698 -44.10 -34.30 -32.02
CA ALA A 698 -44.45 -35.58 -31.41
C ALA A 698 -44.66 -35.44 -29.91
N ILE A 699 -43.82 -34.68 -29.23
CA ILE A 699 -44.03 -34.42 -27.81
C ILE A 699 -45.34 -33.66 -27.61
N ARG A 700 -45.67 -32.76 -28.54
CA ARG A 700 -46.92 -32.02 -28.43
C ARG A 700 -48.12 -32.95 -28.49
N GLU A 701 -48.08 -33.95 -29.38
CA GLU A 701 -49.18 -34.92 -29.38
C GLU A 701 -49.10 -35.83 -28.16
N SER A 702 -47.89 -36.03 -27.62
CA SER A 702 -47.76 -36.75 -26.37
C SER A 702 -48.44 -36.02 -25.23
N ILE A 703 -48.58 -34.70 -25.36
CA ILE A 703 -49.34 -33.94 -24.36
C ILE A 703 -50.79 -34.42 -24.32
N GLU A 704 -51.42 -34.54 -25.49
CA GLU A 704 -52.79 -35.06 -25.54
C GLU A 704 -52.83 -36.52 -25.09
N SER A 705 -51.78 -37.28 -25.43
CA SER A 705 -51.71 -38.65 -24.95
C SER A 705 -51.72 -38.70 -23.43
N GLU A 706 -51.00 -37.79 -22.78
CA GLU A 706 -50.97 -37.74 -21.33
C GLU A 706 -52.30 -37.24 -20.76
N ILE A 707 -53.00 -36.37 -21.49
CA ILE A 707 -54.35 -35.99 -21.07
C ILE A 707 -55.27 -37.20 -21.06
N ARG A 708 -55.23 -38.01 -22.12
CA ARG A 708 -56.04 -39.23 -22.13
C ARG A 708 -55.59 -40.19 -21.03
N ARG A 709 -54.28 -40.26 -20.77
CA ARG A 709 -53.77 -41.11 -19.71
C ARG A 709 -54.33 -40.69 -18.35
N GLU A 710 -54.32 -39.39 -18.05
CA GLU A 710 -54.79 -38.93 -16.75
C GLU A 710 -56.30 -39.06 -16.65
N ARG A 711 -57.01 -38.96 -17.79
CA ARG A 711 -58.43 -39.29 -17.80
C ARG A 711 -58.66 -40.75 -17.44
N GLU A 712 -57.82 -41.64 -17.98
CA GLU A 712 -57.89 -43.06 -17.61
C GLU A 712 -57.61 -43.24 -16.12
N ARG A 713 -56.67 -42.45 -15.58
CA ARG A 713 -56.34 -42.54 -14.16
C ARG A 713 -57.53 -42.18 -13.28
N GLN A 714 -58.28 -41.15 -13.67
CA GLN A 714 -59.43 -40.70 -12.89
C GLN A 714 -60.55 -41.74 -12.89
N PRO A 727 -48.29 -42.05 -25.83
CA PRO A 727 -48.12 -41.69 -27.24
C PRO A 727 -47.40 -42.76 -28.04
N VAL A 728 -47.47 -42.67 -29.35
CA VAL A 728 -46.77 -43.65 -30.20
C VAL A 728 -45.27 -43.42 -30.09
N PRO A 729 -44.46 -44.44 -29.81
CA PRO A 729 -43.00 -44.24 -29.76
C PRO A 729 -42.41 -43.75 -31.07
N GLU A 730 -42.91 -44.23 -32.20
CA GLU A 730 -42.40 -43.79 -33.49
C GLU A 730 -42.93 -42.40 -33.83
N ILE A 731 -42.21 -41.70 -34.70
CA ILE A 731 -42.56 -40.32 -35.03
C ILE A 731 -43.55 -40.32 -36.19
N ARG A 732 -44.55 -39.46 -36.08
CA ARG A 732 -45.67 -39.45 -37.02
C ARG A 732 -45.28 -38.88 -38.38
N ARG A 733 -45.97 -39.37 -39.41
CA ARG A 733 -45.86 -38.81 -40.76
C ARG A 733 -46.21 -37.32 -40.82
N ASP A 734 -47.34 -36.94 -40.26
CA ASP A 734 -47.76 -35.55 -40.29
C ASP A 734 -46.75 -34.66 -39.57
N HIS A 735 -46.09 -35.20 -38.55
CA HIS A 735 -45.06 -34.44 -37.84
C HIS A 735 -43.89 -34.12 -38.77
N PHE A 736 -43.43 -35.11 -39.52
CA PHE A 736 -42.35 -34.86 -40.47
C PHE A 736 -42.78 -33.89 -41.56
N GLU A 737 -44.00 -34.05 -42.08
CA GLU A 737 -44.46 -33.17 -43.15
C GLU A 737 -44.54 -31.73 -42.67
N GLU A 738 -45.04 -31.52 -41.44
CA GLU A 738 -45.02 -30.18 -40.86
C GLU A 738 -43.59 -29.68 -40.67
N ALA A 739 -42.67 -30.59 -40.30
CA ALA A 739 -41.28 -30.19 -40.15
C ALA A 739 -40.70 -29.66 -41.45
N MET A 740 -40.92 -30.38 -42.56
CA MET A 740 -40.41 -29.90 -43.85
C MET A 740 -41.18 -28.69 -44.37
N ARG A 741 -42.43 -28.51 -43.93
CA ARG A 741 -43.10 -27.25 -44.23
C ARG A 741 -42.44 -26.09 -43.48
N PHE A 742 -41.95 -26.37 -42.27
CA PHE A 742 -41.18 -25.37 -41.54
C PHE A 742 -39.78 -25.19 -42.14
N ALA A 743 -39.24 -26.25 -42.75
CA ALA A 743 -37.87 -26.22 -43.23
C ALA A 743 -37.72 -25.26 -44.41
N ARG A 744 -36.63 -24.50 -44.39
CA ARG A 744 -36.24 -23.61 -45.48
C ARG A 744 -34.79 -23.89 -45.84
N ARG A 745 -34.43 -23.54 -47.08
CA ARG A 745 -33.08 -23.82 -47.55
C ARG A 745 -32.08 -22.92 -46.83
N SER A 746 -31.13 -23.55 -46.14
CA SER A 746 -30.18 -22.80 -45.32
C SER A 746 -29.27 -21.92 -46.17
N VAL A 747 -28.76 -22.44 -47.28
CA VAL A 747 -27.73 -21.77 -48.05
C VAL A 747 -28.26 -21.50 -49.47
N SER A 748 -27.98 -20.30 -49.96
CA SER A 748 -28.31 -19.98 -51.35
C SER A 748 -27.36 -20.70 -52.30
N ASP A 749 -27.81 -20.86 -53.55
CA ASP A 749 -27.01 -21.62 -54.50
C ASP A 749 -25.80 -20.82 -54.99
N ASN A 750 -25.85 -19.49 -54.90
CA ASN A 750 -24.75 -18.67 -55.40
C ASN A 750 -23.47 -18.94 -54.62
N ASP A 751 -23.56 -19.07 -53.30
CA ASP A 751 -22.40 -19.43 -52.51
C ASP A 751 -21.89 -20.82 -52.92
N ILE A 752 -22.82 -21.72 -53.23
CA ILE A 752 -22.44 -23.07 -53.62
C ILE A 752 -21.61 -23.05 -54.89
N ARG A 753 -22.07 -22.31 -55.90
CA ARG A 753 -21.33 -22.24 -57.16
C ARG A 753 -20.02 -21.49 -56.98
N LYS A 754 -19.97 -20.51 -56.07
CA LYS A 754 -18.72 -19.82 -55.81
C LYS A 754 -17.68 -20.76 -55.20
N TYR A 755 -18.08 -21.57 -54.22
CA TYR A 755 -17.15 -22.53 -53.63
C TYR A 755 -16.71 -23.58 -54.65
N GLU A 756 -17.65 -24.07 -55.47
CA GLU A 756 -17.26 -25.03 -56.50
C GLU A 756 -16.34 -24.39 -57.52
N MET A 757 -16.54 -23.09 -57.81
CA MET A 757 -15.63 -22.37 -58.70
C MET A 757 -14.24 -22.29 -58.10
N PHE A 758 -14.14 -22.03 -56.79
CA PHE A 758 -12.82 -21.99 -56.16
C PHE A 758 -12.15 -23.35 -56.22
N ALA A 759 -12.90 -24.43 -55.98
CA ALA A 759 -12.34 -25.76 -56.08
C ALA A 759 -11.87 -26.06 -57.50
N GLN A 760 -12.65 -25.64 -58.49
CA GLN A 760 -12.26 -25.84 -59.89
C GLN A 760 -11.00 -25.05 -60.22
N THR A 761 -10.89 -23.83 -59.72
CA THR A 761 -9.69 -23.03 -59.97
C THR A 761 -8.47 -23.67 -59.33
N LEU A 762 -8.63 -24.22 -58.12
CA LEU A 762 -7.52 -24.93 -57.50
C LEU A 762 -7.12 -26.16 -58.32
N GLN A 763 -8.11 -26.90 -58.82
CA GLN A 763 -7.81 -28.09 -59.62
C GLN A 763 -7.13 -27.71 -60.93
N GLN A 764 -7.56 -26.61 -61.55
CA GLN A 764 -6.90 -26.14 -62.76
C GLN A 764 -5.47 -25.70 -62.48
N SER A 765 -5.25 -25.01 -61.36
CA SER A 765 -3.90 -24.69 -60.93
C SER A 765 -3.10 -25.95 -60.68
N ARG A 766 -3.78 -27.03 -60.28
CA ARG A 766 -3.17 -28.35 -60.24
C ARG A 766 -3.43 -29.05 -61.58
N GLY A 767 -3.07 -28.36 -62.65
CA GLY A 767 -3.12 -28.93 -63.98
C GLY A 767 -2.02 -29.93 -64.24
N PHE A 768 -1.51 -30.55 -63.19
CA PHE A 768 -0.25 -31.26 -63.19
C PHE A 768 -0.47 -32.77 -63.07
N GLY A 769 -1.70 -33.25 -63.29
CA GLY A 769 -1.98 -34.67 -63.12
C GLY A 769 -1.37 -35.53 -64.20
N SER A 770 -1.14 -34.96 -65.38
CA SER A 770 -0.58 -35.72 -66.51
C SER A 770 0.93 -35.82 -66.34
N PHE A 771 1.34 -36.59 -65.34
CA PHE A 771 2.75 -36.73 -65.00
C PHE A 771 3.16 -38.18 -65.09
N ARG A 772 4.08 -38.47 -66.01
CA ARG A 772 4.69 -39.80 -66.14
C ARG A 772 6.20 -39.62 -66.18
N PHE A 773 6.89 -40.40 -65.36
CA PHE A 773 8.32 -40.22 -65.22
C PHE A 773 9.03 -40.84 -66.43
N PRO A 774 10.13 -40.23 -66.88
CA PRO A 774 10.87 -40.80 -68.02
C PRO A 774 11.39 -42.20 -67.71
N SER A 775 11.40 -43.04 -68.75
CA SER A 775 11.79 -44.45 -68.63
C SER A 775 10.96 -45.17 -67.56
N PRO B 23 65.77 -9.17 -5.04
CA PRO B 23 66.28 -10.54 -4.88
C PRO B 23 65.33 -11.41 -4.07
N ASN B 24 64.47 -10.78 -3.28
CA ASN B 24 63.50 -11.51 -2.47
C ASN B 24 62.43 -12.16 -3.35
N ARG B 25 62.05 -11.49 -4.43
CA ARG B 25 61.05 -12.04 -5.34
C ARG B 25 61.60 -13.30 -6.00
N LEU B 26 61.11 -14.46 -5.55
CA LEU B 26 61.73 -15.73 -5.92
C LEU B 26 60.64 -16.74 -6.24
N ILE B 27 60.98 -17.69 -7.10
CA ILE B 27 60.02 -18.66 -7.62
C ILE B 27 59.95 -19.85 -6.69
N VAL B 28 58.72 -20.25 -6.32
CA VAL B 28 58.54 -21.35 -5.39
C VAL B 28 58.92 -22.66 -6.06
N ASP B 29 59.76 -23.44 -5.39
CA ASP B 29 60.18 -24.74 -5.88
C ASP B 29 60.12 -25.74 -4.73
N GLU B 30 59.93 -27.01 -5.08
CA GLU B 30 59.85 -28.05 -4.07
C GLU B 30 61.24 -28.38 -3.53
N ALA B 31 61.30 -28.70 -2.25
CA ALA B 31 62.53 -29.15 -1.61
C ALA B 31 62.48 -30.68 -1.50
N ILE B 32 63.45 -31.33 -2.14
CA ILE B 32 63.47 -32.80 -2.16
C ILE B 32 63.79 -33.36 -0.78
N ASN B 33 64.72 -32.72 -0.08
CA ASN B 33 65.25 -33.28 1.16
C ASN B 33 64.94 -32.44 2.41
N GLU B 34 64.82 -31.11 2.28
CA GLU B 34 64.57 -30.28 3.45
C GLU B 34 63.15 -30.48 3.96
N ASP B 35 62.98 -30.35 5.27
CA ASP B 35 61.69 -30.50 5.90
C ASP B 35 60.98 -29.14 6.04
N ASN B 36 59.88 -29.14 6.79
CA ASN B 36 59.10 -27.91 6.95
C ASN B 36 59.90 -26.82 7.66
N SER B 37 60.62 -27.18 8.73
CA SER B 37 61.21 -26.18 9.60
C SER B 37 62.29 -25.38 8.90
N VAL B 38 63.10 -26.03 8.06
CA VAL B 38 64.25 -25.39 7.42
C VAL B 38 63.95 -25.18 5.95
N VAL B 39 64.52 -24.11 5.38
CA VAL B 39 64.40 -23.81 3.96
C VAL B 39 65.80 -23.71 3.38
N SER B 40 65.93 -24.07 2.11
CA SER B 40 67.22 -24.12 1.43
C SER B 40 67.25 -23.08 0.31
N LEU B 41 68.36 -22.35 0.22
CA LEU B 41 68.54 -21.33 -0.80
C LEU B 41 69.88 -21.53 -1.49
N SER B 42 69.97 -21.06 -2.74
CA SER B 42 71.20 -21.17 -3.50
C SER B 42 72.25 -20.20 -2.96
N GLN B 43 73.51 -20.63 -3.01
CA GLN B 43 74.58 -19.85 -2.38
C GLN B 43 74.80 -18.48 -2.99
N PRO B 44 74.89 -18.29 -4.32
CA PRO B 44 75.07 -16.93 -4.84
C PRO B 44 73.95 -15.99 -4.44
N LYS B 45 72.73 -16.52 -4.33
CA LYS B 45 71.59 -15.72 -3.94
C LYS B 45 71.71 -15.22 -2.50
N MET B 46 72.20 -16.07 -1.59
CA MET B 46 72.43 -15.61 -0.22
C MET B 46 73.62 -14.68 -0.13
N ASP B 47 74.63 -14.90 -0.97
CA ASP B 47 75.76 -13.96 -1.03
C ASP B 47 75.29 -12.58 -1.44
N GLU B 48 74.38 -12.52 -2.42
CA GLU B 48 73.73 -11.25 -2.76
C GLU B 48 72.90 -10.72 -1.59
N LEU B 49 72.19 -11.62 -0.90
CA LEU B 49 71.34 -11.20 0.21
C LEU B 49 72.15 -10.87 1.45
N GLN B 50 73.40 -11.33 1.52
CA GLN B 50 74.29 -11.04 2.65
C GLN B 50 73.69 -11.51 3.97
N LEU B 51 73.04 -12.67 3.95
CA LEU B 51 72.34 -13.21 5.09
C LEU B 51 73.11 -14.41 5.63
N PHE B 52 73.36 -14.41 6.94
CA PHE B 52 74.07 -15.52 7.56
C PHE B 52 73.20 -16.78 7.56
N ARG B 53 73.86 -17.92 7.41
CA ARG B 53 73.13 -19.19 7.37
C ARG B 53 72.49 -19.45 8.72
N GLY B 54 71.26 -19.98 8.68
CA GLY B 54 70.50 -20.23 9.87
C GLY B 54 69.67 -19.08 10.38
N ASP B 55 69.81 -17.89 9.77
CA ASP B 55 69.00 -16.75 10.20
C ASP B 55 67.52 -16.99 9.88
N THR B 56 66.67 -16.59 10.82
CA THR B 56 65.24 -16.80 10.64
C THR B 56 64.72 -15.89 9.53
N VAL B 57 63.97 -16.48 8.59
CA VAL B 57 63.46 -15.75 7.44
C VAL B 57 61.94 -15.92 7.40
N LEU B 58 61.24 -14.82 7.13
CA LEU B 58 59.79 -14.84 6.97
C LEU B 58 59.47 -14.92 5.49
N LEU B 59 58.49 -15.76 5.14
CA LEU B 59 58.10 -15.98 3.76
C LEU B 59 56.73 -15.36 3.52
N LYS B 60 56.65 -14.41 2.60
CA LYS B 60 55.38 -13.82 2.23
C LYS B 60 54.54 -14.81 1.44
N GLY B 61 53.22 -14.70 1.53
CA GLY B 61 52.35 -15.62 0.85
C GLY B 61 51.01 -14.98 0.52
N LYS B 62 50.20 -15.73 -0.21
CA LYS B 62 48.87 -15.27 -0.59
C LYS B 62 47.97 -15.16 0.64
N LYS B 63 46.98 -14.28 0.54
CA LYS B 63 45.97 -14.07 1.59
C LYS B 63 46.62 -13.66 2.92
N ARG B 64 47.82 -13.07 2.84
CA ARG B 64 48.57 -12.67 4.03
C ARG B 64 48.85 -13.86 4.94
N ARG B 65 49.31 -14.96 4.36
CA ARG B 65 49.72 -16.15 5.09
C ARG B 65 51.24 -16.23 5.05
N GLU B 66 51.86 -16.29 6.23
CA GLU B 66 53.31 -16.22 6.35
C GLU B 66 53.81 -17.23 7.36
N ALA B 67 55.08 -17.61 7.22
CA ALA B 67 55.73 -18.53 8.14
C ALA B 67 57.21 -18.22 8.21
N VAL B 68 57.85 -18.63 9.31
CA VAL B 68 59.26 -18.39 9.56
C VAL B 68 59.99 -19.71 9.51
N CYS B 69 61.16 -19.73 8.88
CA CYS B 69 61.91 -20.95 8.64
C CYS B 69 63.41 -20.69 8.76
N ILE B 70 64.16 -21.79 8.85
CA ILE B 70 65.61 -21.70 8.92
C ILE B 70 66.18 -21.72 7.51
N VAL B 71 66.93 -20.67 7.16
CA VAL B 71 67.63 -20.65 5.88
C VAL B 71 68.79 -21.63 5.91
N LEU B 72 69.02 -22.31 4.79
CA LEU B 72 70.06 -23.31 4.70
C LEU B 72 70.72 -23.21 3.32
N SER B 73 71.92 -23.77 3.22
CA SER B 73 72.71 -23.74 1.99
C SER B 73 72.49 -25.03 1.23
N ASP B 74 72.00 -24.91 0.00
CA ASP B 74 71.76 -26.06 -0.86
C ASP B 74 72.23 -25.74 -2.27
N ASP B 75 73.23 -26.50 -2.75
CA ASP B 75 73.79 -26.24 -4.07
C ASP B 75 72.79 -26.53 -5.17
N THR B 76 71.98 -27.59 -5.02
CA THR B 76 71.08 -28.01 -6.08
C THR B 76 69.92 -27.03 -6.26
N CYS B 77 69.64 -26.23 -5.23
CA CYS B 77 68.58 -25.24 -5.34
C CYS B 77 68.93 -24.20 -6.38
N SER B 78 67.96 -23.84 -7.21
CA SER B 78 68.20 -22.94 -8.33
C SER B 78 68.49 -21.53 -7.83
N ASP B 79 69.18 -20.76 -8.67
CA ASP B 79 69.49 -19.37 -8.32
C ASP B 79 68.22 -18.52 -8.24
N GLU B 80 67.29 -18.74 -9.16
CA GLU B 80 66.05 -17.98 -9.21
C GLU B 80 64.88 -18.67 -8.53
N LYS B 81 65.10 -19.84 -7.91
CA LYS B 81 64.05 -20.62 -7.29
C LYS B 81 64.40 -20.88 -5.83
N ILE B 82 63.37 -21.06 -5.02
CA ILE B 82 63.53 -21.34 -3.59
C ILE B 82 62.82 -22.65 -3.28
N ARG B 83 63.51 -23.53 -2.55
CA ARG B 83 63.02 -24.88 -2.30
C ARG B 83 62.39 -24.95 -0.91
N MET B 84 61.09 -25.29 -0.86
CA MET B 84 60.42 -25.54 0.41
C MET B 84 59.75 -26.91 0.39
N ASN B 85 59.43 -27.40 1.59
CA ASN B 85 58.57 -28.57 1.72
C ASN B 85 57.16 -28.23 1.25
N ARG B 86 56.38 -29.27 0.95
CA ARG B 86 55.05 -29.07 0.38
C ARG B 86 54.07 -28.56 1.42
N VAL B 87 54.21 -29.00 2.68
CA VAL B 87 53.35 -28.51 3.75
C VAL B 87 53.57 -27.02 3.96
N VAL B 88 54.80 -26.54 3.75
CA VAL B 88 55.05 -25.10 3.77
C VAL B 88 54.23 -24.40 2.69
N ARG B 89 54.20 -24.97 1.49
CA ARG B 89 53.39 -24.42 0.41
C ARG B 89 51.92 -24.37 0.82
N ASN B 90 51.42 -25.45 1.42
CA ASN B 90 50.03 -25.48 1.84
C ASN B 90 49.75 -24.44 2.92
N ASN B 91 50.69 -24.25 3.84
CA ASN B 91 50.49 -23.25 4.90
C ASN B 91 50.48 -21.83 4.35
N LEU B 92 51.35 -21.54 3.38
CA LEU B 92 51.36 -20.22 2.75
C LEU B 92 50.33 -20.07 1.64
N ARG B 93 49.55 -21.13 1.36
CA ARG B 93 48.56 -21.12 0.28
C ARG B 93 49.21 -20.74 -1.04
N VAL B 94 50.40 -21.27 -1.28
CA VAL B 94 51.17 -20.93 -2.48
C VAL B 94 51.44 -22.21 -3.25
N ARG B 95 51.50 -22.08 -4.57
CA ARG B 95 51.70 -23.20 -5.48
C ARG B 95 52.96 -22.99 -6.29
N LEU B 96 53.41 -24.06 -6.95
CA LEU B 96 54.64 -24.01 -7.71
C LEU B 96 54.53 -23.03 -8.87
N GLY B 97 55.61 -22.31 -9.13
CA GLY B 97 55.64 -21.31 -10.18
C GLY B 97 55.24 -19.91 -9.75
N ASP B 98 54.79 -19.74 -8.51
CA ASP B 98 54.38 -18.43 -8.01
C ASP B 98 55.59 -17.64 -7.53
N VAL B 99 55.39 -16.34 -7.35
CA VAL B 99 56.44 -15.41 -6.95
C VAL B 99 56.12 -14.92 -5.54
N ILE B 100 57.08 -15.10 -4.63
CA ILE B 100 56.95 -14.61 -3.26
C ILE B 100 58.24 -13.91 -2.87
N SER B 101 58.13 -13.09 -1.83
CA SER B 101 59.27 -12.34 -1.29
C SER B 101 59.76 -13.01 0.00
N ILE B 102 61.07 -13.09 0.15
CA ILE B 102 61.69 -13.68 1.33
C ILE B 102 62.31 -12.56 2.16
N GLN B 103 61.81 -12.37 3.37
CA GLN B 103 62.31 -11.33 4.25
C GLN B 103 62.75 -11.94 5.57
N PRO B 104 63.97 -11.64 6.04
CA PRO B 104 64.41 -12.18 7.34
C PRO B 104 63.53 -11.66 8.46
N CYS B 105 63.41 -12.48 9.51
CA CYS B 105 62.65 -12.10 10.70
C CYS B 105 63.61 -11.56 11.75
N PRO B 106 63.58 -10.27 12.05
CA PRO B 106 64.47 -9.72 13.07
C PRO B 106 63.91 -9.92 14.48
N ASP B 107 64.82 -9.90 15.45
CA ASP B 107 64.48 -9.93 16.86
C ASP B 107 63.64 -11.16 17.22
N VAL B 108 64.05 -12.33 16.73
CA VAL B 108 63.39 -13.57 17.11
C VAL B 108 63.69 -13.84 18.58
N LYS B 109 62.65 -14.25 19.32
CA LYS B 109 62.76 -14.49 20.75
C LYS B 109 62.49 -15.97 21.03
N TYR B 110 63.35 -16.58 21.84
CA TYR B 110 63.17 -17.98 22.20
C TYR B 110 61.86 -18.17 22.94
N GLY B 111 61.13 -19.22 22.57
CA GLY B 111 59.81 -19.45 23.10
C GLY B 111 59.85 -20.04 24.49
N LYS B 112 59.08 -19.43 25.41
CA LYS B 112 58.90 -20.01 26.73
C LYS B 112 58.01 -21.24 26.69
N ARG B 113 56.90 -21.17 25.96
CA ARG B 113 55.98 -22.28 25.82
C ARG B 113 55.26 -22.16 24.49
N ILE B 114 54.97 -23.31 23.87
CA ILE B 114 54.22 -23.36 22.63
C ILE B 114 53.15 -24.44 22.76
N HIS B 115 51.97 -24.17 22.20
CA HIS B 115 50.86 -25.11 22.23
C HIS B 115 50.58 -25.57 20.81
N VAL B 116 50.78 -26.87 20.55
CA VAL B 116 50.60 -27.45 19.23
C VAL B 116 49.39 -28.38 19.29
N LEU B 117 48.42 -28.14 18.41
CA LEU B 117 47.17 -28.90 18.38
C LEU B 117 47.09 -29.74 17.12
N PRO B 118 46.98 -31.06 17.23
CA PRO B 118 46.92 -31.90 16.03
C PRO B 118 45.58 -31.77 15.31
N ILE B 119 45.60 -32.13 14.03
CA ILE B 119 44.37 -32.13 13.24
C ILE B 119 43.51 -33.33 13.64
N ASP B 120 42.19 -33.15 13.58
CA ASP B 120 41.28 -34.12 14.17
C ASP B 120 41.36 -35.48 13.45
N ASP B 121 41.46 -35.48 12.12
CA ASP B 121 41.57 -36.75 11.41
C ASP B 121 42.91 -37.43 11.71
N THR B 122 43.98 -36.64 11.84
CA THR B 122 45.30 -37.22 12.08
C THR B 122 45.42 -37.76 13.51
N VAL B 123 44.89 -37.04 14.49
CA VAL B 123 45.05 -37.46 15.88
C VAL B 123 44.29 -38.76 16.15
N GLU B 124 43.15 -38.94 15.50
CA GLU B 124 42.36 -40.16 15.71
C GLU B 124 43.09 -41.37 15.15
N GLY B 125 42.85 -42.52 15.76
CA GLY B 125 43.48 -43.76 15.36
C GLY B 125 44.86 -44.00 15.92
N ILE B 126 45.40 -43.06 16.69
CA ILE B 126 46.75 -43.16 17.23
C ILE B 126 46.64 -43.53 18.70
N THR B 127 47.03 -44.76 19.03
CA THR B 127 46.96 -45.22 20.41
C THR B 127 48.00 -44.53 21.28
N GLY B 128 49.23 -44.41 20.78
CA GLY B 128 50.28 -43.81 21.57
C GLY B 128 50.14 -42.30 21.66
N ASN B 129 50.76 -41.74 22.70
CA ASN B 129 50.71 -40.30 22.89
C ASN B 129 51.38 -39.58 21.73
N LEU B 130 50.69 -38.60 21.15
CA LEU B 130 51.22 -37.90 19.99
C LEU B 130 52.49 -37.13 20.34
N PHE B 131 52.53 -36.53 21.54
CA PHE B 131 53.72 -35.78 21.96
C PHE B 131 54.93 -36.70 22.05
N GLU B 132 54.77 -37.86 22.68
CA GLU B 132 55.88 -38.79 22.84
C GLU B 132 56.32 -39.36 21.50
N VAL B 133 55.36 -39.76 20.67
CA VAL B 133 55.70 -40.41 19.41
C VAL B 133 56.34 -39.44 18.44
N TYR B 134 55.79 -38.23 18.31
CA TYR B 134 56.25 -37.28 17.32
C TYR B 134 56.90 -36.05 17.94
N LEU B 135 56.19 -35.35 18.83
CA LEU B 135 56.66 -34.03 19.28
C LEU B 135 57.91 -34.13 20.14
N LYS B 136 58.01 -35.17 20.98
CA LYS B 136 59.12 -35.23 21.93
C LYS B 136 60.48 -35.28 21.25
N PRO B 137 60.73 -36.14 20.24
CA PRO B 137 62.04 -36.06 19.56
C PRO B 137 62.14 -34.90 18.58
N TYR B 138 61.01 -34.48 17.99
CA TYR B 138 61.06 -33.46 16.95
C TYR B 138 61.38 -32.10 17.52
N PHE B 139 60.84 -31.77 18.69
CA PHE B 139 61.08 -30.50 19.35
C PHE B 139 62.15 -30.57 20.43
N LEU B 140 62.86 -31.70 20.53
CA LEU B 140 63.98 -31.81 21.46
C LEU B 140 65.19 -31.10 20.86
N GLU B 141 65.60 -30.00 21.50
CA GLU B 141 66.69 -29.17 20.98
C GLU B 141 66.40 -28.73 19.54
N ALA B 142 65.15 -28.38 19.28
CA ALA B 142 64.71 -28.11 17.92
C ALA B 142 65.39 -26.88 17.33
N TYR B 143 65.35 -25.77 18.06
CA TYR B 143 65.86 -24.48 17.59
C TYR B 143 65.21 -24.10 16.25
N ARG B 144 63.91 -24.37 16.15
CA ARG B 144 63.13 -24.10 14.94
C ARG B 144 62.22 -22.90 15.16
N PRO B 145 62.26 -21.90 14.29
CA PRO B 145 61.31 -20.80 14.40
C PRO B 145 59.91 -21.24 13.99
N ILE B 146 58.93 -20.88 14.81
CA ILE B 146 57.55 -21.32 14.64
C ILE B 146 56.64 -20.12 14.72
N ARG B 147 55.64 -20.07 13.83
CA ARG B 147 54.69 -18.97 13.75
C ARG B 147 53.28 -19.50 14.01
N LYS B 148 52.38 -18.57 14.32
CA LYS B 148 50.98 -18.93 14.53
C LYS B 148 50.37 -19.51 13.26
N GLY B 149 49.62 -20.59 13.43
CA GLY B 149 48.94 -21.22 12.33
C GLY B 149 49.80 -22.11 11.46
N ASP B 150 51.09 -22.22 11.76
CA ASP B 150 51.97 -23.08 10.97
C ASP B 150 51.67 -24.54 11.25
N ILE B 151 51.61 -25.34 10.19
CA ILE B 151 51.32 -26.76 10.27
C ILE B 151 52.55 -27.52 9.80
N PHE B 152 52.97 -28.51 10.58
CA PHE B 152 54.11 -29.34 10.22
C PHE B 152 53.73 -30.81 10.39
N LEU B 153 54.40 -31.65 9.60
CA LEU B 153 54.17 -33.08 9.57
C LEU B 153 55.38 -33.80 10.14
N VAL B 154 55.14 -34.77 11.02
CA VAL B 154 56.19 -35.56 11.63
C VAL B 154 56.03 -37.00 11.17
N ARG B 155 57.08 -37.57 10.61
CA ARG B 155 57.06 -38.96 10.20
C ARG B 155 57.14 -39.88 11.42
N GLY B 156 56.33 -40.92 11.42
CA GLY B 156 56.32 -41.86 12.52
C GLY B 156 54.93 -42.46 12.70
N GLY B 157 54.85 -43.38 13.66
CA GLY B 157 53.60 -44.05 13.96
C GLY B 157 53.15 -44.94 12.81
N MET B 158 51.89 -45.38 12.91
CA MET B 158 51.28 -46.09 11.80
C MET B 158 51.13 -45.18 10.58
N ARG B 159 50.68 -43.94 10.79
CA ARG B 159 50.54 -42.97 9.73
C ARG B 159 50.99 -41.62 10.27
N ALA B 160 51.81 -40.92 9.50
CA ALA B 160 52.38 -39.65 9.95
C ALA B 160 51.29 -38.63 10.24
N VAL B 161 51.42 -37.92 11.35
CA VAL B 161 50.37 -37.07 11.87
C VAL B 161 50.78 -35.61 11.74
N GLU B 162 49.94 -34.83 11.08
CA GLU B 162 50.19 -33.40 10.92
C GLU B 162 49.89 -32.67 12.22
N PHE B 163 50.74 -31.69 12.54
CA PHE B 163 50.62 -30.91 13.78
C PHE B 163 50.55 -29.43 13.43
N LYS B 164 49.61 -28.72 14.04
CA LYS B 164 49.41 -27.30 13.80
C LYS B 164 49.66 -26.53 15.10
N VAL B 165 50.47 -25.49 15.02
CA VAL B 165 50.81 -24.68 16.20
C VAL B 165 49.82 -23.52 16.22
N VAL B 166 48.70 -23.74 16.91
CA VAL B 166 47.66 -22.72 16.96
C VAL B 166 48.11 -21.51 17.77
N GLU B 167 48.69 -21.75 18.95
CA GLU B 167 49.08 -20.68 19.86
C GLU B 167 50.60 -20.70 20.04
N THR B 168 51.24 -19.57 19.77
CA THR B 168 52.68 -19.43 19.92
C THR B 168 52.97 -18.33 20.93
N ASP B 169 53.86 -18.62 21.88
CA ASP B 169 54.28 -17.65 22.88
C ASP B 169 55.81 -17.60 22.92
N PRO B 170 56.42 -16.41 22.77
CA PRO B 170 55.71 -15.13 22.57
C PRO B 170 55.20 -14.96 21.13
N SER B 171 54.02 -14.36 21.00
CA SER B 171 53.38 -14.23 19.70
C SER B 171 54.06 -13.16 18.86
N PRO B 172 54.13 -13.33 17.53
CA PRO B 172 53.74 -14.56 16.82
C PRO B 172 54.93 -15.44 16.45
N TYR B 173 56.14 -14.94 16.67
CA TYR B 173 57.38 -15.63 16.31
C TYR B 173 58.02 -16.18 17.57
N CYS B 174 58.41 -17.45 17.53
CA CYS B 174 59.02 -18.11 18.68
C CYS B 174 60.06 -19.11 18.19
N ILE B 175 60.97 -19.47 19.09
CA ILE B 175 62.01 -20.46 18.83
C ILE B 175 61.81 -21.61 19.80
N VAL B 176 61.67 -22.82 19.26
CA VAL B 176 61.53 -24.01 20.10
C VAL B 176 62.87 -24.31 20.76
N ALA B 177 62.84 -24.59 22.06
CA ALA B 177 64.05 -24.86 22.82
C ALA B 177 63.73 -25.98 23.79
N PRO B 178 64.77 -26.68 24.30
CA PRO B 178 64.49 -27.75 25.27
C PRO B 178 63.75 -27.29 26.51
N ASP B 179 63.97 -26.05 26.95
CA ASP B 179 63.26 -25.54 28.11
C ASP B 179 61.80 -25.22 27.78
N THR B 180 61.49 -25.08 26.49
CA THR B 180 60.10 -24.88 26.07
C THR B 180 59.28 -26.14 26.32
N VAL B 181 58.07 -25.96 26.85
CA VAL B 181 57.20 -27.06 27.22
C VAL B 181 56.19 -27.27 26.10
N ILE B 182 56.14 -28.49 25.57
CA ILE B 182 55.22 -28.86 24.50
C ILE B 182 54.28 -29.94 25.02
N HIS B 183 52.98 -29.71 24.88
CA HIS B 183 51.96 -30.66 25.31
C HIS B 183 51.01 -30.90 24.13
N CYS B 184 50.83 -32.17 23.76
CA CYS B 184 49.97 -32.49 22.63
C CYS B 184 48.50 -32.49 23.03
N GLU B 185 48.22 -32.55 24.33
CA GLU B 185 46.84 -32.56 24.80
C GLU B 185 46.15 -31.24 24.47
N GLY B 186 44.87 -31.33 24.15
CA GLY B 186 44.10 -30.15 23.85
C GLY B 186 42.90 -30.50 22.99
N GLU B 187 42.31 -29.46 22.39
CA GLU B 187 41.19 -29.63 21.48
C GLU B 187 41.70 -29.68 20.05
N PRO B 188 41.53 -30.79 19.34
CA PRO B 188 42.11 -30.90 17.99
C PRO B 188 41.54 -29.88 17.03
N ILE B 189 42.41 -29.37 16.15
CA ILE B 189 41.97 -28.44 15.12
C ILE B 189 41.28 -29.20 13.99
N LYS B 190 40.17 -28.65 13.51
CA LYS B 190 39.39 -29.32 12.48
C LYS B 190 40.11 -29.27 11.14
N ARG B 191 39.95 -30.34 10.35
CA ARG B 191 40.45 -30.33 8.98
C ARG B 191 39.67 -29.36 8.11
N GLU B 192 38.38 -29.20 8.38
CA GLU B 192 37.53 -28.32 7.57
C GLU B 192 38.00 -26.87 7.65
N ASP B 193 38.39 -26.41 8.84
CA ASP B 193 38.89 -25.05 8.97
C ASP B 193 40.19 -24.86 8.21
N GLU B 194 41.05 -25.88 8.22
CA GLU B 194 42.27 -25.82 7.42
C GLU B 194 41.96 -25.73 5.94
N GLU B 195 40.97 -26.51 5.49
CA GLU B 195 40.55 -26.41 4.09
C GLU B 195 40.02 -25.02 3.75
N GLU B 196 39.21 -24.45 4.65
CA GLU B 196 38.66 -23.12 4.42
C GLU B 196 39.78 -22.08 4.35
N SER B 197 40.78 -22.21 5.21
CA SER B 197 41.94 -21.32 5.12
C SER B 197 42.68 -21.52 3.80
N LEU B 198 42.80 -22.77 3.35
CA LEU B 198 43.40 -23.03 2.05
C LEU B 198 42.50 -22.51 0.93
N ASN B 199 41.19 -22.70 1.05
CA ASN B 199 40.25 -22.35 0.00
C ASN B 199 39.73 -20.92 0.10
N GLU B 200 40.47 -20.03 0.75
CA GLU B 200 40.09 -18.63 0.78
C GLU B 200 40.10 -18.06 -0.63
N VAL B 201 39.04 -17.30 -0.96
CA VAL B 201 38.97 -16.69 -2.28
C VAL B 201 39.98 -15.56 -2.37
N GLY B 202 40.78 -15.57 -3.44
CA GLY B 202 41.80 -14.56 -3.61
C GLY B 202 41.72 -13.92 -4.98
N TYR B 203 42.72 -13.10 -5.28
CA TYR B 203 42.76 -12.41 -6.57
C TYR B 203 42.89 -13.42 -7.71
N ASP B 204 43.67 -14.47 -7.51
CA ASP B 204 43.87 -15.46 -8.57
C ASP B 204 42.57 -16.17 -8.92
N ASP B 205 41.61 -16.21 -7.98
CA ASP B 205 40.34 -16.85 -8.27
C ASP B 205 39.47 -16.00 -9.19
N ILE B 206 39.68 -14.68 -9.19
CA ILE B 206 38.93 -13.80 -10.06
C ILE B 206 39.40 -13.98 -11.49
N GLY B 207 38.46 -14.14 -12.42
CA GLY B 207 38.82 -14.37 -13.80
C GLY B 207 38.23 -13.37 -14.79
N GLY B 208 39.09 -12.79 -15.62
CA GLY B 208 38.65 -11.89 -16.66
C GLY B 208 38.35 -10.48 -16.22
N CYS B 209 38.63 -10.12 -14.97
CA CYS B 209 38.39 -8.78 -14.47
C CYS B 209 39.69 -8.08 -14.08
N ARG B 210 40.74 -8.23 -14.88
CA ARG B 210 42.05 -7.73 -14.50
C ARG B 210 42.07 -6.21 -14.40
N LYS B 211 41.41 -5.51 -15.32
CA LYS B 211 41.33 -4.05 -15.23
C LYS B 211 40.53 -3.64 -13.99
N GLN B 212 39.40 -4.31 -13.76
CA GLN B 212 38.61 -4.03 -12.58
C GLN B 212 39.35 -4.40 -11.30
N LEU B 213 40.07 -5.53 -11.31
CA LEU B 213 40.87 -5.89 -10.15
C LEU B 213 41.92 -4.83 -9.87
N ALA B 214 42.60 -4.34 -10.91
CA ALA B 214 43.60 -3.31 -10.70
C ALA B 214 42.98 -2.05 -10.13
N GLN B 215 41.83 -1.64 -10.67
CA GLN B 215 41.16 -0.45 -10.15
C GLN B 215 40.80 -0.62 -8.68
N ILE B 216 40.17 -1.74 -8.33
CA ILE B 216 39.72 -1.95 -6.96
C ILE B 216 40.91 -2.06 -6.00
N LYS B 217 41.98 -2.74 -6.42
CA LYS B 217 43.20 -2.79 -5.62
C LYS B 217 43.74 -1.41 -5.36
N GLU B 218 43.82 -0.57 -6.40
CA GLU B 218 44.25 0.80 -6.23
C GLU B 218 43.35 1.55 -5.25
N MET B 219 42.05 1.23 -5.25
CA MET B 219 41.15 1.87 -4.31
C MET B 219 41.45 1.47 -2.87
N VAL B 220 41.60 0.18 -2.60
CA VAL B 220 41.60 -0.35 -1.24
C VAL B 220 43.01 -0.45 -0.65
N GLU B 221 43.89 -1.22 -1.30
CA GLU B 221 45.13 -1.60 -0.63
C GLU B 221 46.22 -0.56 -0.82
N LEU B 222 46.23 0.12 -1.96
CA LEU B 222 47.27 1.12 -2.21
C LEU B 222 47.28 2.24 -1.18
N PRO B 223 46.14 2.80 -0.75
CA PRO B 223 46.21 3.76 0.37
C PRO B 223 46.76 3.17 1.64
N LEU B 224 46.48 1.89 1.91
CA LEU B 224 46.97 1.27 3.14
C LEU B 224 48.48 1.06 3.08
N ARG B 225 49.01 0.67 1.92
CA ARG B 225 50.44 0.45 1.81
C ARG B 225 51.23 1.73 2.04
N HIS B 226 50.80 2.84 1.44
CA HIS B 226 51.55 4.10 1.48
C HIS B 226 50.63 5.25 1.85
N PRO B 227 50.17 5.31 3.10
CA PRO B 227 49.41 6.50 3.53
C PRO B 227 50.25 7.76 3.51
N ALA B 228 51.59 7.63 3.54
CA ALA B 228 52.45 8.80 3.50
C ALA B 228 52.27 9.57 2.21
N LEU B 229 52.08 8.88 1.09
CA LEU B 229 51.87 9.54 -0.19
C LEU B 229 50.65 10.44 -0.14
N PHE B 230 49.53 9.91 0.36
CA PHE B 230 48.30 10.69 0.38
C PHE B 230 48.33 11.76 1.46
N LYS B 231 49.16 11.56 2.49
CA LYS B 231 49.33 12.61 3.49
C LYS B 231 50.12 13.78 2.94
N GLU B 232 51.18 13.50 2.17
CA GLU B 232 51.99 14.60 1.64
C GLU B 232 51.29 15.30 0.47
N ILE B 233 50.62 14.53 -0.40
CA ILE B 233 49.96 15.14 -1.56
C ILE B 233 48.64 15.77 -1.16
N GLY B 234 48.20 15.59 0.08
CA GLY B 234 47.06 16.33 0.61
C GLY B 234 45.73 16.02 -0.01
N VAL B 235 45.45 14.74 -0.29
CA VAL B 235 44.14 14.31 -0.72
C VAL B 235 43.75 13.07 0.07
N LYS B 236 42.46 12.95 0.33
CA LYS B 236 41.95 11.79 1.04
C LYS B 236 41.50 10.75 0.04
N PRO B 237 42.03 9.52 0.11
CA PRO B 237 41.67 8.51 -0.87
C PRO B 237 40.18 8.24 -0.83
N PRO B 238 39.56 8.02 -1.99
CA PRO B 238 38.12 7.74 -2.01
C PRO B 238 37.78 6.49 -1.21
N ARG B 239 36.69 6.58 -0.46
CA ARG B 239 36.25 5.52 0.43
C ARG B 239 34.94 4.88 0.02
N GLY B 240 34.43 5.17 -1.16
CA GLY B 240 33.20 4.55 -1.63
C GLY B 240 33.38 3.90 -2.99
N ILE B 241 32.96 2.65 -3.12
CA ILE B 241 33.07 1.89 -4.36
C ILE B 241 31.73 1.25 -4.66
N LEU B 242 31.30 1.32 -5.90
CA LEU B 242 30.08 0.68 -6.35
C LEU B 242 30.40 -0.25 -7.52
N LEU B 243 29.97 -1.50 -7.42
CA LEU B 243 30.13 -2.48 -8.48
C LEU B 243 28.75 -2.79 -9.05
N TYR B 244 28.55 -2.55 -10.33
CA TYR B 244 27.28 -2.84 -10.97
C TYR B 244 27.50 -3.80 -12.13
N GLY B 245 26.56 -4.72 -12.32
CA GLY B 245 26.61 -5.64 -13.43
C GLY B 245 25.44 -6.60 -13.40
N PRO B 246 25.33 -7.44 -14.42
CA PRO B 246 24.29 -8.47 -14.44
C PRO B 246 24.52 -9.48 -13.33
N PRO B 247 23.46 -10.13 -12.84
CA PRO B 247 23.63 -11.08 -11.73
C PRO B 247 24.50 -12.27 -12.12
N GLY B 248 25.23 -12.78 -11.15
CA GLY B 248 26.10 -13.91 -11.37
C GLY B 248 27.42 -13.58 -12.04
N THR B 249 27.81 -12.31 -12.08
CA THR B 249 29.00 -11.90 -12.80
C THR B 249 30.26 -11.97 -11.93
N GLY B 250 30.12 -12.04 -10.61
CA GLY B 250 31.28 -12.09 -9.74
C GLY B 250 31.47 -10.91 -8.82
N LYS B 251 30.45 -10.06 -8.65
CA LYS B 251 30.61 -8.88 -7.81
C LYS B 251 30.85 -9.26 -6.36
N THR B 252 30.01 -10.14 -5.81
CA THR B 252 30.23 -10.62 -4.46
C THR B 252 31.56 -11.36 -4.34
N LEU B 253 31.91 -12.13 -5.36
CA LEU B 253 33.18 -12.85 -5.35
C LEU B 253 34.36 -11.87 -5.35
N ILE B 254 34.28 -10.80 -6.14
CA ILE B 254 35.34 -9.80 -6.15
C ILE B 254 35.45 -9.13 -4.79
N ALA B 255 34.31 -8.79 -4.19
CA ALA B 255 34.34 -8.18 -2.86
C ALA B 255 34.97 -9.11 -1.84
N ARG B 256 34.60 -10.39 -1.87
CA ARG B 256 35.15 -11.33 -0.89
C ARG B 256 36.64 -11.56 -1.11
N ALA B 257 37.08 -11.61 -2.37
CA ALA B 257 38.50 -11.79 -2.66
C ALA B 257 39.30 -10.59 -2.16
N VAL B 258 38.81 -9.38 -2.42
CA VAL B 258 39.49 -8.18 -1.90
C VAL B 258 39.51 -8.19 -0.39
N ALA B 259 38.42 -8.64 0.24
CA ALA B 259 38.38 -8.70 1.69
C ALA B 259 39.39 -9.67 2.25
N ASN B 260 39.55 -10.82 1.60
CA ASN B 260 40.53 -11.81 2.08
C ASN B 260 41.96 -11.32 1.87
N GLU B 261 42.27 -10.80 0.69
CA GLU B 261 43.66 -10.46 0.39
C GLU B 261 44.18 -9.34 1.28
N THR B 262 43.35 -8.33 1.53
CA THR B 262 43.73 -7.29 2.48
C THR B 262 43.37 -7.73 3.90
N GLY B 263 44.18 -7.30 4.86
CA GLY B 263 43.91 -7.65 6.24
C GLY B 263 42.75 -6.89 6.82
N ALA B 264 41.55 -7.10 6.27
CA ALA B 264 40.38 -6.33 6.66
C ALA B 264 39.21 -7.28 6.90
N PHE B 265 38.34 -6.89 7.84
CA PHE B 265 37.16 -7.66 8.14
C PHE B 265 36.09 -7.41 7.08
N PHE B 266 35.38 -8.47 6.69
CA PHE B 266 34.37 -8.40 5.66
C PHE B 266 32.99 -8.54 6.30
N PHE B 267 32.18 -7.50 6.17
CA PHE B 267 30.83 -7.48 6.73
C PHE B 267 29.84 -7.58 5.58
N LEU B 268 28.99 -8.60 5.61
CA LEU B 268 28.03 -8.85 4.55
C LEU B 268 26.66 -8.34 4.99
N ILE B 269 26.05 -7.50 4.15
CA ILE B 269 24.73 -6.95 4.40
C ILE B 269 23.86 -7.23 3.19
N ASN B 270 22.71 -7.85 3.41
CA ASN B 270 21.70 -8.02 2.37
C ASN B 270 20.75 -6.84 2.42
N GLY B 271 20.43 -6.28 1.26
CA GLY B 271 19.53 -5.16 1.18
C GLY B 271 18.15 -5.47 1.75
N PRO B 272 17.52 -6.55 1.28
CA PRO B 272 16.21 -6.91 1.83
C PRO B 272 16.22 -7.23 3.31
N GLU B 273 17.28 -7.84 3.83
CA GLU B 273 17.22 -8.35 5.20
C GLU B 273 17.20 -7.22 6.22
N ILE B 274 17.71 -6.05 5.85
CA ILE B 274 17.81 -4.94 6.79
C ILE B 274 16.42 -4.37 7.09
N MET B 275 15.61 -4.17 6.07
CA MET B 275 14.38 -3.39 6.27
C MET B 275 13.36 -4.15 7.09
N SER B 276 12.67 -3.43 7.98
CA SER B 276 11.59 -3.97 8.78
C SER B 276 10.42 -3.01 8.71
N LYS B 277 9.27 -3.44 9.21
CA LYS B 277 8.08 -2.61 9.26
C LYS B 277 7.88 -1.99 10.63
N LEU B 278 8.85 -2.12 11.53
CA LEU B 278 8.72 -1.66 12.91
C LEU B 278 8.95 -0.17 13.06
N ALA B 279 9.18 0.55 11.95
CA ALA B 279 9.33 2.01 11.96
C ALA B 279 10.47 2.44 12.86
N GLY B 280 11.68 2.04 12.50
CA GLY B 280 12.87 2.43 13.24
C GLY B 280 13.89 1.33 13.41
N GLU B 281 13.56 0.12 12.99
CA GLU B 281 14.47 -1.00 13.14
C GLU B 281 15.59 -0.96 12.11
N SER B 282 15.27 -0.60 10.87
CA SER B 282 16.26 -0.59 9.80
C SER B 282 17.39 0.37 10.11
N GLU B 283 17.05 1.53 10.64
CA GLU B 283 18.02 2.56 10.99
C GLU B 283 18.99 2.04 12.04
N SER B 284 18.46 1.38 13.07
CA SER B 284 19.31 0.82 14.11
C SER B 284 20.19 -0.29 13.56
N ASN B 285 19.66 -1.09 12.63
CA ASN B 285 20.48 -2.11 12.00
C ASN B 285 21.67 -1.48 11.27
N LEU B 286 21.42 -0.43 10.48
CA LEU B 286 22.51 0.22 9.76
C LEU B 286 23.52 0.85 10.70
N ARG B 287 23.03 1.52 11.74
CA ARG B 287 23.94 2.16 12.70
C ARG B 287 24.80 1.12 13.41
N LYS B 288 24.19 0.00 13.82
CA LYS B 288 24.95 -1.06 14.47
C LYS B 288 25.96 -1.68 13.52
N ALA B 289 25.59 -1.86 12.26
CA ALA B 289 26.53 -2.41 11.29
C ALA B 289 27.74 -1.51 11.12
N PHE B 290 27.50 -0.20 10.99
CA PHE B 290 28.63 0.71 10.83
C PHE B 290 29.48 0.79 12.09
N GLU B 291 28.86 0.72 13.27
CA GLU B 291 29.63 0.69 14.51
C GLU B 291 30.49 -0.57 14.62
N GLU B 292 29.91 -1.72 14.24
CA GLU B 292 30.67 -2.97 14.26
C GLU B 292 31.84 -2.90 13.28
N ALA B 293 31.63 -2.25 12.14
CA ALA B 293 32.73 -2.01 11.22
C ALA B 293 33.80 -1.12 11.84
N GLU B 294 33.37 -0.10 12.59
CA GLU B 294 34.34 0.78 13.22
C GLU B 294 35.19 0.07 14.25
N LYS B 295 34.59 -0.85 15.02
CA LYS B 295 35.36 -1.59 16.01
C LYS B 295 36.47 -2.41 15.35
N ASN B 296 36.13 -3.10 14.26
CA ASN B 296 37.12 -3.81 13.45
C ASN B 296 37.82 -2.78 12.57
N ALA B 297 38.95 -2.26 13.05
CA ALA B 297 39.57 -1.10 12.45
C ALA B 297 39.75 -1.20 10.94
N PRO B 298 40.24 -2.28 10.36
CA PRO B 298 40.21 -2.41 8.90
C PRO B 298 38.80 -2.73 8.44
N ALA B 299 38.19 -1.79 7.73
CA ALA B 299 36.76 -1.81 7.46
C ALA B 299 36.49 -2.07 5.99
N ILE B 300 35.64 -3.05 5.71
CA ILE B 300 35.09 -3.30 4.38
C ILE B 300 33.62 -3.65 4.58
N ILE B 301 32.73 -2.74 4.20
CA ILE B 301 31.29 -2.95 4.37
C ILE B 301 30.68 -3.24 3.00
N PHE B 302 30.21 -4.46 2.80
CA PHE B 302 29.58 -4.82 1.55
C PHE B 302 28.06 -4.76 1.70
N ILE B 303 27.41 -3.96 0.86
CA ILE B 303 25.96 -3.80 0.89
C ILE B 303 25.41 -4.41 -0.39
N ASP B 304 24.68 -5.51 -0.26
CA ASP B 304 24.22 -6.28 -1.41
C ASP B 304 22.76 -5.93 -1.70
N GLU B 305 22.42 -5.91 -2.99
CA GLU B 305 21.14 -5.36 -3.46
C GLU B 305 20.92 -3.96 -2.90
N LEU B 306 21.87 -3.07 -3.15
CA LEU B 306 21.72 -1.69 -2.70
C LEU B 306 20.50 -1.04 -3.33
N ASP B 307 20.04 -1.57 -4.47
CA ASP B 307 18.88 -0.99 -5.14
C ASP B 307 17.62 -1.12 -4.30
N ALA B 308 17.45 -2.25 -3.61
CA ALA B 308 16.25 -2.46 -2.80
C ALA B 308 16.30 -1.63 -1.52
N ILE B 309 17.48 -1.53 -0.90
CA ILE B 309 17.59 -0.83 0.37
C ILE B 309 17.45 0.67 0.18
N ALA B 310 17.99 1.21 -0.92
CA ALA B 310 18.11 2.66 -1.11
C ALA B 310 17.60 3.08 -2.48
N PRO B 311 16.29 3.13 -2.67
CA PRO B 311 15.74 3.69 -3.91
C PRO B 311 15.66 5.21 -3.83
N LYS B 312 15.11 5.80 -4.89
CA LYS B 312 14.97 7.25 -4.91
C LYS B 312 13.92 7.70 -3.90
N ARG B 313 14.28 8.71 -3.11
CA ARG B 313 13.38 9.19 -2.07
C ARG B 313 12.15 9.85 -2.65
N GLU B 314 12.26 10.45 -3.84
CA GLU B 314 11.09 11.06 -4.47
C GLU B 314 10.14 10.02 -5.02
N LYS B 315 10.68 8.96 -5.63
CA LYS B 315 9.83 7.96 -6.28
C LYS B 315 9.06 7.13 -5.27
N THR B 316 9.73 6.66 -4.22
CA THR B 316 9.11 5.76 -3.26
C THR B 316 8.09 6.54 -2.43
N HIS B 317 6.97 5.90 -2.11
CA HIS B 317 5.91 6.59 -1.39
C HIS B 317 5.95 6.26 0.10
N GLY B 318 6.35 5.04 0.44
CA GLY B 318 6.53 4.65 1.84
C GLY B 318 7.58 5.50 2.53
N GLU B 319 7.31 5.92 3.76
CA GLU B 319 8.23 6.82 4.44
C GLU B 319 9.49 6.11 4.92
N VAL B 320 9.38 4.80 5.22
CA VAL B 320 10.50 4.09 5.79
C VAL B 320 11.65 3.97 4.78
N GLU B 321 11.32 3.82 3.49
CA GLU B 321 12.37 3.78 2.49
C GLU B 321 13.13 5.09 2.40
N ARG B 322 12.42 6.21 2.30
CA ARG B 322 13.09 7.52 2.28
C ARG B 322 13.93 7.70 3.54
N ARG B 323 13.42 7.24 4.67
CA ARG B 323 14.12 7.47 5.93
C ARG B 323 15.40 6.64 6.01
N ILE B 324 15.37 5.40 5.54
CA ILE B 324 16.60 4.61 5.55
C ILE B 324 17.60 5.12 4.53
N VAL B 325 17.12 5.67 3.41
CA VAL B 325 18.03 6.31 2.47
C VAL B 325 18.73 7.48 3.14
N SER B 326 17.96 8.32 3.85
CA SER B 326 18.55 9.46 4.54
C SER B 326 19.55 8.99 5.61
N GLN B 327 19.23 7.89 6.30
CA GLN B 327 20.17 7.35 7.27
C GLN B 327 21.47 6.92 6.61
N LEU B 328 21.38 6.27 5.45
CA LEU B 328 22.61 5.85 4.78
C LEU B 328 23.45 7.05 4.35
N LEU B 329 22.80 8.07 3.79
CA LEU B 329 23.51 9.30 3.45
C LEU B 329 24.20 9.90 4.66
N THR B 330 23.49 10.01 5.78
CA THR B 330 24.05 10.65 6.96
C THR B 330 25.21 9.84 7.53
N LEU B 331 25.10 8.51 7.49
CA LEU B 331 26.20 7.67 7.96
C LEU B 331 27.43 7.86 7.09
N MET B 332 27.26 7.82 5.77
CA MET B 332 28.41 7.76 4.88
C MET B 332 29.08 9.12 4.72
N ASP B 333 28.30 10.19 4.65
CA ASP B 333 28.86 11.54 4.66
C ASP B 333 27.95 12.47 5.44
N GLY B 334 28.53 13.16 6.42
CA GLY B 334 27.78 14.08 7.27
C GLY B 334 28.74 14.96 8.01
N LEU B 335 28.25 15.55 9.11
CA LEU B 335 29.12 16.38 9.94
C LEU B 335 30.25 15.55 10.55
N LYS B 336 29.92 14.35 11.06
CA LYS B 336 30.96 13.43 11.49
C LYS B 336 31.55 12.71 10.30
N GLN B 337 32.88 12.58 10.29
CA GLN B 337 33.59 11.97 9.18
C GLN B 337 34.11 10.60 9.60
N ARG B 338 33.95 9.61 8.74
CA ARG B 338 34.47 8.27 8.99
C ARG B 338 35.95 8.28 8.58
N ALA B 339 36.81 7.80 9.47
CA ALA B 339 38.24 7.98 9.28
C ALA B 339 38.84 6.88 8.40
N HIS B 340 38.58 5.61 8.72
CA HIS B 340 39.22 4.50 8.04
C HIS B 340 38.23 3.45 7.55
N VAL B 341 37.03 3.87 7.14
CA VAL B 341 36.00 2.95 6.69
C VAL B 341 35.90 3.01 5.17
N ILE B 342 35.83 1.84 4.53
CA ILE B 342 35.62 1.74 3.09
C ILE B 342 34.32 0.98 2.86
N VAL B 343 33.42 1.58 2.08
CA VAL B 343 32.09 1.04 1.83
C VAL B 343 32.02 0.57 0.40
N MET B 344 31.56 -0.66 0.20
CA MET B 344 31.40 -1.24 -1.12
C MET B 344 29.97 -1.71 -1.29
N ALA B 345 29.42 -1.57 -2.48
CA ALA B 345 28.06 -1.99 -2.76
C ALA B 345 28.01 -2.69 -4.11
N ALA B 346 27.06 -3.60 -4.24
CA ALA B 346 26.79 -4.29 -5.49
C ALA B 346 25.32 -4.13 -5.83
N THR B 347 25.04 -3.57 -7.00
CA THR B 347 23.67 -3.35 -7.45
C THR B 347 23.55 -3.72 -8.92
N ASN B 348 22.42 -4.32 -9.29
CA ASN B 348 22.25 -4.78 -10.67
C ASN B 348 21.95 -3.61 -11.59
N ARG B 349 21.20 -2.61 -11.11
CA ARG B 349 20.93 -1.41 -11.88
C ARG B 349 21.37 -0.22 -11.05
N PRO B 350 22.45 0.48 -11.43
CA PRO B 350 22.89 1.61 -10.60
C PRO B 350 21.95 2.80 -10.64
N ASN B 351 21.14 2.93 -11.69
CA ASN B 351 20.30 4.12 -11.82
C ASN B 351 19.21 4.15 -10.76
N SER B 352 18.77 2.98 -10.29
CA SER B 352 17.73 2.96 -9.26
C SER B 352 18.23 3.53 -7.93
N ILE B 353 19.56 3.59 -7.75
CA ILE B 353 20.11 4.15 -6.52
C ILE B 353 19.75 5.64 -6.45
N ASP B 354 19.57 6.12 -5.23
CA ASP B 354 19.25 7.52 -5.02
C ASP B 354 20.38 8.40 -5.57
N PRO B 355 20.07 9.44 -6.34
CA PRO B 355 21.14 10.26 -6.93
C PRO B 355 22.02 10.94 -5.91
N ALA B 356 21.52 11.19 -4.70
CA ALA B 356 22.37 11.79 -3.68
C ALA B 356 23.45 10.82 -3.23
N LEU B 357 23.26 9.53 -3.49
CA LEU B 357 24.25 8.53 -3.09
C LEU B 357 25.41 8.47 -4.07
N ARG B 358 25.19 8.92 -5.31
CA ARG B 358 26.26 8.90 -6.30
C ARG B 358 27.25 10.04 -6.13
N ARG B 359 26.97 10.96 -5.21
CA ARG B 359 27.80 12.14 -5.01
C ARG B 359 29.18 11.72 -4.51
N PHE B 360 30.17 12.56 -4.74
CA PHE B 360 31.51 12.27 -4.24
C PHE B 360 31.51 12.23 -2.71
N GLY B 361 32.33 11.34 -2.15
CA GLY B 361 32.37 11.11 -0.73
C GLY B 361 31.59 9.90 -0.30
N ARG B 362 30.79 9.34 -1.20
CA ARG B 362 30.04 8.12 -0.95
C ARG B 362 29.73 7.49 -2.29
N PHE B 363 30.25 6.28 -2.53
CA PHE B 363 30.11 5.64 -3.84
C PHE B 363 30.57 6.57 -4.95
N ASP B 364 31.68 7.27 -4.73
CA ASP B 364 32.13 8.27 -5.69
C ASP B 364 32.61 7.63 -6.98
N ARG B 365 33.12 6.40 -6.90
CA ARG B 365 33.66 5.71 -8.06
C ARG B 365 32.81 4.48 -8.34
N GLU B 366 32.39 4.33 -9.59
CA GLU B 366 31.54 3.22 -10.01
C GLU B 366 32.32 2.32 -10.95
N VAL B 367 32.41 1.04 -10.60
CA VAL B 367 33.19 0.06 -11.36
C VAL B 367 32.22 -0.91 -12.01
N ASP B 368 32.31 -1.03 -13.33
CA ASP B 368 31.44 -1.91 -14.09
C ASP B 368 32.03 -3.30 -14.16
N ILE B 369 31.29 -4.29 -13.67
CA ILE B 369 31.69 -5.69 -13.78
C ILE B 369 30.89 -6.27 -14.93
N GLY B 370 31.43 -6.16 -16.14
CA GLY B 370 30.70 -6.59 -17.31
C GLY B 370 30.78 -8.08 -17.53
N ILE B 371 29.99 -8.56 -18.50
CA ILE B 371 30.01 -10.00 -18.81
C ILE B 371 31.38 -10.37 -19.35
N PRO B 372 32.04 -11.40 -18.82
CA PRO B 372 33.35 -11.79 -19.34
C PRO B 372 33.26 -12.24 -20.79
N ASP B 373 34.26 -11.86 -21.58
CA ASP B 373 34.32 -12.24 -22.98
C ASP B 373 34.92 -13.63 -23.13
N ALA B 374 35.24 -13.98 -24.38
CA ALA B 374 35.68 -15.35 -24.66
C ALA B 374 36.95 -15.71 -23.91
N THR B 375 37.97 -14.85 -23.99
CA THR B 375 39.21 -15.12 -23.27
C THR B 375 39.00 -15.09 -21.76
N GLY B 376 38.23 -14.11 -21.28
CA GLY B 376 37.96 -14.02 -19.86
C GLY B 376 37.21 -15.24 -19.34
N ARG B 377 36.21 -15.70 -20.09
CA ARG B 377 35.48 -16.87 -19.65
C ARG B 377 36.32 -18.13 -19.79
N LEU B 378 37.28 -18.15 -20.71
CA LEU B 378 38.25 -19.23 -20.75
C LEU B 378 39.08 -19.26 -19.47
N GLU B 379 39.53 -18.09 -19.02
CA GLU B 379 40.31 -18.02 -17.79
C GLU B 379 39.48 -18.45 -16.58
N ILE B 380 38.23 -18.00 -16.52
CA ILE B 380 37.31 -18.43 -15.47
C ILE B 380 37.15 -19.95 -15.49
N LEU B 381 37.00 -20.52 -16.69
CA LEU B 381 36.82 -21.95 -16.83
C LEU B 381 38.05 -22.71 -16.36
N GLN B 382 39.24 -22.21 -16.70
CA GLN B 382 40.45 -22.85 -16.22
C GLN B 382 40.52 -22.82 -14.69
N ILE B 383 40.19 -21.68 -14.09
CA ILE B 383 40.23 -21.58 -12.64
C ILE B 383 39.24 -22.56 -12.00
N HIS B 384 38.02 -22.64 -12.54
CA HIS B 384 37.01 -23.53 -11.96
C HIS B 384 37.40 -24.99 -12.15
N THR B 385 38.02 -25.32 -13.28
CA THR B 385 38.40 -26.71 -13.56
C THR B 385 39.71 -27.12 -12.94
N LYS B 386 40.48 -26.17 -12.38
CA LYS B 386 41.75 -26.53 -11.77
C LYS B 386 41.54 -27.47 -10.59
N ASN B 387 40.48 -27.24 -9.81
CA ASN B 387 40.20 -28.11 -8.68
C ASN B 387 39.75 -29.49 -9.13
N MET B 388 38.83 -29.55 -10.10
CA MET B 388 38.33 -30.83 -10.55
C MET B 388 39.33 -31.52 -11.46
N LYS B 389 39.12 -32.80 -11.69
CA LYS B 389 40.00 -33.57 -12.56
C LYS B 389 39.75 -33.18 -14.02
N LEU B 390 40.85 -33.07 -14.78
CA LEU B 390 40.77 -32.80 -16.21
C LEU B 390 41.42 -33.95 -16.97
N ALA B 391 40.68 -34.51 -17.92
CA ALA B 391 41.21 -35.59 -18.74
C ALA B 391 42.13 -35.07 -19.83
N ASP B 392 42.60 -35.96 -20.69
CA ASP B 392 43.38 -35.54 -21.84
C ASP B 392 42.48 -35.00 -22.95
N ASP B 393 41.26 -35.54 -23.06
CA ASP B 393 40.40 -35.19 -24.19
C ASP B 393 39.80 -33.79 -24.03
N VAL B 394 39.75 -33.27 -22.80
CA VAL B 394 39.11 -31.98 -22.58
C VAL B 394 39.89 -30.87 -23.29
N ASP B 395 39.15 -30.01 -24.00
CA ASP B 395 39.70 -28.79 -24.56
C ASP B 395 38.87 -27.62 -24.09
N LEU B 396 39.51 -26.64 -23.46
CA LEU B 396 38.76 -25.53 -22.88
C LEU B 396 38.50 -24.43 -23.90
N GLU B 397 39.30 -24.36 -24.96
CA GLU B 397 39.03 -23.39 -26.02
C GLU B 397 37.68 -23.67 -26.68
N GLN B 398 37.38 -24.94 -26.93
CA GLN B 398 36.10 -25.29 -27.52
C GLN B 398 34.95 -24.92 -26.60
N VAL B 399 35.13 -25.10 -25.30
CA VAL B 399 34.05 -24.79 -24.36
C VAL B 399 33.85 -23.28 -24.26
N ALA B 400 34.95 -22.52 -24.23
CA ALA B 400 34.84 -21.07 -24.22
C ALA B 400 34.15 -20.57 -25.48
N ASN B 401 34.48 -21.16 -26.63
CA ASN B 401 33.84 -20.73 -27.87
C ASN B 401 32.36 -21.11 -27.88
N GLU B 402 32.01 -22.29 -27.38
CA GLU B 402 30.62 -22.72 -27.41
C GLU B 402 29.78 -22.00 -26.35
N THR B 403 30.40 -21.65 -25.21
CA THR B 403 29.70 -20.90 -24.17
C THR B 403 29.71 -19.42 -24.54
N HIS B 404 28.99 -19.11 -25.63
CA HIS B 404 28.97 -17.75 -26.15
C HIS B 404 28.29 -16.78 -25.20
N GLY B 405 27.23 -17.19 -24.52
CA GLY B 405 26.47 -16.26 -23.71
C GLY B 405 26.38 -16.60 -22.24
N HIS B 406 27.23 -17.50 -21.75
CA HIS B 406 27.15 -17.93 -20.37
C HIS B 406 27.89 -16.95 -19.45
N VAL B 407 27.28 -16.64 -18.31
CA VAL B 407 27.91 -15.87 -17.26
C VAL B 407 28.76 -16.79 -16.39
N GLY B 408 29.59 -16.22 -15.53
CA GLY B 408 30.49 -17.03 -14.72
C GLY B 408 29.76 -18.04 -13.86
N ALA B 409 28.67 -17.62 -13.21
CA ALA B 409 27.90 -18.55 -12.41
C ALA B 409 27.31 -19.66 -13.27
N ASP B 410 26.86 -19.32 -14.48
CA ASP B 410 26.35 -20.34 -15.37
C ASP B 410 27.44 -21.32 -15.79
N LEU B 411 28.66 -20.82 -16.01
CA LEU B 411 29.77 -21.72 -16.31
C LEU B 411 30.05 -22.66 -15.15
N ALA B 412 30.01 -22.14 -13.92
CA ALA B 412 30.23 -23.00 -12.76
C ALA B 412 29.14 -24.07 -12.66
N ALA B 413 27.89 -23.68 -12.89
CA ALA B 413 26.79 -24.66 -12.87
C ALA B 413 26.96 -25.70 -13.97
N LEU B 414 27.42 -25.27 -15.15
CA LEU B 414 27.67 -26.19 -16.24
C LEU B 414 28.75 -27.21 -15.89
N CYS B 415 29.84 -26.74 -15.28
CA CYS B 415 30.91 -27.66 -14.88
C CYS B 415 30.39 -28.66 -13.84
N SER B 416 29.64 -28.17 -12.85
CA SER B 416 29.11 -29.07 -11.83
C SER B 416 28.18 -30.11 -12.45
N GLU B 417 27.31 -29.69 -13.36
CA GLU B 417 26.36 -30.63 -13.96
C GLU B 417 27.09 -31.62 -14.87
N ALA B 418 28.15 -31.19 -15.53
CA ALA B 418 28.93 -32.12 -16.35
C ALA B 418 29.59 -33.19 -15.48
N ALA B 419 30.17 -32.77 -14.35
CA ALA B 419 30.75 -33.76 -13.44
C ALA B 419 29.69 -34.72 -12.91
N LEU B 420 28.52 -34.19 -12.54
CA LEU B 420 27.46 -35.04 -12.02
C LEU B 420 26.94 -35.98 -13.10
N GLN B 421 26.94 -35.53 -14.35
CA GLN B 421 26.51 -36.40 -15.44
C GLN B 421 27.54 -37.49 -15.71
N ALA B 422 28.83 -37.17 -15.53
CA ALA B 422 29.85 -38.22 -15.56
C ALA B 422 29.58 -39.26 -14.48
N ILE B 423 29.26 -38.80 -13.28
CA ILE B 423 28.94 -39.72 -12.18
C ILE B 423 27.75 -40.60 -12.57
N ARG B 424 26.72 -39.98 -13.14
CA ARG B 424 25.51 -40.71 -13.53
C ARG B 424 25.82 -41.74 -14.61
N LYS B 425 26.64 -41.38 -15.59
CA LYS B 425 26.94 -42.29 -16.69
C LYS B 425 27.80 -43.46 -16.22
N LYS B 426 28.70 -43.23 -15.27
CA LYS B 426 29.49 -44.33 -14.73
C LYS B 426 28.74 -45.10 -13.64
N MET B 427 27.57 -44.62 -13.22
CA MET B 427 26.76 -45.37 -12.26
C MET B 427 26.41 -46.76 -12.78
N ASP B 428 26.14 -46.87 -14.08
CA ASP B 428 25.81 -48.17 -14.65
C ASP B 428 27.01 -49.12 -14.60
N LEU B 429 28.20 -48.60 -14.87
CA LEU B 429 29.40 -49.44 -14.90
C LEU B 429 29.74 -49.97 -13.51
N ILE B 430 29.64 -49.12 -12.49
CA ILE B 430 30.01 -49.53 -11.14
C ILE B 430 29.03 -50.60 -10.66
N ASP B 431 29.50 -51.44 -9.73
CA ASP B 431 28.70 -52.58 -9.30
C ASP B 431 27.46 -52.14 -8.53
N LEU B 432 27.53 -51.01 -7.85
CA LEU B 432 26.46 -50.39 -7.06
C LEU B 432 26.08 -51.24 -5.86
N GLU B 433 26.86 -52.28 -5.53
CA GLU B 433 26.50 -53.15 -4.42
C GLU B 433 27.28 -52.79 -3.15
N ASP B 434 28.61 -52.70 -3.25
CA ASP B 434 29.43 -52.50 -2.07
C ASP B 434 29.16 -51.14 -1.44
N GLU B 435 29.31 -51.07 -0.12
CA GLU B 435 29.14 -49.80 0.58
C GLU B 435 30.21 -48.80 0.18
N THR B 436 31.41 -49.30 -0.14
CA THR B 436 32.48 -48.50 -0.72
C THR B 436 33.01 -49.22 -1.94
N ILE B 437 32.92 -48.57 -3.10
CA ILE B 437 33.32 -49.21 -4.35
C ILE B 437 34.84 -49.19 -4.46
N ASP B 438 35.37 -49.99 -5.37
CA ASP B 438 36.81 -50.24 -5.42
C ASP B 438 37.58 -48.98 -5.79
N ALA B 439 38.81 -48.88 -5.29
CA ALA B 439 39.63 -47.69 -5.50
C ALA B 439 40.10 -47.57 -6.93
N GLU B 440 40.28 -48.71 -7.61
CA GLU B 440 40.63 -48.66 -9.03
C GLU B 440 39.53 -47.96 -9.82
N VAL B 441 38.27 -48.18 -9.45
CA VAL B 441 37.17 -47.43 -10.06
C VAL B 441 37.27 -45.95 -9.72
N MET B 442 37.74 -45.63 -8.51
CA MET B 442 37.98 -44.23 -8.16
C MET B 442 38.98 -43.61 -9.13
N ASN B 443 40.07 -44.31 -9.43
CA ASN B 443 41.07 -43.78 -10.34
C ASN B 443 40.55 -43.71 -11.77
N SER B 444 39.75 -44.68 -12.17
CA SER B 444 39.26 -44.73 -13.55
C SER B 444 38.29 -43.59 -13.84
N LEU B 445 37.55 -43.14 -12.83
CA LEU B 445 36.49 -42.17 -13.05
C LEU B 445 37.05 -40.82 -13.48
N ALA B 446 36.43 -40.25 -14.52
CA ALA B 446 36.91 -39.01 -15.12
C ALA B 446 35.81 -38.39 -15.95
N VAL B 447 36.06 -37.16 -16.41
CA VAL B 447 35.09 -36.44 -17.23
C VAL B 447 35.31 -36.81 -18.70
N THR B 448 34.25 -36.64 -19.50
CA THR B 448 34.25 -37.04 -20.90
C THR B 448 33.65 -35.91 -21.73
N MET B 449 33.76 -36.03 -23.06
CA MET B 449 33.16 -35.03 -23.94
C MET B 449 31.65 -35.23 -24.08
N ASP B 450 31.18 -36.48 -24.10
CA ASP B 450 29.75 -36.72 -24.34
C ASP B 450 28.89 -36.15 -23.22
N ASP B 451 29.19 -36.50 -21.98
CA ASP B 451 28.43 -35.99 -20.84
C ASP B 451 28.58 -34.48 -20.74
N PHE B 452 29.77 -33.96 -21.06
CA PHE B 452 30.03 -32.54 -20.95
C PHE B 452 29.21 -31.77 -21.99
N ARG B 453 29.09 -32.34 -23.20
CA ARG B 453 28.23 -31.76 -24.22
C ARG B 453 26.78 -31.84 -23.80
N TRP B 454 26.38 -32.93 -23.14
CA TRP B 454 25.02 -33.01 -22.63
C TRP B 454 24.73 -31.90 -21.63
N ALA B 455 25.67 -31.67 -20.70
CA ALA B 455 25.51 -30.59 -19.74
C ALA B 455 25.47 -29.24 -20.44
N LEU B 456 26.32 -29.04 -21.44
CA LEU B 456 26.30 -27.80 -22.20
C LEU B 456 24.95 -27.59 -22.87
N SER B 457 24.37 -28.66 -23.42
CA SER B 457 23.05 -28.56 -24.04
C SER B 457 21.99 -28.19 -23.01
N GLN B 458 22.05 -28.81 -21.83
CA GLN B 458 21.05 -28.49 -20.80
C GLN B 458 21.16 -27.05 -20.32
N SER B 459 22.38 -26.57 -20.09
CA SER B 459 22.56 -25.23 -19.53
C SER B 459 22.24 -24.17 -20.57
N ASN B 460 21.70 -23.05 -20.09
CA ASN B 460 21.22 -21.98 -20.95
C ASN B 460 21.77 -20.63 -20.49
N PRO B 461 22.16 -19.75 -21.40
CA PRO B 461 22.69 -18.44 -20.99
C PRO B 461 21.67 -17.64 -20.21
N SER B 462 22.14 -16.92 -19.19
CA SER B 462 21.25 -16.14 -18.35
C SER B 462 20.78 -14.87 -19.06
N ALA B 463 21.63 -14.28 -19.90
CA ALA B 463 21.27 -13.03 -20.57
C ALA B 463 20.06 -13.23 -21.48
N LEU B 464 20.05 -14.32 -22.25
CA LEU B 464 18.94 -14.66 -23.10
C LEU B 464 18.07 -15.77 -22.51
N ARG B 465 18.16 -16.00 -21.20
CA ARG B 465 17.31 -16.99 -20.55
C ARG B 465 15.84 -16.64 -20.71
N GLU B 466 15.51 -15.35 -20.65
CA GLU B 466 14.13 -14.92 -20.83
C GLU B 466 13.63 -15.26 -22.22
N THR B 467 14.49 -15.14 -23.23
CA THR B 467 14.14 -15.37 -24.62
C THR B 467 14.87 -16.60 -25.13
N VAL B 468 14.28 -17.78 -24.91
CA VAL B 468 14.85 -19.03 -25.39
C VAL B 468 13.80 -19.75 -26.23
N VAL B 469 14.25 -20.36 -27.32
CA VAL B 469 13.38 -21.07 -28.24
C VAL B 469 13.94 -22.46 -28.48
N GLU B 470 13.08 -23.34 -29.00
CA GLU B 470 13.48 -24.70 -29.30
C GLU B 470 14.63 -24.70 -30.29
N VAL B 471 15.57 -25.64 -30.09
CA VAL B 471 16.73 -25.70 -30.97
C VAL B 471 16.27 -26.00 -32.39
N PRO B 472 16.58 -25.13 -33.35
CA PRO B 472 16.09 -25.36 -34.72
C PRO B 472 16.59 -26.64 -35.35
N GLN B 473 17.84 -27.02 -35.09
CA GLN B 473 18.45 -28.25 -35.62
C GLN B 473 18.47 -28.25 -37.15
N VAL B 474 18.89 -27.13 -37.74
CA VAL B 474 19.07 -27.00 -39.18
C VAL B 474 20.47 -26.45 -39.44
N THR B 475 21.20 -27.11 -40.33
CA THR B 475 22.59 -26.74 -40.63
C THR B 475 22.71 -26.20 -42.04
N TRP B 476 23.91 -25.73 -42.37
CA TRP B 476 24.12 -25.10 -43.67
C TRP B 476 23.92 -26.09 -44.81
N GLU B 477 24.24 -27.38 -44.57
CA GLU B 477 24.05 -28.38 -45.61
C GLU B 477 22.56 -28.61 -45.89
N ASP B 478 21.72 -28.39 -44.89
CA ASP B 478 20.29 -28.62 -45.07
C ASP B 478 19.70 -27.66 -46.10
N ILE B 479 20.15 -26.41 -46.08
CA ILE B 479 19.67 -25.43 -47.06
C ILE B 479 20.26 -25.75 -48.43
N GLY B 480 19.42 -25.74 -49.45
CA GLY B 480 19.88 -25.99 -50.80
C GLY B 480 19.88 -24.74 -51.64
N GLY B 481 20.91 -24.57 -52.46
CA GLY B 481 21.04 -23.35 -53.23
C GLY B 481 21.46 -22.20 -52.32
N LEU B 482 21.24 -20.98 -52.82
CA LEU B 482 21.52 -19.77 -52.04
C LEU B 482 22.95 -19.74 -51.54
N GLU B 483 23.90 -20.11 -52.41
CA GLU B 483 25.28 -20.24 -51.95
C GLU B 483 25.89 -18.88 -51.63
N ASP B 484 25.67 -17.89 -52.49
CA ASP B 484 26.20 -16.56 -52.22
C ASP B 484 25.60 -15.95 -50.96
N VAL B 485 24.31 -16.20 -50.72
CA VAL B 485 23.69 -15.70 -49.50
C VAL B 485 24.29 -16.37 -48.27
N LYS B 486 24.56 -17.67 -48.35
CA LYS B 486 25.23 -18.35 -47.23
C LYS B 486 26.60 -17.75 -46.98
N ARG B 487 27.35 -17.49 -48.05
CA ARG B 487 28.69 -16.92 -47.90
C ARG B 487 28.60 -15.55 -47.25
N GLU B 488 27.65 -14.72 -47.68
CA GLU B 488 27.49 -13.40 -47.09
C GLU B 488 27.13 -13.49 -45.62
N LEU B 489 26.22 -14.39 -45.25
CA LEU B 489 25.84 -14.52 -43.85
C LEU B 489 27.02 -14.95 -42.99
N GLN B 490 27.78 -15.95 -43.45
CA GLN B 490 28.92 -16.41 -42.66
C GLN B 490 29.97 -15.32 -42.53
N GLU B 491 30.27 -14.61 -43.62
CA GLU B 491 31.22 -13.51 -43.49
C GLU B 491 30.71 -12.44 -42.54
N LEU B 492 29.43 -12.09 -42.65
CA LEU B 492 28.83 -11.08 -41.78
C LEU B 492 29.07 -11.40 -40.32
N VAL B 493 28.77 -12.62 -39.90
CA VAL B 493 28.85 -12.93 -38.48
C VAL B 493 30.27 -13.23 -38.05
N GLN B 494 31.12 -13.67 -38.98
CA GLN B 494 32.43 -14.20 -38.58
C GLN B 494 33.50 -13.13 -38.59
N TYR B 495 33.51 -12.25 -39.60
CA TYR B 495 34.64 -11.35 -39.77
C TYR B 495 34.86 -10.40 -38.60
N PRO B 496 33.85 -9.66 -38.10
CA PRO B 496 34.12 -8.75 -36.98
C PRO B 496 34.48 -9.46 -35.69
N VAL B 497 34.12 -10.73 -35.56
CA VAL B 497 34.39 -11.46 -34.33
C VAL B 497 35.74 -12.16 -34.41
N GLU B 498 35.98 -12.91 -35.48
CA GLU B 498 37.22 -13.68 -35.59
C GLU B 498 38.41 -12.80 -35.95
N HIS B 499 38.20 -11.78 -36.78
CA HIS B 499 39.27 -10.92 -37.29
C HIS B 499 38.94 -9.46 -37.03
N PRO B 500 39.01 -9.01 -35.78
CA PRO B 500 38.85 -7.56 -35.53
C PRO B 500 40.10 -6.78 -35.88
N ASP B 501 41.27 -7.39 -35.74
CA ASP B 501 42.52 -6.70 -36.02
C ASP B 501 42.60 -6.26 -37.47
N LYS B 502 42.12 -7.08 -38.39
CA LYS B 502 42.14 -6.69 -39.80
C LYS B 502 41.19 -5.53 -40.05
N PHE B 503 40.11 -5.41 -39.28
CA PHE B 503 39.25 -4.25 -39.39
C PHE B 503 39.95 -3.00 -38.88
N LEU B 504 40.68 -3.11 -37.76
CA LEU B 504 41.42 -1.97 -37.25
C LEU B 504 42.54 -1.56 -38.22
N LYS B 505 43.11 -2.53 -38.93
CA LYS B 505 44.18 -2.20 -39.87
C LYS B 505 43.67 -1.29 -40.98
N PHE B 506 42.47 -1.54 -41.47
CA PHE B 506 41.79 -0.62 -42.36
C PHE B 506 40.98 0.43 -41.61
N GLY B 507 40.74 0.25 -40.31
CA GLY B 507 40.08 1.26 -39.50
C GLY B 507 38.66 1.58 -39.94
N MET B 508 37.84 0.55 -40.18
CA MET B 508 36.48 0.74 -40.64
C MET B 508 35.54 -0.18 -39.89
N THR B 509 34.40 0.34 -39.45
CA THR B 509 33.43 -0.47 -38.76
C THR B 509 32.73 -1.42 -39.73
N PRO B 510 32.30 -2.60 -39.27
CA PRO B 510 31.67 -3.56 -40.17
C PRO B 510 30.21 -3.23 -40.44
N SER B 511 29.66 -3.87 -41.47
CA SER B 511 28.22 -3.84 -41.68
C SER B 511 27.54 -4.77 -40.67
N LYS B 512 26.36 -4.38 -40.21
CA LYS B 512 25.66 -5.16 -39.21
C LYS B 512 24.17 -5.36 -39.51
N GLY B 513 23.75 -5.21 -40.75
CA GLY B 513 22.34 -5.38 -41.05
C GLY B 513 22.05 -6.12 -42.34
N VAL B 514 21.02 -6.97 -42.31
CA VAL B 514 20.58 -7.73 -43.48
C VAL B 514 19.07 -7.80 -43.46
N LEU B 515 18.45 -7.59 -44.62
CA LEU B 515 17.01 -7.77 -44.78
C LEU B 515 16.76 -8.83 -45.84
N PHE B 516 16.00 -9.86 -45.49
CA PHE B 516 15.61 -10.91 -46.41
C PHE B 516 14.18 -10.62 -46.87
N TYR B 517 13.98 -10.48 -48.18
CA TYR B 517 12.64 -10.30 -48.72
C TYR B 517 12.46 -11.21 -49.92
N GLY B 518 11.37 -11.96 -49.93
CA GLY B 518 11.09 -12.87 -51.01
C GLY B 518 9.76 -13.57 -50.86
N PRO B 519 9.37 -14.35 -51.87
CA PRO B 519 8.08 -15.01 -51.83
C PRO B 519 8.05 -16.04 -50.71
N PRO B 520 6.86 -16.34 -50.20
CA PRO B 520 6.76 -17.31 -49.11
C PRO B 520 7.33 -18.67 -49.49
N GLY B 521 8.03 -19.30 -48.55
CA GLY B 521 8.56 -20.62 -48.74
C GLY B 521 9.87 -20.72 -49.49
N CYS B 522 10.71 -19.69 -49.46
CA CYS B 522 11.95 -19.73 -50.20
C CYS B 522 13.18 -19.88 -49.31
N GLY B 523 13.03 -19.84 -47.99
CA GLY B 523 14.16 -20.14 -47.12
C GLY B 523 14.70 -19.01 -46.29
N LYS B 524 13.86 -18.05 -45.88
CA LYS B 524 14.35 -16.96 -45.04
C LYS B 524 14.46 -17.39 -43.58
N THR B 525 13.37 -17.89 -43.01
CA THR B 525 13.44 -18.41 -41.65
C THR B 525 14.41 -19.59 -41.56
N LEU B 526 14.57 -20.33 -42.66
CA LEU B 526 15.55 -21.41 -42.70
C LEU B 526 16.96 -20.87 -42.54
N LEU B 527 17.29 -19.78 -43.25
CA LEU B 527 18.60 -19.17 -43.10
C LEU B 527 18.78 -18.64 -41.68
N ALA B 528 17.72 -18.08 -41.10
CA ALA B 528 17.81 -17.62 -39.71
C ALA B 528 18.12 -18.78 -38.77
N LYS B 529 17.45 -19.92 -38.96
CA LYS B 529 17.73 -21.08 -38.12
C LYS B 529 19.15 -21.57 -38.30
N ALA B 530 19.62 -21.63 -39.55
CA ALA B 530 20.97 -22.10 -39.82
C ALA B 530 22.01 -21.20 -39.17
N ILE B 531 21.84 -19.88 -39.27
CA ILE B 531 22.79 -18.97 -38.66
C ILE B 531 22.60 -18.95 -37.15
N ALA B 532 21.45 -19.42 -36.67
CA ALA B 532 21.25 -19.56 -35.23
C ALA B 532 22.09 -20.69 -34.67
N ASN B 533 22.15 -21.82 -35.39
CA ASN B 533 22.96 -22.95 -34.90
C ASN B 533 24.45 -22.71 -35.14
N GLU B 534 24.84 -22.34 -36.35
CA GLU B 534 26.23 -22.45 -36.76
C GLU B 534 27.11 -21.36 -36.14
N CYS B 535 26.62 -20.12 -36.10
CA CYS B 535 27.50 -18.98 -35.83
C CYS B 535 28.16 -19.07 -34.46
N GLN B 536 27.52 -19.79 -33.53
CA GLN B 536 28.00 -19.91 -32.15
C GLN B 536 28.14 -18.54 -31.50
N ALA B 537 27.31 -17.60 -31.95
CA ALA B 537 27.13 -16.31 -31.31
C ALA B 537 25.68 -16.19 -30.88
N ASN B 538 25.44 -15.43 -29.81
CA ASN B 538 24.12 -15.38 -29.21
C ASN B 538 23.06 -15.00 -30.23
N PHE B 539 21.91 -15.65 -30.16
CA PHE B 539 20.83 -15.44 -31.11
C PHE B 539 19.55 -15.14 -30.34
N ILE B 540 18.95 -13.99 -30.62
CA ILE B 540 17.69 -13.59 -30.01
C ILE B 540 16.65 -13.47 -31.11
N SER B 541 15.55 -14.21 -30.97
CA SER B 541 14.50 -14.26 -31.97
C SER B 541 13.30 -13.48 -31.47
N ILE B 542 12.77 -12.61 -32.33
CA ILE B 542 11.59 -11.81 -32.02
C ILE B 542 10.53 -12.10 -33.07
N LYS B 543 9.36 -12.56 -32.63
CA LYS B 543 8.21 -12.58 -33.51
C LYS B 543 7.73 -11.16 -33.74
N GLY B 544 7.09 -10.95 -34.90
CA GLY B 544 6.81 -9.61 -35.35
C GLY B 544 6.14 -8.71 -34.33
N PRO B 545 4.87 -8.97 -34.04
CA PRO B 545 4.13 -8.13 -33.10
C PRO B 545 4.32 -8.50 -31.63
N GLU B 546 5.37 -9.25 -31.29
CA GLU B 546 5.53 -9.70 -29.92
C GLU B 546 5.75 -8.54 -28.96
N LEU B 547 6.28 -7.42 -29.46
CA LEU B 547 6.73 -6.35 -28.58
C LEU B 547 5.58 -5.43 -28.19
N LEU B 548 4.55 -5.32 -29.03
CA LEU B 548 3.51 -4.33 -28.81
C LEU B 548 2.70 -4.64 -27.55
N THR B 549 2.22 -3.59 -26.89
CA THR B 549 1.45 -3.71 -25.67
C THR B 549 0.39 -2.61 -25.66
N MET B 550 -0.70 -2.86 -24.92
CA MET B 550 -1.83 -1.94 -24.93
C MET B 550 -1.56 -0.68 -24.11
N TRP B 551 -0.57 -0.72 -23.24
CA TRP B 551 -0.29 0.42 -22.38
C TRP B 551 0.41 1.52 -23.17
N PHE B 552 0.49 2.71 -22.56
CA PHE B 552 0.87 3.90 -23.31
C PHE B 552 2.35 3.88 -23.67
N GLY B 553 3.22 3.60 -22.72
CA GLY B 553 4.63 3.70 -23.00
C GLY B 553 5.38 2.39 -22.88
N GLU B 554 4.68 1.27 -23.01
CA GLU B 554 5.31 -0.02 -22.76
C GLU B 554 5.86 -0.65 -24.03
N SER B 555 5.32 -0.28 -25.20
CA SER B 555 5.82 -0.83 -26.45
C SER B 555 7.26 -0.39 -26.70
N GLU B 556 7.51 0.90 -26.58
CA GLU B 556 8.86 1.42 -26.76
C GLU B 556 9.79 0.91 -25.67
N ALA B 557 9.27 0.72 -24.46
CA ALA B 557 10.08 0.16 -23.40
C ALA B 557 10.51 -1.26 -23.74
N ASN B 558 9.59 -2.06 -24.29
CA ASN B 558 9.94 -3.41 -24.73
C ASN B 558 11.01 -3.37 -25.82
N VAL B 559 10.87 -2.46 -26.77
CA VAL B 559 11.85 -2.37 -27.85
C VAL B 559 13.23 -2.03 -27.29
N ARG B 560 13.32 -0.99 -26.46
CA ARG B 560 14.62 -0.60 -25.97
C ARG B 560 15.19 -1.65 -25.02
N GLU B 561 14.34 -2.41 -24.36
CA GLU B 561 14.85 -3.49 -23.51
C GLU B 561 15.42 -4.63 -24.32
N ILE B 562 14.76 -5.02 -25.42
CA ILE B 562 15.33 -6.10 -26.23
C ILE B 562 16.64 -5.66 -26.83
N PHE B 563 16.75 -4.38 -27.22
CA PHE B 563 18.02 -3.91 -27.77
C PHE B 563 19.10 -3.83 -26.69
N ASP B 564 18.73 -3.47 -25.47
CA ASP B 564 19.70 -3.46 -24.37
C ASP B 564 20.18 -4.86 -24.05
N LYS B 565 19.28 -5.85 -24.05
CA LYS B 565 19.69 -7.23 -23.85
C LYS B 565 20.62 -7.69 -24.95
N ALA B 566 20.34 -7.30 -26.20
CA ALA B 566 21.26 -7.65 -27.28
C ALA B 566 22.62 -7.01 -27.08
N ARG B 567 22.67 -5.76 -26.64
CA ARG B 567 23.95 -5.09 -26.42
C ARG B 567 24.74 -5.76 -25.30
N GLN B 568 24.06 -6.17 -24.22
CA GLN B 568 24.76 -6.80 -23.11
C GLN B 568 25.39 -8.13 -23.53
N ALA B 569 24.68 -8.91 -24.34
CA ALA B 569 25.14 -10.23 -24.75
C ALA B 569 25.93 -10.21 -26.06
N ALA B 570 26.60 -9.11 -26.37
CA ALA B 570 27.35 -9.04 -27.62
C ALA B 570 28.52 -10.02 -27.58
N PRO B 571 28.88 -10.64 -28.72
CA PRO B 571 28.24 -10.49 -30.03
C PRO B 571 26.93 -11.24 -30.11
N CYS B 572 25.90 -10.58 -30.63
CA CYS B 572 24.55 -11.13 -30.64
C CYS B 572 23.93 -10.89 -32.01
N VAL B 573 23.08 -11.81 -32.41
CA VAL B 573 22.33 -11.70 -33.65
C VAL B 573 20.87 -11.56 -33.29
N LEU B 574 20.25 -10.48 -33.75
CA LEU B 574 18.89 -10.13 -33.39
C LEU B 574 18.01 -10.31 -34.62
N PHE B 575 17.17 -11.33 -34.62
CA PHE B 575 16.38 -11.68 -35.79
C PHE B 575 14.96 -11.18 -35.59
N PHE B 576 14.50 -10.33 -36.51
CA PHE B 576 13.13 -9.81 -36.52
C PHE B 576 12.36 -10.59 -37.57
N ASP B 577 11.58 -11.57 -37.13
CA ASP B 577 10.74 -12.32 -38.05
C ASP B 577 9.46 -11.53 -38.34
N GLN B 578 9.06 -11.53 -39.60
CA GLN B 578 7.93 -10.75 -40.06
C GLN B 578 8.09 -9.29 -39.65
N LEU B 579 9.17 -8.67 -40.15
CA LEU B 579 9.51 -7.31 -39.73
C LEU B 579 8.44 -6.31 -40.14
N ASP B 580 7.70 -6.58 -41.21
CA ASP B 580 6.75 -5.61 -41.72
C ASP B 580 5.62 -5.34 -40.75
N SER B 581 5.44 -6.20 -39.75
CA SER B 581 4.38 -6.00 -38.76
C SER B 581 4.74 -4.87 -37.80
N ILE B 582 6.01 -4.81 -37.38
CA ILE B 582 6.39 -3.86 -36.35
C ILE B 582 6.93 -2.58 -36.97
N ALA B 583 7.38 -2.65 -38.23
CA ALA B 583 7.94 -1.51 -38.93
C ALA B 583 7.08 -1.19 -40.14
N LYS B 584 6.45 -0.03 -40.14
CA LYS B 584 5.60 0.43 -41.22
C LYS B 584 6.02 1.85 -41.59
N ALA B 585 5.69 2.25 -42.83
CA ALA B 585 5.91 3.63 -43.20
C ALA B 585 5.09 4.53 -42.27
N ARG B 586 5.77 5.49 -41.65
CA ARG B 586 5.12 6.30 -40.64
C ARG B 586 4.06 7.20 -41.27
N GLY B 587 2.96 7.38 -40.54
CA GLY B 587 1.85 8.16 -41.04
C GLY B 587 0.85 7.39 -41.87
N GLY B 588 0.99 6.07 -41.97
CA GLY B 588 0.08 5.28 -42.78
C GLY B 588 -1.33 5.23 -42.23
N ASN B 589 -1.46 4.99 -40.92
CA ASN B 589 -2.76 4.70 -40.30
C ASN B 589 -3.09 5.76 -39.27
N ILE B 590 -4.28 6.34 -39.40
CA ILE B 590 -4.71 7.38 -38.45
C ILE B 590 -5.02 6.78 -37.09
N GLY B 591 -5.69 5.63 -37.06
CA GLY B 591 -6.14 5.04 -35.82
C GLY B 591 -5.23 3.97 -35.26
N ASP B 592 -3.97 3.96 -35.67
CA ASP B 592 -3.03 2.91 -35.29
C ASP B 592 -2.61 3.12 -33.84
N GLY B 593 -3.55 2.84 -32.93
CA GLY B 593 -3.27 2.91 -31.51
C GLY B 593 -2.89 4.28 -31.01
N GLY B 594 -3.50 5.33 -31.54
CA GLY B 594 -3.14 6.69 -31.16
C GLY B 594 -1.70 7.03 -31.48
N GLY B 595 -1.16 6.48 -32.56
CA GLY B 595 0.21 6.72 -32.94
C GLY B 595 1.25 5.89 -32.23
N ALA B 596 0.86 4.80 -31.57
CA ALA B 596 1.84 3.98 -30.85
C ALA B 596 2.76 3.25 -31.82
N ALA B 597 2.25 2.88 -33.00
CA ALA B 597 3.09 2.24 -33.99
C ALA B 597 4.22 3.16 -34.45
N ASP B 598 3.90 4.44 -34.66
CA ASP B 598 4.91 5.40 -35.06
C ASP B 598 5.98 5.56 -33.99
N ARG B 599 5.58 5.58 -32.71
CA ARG B 599 6.57 5.74 -31.65
C ARG B 599 7.42 4.48 -31.52
N VAL B 600 6.84 3.31 -31.78
CA VAL B 600 7.66 2.10 -31.79
C VAL B 600 8.69 2.18 -32.91
N ILE B 601 8.29 2.65 -34.09
CA ILE B 601 9.24 2.77 -35.19
C ILE B 601 10.33 3.78 -34.85
N ASN B 602 9.97 4.89 -34.21
CA ASN B 602 10.97 5.86 -33.81
C ASN B 602 11.96 5.27 -32.80
N GLN B 603 11.47 4.48 -31.85
CA GLN B 603 12.37 3.86 -30.89
C GLN B 603 13.31 2.88 -31.58
N ILE B 604 12.80 2.10 -32.53
CA ILE B 604 13.67 1.18 -33.26
C ILE B 604 14.73 1.95 -34.03
N LEU B 605 14.33 3.02 -34.70
CA LEU B 605 15.27 3.85 -35.44
C LEU B 605 16.38 4.37 -34.53
N THR B 606 16.00 4.82 -33.34
CA THR B 606 17.01 5.37 -32.43
C THR B 606 17.95 4.29 -31.92
N GLU B 607 17.43 3.09 -31.66
CA GLU B 607 18.31 2.03 -31.16
C GLU B 607 19.27 1.53 -32.22
N MET B 608 18.80 1.35 -33.45
CA MET B 608 19.67 0.84 -34.51
C MET B 608 20.81 1.81 -34.79
N ASP B 609 20.52 3.10 -34.88
CA ASP B 609 21.50 4.14 -35.18
C ASP B 609 21.17 5.38 -34.37
N GLY B 610 21.88 5.58 -33.27
CA GLY B 610 21.58 6.70 -32.39
C GLY B 610 22.85 7.28 -31.82
N MET B 611 22.71 7.90 -30.66
CA MET B 611 23.85 8.54 -30.01
C MET B 611 24.50 7.58 -29.00
N SER B 612 24.93 6.43 -29.51
CA SER B 612 25.56 5.43 -28.67
C SER B 612 26.64 4.73 -29.47
N THR B 613 27.69 4.32 -28.78
CA THR B 613 28.74 3.55 -29.44
C THR B 613 28.18 2.20 -29.88
N LYS B 614 28.59 1.77 -31.07
CA LYS B 614 27.98 0.62 -31.72
C LYS B 614 28.70 -0.66 -31.31
N LYS B 615 28.00 -1.52 -30.58
CA LYS B 615 28.54 -2.81 -30.21
C LYS B 615 28.40 -3.80 -31.36
N ASN B 616 28.77 -5.05 -31.10
CA ASN B 616 28.68 -6.11 -32.11
C ASN B 616 27.32 -6.78 -32.02
N VAL B 617 26.29 -6.03 -32.40
CA VAL B 617 24.93 -6.55 -32.50
C VAL B 617 24.53 -6.50 -33.97
N PHE B 618 24.20 -7.66 -34.52
CA PHE B 618 23.81 -7.78 -35.91
C PHE B 618 22.30 -8.00 -35.99
N ILE B 619 21.64 -7.20 -36.81
CA ILE B 619 20.18 -7.21 -36.91
C ILE B 619 19.81 -7.79 -38.26
N ILE B 620 19.00 -8.85 -38.23
CA ILE B 620 18.52 -9.52 -39.43
C ILE B 620 17.00 -9.46 -39.43
N GLY B 621 16.43 -9.08 -40.56
CA GLY B 621 14.99 -8.98 -40.69
C GLY B 621 14.50 -9.77 -41.89
N ALA B 622 13.37 -10.45 -41.73
CA ALA B 622 12.73 -11.18 -42.81
C ALA B 622 11.35 -10.58 -43.02
N THR B 623 10.98 -10.37 -44.27
CA THR B 623 9.70 -9.75 -44.58
C THR B 623 9.15 -10.26 -45.90
N ASN B 624 7.84 -10.16 -46.06
CA ASN B 624 7.18 -10.51 -47.31
C ASN B 624 6.72 -9.29 -48.09
N ARG B 625 6.63 -8.13 -47.44
CA ARG B 625 6.20 -6.89 -48.10
C ARG B 625 7.26 -5.83 -47.85
N PRO B 626 8.34 -5.83 -48.60
CA PRO B 626 9.41 -4.85 -48.35
C PRO B 626 9.03 -3.42 -48.71
N ASP B 627 7.97 -3.22 -49.50
CA ASP B 627 7.66 -1.87 -49.96
C ASP B 627 7.04 -1.02 -48.85
N ILE B 628 6.28 -1.63 -47.94
CA ILE B 628 5.62 -0.86 -46.90
C ILE B 628 6.61 -0.46 -45.80
N ILE B 629 7.75 -1.15 -45.70
CA ILE B 629 8.67 -0.90 -44.59
C ILE B 629 9.23 0.51 -44.70
N ASP B 630 9.44 1.14 -43.53
CA ASP B 630 9.79 2.55 -43.48
C ASP B 630 11.14 2.80 -44.17
N PRO B 631 11.24 3.82 -45.00
CA PRO B 631 12.52 4.09 -45.68
C PRO B 631 13.65 4.44 -44.75
N ALA B 632 13.34 4.93 -43.54
CA ALA B 632 14.41 5.30 -42.62
C ALA B 632 15.08 4.07 -42.02
N ILE B 633 14.41 2.92 -42.06
CA ILE B 633 15.03 1.70 -41.55
C ILE B 633 15.92 1.07 -42.62
N LEU B 634 15.55 1.21 -43.89
CA LEU B 634 16.28 0.51 -44.93
C LEU B 634 17.59 1.19 -45.29
N ARG B 635 17.80 2.42 -44.86
CA ARG B 635 19.01 3.14 -45.24
C ARG B 635 20.24 2.54 -44.54
N PRO B 636 21.41 2.58 -45.17
CA PRO B 636 22.58 1.92 -44.60
C PRO B 636 22.96 2.48 -43.23
N GLY B 637 23.51 1.62 -42.39
CA GLY B 637 23.64 1.88 -40.98
C GLY B 637 22.54 1.23 -40.16
N ARG B 638 21.38 1.02 -40.76
CA ARG B 638 20.33 0.15 -40.24
C ARG B 638 19.93 -0.77 -41.38
N LEU B 639 20.11 -2.07 -41.21
CA LEU B 639 19.80 -3.02 -42.28
C LEU B 639 20.52 -2.62 -43.56
N ASP B 640 21.86 -2.68 -43.52
CA ASP B 640 22.68 -2.16 -44.60
C ASP B 640 22.35 -2.81 -45.94
N GLN B 641 22.22 -4.14 -45.94
CA GLN B 641 22.22 -4.94 -47.15
C GLN B 641 20.86 -5.58 -47.37
N LEU B 642 20.28 -5.35 -48.54
CA LEU B 642 18.97 -5.90 -48.89
C LEU B 642 19.17 -7.10 -49.80
N ILE B 643 18.85 -8.29 -49.30
CA ILE B 643 19.04 -9.55 -50.01
C ILE B 643 17.69 -10.03 -50.49
N TYR B 644 17.61 -10.42 -51.75
CA TYR B 644 16.39 -10.93 -52.36
C TYR B 644 16.49 -12.44 -52.47
N ILE B 645 15.55 -13.14 -51.84
CA ILE B 645 15.51 -14.60 -51.87
C ILE B 645 14.45 -15.04 -52.88
N PRO B 646 14.83 -15.35 -54.11
CA PRO B 646 13.83 -15.58 -55.15
C PRO B 646 13.36 -17.03 -55.15
N LEU B 647 12.35 -17.28 -55.99
CA LEU B 647 11.95 -18.66 -56.25
C LEU B 647 13.11 -19.40 -56.91
N PRO B 648 13.45 -20.59 -56.43
CA PRO B 648 14.67 -21.26 -56.91
C PRO B 648 14.58 -21.58 -58.40
N ASP B 649 15.72 -21.46 -59.07
CA ASP B 649 15.82 -21.91 -60.45
C ASP B 649 16.15 -23.40 -60.49
N GLU B 650 16.40 -23.91 -61.71
CA GLU B 650 16.52 -25.35 -61.89
C GLU B 650 17.67 -25.93 -61.08
N LYS B 651 18.84 -25.28 -61.12
CA LYS B 651 19.97 -25.77 -60.34
C LYS B 651 19.66 -25.73 -58.85
N SER B 652 19.04 -24.64 -58.40
CA SER B 652 18.64 -24.55 -57.00
C SER B 652 17.61 -25.59 -56.64
N ARG B 653 16.70 -25.90 -57.57
CA ARG B 653 15.71 -26.95 -57.31
C ARG B 653 16.37 -28.31 -57.17
N VAL B 654 17.36 -28.60 -58.01
CA VAL B 654 18.11 -29.84 -57.87
C VAL B 654 18.78 -29.89 -56.50
N ALA B 655 19.40 -28.78 -56.09
CA ALA B 655 20.05 -28.73 -54.79
C ALA B 655 19.06 -28.95 -53.66
N ILE B 656 17.87 -28.35 -53.77
CA ILE B 656 16.85 -28.50 -52.73
C ILE B 656 16.41 -29.95 -52.63
N LEU B 657 16.16 -30.60 -53.77
CA LEU B 657 15.72 -31.99 -53.76
C LEU B 657 16.80 -32.90 -53.16
N LYS B 658 18.06 -32.68 -53.55
CA LYS B 658 19.14 -33.48 -52.98
C LYS B 658 19.26 -33.25 -51.47
N ALA B 659 19.12 -32.00 -51.04
CA ALA B 659 19.25 -31.68 -49.63
C ALA B 659 18.15 -32.34 -48.81
N ASN B 660 16.93 -32.39 -49.35
CA ASN B 660 15.84 -33.06 -48.65
C ASN B 660 16.05 -34.57 -48.64
N LEU B 661 16.51 -35.15 -49.74
CA LEU B 661 16.54 -36.60 -49.88
C LEU B 661 17.87 -37.23 -49.47
N ARG B 662 18.83 -36.44 -48.98
CA ARG B 662 20.11 -37.04 -48.62
C ARG B 662 19.97 -38.02 -47.47
N LYS B 663 19.12 -37.72 -46.49
CA LYS B 663 18.97 -38.60 -45.34
C LYS B 663 18.12 -39.83 -45.69
N SER B 664 17.12 -39.67 -46.54
CA SER B 664 16.28 -40.78 -46.90
C SER B 664 16.97 -41.64 -47.95
N PRO B 665 16.69 -42.94 -48.01
CA PRO B 665 17.20 -43.75 -49.12
C PRO B 665 16.42 -43.45 -50.39
N VAL B 666 17.14 -43.08 -51.45
CA VAL B 666 16.53 -42.64 -52.70
C VAL B 666 16.99 -43.57 -53.81
N ALA B 667 16.07 -43.95 -54.70
CA ALA B 667 16.42 -44.87 -55.77
C ALA B 667 17.50 -44.26 -56.65
N LYS B 668 18.39 -45.11 -57.14
CA LYS B 668 19.39 -44.64 -58.10
C LYS B 668 18.71 -44.32 -59.44
N ASP B 669 17.58 -44.96 -59.70
CA ASP B 669 16.91 -44.80 -60.98
C ASP B 669 16.33 -43.40 -61.16
N VAL B 670 15.75 -42.84 -60.09
CA VAL B 670 15.12 -41.53 -60.19
C VAL B 670 16.17 -40.46 -60.44
N ASP B 671 15.90 -39.56 -61.38
CA ASP B 671 16.78 -38.43 -61.66
C ASP B 671 16.07 -37.16 -61.23
N LEU B 672 16.71 -36.42 -60.34
CA LEU B 672 16.09 -35.21 -59.79
C LEU B 672 16.15 -34.07 -60.80
N GLU B 673 17.03 -34.20 -61.80
CA GLU B 673 17.21 -33.14 -62.79
C GLU B 673 15.94 -32.93 -63.60
N PHE B 674 15.26 -34.00 -64.00
CA PHE B 674 14.02 -33.86 -64.74
C PHE B 674 12.95 -33.20 -63.88
N LEU B 675 12.86 -33.59 -62.60
CA LEU B 675 11.91 -32.98 -61.70
C LEU B 675 12.14 -31.47 -61.63
N ALA B 676 13.40 -31.06 -61.46
CA ALA B 676 13.70 -29.64 -61.39
C ALA B 676 13.38 -28.94 -62.70
N LYS B 677 13.63 -29.61 -63.82
CA LYS B 677 13.37 -29.01 -65.12
C LYS B 677 11.89 -28.72 -65.31
N MET B 678 11.02 -29.67 -64.96
CA MET B 678 9.62 -29.50 -65.32
C MET B 678 8.86 -28.66 -64.30
N THR B 679 9.35 -28.61 -63.06
CA THR B 679 8.74 -27.78 -62.01
C THR B 679 9.27 -26.35 -62.10
N ASN B 680 8.63 -25.57 -62.98
CA ASN B 680 9.15 -24.24 -63.30
C ASN B 680 9.09 -23.29 -62.10
N GLY B 681 7.93 -23.17 -61.47
CA GLY B 681 7.72 -22.15 -60.46
C GLY B 681 7.50 -22.64 -59.05
N PHE B 682 7.85 -23.87 -58.74
CA PHE B 682 7.65 -24.39 -57.40
C PHE B 682 8.58 -23.69 -56.41
N SER B 683 8.09 -23.48 -55.19
CA SER B 683 8.91 -22.96 -54.11
C SER B 683 9.54 -24.09 -53.32
N GLY B 684 10.52 -23.75 -52.48
CA GLY B 684 11.20 -24.77 -51.70
C GLY B 684 10.26 -25.56 -50.81
N ALA B 685 9.24 -24.88 -50.25
CA ALA B 685 8.24 -25.57 -49.46
C ALA B 685 7.51 -26.62 -50.28
N ASP B 686 7.22 -26.31 -51.54
CA ASP B 686 6.53 -27.27 -52.39
C ASP B 686 7.38 -28.51 -52.67
N LEU B 687 8.68 -28.33 -52.92
CA LEU B 687 9.54 -29.47 -53.13
C LEU B 687 9.67 -30.32 -51.86
N THR B 688 9.76 -29.67 -50.70
CA THR B 688 9.79 -30.43 -49.46
C THR B 688 8.50 -31.19 -49.26
N GLU B 689 7.37 -30.58 -49.65
CA GLU B 689 6.08 -31.26 -49.58
C GLU B 689 6.05 -32.47 -50.49
N ILE B 690 6.59 -32.35 -51.70
CA ILE B 690 6.64 -33.50 -52.60
C ILE B 690 7.47 -34.62 -52.00
N CYS B 691 8.63 -34.30 -51.43
CA CYS B 691 9.47 -35.34 -50.84
C CYS B 691 8.76 -36.01 -49.66
N GLN B 692 8.10 -35.22 -48.82
CA GLN B 692 7.38 -35.80 -47.69
C GLN B 692 6.22 -36.68 -48.15
N ARG B 693 5.52 -36.24 -49.20
CA ARG B 693 4.43 -37.06 -49.74
C ARG B 693 4.95 -38.38 -50.29
N ALA B 694 6.07 -38.35 -51.00
CA ALA B 694 6.65 -39.59 -51.51
C ALA B 694 7.05 -40.51 -50.38
N CYS B 695 7.65 -39.96 -49.32
CA CYS B 695 7.99 -40.78 -48.16
C CYS B 695 6.73 -41.35 -47.51
N LYS B 696 5.64 -40.58 -47.48
CA LYS B 696 4.40 -41.08 -46.91
C LYS B 696 3.85 -42.25 -47.73
N LEU B 697 3.91 -42.14 -49.06
CA LEU B 697 3.45 -43.26 -49.89
C LEU B 697 4.32 -44.48 -49.70
N ALA B 698 5.63 -44.27 -49.55
CA ALA B 698 6.52 -45.40 -49.27
C ALA B 698 6.18 -46.04 -47.93
N ILE B 699 5.80 -45.22 -46.93
CA ILE B 699 5.37 -45.77 -45.65
C ILE B 699 4.08 -46.57 -45.82
N ARG B 700 3.15 -46.06 -46.64
CA ARG B 700 1.92 -46.79 -46.91
C ARG B 700 2.23 -48.17 -47.46
N GLU B 701 3.09 -48.22 -48.49
CA GLU B 701 3.42 -49.50 -49.11
C GLU B 701 4.19 -50.39 -48.14
N SER B 702 4.97 -49.78 -47.24
CA SER B 702 5.67 -50.54 -46.21
C SER B 702 4.69 -51.22 -45.25
N ILE B 703 3.67 -50.48 -44.81
CA ILE B 703 2.66 -51.07 -43.94
C ILE B 703 1.91 -52.18 -44.65
N GLU B 704 1.57 -51.95 -45.93
CA GLU B 704 0.89 -52.99 -46.69
C GLU B 704 1.75 -54.24 -46.81
N SER B 705 3.05 -54.07 -47.06
CA SER B 705 3.94 -55.22 -47.19
C SER B 705 4.10 -55.94 -45.86
N GLU B 706 4.16 -55.19 -44.75
CA GLU B 706 4.23 -55.83 -43.44
C GLU B 706 2.97 -56.64 -43.18
N ILE B 707 1.81 -56.13 -43.58
CA ILE B 707 0.57 -56.90 -43.46
C ILE B 707 0.63 -58.13 -44.37
N ARG B 708 1.27 -58.00 -45.54
CA ARG B 708 1.42 -59.14 -46.43
C ARG B 708 2.26 -60.24 -45.78
N ARG B 709 3.37 -59.86 -45.14
CA ARG B 709 4.14 -60.84 -44.39
C ARG B 709 3.34 -61.45 -43.25
N GLU B 710 2.55 -60.63 -42.54
CA GLU B 710 1.71 -61.18 -41.47
C GLU B 710 0.71 -62.20 -42.02
N ARG B 711 0.13 -61.92 -43.18
CA ARG B 711 -0.82 -62.84 -43.78
C ARG B 711 -0.16 -64.14 -44.25
N GLU B 712 1.01 -64.03 -44.89
CA GLU B 712 1.67 -65.23 -45.38
C GLU B 712 2.23 -66.06 -44.22
N ARG B 713 2.53 -65.43 -43.09
CA ARG B 713 2.88 -66.19 -41.90
C ARG B 713 1.69 -67.00 -41.40
N GLN B 714 0.50 -66.40 -41.41
CA GLN B 714 -0.71 -67.07 -40.93
C GLN B 714 -1.23 -68.06 -41.97
N PRO B 727 8.76 -52.78 -44.61
CA PRO B 727 9.66 -53.70 -45.31
C PRO B 727 10.16 -53.14 -46.64
N VAL B 728 9.59 -52.02 -47.08
CA VAL B 728 10.02 -51.44 -48.35
C VAL B 728 11.42 -50.87 -48.18
N PRO B 729 12.40 -51.30 -48.98
CA PRO B 729 13.78 -50.87 -48.73
C PRO B 729 14.03 -49.44 -49.14
N GLU B 730 13.58 -49.03 -50.34
CA GLU B 730 14.06 -47.81 -50.97
C GLU B 730 12.93 -47.24 -51.82
N ILE B 731 12.83 -45.91 -51.83
CA ILE B 731 11.71 -45.23 -52.47
C ILE B 731 11.83 -45.35 -53.99
N ARG B 732 10.69 -45.58 -54.65
CA ARG B 732 10.66 -45.88 -56.07
C ARG B 732 10.21 -44.68 -56.90
N ARG B 733 10.19 -44.90 -58.21
CA ARG B 733 9.69 -43.88 -59.14
C ARG B 733 8.21 -43.61 -58.96
N ASP B 734 7.42 -44.68 -58.76
CA ASP B 734 5.97 -44.55 -58.78
C ASP B 734 5.46 -43.73 -57.59
N HIS B 735 6.13 -43.85 -56.44
CA HIS B 735 5.76 -43.03 -55.30
C HIS B 735 5.92 -41.55 -55.62
N PHE B 736 7.04 -41.19 -56.26
CA PHE B 736 7.20 -39.82 -56.73
C PHE B 736 6.12 -39.44 -57.74
N GLU B 737 5.78 -40.37 -58.64
CA GLU B 737 4.77 -40.04 -59.64
C GLU B 737 3.43 -39.69 -59.00
N GLU B 738 2.98 -40.49 -58.03
CA GLU B 738 1.71 -40.19 -57.36
C GLU B 738 1.80 -38.94 -56.49
N ALA B 739 2.85 -38.86 -55.67
CA ALA B 739 3.03 -37.68 -54.81
C ALA B 739 3.15 -36.42 -55.63
N MET B 740 3.51 -36.56 -56.91
CA MET B 740 3.67 -35.40 -57.76
C MET B 740 2.39 -35.10 -58.53
N ARG B 741 1.54 -36.11 -58.71
CA ARG B 741 0.15 -35.80 -59.05
C ARG B 741 -0.45 -34.90 -57.98
N PHE B 742 -0.16 -35.19 -56.71
CA PHE B 742 -0.74 -34.38 -55.65
C PHE B 742 -0.09 -33.01 -55.54
N ALA B 743 1.03 -32.78 -56.24
CA ALA B 743 1.79 -31.55 -56.06
C ALA B 743 1.04 -30.35 -56.63
N ARG B 744 1.34 -29.17 -56.07
CA ARG B 744 0.70 -27.92 -56.47
C ARG B 744 1.69 -26.78 -56.30
N ARG B 745 1.51 -25.73 -57.10
CA ARG B 745 2.35 -24.54 -57.05
C ARG B 745 1.75 -23.56 -56.04
N SER B 746 2.49 -23.26 -54.98
CA SER B 746 1.93 -22.47 -53.88
C SER B 746 1.88 -20.99 -54.22
N VAL B 747 2.85 -20.49 -54.96
CA VAL B 747 3.01 -19.05 -55.21
C VAL B 747 2.55 -18.75 -56.62
N SER B 748 1.67 -17.76 -56.75
CA SER B 748 1.15 -17.37 -58.05
C SER B 748 2.14 -16.47 -58.78
N ASP B 749 1.74 -16.03 -59.97
CA ASP B 749 2.64 -15.22 -60.80
C ASP B 749 2.58 -13.74 -60.40
N ASN B 750 1.42 -13.27 -59.95
CA ASN B 750 1.33 -11.89 -59.50
C ASN B 750 2.20 -11.65 -58.27
N ASP B 751 2.25 -12.64 -57.38
CA ASP B 751 3.10 -12.53 -56.20
C ASP B 751 4.55 -12.32 -56.58
N ILE B 752 5.10 -13.18 -57.44
CA ILE B 752 6.50 -13.05 -57.82
C ILE B 752 6.70 -11.77 -58.61
N ARG B 753 5.67 -11.34 -59.36
CA ARG B 753 5.76 -10.08 -60.09
C ARG B 753 5.97 -8.91 -59.14
N LYS B 754 5.30 -8.94 -57.99
CA LYS B 754 5.47 -7.84 -57.03
C LYS B 754 6.93 -7.71 -56.56
N TYR B 755 7.52 -8.82 -56.11
CA TYR B 755 8.89 -8.76 -55.60
C TYR B 755 9.88 -8.44 -56.71
N GLU B 756 9.63 -8.97 -57.91
CA GLU B 756 10.49 -8.61 -59.03
C GLU B 756 10.40 -7.12 -59.32
N MET B 757 9.20 -6.54 -59.16
CA MET B 757 9.03 -5.11 -59.34
C MET B 757 9.86 -4.33 -58.32
N PHE B 758 9.84 -4.77 -57.06
CA PHE B 758 10.64 -4.08 -56.05
C PHE B 758 12.13 -4.19 -56.36
N ALA B 759 12.60 -5.38 -56.75
CA ALA B 759 14.01 -5.54 -57.06
C ALA B 759 14.42 -4.69 -58.24
N GLN B 760 13.58 -4.62 -59.27
CA GLN B 760 13.87 -3.75 -60.40
C GLN B 760 13.86 -2.28 -59.98
N THR B 761 13.01 -1.93 -59.03
CA THR B 761 13.01 -0.56 -58.51
C THR B 761 14.35 -0.21 -57.89
N LEU B 762 14.89 -1.11 -57.07
CA LEU B 762 16.24 -0.87 -56.51
C LEU B 762 17.31 -0.81 -57.59
N GLN B 763 17.26 -1.71 -58.56
CA GLN B 763 18.30 -1.68 -59.60
C GLN B 763 18.26 -0.40 -60.41
N GLN B 764 17.05 0.07 -60.74
CA GLN B 764 16.92 1.35 -61.43
C GLN B 764 17.39 2.50 -60.54
N SER B 765 17.05 2.44 -59.25
CA SER B 765 17.47 3.50 -58.34
C SER B 765 18.99 3.58 -58.23
N ARG B 766 19.67 2.43 -58.38
CA ARG B 766 21.12 2.43 -58.33
C ARG B 766 21.72 3.34 -59.41
N GLY B 767 21.19 3.25 -60.63
CA GLY B 767 21.69 4.05 -61.72
C GLY B 767 22.94 3.44 -62.35
N PHE B 768 23.54 4.24 -63.25
CA PHE B 768 24.76 3.90 -64.01
C PHE B 768 24.65 2.45 -64.51
N GLY B 769 25.68 1.65 -64.39
CA GLY B 769 25.76 0.30 -64.88
C GLY B 769 27.16 0.00 -65.39
N SER B 770 27.70 -1.13 -64.95
CA SER B 770 29.08 -1.53 -65.26
C SER B 770 30.05 -0.41 -64.90
N PHE B 771 30.02 0.01 -63.64
CA PHE B 771 30.85 1.12 -63.19
C PHE B 771 32.33 0.78 -63.38
N ARG B 772 33.06 1.67 -64.04
CA ARG B 772 34.46 1.46 -64.34
C ARG B 772 35.23 2.76 -64.14
N PHE B 773 36.39 2.66 -63.51
CA PHE B 773 37.23 3.82 -63.29
C PHE B 773 37.86 4.26 -64.62
N PRO B 774 38.03 5.56 -64.83
CA PRO B 774 38.65 6.02 -66.08
C PRO B 774 40.12 5.64 -66.14
N SER B 775 40.61 5.42 -67.36
CA SER B 775 42.01 5.06 -67.61
C SER B 775 42.43 3.82 -66.84
N LEU C 12 25.08 46.06 -0.06
CA LEU C 12 24.96 46.10 1.38
C LEU C 12 24.96 44.69 1.96
N SER C 13 24.65 43.71 1.12
CA SER C 13 24.65 42.32 1.57
C SER C 13 26.06 41.87 1.95
N THR C 14 27.05 42.21 1.14
CA THR C 14 28.42 41.78 1.42
C THR C 14 29.11 42.71 2.40
N ALA C 15 28.39 43.72 2.91
CA ALA C 15 29.00 44.70 3.80
C ALA C 15 29.53 44.06 5.07
N ILE C 16 28.80 43.10 5.63
CA ILE C 16 29.26 42.43 6.84
C ILE C 16 30.55 41.64 6.57
N LEU C 17 30.67 41.06 5.38
CA LEU C 17 31.84 40.26 5.06
C LEU C 17 33.08 41.14 4.93
N LYS C 18 32.92 42.37 4.44
CA LYS C 18 34.07 43.23 4.21
C LYS C 18 34.73 43.60 5.54
N GLN C 19 36.01 43.27 5.65
CA GLN C 19 36.76 43.50 6.88
C GLN C 19 37.20 44.96 6.99
N LYS C 20 37.16 45.47 8.21
CA LYS C 20 37.42 46.87 8.49
C LYS C 20 38.87 47.03 8.93
N ASN C 21 39.59 47.93 8.28
CA ASN C 21 40.99 48.15 8.62
C ASN C 21 41.11 48.90 9.94
N ARG C 22 41.74 48.25 10.91
CA ARG C 22 41.98 48.79 12.24
C ARG C 22 43.46 48.76 12.52
N PRO C 23 43.96 49.62 13.41
CA PRO C 23 45.39 49.56 13.75
C PRO C 23 45.81 48.23 14.35
N ASN C 24 44.93 47.60 15.14
CA ASN C 24 45.29 46.32 15.76
C ASN C 24 45.49 45.23 14.71
N ARG C 25 44.63 45.20 13.70
CA ARG C 25 44.73 44.17 12.67
C ARG C 25 45.93 44.45 11.77
N LEU C 26 46.79 43.47 11.59
CA LEU C 26 48.05 43.65 10.88
C LEU C 26 48.36 42.43 10.04
N ILE C 27 49.17 42.64 9.01
CA ILE C 27 49.51 41.56 8.07
C ILE C 27 50.47 40.59 8.74
N VAL C 28 50.22 39.29 8.56
CA VAL C 28 51.16 38.28 9.01
C VAL C 28 52.38 38.29 8.09
N ASP C 29 53.56 38.36 8.69
CA ASP C 29 54.81 38.45 7.95
C ASP C 29 55.75 37.36 8.43
N GLU C 30 56.66 36.97 7.53
CA GLU C 30 57.61 35.91 7.84
C GLU C 30 58.62 36.40 8.88
N ALA C 31 58.96 35.50 9.82
CA ALA C 31 59.96 35.81 10.82
C ALA C 31 61.36 35.42 10.32
N ILE C 32 62.37 35.90 11.03
CA ILE C 32 63.75 35.66 10.64
C ILE C 32 64.52 34.96 11.75
N ASN C 33 64.61 35.61 12.92
CA ASN C 33 65.41 35.11 14.03
C ASN C 33 64.64 34.99 15.33
N GLU C 34 63.31 35.07 15.29
CA GLU C 34 62.52 35.05 16.50
C GLU C 34 62.48 33.64 17.09
N ASP C 35 62.48 33.56 18.42
CA ASP C 35 62.18 32.29 19.07
C ASP C 35 60.67 32.16 19.27
N ASN C 36 60.26 30.99 19.77
CA ASN C 36 58.85 30.68 19.88
C ASN C 36 58.13 31.65 20.82
N SER C 37 58.76 31.98 21.95
CA SER C 37 58.08 32.80 22.96
C SER C 37 57.97 34.24 22.51
N VAL C 38 58.96 34.76 21.79
CA VAL C 38 58.95 36.18 21.43
C VAL C 38 58.39 36.36 20.02
N VAL C 39 57.81 37.54 19.81
CA VAL C 39 57.35 37.98 18.50
C VAL C 39 57.83 39.41 18.31
N SER C 40 57.79 39.87 17.05
CA SER C 40 58.33 41.17 16.69
C SER C 40 57.29 41.99 15.96
N LEU C 41 57.37 43.31 16.11
CA LEU C 41 56.50 44.25 15.42
C LEU C 41 57.29 45.50 15.10
N SER C 42 56.84 46.23 14.08
CA SER C 42 57.56 47.41 13.60
C SER C 42 57.64 48.49 14.68
N GLN C 43 58.78 49.16 14.74
CA GLN C 43 58.97 50.21 15.73
C GLN C 43 58.00 51.37 15.58
N PRO C 44 57.73 51.92 14.38
CA PRO C 44 56.65 52.91 14.29
C PRO C 44 55.32 52.37 14.75
N LYS C 45 55.06 51.07 14.53
CA LYS C 45 53.82 50.47 15.03
C LYS C 45 53.89 50.26 16.54
N MET C 46 55.10 50.09 17.08
CA MET C 46 55.28 50.12 18.52
C MET C 46 54.87 51.47 19.09
N ASP C 47 55.30 52.55 18.45
CA ASP C 47 55.00 53.89 18.95
C ASP C 47 53.53 54.24 18.77
N GLU C 48 52.94 53.85 17.64
CA GLU C 48 51.55 54.19 17.37
C GLU C 48 50.60 53.44 18.30
N LEU C 49 50.87 52.16 18.55
CA LEU C 49 50.00 51.36 19.42
C LEU C 49 50.32 51.52 20.89
N GLN C 50 51.35 52.31 21.22
CA GLN C 50 51.79 52.50 22.61
C GLN C 50 52.17 51.19 23.26
N LEU C 51 52.71 50.26 22.48
CA LEU C 51 53.12 48.97 23.00
C LEU C 51 54.56 49.02 23.47
N PHE C 52 54.87 48.21 24.47
CA PHE C 52 56.18 48.21 25.10
C PHE C 52 56.78 46.81 25.07
N ARG C 53 58.10 46.75 24.96
CA ARG C 53 58.79 45.47 24.90
C ARG C 53 58.63 44.73 26.22
N GLY C 54 58.53 43.41 26.14
CA GLY C 54 58.34 42.61 27.33
C GLY C 54 56.94 42.66 27.90
N ASP C 55 55.99 43.25 27.19
CA ASP C 55 54.60 43.29 27.63
C ASP C 55 53.81 42.26 26.82
N THR C 56 53.15 41.35 27.53
CA THR C 56 52.43 40.28 26.86
C THR C 56 51.20 40.83 26.15
N VAL C 57 51.06 40.46 24.88
CA VAL C 57 49.97 40.94 24.03
C VAL C 57 49.20 39.73 23.52
N LEU C 58 47.88 39.81 23.60
CA LEU C 58 47.04 38.73 23.10
C LEU C 58 46.91 38.81 21.59
N LEU C 59 47.02 37.67 20.92
CA LEU C 59 47.07 37.60 19.47
C LEU C 59 45.84 36.87 18.96
N LYS C 60 44.89 37.62 18.41
CA LYS C 60 43.69 37.03 17.86
C LYS C 60 44.00 36.29 16.57
N GLY C 61 43.27 35.20 16.32
CA GLY C 61 43.49 34.40 15.14
C GLY C 61 42.19 33.81 14.62
N LYS C 62 42.31 33.05 13.54
CA LYS C 62 41.16 32.40 12.95
C LYS C 62 40.69 31.22 13.81
N LYS C 63 39.42 30.89 13.69
CA LYS C 63 38.80 29.75 14.38
C LYS C 63 38.90 29.88 15.90
N ARG C 64 38.89 31.13 16.40
CA ARG C 64 38.98 31.42 17.83
C ARG C 64 40.24 30.82 18.46
N ARG C 65 41.38 31.00 17.79
CA ARG C 65 42.66 30.51 18.28
C ARG C 65 43.56 31.70 18.61
N GLU C 66 44.11 31.69 19.82
CA GLU C 66 44.93 32.78 20.32
C GLU C 66 46.10 32.23 21.12
N ALA C 67 47.16 33.02 21.22
CA ALA C 67 48.33 32.67 22.01
C ALA C 67 48.91 33.91 22.65
N VAL C 68 49.66 33.71 23.73
CA VAL C 68 50.27 34.79 24.50
C VAL C 68 51.77 34.76 24.28
N CYS C 69 52.34 35.91 23.91
CA CYS C 69 53.75 35.99 23.54
C CYS C 69 54.32 37.33 23.96
N ILE C 70 55.66 37.39 24.04
CA ILE C 70 56.35 38.65 24.24
C ILE C 70 56.61 39.33 22.91
N VAL C 71 56.22 40.60 22.80
CA VAL C 71 56.37 41.36 21.56
C VAL C 71 57.57 42.29 21.72
N LEU C 72 58.39 42.36 20.67
CA LEU C 72 59.63 43.13 20.68
C LEU C 72 59.71 44.01 19.45
N SER C 73 60.36 45.16 19.59
CA SER C 73 60.55 46.05 18.44
C SER C 73 61.60 45.47 17.50
N ASP C 74 61.37 45.66 16.20
CA ASP C 74 62.27 45.15 15.18
C ASP C 74 62.16 46.03 13.94
N ASP C 75 63.30 46.52 13.44
CA ASP C 75 63.29 47.49 12.35
C ASP C 75 62.90 46.83 11.03
N THR C 76 63.26 45.55 10.84
CA THR C 76 63.05 44.90 9.55
C THR C 76 61.57 44.75 9.23
N CYS C 77 60.74 44.54 10.26
CA CYS C 77 59.32 44.31 10.04
C CYS C 77 58.65 45.53 9.42
N SER C 78 57.72 45.28 8.51
CA SER C 78 57.01 46.36 7.85
C SER C 78 56.06 47.06 8.84
N ASP C 79 55.76 48.33 8.54
CA ASP C 79 54.88 49.11 9.41
C ASP C 79 53.47 48.52 9.44
N GLU C 80 52.99 48.02 8.30
CA GLU C 80 51.65 47.44 8.21
C GLU C 80 51.63 45.95 8.44
N LYS C 81 52.77 45.34 8.78
CA LYS C 81 52.87 43.90 8.94
C LYS C 81 53.36 43.56 10.33
N ILE C 82 53.20 42.30 10.72
CA ILE C 82 53.77 41.76 11.95
C ILE C 82 54.55 40.50 11.60
N ARG C 83 55.81 40.45 12.04
CA ARG C 83 56.63 39.28 11.77
C ARG C 83 56.36 38.19 12.80
N MET C 84 56.04 37.00 12.31
CA MET C 84 55.55 35.91 13.14
C MET C 84 56.19 34.61 12.66
N ASN C 85 56.38 33.66 13.57
CA ASN C 85 57.03 32.42 13.18
C ASN C 85 56.00 31.32 12.90
N ARG C 86 56.53 30.15 12.53
CA ARG C 86 55.67 29.03 12.14
C ARG C 86 54.91 28.47 13.33
N VAL C 87 55.52 28.48 14.51
CA VAL C 87 54.92 27.80 15.66
C VAL C 87 53.63 28.48 16.10
N VAL C 88 53.70 29.80 16.30
CA VAL C 88 52.49 30.52 16.71
C VAL C 88 51.47 30.54 15.58
N ARG C 89 51.94 30.45 14.33
CA ARG C 89 51.01 30.36 13.20
C ARG C 89 50.22 29.06 13.26
N ASN C 90 50.87 27.95 13.61
CA ASN C 90 50.14 26.72 13.85
C ASN C 90 49.22 26.87 15.06
N ASN C 91 49.70 27.55 16.11
CA ASN C 91 48.87 27.75 17.31
C ASN C 91 47.66 28.60 17.00
N LEU C 92 47.84 29.69 16.25
CA LEU C 92 46.72 30.55 15.90
C LEU C 92 45.93 30.04 14.71
N ARG C 93 46.37 28.95 14.09
CA ARG C 93 45.71 28.37 12.93
C ARG C 93 45.61 29.38 11.79
N VAL C 94 46.65 30.20 11.64
CA VAL C 94 46.67 31.28 10.65
C VAL C 94 47.79 31.00 9.66
N ARG C 95 47.48 31.17 8.38
CA ARG C 95 48.49 31.01 7.34
C ARG C 95 49.22 32.32 7.11
N LEU C 96 50.27 32.26 6.30
CA LEU C 96 51.04 33.45 5.99
C LEU C 96 50.21 34.41 5.14
N GLY C 97 50.30 35.70 5.47
CA GLY C 97 49.58 36.72 4.76
C GLY C 97 48.17 37.02 5.24
N ASP C 98 47.76 36.42 6.35
CA ASP C 98 46.43 36.69 6.89
C ASP C 98 46.43 37.98 7.69
N VAL C 99 45.23 38.49 7.96
CA VAL C 99 45.06 39.70 8.76
C VAL C 99 44.47 39.31 10.11
N ILE C 100 45.24 39.52 11.16
CA ILE C 100 44.86 39.08 12.51
C ILE C 100 45.00 40.25 13.48
N SER C 101 44.08 40.33 14.42
CA SER C 101 44.11 41.39 15.42
C SER C 101 45.07 41.05 16.54
N ILE C 102 45.72 42.07 17.08
CA ILE C 102 46.59 41.94 18.24
C ILE C 102 46.15 42.95 19.28
N GLN C 103 46.06 42.51 20.54
CA GLN C 103 45.63 43.36 21.64
C GLN C 103 46.40 43.01 22.90
N PRO C 104 46.62 43.97 23.80
CA PRO C 104 47.34 43.68 25.04
C PRO C 104 46.60 42.65 25.88
N CYS C 105 47.36 41.80 26.56
CA CYS C 105 46.77 40.82 27.45
C CYS C 105 46.33 41.49 28.74
N PRO C 106 45.05 41.39 29.11
CA PRO C 106 44.60 42.01 30.37
C PRO C 106 44.76 41.09 31.57
N ASP C 107 45.54 41.54 32.56
CA ASP C 107 45.71 40.85 33.84
C ASP C 107 46.16 39.40 33.67
N VAL C 108 47.30 39.22 33.00
CA VAL C 108 47.95 37.92 32.97
C VAL C 108 48.68 37.69 34.29
N LYS C 109 48.54 36.50 34.85
CA LYS C 109 49.09 36.19 36.16
C LYS C 109 49.89 34.90 36.11
N TYR C 110 50.83 34.75 37.05
CA TYR C 110 51.64 33.55 37.11
C TYR C 110 50.78 32.33 37.43
N GLY C 111 51.07 31.22 36.76
CA GLY C 111 50.25 30.02 36.93
C GLY C 111 50.63 29.26 38.18
N LYS C 112 49.62 28.95 39.00
CA LYS C 112 49.86 28.19 40.22
C LYS C 112 50.36 26.79 39.92
N ARG C 113 49.68 26.09 39.01
CA ARG C 113 50.11 24.79 38.54
C ARG C 113 49.99 24.76 37.02
N ILE C 114 51.05 24.32 36.35
CA ILE C 114 51.11 24.27 34.89
C ILE C 114 51.38 22.85 34.46
N HIS C 115 50.51 22.31 33.62
CA HIS C 115 50.64 20.95 33.10
C HIS C 115 50.99 21.04 31.61
N VAL C 116 52.08 20.39 31.23
CA VAL C 116 52.54 20.34 29.85
C VAL C 116 52.50 18.88 29.39
N LEU C 117 51.84 18.64 28.26
CA LEU C 117 51.70 17.30 27.70
C LEU C 117 52.35 17.27 26.32
N PRO C 118 53.42 16.50 26.13
CA PRO C 118 54.05 16.43 24.80
C PRO C 118 53.23 15.58 23.85
N ILE C 119 53.53 15.74 22.56
CA ILE C 119 52.86 14.94 21.54
C ILE C 119 53.35 13.50 21.61
N ASP C 120 52.44 12.55 21.36
CA ASP C 120 52.73 11.15 21.60
C ASP C 120 53.89 10.66 20.75
N ASP C 121 53.88 10.97 19.44
CA ASP C 121 54.93 10.48 18.57
C ASP C 121 56.29 11.06 18.94
N THR C 122 56.31 12.30 19.42
CA THR C 122 57.56 12.91 19.87
C THR C 122 58.08 12.22 21.13
N VAL C 123 57.18 11.66 21.93
CA VAL C 123 57.60 10.97 23.15
C VAL C 123 58.36 9.70 22.82
N GLU C 124 57.93 8.98 21.78
CA GLU C 124 58.53 7.70 21.45
C GLU C 124 60.00 7.84 21.09
N GLY C 125 60.82 6.93 21.60
CA GLY C 125 62.24 6.89 21.30
C GLY C 125 63.14 7.75 22.17
N ILE C 126 62.59 8.41 23.18
CA ILE C 126 63.38 9.28 24.06
C ILE C 126 63.56 8.55 25.38
N THR C 127 64.80 8.16 25.68
CA THR C 127 65.06 7.42 26.92
C THR C 127 65.00 8.32 28.14
N GLY C 128 65.61 9.49 28.07
CA GLY C 128 65.64 10.38 29.22
C GLY C 128 64.31 11.06 29.46
N ASN C 129 64.14 11.56 30.69
CA ASN C 129 62.90 12.23 31.05
C ASN C 129 62.75 13.51 30.24
N LEU C 130 61.54 13.71 29.69
CA LEU C 130 61.29 14.88 28.86
C LEU C 130 61.35 16.17 29.65
N PHE C 131 60.78 16.16 30.87
CA PHE C 131 60.71 17.38 31.67
C PHE C 131 62.11 17.86 32.05
N GLU C 132 62.98 16.94 32.46
CA GLU C 132 64.32 17.33 32.91
C GLU C 132 65.19 17.74 31.74
N VAL C 133 65.19 16.96 30.66
CA VAL C 133 66.07 17.23 29.53
C VAL C 133 65.59 18.47 28.76
N TYR C 134 64.29 18.59 28.55
CA TYR C 134 63.73 19.63 27.68
C TYR C 134 62.96 20.70 28.43
N LEU C 135 61.96 20.33 29.22
CA LEU C 135 61.14 21.34 29.89
C LEU C 135 61.94 22.10 30.94
N LYS C 136 62.83 21.42 31.66
CA LYS C 136 63.58 22.08 32.73
C LYS C 136 64.45 23.22 32.22
N PRO C 137 65.27 23.05 31.17
CA PRO C 137 66.03 24.22 30.68
C PRO C 137 65.15 25.25 30.00
N TYR C 138 64.02 24.82 29.43
CA TYR C 138 63.18 25.75 28.67
C TYR C 138 62.49 26.75 29.58
N PHE C 139 62.02 26.31 30.74
CA PHE C 139 61.29 27.15 31.67
C PHE C 139 62.15 27.66 32.82
N LEU C 140 63.47 27.51 32.73
CA LEU C 140 64.39 27.95 33.78
C LEU C 140 64.57 29.46 33.69
N GLU C 141 63.81 30.19 34.49
CA GLU C 141 63.82 31.65 34.59
C GLU C 141 63.41 32.31 33.28
N ALA C 142 62.78 31.60 32.35
CA ALA C 142 62.49 32.15 31.03
C ALA C 142 61.30 33.10 31.08
N TYR C 143 60.28 32.77 31.88
CA TYR C 143 59.04 33.55 31.95
C TYR C 143 58.37 33.65 30.58
N ARG C 144 58.37 32.54 29.84
CA ARG C 144 57.73 32.51 28.53
C ARG C 144 56.21 32.60 28.68
N PRO C 145 55.56 33.47 27.93
CA PRO C 145 54.09 33.53 27.98
C PRO C 145 53.48 32.34 27.24
N ILE C 146 52.50 31.70 27.88
CA ILE C 146 51.82 30.55 27.32
C ILE C 146 50.32 30.73 27.49
N ARG C 147 49.57 30.03 26.63
CA ARG C 147 48.11 30.00 26.68
C ARG C 147 47.66 28.55 26.70
N LYS C 148 46.44 28.33 27.16
CA LYS C 148 45.89 26.99 27.27
C LYS C 148 45.84 26.33 25.89
N GLY C 149 46.45 25.15 25.80
CA GLY C 149 46.40 24.36 24.59
C GLY C 149 47.41 24.71 23.51
N ASP C 150 48.30 25.67 23.76
CA ASP C 150 49.27 26.05 22.74
C ASP C 150 50.24 24.91 22.46
N ILE C 151 50.73 24.86 21.22
CA ILE C 151 51.68 23.86 20.76
C ILE C 151 53.00 24.56 20.47
N PHE C 152 54.05 24.18 21.20
CA PHE C 152 55.37 24.76 20.98
C PHE C 152 56.40 23.65 20.93
N LEU C 153 57.51 23.94 20.25
CA LEU C 153 58.60 23.00 20.06
C LEU C 153 59.79 23.43 20.91
N VAL C 154 60.48 22.47 21.49
CA VAL C 154 61.66 22.71 22.30
C VAL C 154 62.88 22.23 21.53
N ARG C 155 63.86 23.10 21.35
CA ARG C 155 65.11 22.73 20.70
C ARG C 155 66.03 22.02 21.71
N GLY C 156 67.06 21.38 21.18
CA GLY C 156 68.01 20.69 22.01
C GLY C 156 67.60 19.25 22.28
N GLY C 157 68.51 18.54 22.94
CA GLY C 157 68.30 17.12 23.22
C GLY C 157 68.58 16.26 22.01
N MET C 158 68.42 14.95 22.21
CA MET C 158 68.67 14.01 21.11
C MET C 158 67.68 14.24 19.97
N ARG C 159 66.42 14.48 20.29
CA ARG C 159 65.40 14.79 19.30
C ARG C 159 64.53 15.93 19.80
N ALA C 160 64.21 16.86 18.92
CA ALA C 160 63.30 17.95 19.28
C ALA C 160 61.91 17.40 19.55
N VAL C 161 61.32 17.79 20.69
CA VAL C 161 60.04 17.27 21.13
C VAL C 161 59.08 18.44 21.30
N GLU C 162 57.94 18.37 20.62
CA GLU C 162 56.91 19.38 20.76
C GLU C 162 56.19 19.21 22.10
N PHE C 163 55.57 20.29 22.57
CA PHE C 163 54.90 20.27 23.86
C PHE C 163 53.60 21.05 23.80
N LYS C 164 52.62 20.59 24.59
CA LYS C 164 51.31 21.22 24.70
C LYS C 164 51.01 21.48 26.17
N VAL C 165 50.55 22.70 26.47
CA VAL C 165 50.18 23.07 27.84
C VAL C 165 48.67 22.92 27.93
N VAL C 166 48.22 21.97 28.77
CA VAL C 166 46.79 21.73 28.91
C VAL C 166 46.20 22.56 30.04
N GLU C 167 46.99 22.88 31.06
CA GLU C 167 46.51 23.57 32.26
C GLU C 167 47.17 24.94 32.37
N THR C 168 46.35 25.97 32.51
CA THR C 168 46.80 27.34 32.75
C THR C 168 45.95 27.94 33.86
N ASP C 169 46.58 28.61 34.81
CA ASP C 169 45.89 29.18 35.95
C ASP C 169 46.22 30.67 36.10
N PRO C 170 45.22 31.55 35.99
CA PRO C 170 43.85 31.21 35.60
C PRO C 170 43.73 31.00 34.09
N SER C 171 42.89 30.07 33.68
CA SER C 171 42.75 29.76 32.27
C SER C 171 42.17 30.96 31.52
N PRO C 172 42.67 31.28 30.31
CA PRO C 172 43.76 30.56 29.66
C PRO C 172 45.11 31.31 29.66
N TYR C 173 45.26 32.32 30.52
CA TYR C 173 46.44 33.18 30.49
C TYR C 173 47.28 32.93 31.75
N CYS C 174 48.53 32.52 31.55
CA CYS C 174 49.48 32.35 32.64
C CYS C 174 50.90 32.41 32.11
N ILE C 175 51.85 32.54 33.02
CA ILE C 175 53.27 32.63 32.70
C ILE C 175 54.00 31.49 33.41
N VAL C 176 54.88 30.80 32.68
CA VAL C 176 55.67 29.73 33.27
C VAL C 176 56.62 30.29 34.31
N ALA C 177 56.90 29.51 35.34
CA ALA C 177 57.79 29.92 36.41
C ALA C 177 58.64 28.73 36.87
N PRO C 178 59.87 28.97 37.31
CA PRO C 178 60.70 27.86 37.81
C PRO C 178 60.11 27.17 39.02
N ASP C 179 59.44 27.90 39.92
CA ASP C 179 58.91 27.29 41.12
C ASP C 179 57.64 26.48 40.84
N THR C 180 56.88 26.87 39.82
CA THR C 180 55.63 26.19 39.51
C THR C 180 55.90 24.75 39.11
N VAL C 181 55.17 23.83 39.74
CA VAL C 181 55.41 22.40 39.56
C VAL C 181 54.89 21.98 38.18
N ILE C 182 55.78 21.39 37.38
CA ILE C 182 55.45 20.93 36.04
C ILE C 182 55.87 19.48 35.91
N HIS C 183 54.97 18.64 35.40
CA HIS C 183 55.27 17.23 35.17
C HIS C 183 54.98 16.90 33.72
N CYS C 184 55.97 16.33 33.03
CA CYS C 184 55.78 15.93 31.64
C CYS C 184 54.92 14.67 31.53
N GLU C 185 54.98 13.80 32.54
CA GLU C 185 54.24 12.55 32.49
C GLU C 185 52.73 12.82 32.53
N GLY C 186 52.01 12.10 31.67
CA GLY C 186 50.58 12.30 31.57
C GLY C 186 50.03 11.59 30.35
N GLU C 187 48.80 11.96 29.98
CA GLU C 187 48.17 11.35 28.83
C GLU C 187 48.87 11.82 27.55
N PRO C 188 49.34 10.91 26.70
CA PRO C 188 49.93 11.32 25.43
C PRO C 188 48.92 12.03 24.55
N ILE C 189 49.39 13.04 23.82
CA ILE C 189 48.55 13.83 22.93
C ILE C 189 48.76 13.31 21.52
N LYS C 190 47.68 12.83 20.90
CA LYS C 190 47.78 12.27 19.56
C LYS C 190 48.08 13.35 18.53
N ARG C 191 48.98 13.03 17.59
CA ARG C 191 49.29 13.97 16.52
C ARG C 191 48.11 14.15 15.58
N GLU C 192 47.34 13.09 15.35
CA GLU C 192 46.19 13.20 14.45
C GLU C 192 45.14 14.16 14.98
N ASP C 193 44.95 14.17 16.31
CA ASP C 193 43.97 15.08 16.91
C ASP C 193 44.39 16.54 16.73
N GLU C 194 45.67 16.85 16.96
CA GLU C 194 46.16 18.20 16.74
C GLU C 194 46.09 18.57 15.27
N GLU C 195 46.35 17.60 14.39
CA GLU C 195 46.22 17.85 12.95
C GLU C 195 44.78 18.21 12.59
N GLU C 196 43.81 17.46 13.11
CA GLU C 196 42.41 17.75 12.84
C GLU C 196 42.02 19.12 13.40
N SER C 197 42.45 19.43 14.62
CA SER C 197 42.15 20.74 15.20
C SER C 197 42.80 21.85 14.39
N LEU C 198 43.93 21.56 13.73
CA LEU C 198 44.49 22.50 12.77
C LEU C 198 43.71 22.48 11.47
N ASN C 199 43.27 21.30 11.03
CA ASN C 199 42.60 21.14 9.74
C ASN C 199 41.09 21.32 9.83
N GLU C 200 40.57 21.70 10.98
CA GLU C 200 39.14 21.92 11.12
C GLU C 200 38.70 23.08 10.22
N VAL C 201 37.48 22.98 9.69
CA VAL C 201 37.04 23.90 8.66
C VAL C 201 36.51 25.20 9.27
N GLY C 202 36.79 26.31 8.60
CA GLY C 202 36.22 27.59 8.97
C GLY C 202 35.59 28.24 7.76
N TYR C 203 35.23 29.52 7.90
CA TYR C 203 34.62 30.24 6.78
C TYR C 203 35.56 30.35 5.60
N ASP C 204 36.86 30.24 5.83
CA ASP C 204 37.81 30.40 4.74
C ASP C 204 37.79 29.20 3.80
N ASP C 205 37.39 28.02 4.29
CA ASP C 205 37.34 26.85 3.43
C ASP C 205 36.16 26.91 2.47
N ILE C 206 35.16 27.73 2.79
CA ILE C 206 33.98 27.81 1.95
C ILE C 206 34.21 28.79 0.82
N GLY C 207 33.90 28.36 -0.40
CA GLY C 207 34.08 29.20 -1.57
C GLY C 207 32.88 29.16 -2.48
N GLY C 208 32.68 30.27 -3.19
CA GLY C 208 31.60 30.37 -4.15
C GLY C 208 30.25 30.72 -3.58
N CYS C 209 30.17 31.07 -2.30
CA CYS C 209 28.92 31.35 -1.62
C CYS C 209 28.99 32.62 -0.79
N ARG C 210 29.43 33.73 -1.37
CA ARG C 210 29.71 34.91 -0.57
C ARG C 210 28.43 35.56 -0.03
N LYS C 211 27.41 35.71 -0.86
CA LYS C 211 26.16 36.30 -0.38
C LYS C 211 25.50 35.42 0.68
N GLN C 212 25.50 34.10 0.46
CA GLN C 212 24.93 33.19 1.43
C GLN C 212 25.74 33.17 2.72
N LEU C 213 27.07 33.27 2.61
CA LEU C 213 27.89 33.42 3.80
C LEU C 213 27.53 34.69 4.55
N ALA C 214 27.28 35.78 3.83
CA ALA C 214 26.91 37.02 4.48
C ALA C 214 25.60 36.87 5.24
N GLN C 215 24.60 36.23 4.62
CA GLN C 215 23.33 36.05 5.29
C GLN C 215 23.46 35.16 6.53
N ILE C 216 24.19 34.05 6.41
CA ILE C 216 24.35 33.16 7.55
C ILE C 216 25.12 33.85 8.67
N LYS C 217 26.11 34.68 8.31
CA LYS C 217 26.86 35.41 9.34
C LYS C 217 25.98 36.43 10.04
N GLU C 218 25.18 37.19 9.27
CA GLU C 218 24.22 38.09 9.90
C GLU C 218 23.30 37.33 10.84
N MET C 219 22.97 36.09 10.51
CA MET C 219 22.06 35.34 11.35
C MET C 219 22.72 34.88 12.64
N VAL C 220 23.97 34.43 12.56
CA VAL C 220 24.62 33.71 13.65
C VAL C 220 25.57 34.61 14.43
N GLU C 221 26.57 35.18 13.74
CA GLU C 221 27.63 35.89 14.47
C GLU C 221 27.15 37.24 14.97
N LEU C 222 26.41 37.99 14.15
CA LEU C 222 26.04 39.35 14.53
C LEU C 222 25.16 39.40 15.78
N PRO C 223 24.10 38.60 15.93
CA PRO C 223 23.36 38.63 17.20
C PRO C 223 24.20 38.23 18.40
N LEU C 224 25.11 37.28 18.23
CA LEU C 224 25.92 36.83 19.36
C LEU C 224 27.02 37.81 19.69
N ARG C 225 27.64 38.42 18.67
CA ARG C 225 28.73 39.35 18.93
C ARG C 225 28.21 40.67 19.50
N HIS C 226 27.16 41.23 18.91
CA HIS C 226 26.63 42.52 19.32
C HIS C 226 25.13 42.42 19.57
N PRO C 227 24.73 41.79 20.67
CA PRO C 227 23.30 41.78 21.02
C PRO C 227 22.77 43.17 21.34
N ALA C 228 23.66 44.11 21.67
CA ALA C 228 23.23 45.47 21.96
C ALA C 228 22.55 46.11 20.76
N LEU C 229 23.02 45.80 19.56
CA LEU C 229 22.41 46.36 18.36
C LEU C 229 20.94 45.96 18.26
N PHE C 230 20.65 44.68 18.42
CA PHE C 230 19.27 44.20 18.27
C PHE C 230 18.42 44.60 19.47
N LYS C 231 19.03 44.72 20.64
CA LYS C 231 18.28 45.21 21.79
C LYS C 231 17.88 46.67 21.61
N GLU C 232 18.77 47.47 21.03
CA GLU C 232 18.48 48.89 20.84
C GLU C 232 17.48 49.10 19.71
N ILE C 233 17.63 48.36 18.61
CA ILE C 233 16.71 48.53 17.49
C ILE C 233 15.31 48.05 17.85
N GLY C 234 15.21 47.11 18.79
CA GLY C 234 13.93 46.74 19.35
C GLY C 234 13.28 45.49 18.82
N VAL C 235 14.00 44.67 18.05
CA VAL C 235 13.44 43.46 17.46
C VAL C 235 14.26 42.26 17.92
N LYS C 236 13.63 41.10 17.99
CA LYS C 236 14.37 39.89 18.25
C LYS C 236 15.10 39.44 16.99
N PRO C 237 16.39 39.07 17.10
CA PRO C 237 17.12 38.66 15.91
C PRO C 237 16.56 37.37 15.36
N PRO C 238 16.72 37.12 14.05
CA PRO C 238 16.23 35.86 13.49
C PRO C 238 16.85 34.64 14.14
N ARG C 239 16.04 33.61 14.37
CA ARG C 239 16.48 32.41 15.06
C ARG C 239 16.31 31.13 14.26
N GLY C 240 15.95 31.21 12.98
CA GLY C 240 15.81 30.02 12.16
C GLY C 240 16.46 30.15 10.81
N ILE C 241 17.05 29.08 10.30
CA ILE C 241 17.68 29.06 8.98
C ILE C 241 17.35 27.75 8.31
N LEU C 242 17.08 27.79 7.01
CA LEU C 242 16.95 26.60 6.19
C LEU C 242 17.89 26.74 5.01
N LEU C 243 18.80 25.78 4.83
CA LEU C 243 19.72 25.77 3.71
C LEU C 243 19.26 24.70 2.73
N TYR C 244 18.94 25.10 1.51
CA TYR C 244 18.49 24.16 0.50
C TYR C 244 19.28 24.33 -0.77
N GLY C 245 19.53 23.23 -1.46
CA GLY C 245 20.23 23.22 -2.72
C GLY C 245 20.45 21.81 -3.19
N PRO C 246 20.94 21.65 -4.43
CA PRO C 246 21.21 20.30 -4.92
C PRO C 246 22.31 19.65 -4.11
N PRO C 247 22.45 18.33 -4.19
CA PRO C 247 23.47 17.65 -3.38
C PRO C 247 24.87 18.11 -3.75
N GLY C 248 25.72 18.23 -2.73
CA GLY C 248 27.11 18.53 -2.92
C GLY C 248 27.47 20.00 -2.92
N THR C 249 26.50 20.90 -2.83
CA THR C 249 26.80 22.33 -2.92
C THR C 249 27.60 22.83 -1.72
N GLY C 250 27.47 22.18 -0.57
CA GLY C 250 28.20 22.58 0.61
C GLY C 250 27.37 22.97 1.81
N LYS C 251 26.18 22.41 1.99
CA LYS C 251 25.36 22.76 3.14
C LYS C 251 25.98 22.25 4.44
N THR C 252 26.38 20.98 4.47
CA THR C 252 27.00 20.44 5.68
C THR C 252 28.36 21.08 5.93
N LEU C 253 29.05 21.48 4.86
CA LEU C 253 30.30 22.21 5.05
C LEU C 253 30.06 23.54 5.75
N ILE C 254 29.00 24.25 5.37
CA ILE C 254 28.67 25.50 6.03
C ILE C 254 28.26 25.26 7.47
N ALA C 255 27.53 24.16 7.72
CA ALA C 255 27.19 23.82 9.09
C ALA C 255 28.43 23.57 9.94
N ARG C 256 29.40 22.81 9.40
CA ARG C 256 30.63 22.57 10.13
C ARG C 256 31.42 23.86 10.36
N ALA C 257 31.48 24.72 9.35
CA ALA C 257 32.19 25.98 9.51
C ALA C 257 31.56 26.83 10.60
N VAL C 258 30.23 26.92 10.61
CA VAL C 258 29.54 27.69 11.65
C VAL C 258 29.78 27.06 13.02
N ALA C 259 29.78 25.73 13.09
CA ALA C 259 30.02 25.07 14.36
C ALA C 259 31.42 25.35 14.90
N ASN C 260 32.43 25.31 14.04
CA ASN C 260 33.80 25.49 14.50
C ASN C 260 34.11 26.95 14.75
N GLU C 261 33.44 27.86 14.07
CA GLU C 261 33.80 29.27 14.09
C GLU C 261 33.06 30.08 15.14
N THR C 262 32.11 29.49 15.87
CA THR C 262 31.26 30.26 16.77
C THR C 262 31.51 29.81 18.20
N GLY C 263 31.29 30.73 19.14
CA GLY C 263 31.37 30.41 20.55
C GLY C 263 30.02 30.05 21.11
N ALA C 264 29.32 29.12 20.47
CA ALA C 264 28.01 28.69 20.91
C ALA C 264 27.96 27.17 20.96
N PHE C 265 27.23 26.66 21.94
CA PHE C 265 27.12 25.22 22.11
C PHE C 265 26.39 24.61 20.92
N PHE C 266 27.08 23.73 20.20
CA PHE C 266 26.60 23.17 18.95
C PHE C 266 26.14 21.75 19.16
N PHE C 267 24.88 21.48 18.83
CA PHE C 267 24.29 20.15 18.94
C PHE C 267 23.89 19.69 17.55
N LEU C 268 24.29 18.49 17.18
CA LEU C 268 23.99 17.91 15.88
C LEU C 268 22.87 16.90 16.00
N ILE C 269 21.84 17.06 15.17
CA ILE C 269 20.73 16.12 15.08
C ILE C 269 20.67 15.62 13.65
N ASN C 270 20.70 14.30 13.47
CA ASN C 270 20.51 13.68 12.17
C ASN C 270 19.05 13.25 12.07
N GLY C 271 18.49 13.34 10.88
CA GLY C 271 17.08 13.12 10.69
C GLY C 271 16.60 11.78 11.21
N PRO C 272 17.00 10.70 10.54
CA PRO C 272 16.51 9.38 10.94
C PRO C 272 17.04 8.91 12.28
N GLU C 273 18.10 9.53 12.81
CA GLU C 273 18.65 9.09 14.09
C GLU C 273 17.64 9.27 15.23
N ILE C 274 16.68 10.17 15.05
CA ILE C 274 15.74 10.48 16.13
C ILE C 274 14.77 9.33 16.37
N MET C 275 14.18 8.80 15.30
CA MET C 275 13.00 7.98 15.46
C MET C 275 13.33 6.60 16.00
N SER C 276 12.42 6.07 16.82
CA SER C 276 12.55 4.76 17.44
C SER C 276 11.24 4.00 17.33
N LYS C 277 11.31 2.68 17.44
CA LYS C 277 10.12 1.84 17.28
C LYS C 277 9.07 2.14 18.35
N LEU C 278 9.51 2.28 19.60
CA LEU C 278 8.57 2.48 20.70
C LEU C 278 7.79 3.77 20.53
N ALA C 279 6.53 3.74 20.91
CA ALA C 279 5.69 4.94 20.89
C ALA C 279 6.17 5.91 21.95
N GLY C 280 6.30 7.18 21.57
CA GLY C 280 6.67 8.22 22.50
C GLY C 280 8.15 8.38 22.75
N GLU C 281 9.00 7.69 22.00
CA GLU C 281 10.44 7.80 22.24
C GLU C 281 11.10 8.79 21.28
N SER C 282 10.61 8.87 20.04
CA SER C 282 11.16 9.85 19.10
C SER C 282 10.85 11.27 19.53
N GLU C 283 9.61 11.51 19.97
CA GLU C 283 9.26 12.81 20.53
C GLU C 283 10.14 13.13 21.73
N SER C 284 10.42 12.11 22.55
CA SER C 284 11.28 12.30 23.72
C SER C 284 12.70 12.65 23.29
N ASN C 285 13.20 12.04 22.22
CA ASN C 285 14.52 12.38 21.73
C ASN C 285 14.58 13.85 21.31
N LEU C 286 13.56 14.31 20.59
CA LEU C 286 13.51 15.72 20.21
C LEU C 286 13.45 16.63 21.44
N ARG C 287 12.63 16.26 22.42
CA ARG C 287 12.51 17.08 23.62
C ARG C 287 13.82 17.16 24.37
N LYS C 288 14.52 16.04 24.53
CA LYS C 288 15.80 16.07 25.23
C LYS C 288 16.84 16.87 24.45
N ALA C 289 16.82 16.78 23.12
CA ALA C 289 17.74 17.57 22.33
C ALA C 289 17.51 19.06 22.56
N PHE C 290 16.26 19.50 22.49
CA PHE C 290 15.99 20.93 22.66
C PHE C 290 16.20 21.36 24.10
N GLU C 291 15.99 20.46 25.07
CA GLU C 291 16.26 20.81 26.46
C GLU C 291 17.75 20.99 26.71
N GLU C 292 18.57 20.10 26.16
CA GLU C 292 20.01 20.26 26.28
C GLU C 292 20.48 21.55 25.60
N ALA C 293 19.87 21.89 24.46
CA ALA C 293 20.20 23.17 23.83
C ALA C 293 19.78 24.35 24.69
N GLU C 294 18.63 24.24 25.36
CA GLU C 294 18.17 25.33 26.22
C GLU C 294 19.08 25.52 27.41
N LYS C 295 19.59 24.42 27.99
CA LYS C 295 20.42 24.52 29.19
C LYS C 295 21.68 25.31 28.92
N ASN C 296 22.32 25.10 27.78
CA ASN C 296 23.54 25.80 27.40
C ASN C 296 23.19 26.89 26.40
N ALA C 297 23.41 28.15 26.78
CA ALA C 297 23.09 29.25 25.89
C ALA C 297 24.31 30.14 25.71
N PRO C 298 24.52 30.73 24.52
CA PRO C 298 23.73 30.50 23.30
C PRO C 298 24.02 29.15 22.65
N ALA C 299 23.07 28.62 21.89
CA ALA C 299 23.17 27.30 21.31
C ALA C 299 22.74 27.33 19.86
N ILE C 300 23.28 26.40 19.06
CA ILE C 300 22.87 26.20 17.68
C ILE C 300 22.52 24.73 17.49
N ILE C 301 21.35 24.46 16.92
CA ILE C 301 20.90 23.11 16.63
C ILE C 301 20.87 22.93 15.12
N PHE C 302 21.53 21.89 14.63
CA PHE C 302 21.57 21.60 13.21
C PHE C 302 20.87 20.27 12.95
N ILE C 303 19.74 20.32 12.26
CA ILE C 303 18.97 19.13 11.92
C ILE C 303 19.25 18.78 10.47
N ASP C 304 20.15 17.83 10.27
CA ASP C 304 20.60 17.47 8.93
C ASP C 304 19.62 16.47 8.32
N GLU C 305 19.34 16.66 7.04
CA GLU C 305 18.27 15.92 6.35
C GLU C 305 16.94 16.13 7.07
N LEU C 306 16.51 17.39 7.15
CA LEU C 306 15.24 17.71 7.80
C LEU C 306 14.06 17.13 7.02
N ASP C 307 14.25 16.89 5.72
CA ASP C 307 13.15 16.37 4.91
C ASP C 307 12.77 14.96 5.32
N ALA C 308 13.68 14.22 5.96
CA ALA C 308 13.36 12.88 6.44
C ALA C 308 12.52 12.94 7.70
N ILE C 309 12.70 13.97 8.52
CA ILE C 309 12.08 13.97 9.85
C ILE C 309 10.77 14.75 9.82
N ALA C 310 10.59 15.65 8.85
CA ALA C 310 9.46 16.58 8.85
C ALA C 310 8.72 16.58 7.51
N PRO C 311 7.98 15.53 7.19
CA PRO C 311 7.13 15.54 6.01
C PRO C 311 5.79 16.18 6.31
N LYS C 312 5.01 16.39 5.24
CA LYS C 312 3.73 17.07 5.37
C LYS C 312 2.73 16.21 6.14
N ARG C 313 2.00 16.83 7.06
CA ARG C 313 1.07 16.07 7.88
C ARG C 313 -0.17 15.67 7.10
N GLU C 314 -0.52 16.43 6.06
CA GLU C 314 -1.62 16.02 5.19
C GLU C 314 -1.30 14.73 4.47
N LYS C 315 -0.07 14.59 3.97
CA LYS C 315 0.25 13.48 3.08
C LYS C 315 0.54 12.19 3.84
N THR C 316 1.25 12.28 4.96
CA THR C 316 1.71 11.08 5.66
C THR C 316 0.53 10.32 6.24
N HIS C 317 0.63 8.99 6.24
CA HIS C 317 -0.42 8.17 6.83
C HIS C 317 -0.03 7.72 8.24
N GLY C 318 1.23 7.39 8.46
CA GLY C 318 1.64 6.91 9.76
C GLY C 318 1.50 7.99 10.83
N GLU C 319 1.13 7.56 12.03
CA GLU C 319 0.87 8.52 13.10
C GLU C 319 2.16 9.04 13.73
N VAL C 320 3.20 8.22 13.77
CA VAL C 320 4.43 8.64 14.44
C VAL C 320 5.07 9.80 13.70
N GLU C 321 4.99 9.82 12.36
CA GLU C 321 5.55 10.93 11.61
C GLU C 321 4.79 12.22 11.87
N ARG C 322 3.46 12.15 11.88
CA ARG C 322 2.67 13.35 12.14
C ARG C 322 2.94 13.87 13.55
N ARG C 323 3.06 12.97 14.52
CA ARG C 323 3.29 13.42 15.88
C ARG C 323 4.68 13.99 16.07
N ILE C 324 5.68 13.45 15.36
CA ILE C 324 7.02 14.02 15.48
C ILE C 324 7.07 15.40 14.80
N VAL C 325 6.32 15.57 13.71
CA VAL C 325 6.23 16.90 13.10
C VAL C 325 5.57 17.89 14.05
N SER C 326 4.49 17.47 14.70
CA SER C 326 3.82 18.36 15.66
C SER C 326 4.75 18.70 16.82
N GLN C 327 5.51 17.73 17.30
CA GLN C 327 6.45 17.99 18.38
C GLN C 327 7.51 19.00 17.96
N LEU C 328 8.02 18.87 16.73
CA LEU C 328 8.99 19.85 16.25
C LEU C 328 8.36 21.24 16.16
N LEU C 329 7.13 21.32 15.66
CA LEU C 329 6.43 22.61 15.59
C LEU C 329 6.33 23.24 16.97
N THR C 330 5.88 22.48 17.96
CA THR C 330 5.69 23.03 19.29
C THR C 330 7.01 23.38 19.96
N LEU C 331 8.09 22.70 19.59
CA LEU C 331 9.38 23.03 20.16
C LEU C 331 9.94 24.31 19.58
N MET C 332 9.81 24.50 18.27
CA MET C 332 10.35 25.72 17.65
C MET C 332 9.60 26.97 18.12
N ASP C 333 8.28 26.95 18.03
CA ASP C 333 7.45 28.10 18.41
C ASP C 333 6.19 27.62 19.09
N GLY C 334 6.11 27.84 20.40
CA GLY C 334 4.96 27.40 21.17
C GLY C 334 4.68 28.42 22.24
N LEU C 335 3.98 27.98 23.28
CA LEU C 335 3.65 28.90 24.37
C LEU C 335 4.90 29.30 25.13
N LYS C 336 5.83 28.37 25.31
CA LYS C 336 7.15 28.66 25.87
C LYS C 336 8.16 28.75 24.74
N GLN C 337 8.75 29.94 24.57
CA GLN C 337 9.59 30.21 23.42
C GLN C 337 11.06 30.12 23.81
N ARG C 338 11.85 29.57 22.90
CA ARG C 338 13.29 29.41 23.11
C ARG C 338 13.93 30.79 23.10
N ALA C 339 14.64 31.12 24.19
CA ALA C 339 15.16 32.48 24.33
C ALA C 339 16.37 32.72 23.43
N HIS C 340 17.34 31.81 23.43
CA HIS C 340 18.60 32.03 22.75
C HIS C 340 19.06 30.83 21.92
N VAL C 341 18.14 29.98 21.48
CA VAL C 341 18.48 28.83 20.67
C VAL C 341 18.23 29.17 19.21
N ILE C 342 19.23 28.92 18.37
CA ILE C 342 19.14 29.15 16.92
C ILE C 342 19.17 27.80 16.23
N VAL C 343 18.14 27.50 15.45
CA VAL C 343 17.99 26.20 14.82
C VAL C 343 18.34 26.33 13.35
N MET C 344 19.30 25.53 12.90
CA MET C 344 19.71 25.48 11.51
C MET C 344 19.30 24.12 10.96
N ALA C 345 18.95 24.06 9.68
CA ALA C 345 18.53 22.83 9.06
C ALA C 345 18.90 22.82 7.59
N ALA C 346 19.42 21.69 7.12
CA ALA C 346 19.83 21.52 5.73
C ALA C 346 18.95 20.46 5.10
N THR C 347 18.36 20.78 3.96
CA THR C 347 17.51 19.85 3.24
C THR C 347 17.75 19.96 1.75
N ASN C 348 17.74 18.81 1.07
CA ASN C 348 17.92 18.81 -0.38
C ASN C 348 16.64 19.28 -1.07
N ARG C 349 15.49 18.77 -0.63
CA ARG C 349 14.21 19.15 -1.20
C ARG C 349 13.45 20.00 -0.19
N PRO C 350 13.34 21.31 -0.38
CA PRO C 350 12.64 22.12 0.62
C PRO C 350 11.13 21.97 0.60
N ASN C 351 10.55 21.62 -0.56
CA ASN C 351 9.09 21.62 -0.66
C ASN C 351 8.48 20.46 0.10
N SER C 352 9.27 19.45 0.46
CA SER C 352 8.74 18.35 1.25
C SER C 352 8.53 18.76 2.70
N ILE C 353 9.17 19.85 3.14
CA ILE C 353 9.01 20.30 4.52
C ILE C 353 7.56 20.70 4.76
N ASP C 354 7.10 20.49 5.99
CA ASP C 354 5.73 20.83 6.33
C ASP C 354 5.54 22.34 6.21
N PRO C 355 4.43 22.79 5.61
CA PRO C 355 4.26 24.24 5.38
C PRO C 355 4.20 25.05 6.66
N ALA C 356 3.88 24.43 7.79
CA ALA C 356 3.86 25.17 9.05
C ALA C 356 5.26 25.44 9.56
N LEU C 357 6.23 24.59 9.19
CA LEU C 357 7.61 24.82 9.61
C LEU C 357 8.24 25.97 8.84
N ARG C 358 7.84 26.16 7.60
CA ARG C 358 8.36 27.22 6.77
C ARG C 358 7.79 28.59 7.14
N ARG C 359 6.96 28.65 8.18
CA ARG C 359 6.40 29.90 8.64
C ARG C 359 7.52 30.74 9.27
N PHE C 360 7.23 32.03 9.48
CA PHE C 360 8.24 32.92 10.04
C PHE C 360 8.79 32.40 11.36
N GLY C 361 7.92 32.12 12.32
CA GLY C 361 8.38 31.83 13.67
C GLY C 361 9.34 30.66 13.73
N ARG C 362 9.04 29.60 12.98
CA ARG C 362 9.84 28.39 13.06
C ARG C 362 11.16 28.52 12.31
N PHE C 363 11.11 28.70 11.00
CA PHE C 363 12.29 28.83 10.16
C PHE C 363 12.26 30.21 9.54
N ASP C 364 13.03 31.13 10.13
CA ASP C 364 12.87 32.55 9.85
C ASP C 364 13.07 32.85 8.37
N ARG C 365 14.12 32.30 7.76
CA ARG C 365 14.29 32.48 6.33
C ARG C 365 15.10 31.32 5.75
N GLU C 366 15.03 31.23 4.43
CA GLU C 366 15.56 30.10 3.67
C GLU C 366 16.71 30.60 2.81
N VAL C 367 17.88 30.00 2.97
CA VAL C 367 19.08 30.39 2.26
C VAL C 367 19.35 29.36 1.17
N ASP C 368 19.59 29.83 -0.04
CA ASP C 368 19.74 28.96 -1.20
C ASP C 368 21.20 28.81 -1.56
N ILE C 369 21.76 27.63 -1.32
CA ILE C 369 23.14 27.31 -1.69
C ILE C 369 23.09 26.71 -3.08
N GLY C 370 23.57 27.46 -4.07
CA GLY C 370 23.36 27.09 -5.45
C GLY C 370 24.63 26.59 -6.12
N ILE C 371 24.48 26.17 -7.36
CA ILE C 371 25.62 25.70 -8.14
C ILE C 371 26.58 26.85 -8.39
N PRO C 372 27.87 26.69 -8.09
CA PRO C 372 28.80 27.82 -8.23
C PRO C 372 28.99 28.25 -9.67
N ASP C 373 29.25 29.53 -9.85
CA ASP C 373 29.55 30.10 -11.16
C ASP C 373 31.00 29.76 -11.54
N ALA C 374 31.47 30.39 -12.63
CA ALA C 374 32.86 30.18 -13.03
C ALA C 374 33.83 30.70 -11.99
N THR C 375 33.64 31.93 -11.54
CA THR C 375 34.51 32.48 -10.50
C THR C 375 34.35 31.73 -9.19
N GLY C 376 33.13 31.35 -8.86
CA GLY C 376 32.91 30.59 -7.64
C GLY C 376 33.63 29.26 -7.64
N ARG C 377 33.59 28.55 -8.76
CA ARG C 377 34.27 27.27 -8.81
C ARG C 377 35.78 27.44 -8.90
N LEU C 378 36.25 28.57 -9.44
CA LEU C 378 37.67 28.86 -9.35
C LEU C 378 38.09 29.08 -7.90
N GLU C 379 37.27 29.79 -7.12
CA GLU C 379 37.58 29.98 -5.71
C GLU C 379 37.58 28.65 -4.96
N ILE C 380 36.64 27.78 -5.28
CA ILE C 380 36.60 26.45 -4.66
C ILE C 380 37.87 25.68 -5.00
N LEU C 381 38.32 25.76 -6.26
CA LEU C 381 39.55 25.08 -6.65
C LEU C 381 40.75 25.64 -5.89
N GLN C 382 40.83 26.95 -5.75
CA GLN C 382 41.95 27.53 -5.02
C GLN C 382 41.95 27.10 -3.56
N ILE C 383 40.77 27.04 -2.93
CA ILE C 383 40.70 26.61 -1.54
C ILE C 383 41.11 25.13 -1.42
N HIS C 384 40.64 24.28 -2.32
CA HIS C 384 40.96 22.87 -2.24
C HIS C 384 42.45 22.62 -2.49
N THR C 385 43.04 23.34 -3.43
CA THR C 385 44.37 23.02 -3.92
C THR C 385 45.49 23.68 -3.12
N LYS C 386 45.18 24.50 -2.11
CA LYS C 386 46.25 25.13 -1.36
C LYS C 386 47.01 24.11 -0.52
N ASN C 387 46.35 23.04 -0.09
CA ASN C 387 47.01 22.02 0.71
C ASN C 387 47.92 21.15 -0.13
N MET C 388 47.48 20.76 -1.32
CA MET C 388 48.27 19.82 -2.13
C MET C 388 49.48 20.52 -2.73
N LYS C 389 50.47 19.72 -3.12
CA LYS C 389 51.61 20.24 -3.86
C LYS C 389 51.28 20.36 -5.33
N LEU C 390 51.51 21.53 -5.90
CA LEU C 390 51.16 21.82 -7.28
C LEU C 390 52.39 22.30 -8.03
N ALA C 391 52.64 21.71 -9.20
CA ALA C 391 53.72 22.17 -10.05
C ALA C 391 53.37 23.53 -10.65
N ASP C 392 54.33 24.10 -11.37
CA ASP C 392 54.13 25.45 -11.90
C ASP C 392 53.10 25.46 -13.02
N ASP C 393 53.06 24.41 -13.84
CA ASP C 393 52.30 24.47 -15.09
C ASP C 393 50.80 24.50 -14.84
N VAL C 394 50.36 24.20 -13.61
CA VAL C 394 48.93 24.11 -13.35
C VAL C 394 48.30 25.49 -13.49
N ASP C 395 47.18 25.55 -14.20
CA ASP C 395 46.42 26.77 -14.40
C ASP C 395 45.00 26.54 -13.91
N LEU C 396 44.69 27.03 -12.71
CA LEU C 396 43.37 26.79 -12.15
C LEU C 396 42.32 27.62 -12.86
N GLU C 397 42.73 28.67 -13.55
CA GLU C 397 41.79 29.43 -14.37
C GLU C 397 41.17 28.57 -15.46
N GLN C 398 42.01 27.84 -16.21
CA GLN C 398 41.49 26.98 -17.26
C GLN C 398 40.71 25.82 -16.68
N VAL C 399 41.17 25.25 -15.56
CA VAL C 399 40.43 24.16 -14.93
C VAL C 399 39.05 24.63 -14.50
N ALA C 400 38.95 25.87 -14.00
CA ALA C 400 37.64 26.42 -13.68
C ALA C 400 36.80 26.62 -14.93
N ASN C 401 37.43 27.00 -16.04
CA ASN C 401 36.67 27.21 -17.27
C ASN C 401 36.10 25.90 -17.81
N GLU C 402 36.87 24.80 -17.74
CA GLU C 402 36.41 23.57 -18.37
C GLU C 402 35.26 22.92 -17.61
N THR C 403 35.30 22.95 -16.28
CA THR C 403 34.24 22.34 -15.47
C THR C 403 33.00 23.25 -15.54
N HIS C 404 31.92 22.72 -16.13
CA HIS C 404 30.75 23.54 -16.37
C HIS C 404 29.67 23.32 -15.33
N GLY C 405 29.18 22.10 -15.20
CA GLY C 405 28.12 21.82 -14.25
C GLY C 405 28.59 21.37 -12.89
N HIS C 406 29.90 21.37 -12.64
CA HIS C 406 30.42 20.87 -11.39
C HIS C 406 29.97 21.74 -10.23
N VAL C 407 29.65 21.09 -9.11
CA VAL C 407 28.83 21.72 -8.09
C VAL C 407 29.63 22.04 -6.83
N GLY C 408 30.86 21.55 -6.71
CA GLY C 408 31.69 21.79 -5.56
C GLY C 408 32.21 20.52 -4.91
N ALA C 409 31.38 19.49 -4.82
CA ALA C 409 31.89 18.17 -4.46
C ALA C 409 32.55 17.52 -5.66
N ASP C 410 32.05 17.80 -6.87
CA ASP C 410 32.67 17.25 -8.07
C ASP C 410 34.06 17.83 -8.28
N LEU C 411 34.27 19.09 -7.93
CA LEU C 411 35.60 19.67 -8.01
C LEU C 411 36.55 18.98 -7.05
N ALA C 412 36.06 18.64 -5.84
CA ALA C 412 36.88 17.88 -4.91
C ALA C 412 37.22 16.50 -5.47
N ALA C 413 36.24 15.85 -6.10
CA ALA C 413 36.52 14.56 -6.72
C ALA C 413 37.57 14.70 -7.83
N LEU C 414 37.48 15.78 -8.60
CA LEU C 414 38.45 16.03 -9.66
C LEU C 414 39.85 16.18 -9.10
N CYS C 415 40.00 16.97 -8.03
CA CYS C 415 41.31 17.13 -7.39
C CYS C 415 41.84 15.80 -6.87
N SER C 416 41.00 15.05 -6.15
CA SER C 416 41.45 13.78 -5.60
C SER C 416 41.86 12.82 -6.69
N GLU C 417 41.11 12.78 -7.79
CA GLU C 417 41.37 11.80 -8.83
C GLU C 417 42.60 12.19 -9.64
N ALA C 418 42.86 13.49 -9.83
CA ALA C 418 44.11 13.91 -10.43
C ALA C 418 45.30 13.53 -9.56
N ALA C 419 45.18 13.70 -8.25
CA ALA C 419 46.25 13.25 -7.36
C ALA C 419 46.47 11.75 -7.48
N LEU C 420 45.36 10.99 -7.59
CA LEU C 420 45.49 9.55 -7.80
C LEU C 420 46.23 9.24 -9.09
N GLN C 421 46.00 10.03 -10.14
CA GLN C 421 46.74 9.81 -11.39
C GLN C 421 48.23 10.08 -11.22
N ALA C 422 48.58 11.11 -10.46
CA ALA C 422 50.00 11.36 -10.19
C ALA C 422 50.62 10.19 -9.43
N ILE C 423 49.92 9.68 -8.43
CA ILE C 423 50.38 8.49 -7.72
C ILE C 423 50.52 7.33 -8.70
N ARG C 424 49.60 7.20 -9.64
CA ARG C 424 49.66 6.12 -10.62
C ARG C 424 50.91 6.20 -11.46
N LYS C 425 51.25 7.41 -11.92
CA LYS C 425 52.46 7.57 -12.73
C LYS C 425 53.71 7.22 -11.94
N LYS C 426 53.81 7.72 -10.70
CA LYS C 426 54.98 7.38 -9.89
C LYS C 426 55.04 5.88 -9.61
N MET C 427 53.88 5.25 -9.42
CA MET C 427 53.84 3.81 -9.20
C MET C 427 54.26 3.05 -10.45
N ASP C 428 53.89 3.56 -11.63
CA ASP C 428 54.31 2.93 -12.87
C ASP C 428 55.83 2.99 -13.02
N LEU C 429 56.43 4.12 -12.65
CA LEU C 429 57.89 4.20 -12.69
C LEU C 429 58.53 3.19 -11.75
N ILE C 430 57.97 3.02 -10.55
CA ILE C 430 58.49 2.04 -9.61
C ILE C 430 57.98 0.64 -10.00
N ASP C 431 58.66 -0.39 -9.49
CA ASP C 431 58.23 -1.76 -9.76
C ASP C 431 56.99 -2.11 -8.96
N LEU C 432 56.79 -1.47 -7.80
CA LEU C 432 55.69 -1.60 -6.86
C LEU C 432 55.78 -2.88 -6.02
N GLU C 433 56.72 -3.79 -6.30
CA GLU C 433 56.90 -4.94 -5.42
C GLU C 433 57.39 -4.50 -4.04
N ASP C 434 58.15 -3.41 -4.00
CA ASP C 434 58.66 -2.90 -2.73
C ASP C 434 57.52 -2.41 -1.84
N GLU C 435 57.61 -2.69 -0.55
CA GLU C 435 56.54 -2.29 0.37
C GLU C 435 56.59 -0.79 0.66
N THR C 436 57.78 -0.20 0.61
CA THR C 436 57.96 1.23 0.88
C THR C 436 58.64 1.89 -0.32
N ILE C 437 58.16 3.08 -0.69
CA ILE C 437 58.72 3.81 -1.81
C ILE C 437 59.96 4.57 -1.37
N ASP C 438 60.89 4.78 -2.31
CA ASP C 438 62.11 5.52 -2.03
C ASP C 438 61.79 6.96 -1.65
N ALA C 439 62.65 7.54 -0.81
CA ALA C 439 62.40 8.89 -0.32
C ALA C 439 62.52 9.93 -1.42
N GLU C 440 63.46 9.74 -2.36
CA GLU C 440 63.62 10.71 -3.43
C GLU C 440 62.38 10.79 -4.32
N VAL C 441 61.82 9.63 -4.69
CA VAL C 441 60.59 9.62 -5.47
C VAL C 441 59.44 10.18 -4.64
N MET C 442 59.45 9.91 -3.33
CA MET C 442 58.42 10.44 -2.45
C MET C 442 58.42 11.96 -2.42
N ASN C 443 59.61 12.57 -2.37
CA ASN C 443 59.68 14.03 -2.33
C ASN C 443 59.43 14.65 -3.70
N SER C 444 59.89 13.99 -4.76
CA SER C 444 59.79 14.57 -6.10
C SER C 444 58.34 14.63 -6.58
N LEU C 445 57.45 13.91 -5.91
CA LEU C 445 56.10 13.72 -6.43
C LEU C 445 55.25 14.97 -6.22
N ALA C 446 54.63 15.44 -7.30
CA ALA C 446 53.72 16.57 -7.26
C ALA C 446 52.75 16.47 -8.41
N VAL C 447 51.63 17.18 -8.29
CA VAL C 447 50.58 17.12 -9.31
C VAL C 447 50.93 18.07 -10.45
N THR C 448 50.84 17.56 -11.68
CA THR C 448 51.16 18.32 -12.88
C THR C 448 49.91 18.50 -13.72
N MET C 449 49.99 19.45 -14.65
CA MET C 449 48.79 19.85 -15.40
C MET C 449 48.29 18.73 -16.30
N ASP C 450 49.16 17.79 -16.65
CA ASP C 450 48.68 16.62 -17.40
C ASP C 450 47.69 15.83 -16.55
N ASP C 451 47.96 15.71 -15.25
CA ASP C 451 47.03 15.02 -14.35
C ASP C 451 45.68 15.72 -14.31
N PHE C 452 45.67 17.06 -14.23
CA PHE C 452 44.40 17.78 -14.23
C PHE C 452 43.69 17.65 -15.57
N ARG C 453 44.43 17.64 -16.67
CA ARG C 453 43.80 17.47 -17.97
C ARG C 453 43.13 16.10 -18.08
N TRP C 454 43.80 15.05 -17.61
CA TRP C 454 43.19 13.73 -17.69
C TRP C 454 42.05 13.59 -16.69
N ALA C 455 42.14 14.26 -15.55
CA ALA C 455 41.02 14.29 -14.61
C ALA C 455 39.81 14.98 -15.22
N LEU C 456 40.03 16.12 -15.89
CA LEU C 456 38.94 16.77 -16.61
C LEU C 456 38.34 15.85 -17.65
N SER C 457 39.18 15.04 -18.31
CA SER C 457 38.65 14.07 -19.26
C SER C 457 37.74 13.06 -18.55
N GLN C 458 38.15 12.59 -17.37
CA GLN C 458 37.34 11.60 -16.66
C GLN C 458 36.20 12.23 -15.87
N SER C 459 36.29 13.53 -15.58
CA SER C 459 35.31 14.17 -14.71
C SER C 459 33.92 14.21 -15.34
N ASN C 460 32.91 14.07 -14.49
CA ASN C 460 31.52 14.25 -14.88
C ASN C 460 30.69 14.68 -13.67
N PRO C 461 29.77 15.61 -13.84
CA PRO C 461 28.96 16.07 -12.71
C PRO C 461 28.14 14.95 -12.12
N SER C 462 27.93 15.01 -10.80
CA SER C 462 27.12 13.99 -10.14
C SER C 462 25.65 14.09 -10.53
N ALA C 463 25.19 15.31 -10.82
CA ALA C 463 23.78 15.49 -11.18
C ALA C 463 23.45 14.77 -12.48
N LEU C 464 24.36 14.82 -13.45
CA LEU C 464 24.15 14.22 -14.75
C LEU C 464 24.62 12.78 -14.83
N ARG C 465 25.02 12.19 -13.70
CA ARG C 465 25.56 10.82 -13.74
C ARG C 465 24.52 9.83 -14.23
N GLU C 466 23.25 10.08 -13.93
CA GLU C 466 22.21 9.13 -14.32
C GLU C 466 22.00 9.11 -15.82
N THR C 467 22.07 10.27 -16.48
CA THR C 467 21.91 10.36 -17.92
C THR C 467 23.27 10.57 -18.60
N VAL C 468 23.99 9.47 -18.77
CA VAL C 468 25.25 9.47 -19.50
C VAL C 468 25.23 8.36 -20.54
N VAL C 469 25.70 8.67 -21.73
CA VAL C 469 25.90 7.70 -22.79
C VAL C 469 27.35 7.83 -23.23
N GLU C 470 27.73 7.03 -24.21
CA GLU C 470 29.05 7.13 -24.82
C GLU C 470 28.91 7.45 -26.30
N VAL C 471 29.52 8.56 -26.70
CA VAL C 471 29.52 9.00 -28.09
C VAL C 471 30.87 8.60 -28.69
N PRO C 472 30.91 8.17 -29.93
CA PRO C 472 32.11 7.48 -30.46
C PRO C 472 33.11 8.41 -31.12
N GLN C 473 33.56 9.43 -30.38
CA GLN C 473 34.75 10.20 -30.76
C GLN C 473 34.66 10.79 -32.17
N VAL C 474 33.49 11.34 -32.50
CA VAL C 474 33.36 12.09 -33.74
C VAL C 474 33.80 13.53 -33.51
N THR C 475 34.62 14.06 -34.41
CA THR C 475 35.04 15.45 -34.35
C THR C 475 34.58 16.17 -35.61
N TRP C 476 34.74 17.49 -35.62
CA TRP C 476 34.24 18.28 -36.74
C TRP C 476 34.93 17.92 -38.04
N GLU C 477 36.08 17.25 -37.96
CA GLU C 477 36.79 16.83 -39.17
C GLU C 477 36.13 15.61 -39.79
N ASP C 478 35.46 14.79 -38.98
CA ASP C 478 34.81 13.59 -39.51
C ASP C 478 33.61 13.94 -40.38
N ILE C 479 33.04 15.12 -40.16
CA ILE C 479 31.86 15.54 -40.94
C ILE C 479 32.32 16.22 -42.23
N GLY C 480 31.74 15.79 -43.34
CA GLY C 480 32.07 16.40 -44.62
C GLY C 480 30.98 17.30 -45.15
N GLY C 481 31.36 18.47 -45.61
CA GLY C 481 30.37 19.45 -46.03
C GLY C 481 29.74 20.11 -44.82
N LEU C 482 28.60 20.76 -45.07
CA LEU C 482 27.84 21.43 -44.02
C LEU C 482 28.70 22.43 -43.25
N GLU C 483 29.54 23.17 -43.97
CA GLU C 483 30.46 24.08 -43.30
C GLU C 483 29.70 25.20 -42.59
N ASP C 484 28.69 25.77 -43.24
CA ASP C 484 27.90 26.81 -42.61
C ASP C 484 27.17 26.29 -41.38
N VAL C 485 26.63 25.06 -41.47
CA VAL C 485 25.93 24.49 -40.32
C VAL C 485 26.90 24.28 -39.16
N LYS C 486 28.12 23.83 -39.44
CA LYS C 486 29.12 23.70 -38.40
C LYS C 486 29.40 25.05 -37.75
N ARG C 487 29.54 26.10 -38.56
CA ARG C 487 29.84 27.41 -38.01
C ARG C 487 28.68 27.91 -37.14
N GLU C 488 27.44 27.73 -37.59
CA GLU C 488 26.31 28.16 -36.78
C GLU C 488 26.24 27.40 -35.48
N LEU C 489 26.49 26.09 -35.50
CA LEU C 489 26.43 25.31 -34.26
C LEU C 489 27.51 25.75 -33.28
N GLN C 490 28.73 25.94 -33.77
CA GLN C 490 29.80 26.38 -32.88
C GLN C 490 29.51 27.76 -32.30
N GLU C 491 29.04 28.69 -33.13
CA GLU C 491 28.70 30.01 -32.62
C GLU C 491 27.57 29.93 -31.61
N LEU C 492 26.54 29.13 -31.90
CA LEU C 492 25.38 29.04 -31.01
C LEU C 492 25.76 28.54 -29.64
N VAL C 493 26.66 27.56 -29.57
CA VAL C 493 27.02 27.04 -28.25
C VAL C 493 28.09 27.90 -27.59
N GLN C 494 28.88 28.64 -28.39
CA GLN C 494 30.07 29.28 -27.85
C GLN C 494 29.84 30.72 -27.43
N TYR C 495 29.09 31.50 -28.22
CA TYR C 495 28.97 32.93 -27.95
C TYR C 495 28.35 33.24 -26.59
N PRO C 496 27.18 32.72 -26.22
CA PRO C 496 26.62 33.13 -24.92
C PRO C 496 27.41 32.66 -23.71
N VAL C 497 28.27 31.66 -23.87
CA VAL C 497 29.00 31.16 -22.71
C VAL C 497 30.36 31.84 -22.60
N GLU C 498 31.04 32.06 -23.74
CA GLU C 498 32.37 32.65 -23.70
C GLU C 498 32.32 34.17 -23.70
N HIS C 499 31.32 34.75 -24.36
CA HIS C 499 31.22 36.19 -24.55
C HIS C 499 29.86 36.68 -24.10
N PRO C 500 29.60 36.72 -22.79
CA PRO C 500 28.30 37.23 -22.34
C PRO C 500 28.25 38.74 -22.26
N ASP C 501 29.40 39.38 -22.04
CA ASP C 501 29.41 40.84 -21.98
C ASP C 501 28.99 41.46 -23.32
N LYS C 502 29.26 40.76 -24.42
CA LYS C 502 28.82 41.25 -25.71
C LYS C 502 27.30 41.27 -25.80
N PHE C 503 26.65 40.26 -25.22
CA PHE C 503 25.19 40.22 -25.25
C PHE C 503 24.60 41.23 -24.28
N LEU C 504 25.26 41.47 -23.15
CA LEU C 504 24.79 42.49 -22.23
C LEU C 504 24.95 43.88 -22.82
N LYS C 505 26.03 44.11 -23.58
CA LYS C 505 26.26 45.42 -24.17
C LYS C 505 25.19 45.76 -25.20
N PHE C 506 24.88 44.82 -26.09
CA PHE C 506 23.82 45.02 -27.06
C PHE C 506 22.43 44.79 -26.47
N GLY C 507 22.34 44.21 -25.29
CA GLY C 507 21.08 44.07 -24.59
C GLY C 507 20.06 43.19 -25.30
N MET C 508 20.47 42.03 -25.80
CA MET C 508 19.56 41.09 -26.42
C MET C 508 19.83 39.69 -25.89
N THR C 509 18.78 38.90 -25.75
CA THR C 509 18.91 37.53 -25.26
C THR C 509 19.44 36.63 -26.37
N PRO C 510 20.34 35.69 -26.06
CA PRO C 510 20.87 34.79 -27.09
C PRO C 510 19.81 33.85 -27.62
N SER C 511 20.01 33.39 -28.85
CA SER C 511 19.19 32.36 -29.46
C SER C 511 19.62 30.98 -28.95
N LYS C 512 18.64 30.14 -28.63
CA LYS C 512 18.94 28.89 -27.95
C LYS C 512 18.27 27.65 -28.55
N GLY C 513 17.76 27.72 -29.78
CA GLY C 513 17.09 26.55 -30.33
C GLY C 513 17.50 26.24 -31.75
N VAL C 514 17.61 24.95 -32.09
CA VAL C 514 17.92 24.51 -33.44
C VAL C 514 17.08 23.27 -33.74
N LEU C 515 16.53 23.21 -34.94
CA LEU C 515 15.88 22.01 -35.45
C LEU C 515 16.59 21.55 -36.71
N PHE C 516 16.94 20.27 -36.76
CA PHE C 516 17.53 19.64 -37.92
C PHE C 516 16.45 18.80 -38.59
N TYR C 517 16.17 19.07 -39.86
CA TYR C 517 15.24 18.21 -40.58
C TYR C 517 15.79 17.94 -41.96
N GLY C 518 15.63 16.70 -42.43
CA GLY C 518 16.13 16.31 -43.72
C GLY C 518 16.01 14.82 -43.96
N PRO C 519 16.50 14.36 -45.11
CA PRO C 519 16.33 12.94 -45.45
C PRO C 519 17.15 12.07 -44.51
N PRO C 520 16.85 10.78 -44.43
CA PRO C 520 17.63 9.89 -43.57
C PRO C 520 19.08 9.79 -44.00
N GLY C 521 19.96 9.67 -43.01
CA GLY C 521 21.37 9.44 -43.28
C GLY C 521 22.10 10.56 -43.95
N CYS C 522 21.92 11.81 -43.48
CA CYS C 522 22.57 12.95 -44.10
C CYS C 522 23.43 13.75 -43.14
N GLY C 523 23.42 13.44 -41.85
CA GLY C 523 24.33 14.09 -40.94
C GLY C 523 23.72 14.86 -39.78
N LYS C 524 22.55 14.46 -39.28
CA LYS C 524 21.97 15.16 -38.14
C LYS C 524 22.50 14.60 -36.82
N THR C 525 22.35 13.30 -36.60
CA THR C 525 22.90 12.69 -35.39
C THR C 525 24.42 12.82 -35.37
N LEU C 526 25.04 12.90 -36.54
CA LEU C 526 26.48 13.13 -36.58
C LEU C 526 26.83 14.50 -36.01
N LEU C 527 26.08 15.53 -36.38
CA LEU C 527 26.32 16.86 -35.81
C LEU C 527 26.06 16.85 -34.31
N ALA C 528 25.05 16.10 -33.86
CA ALA C 528 24.84 15.98 -32.43
C ALA C 528 26.02 15.33 -31.74
N LYS C 529 26.60 14.28 -32.35
CA LYS C 529 27.78 13.64 -31.77
C LYS C 529 28.95 14.61 -31.69
N ALA C 530 29.15 15.41 -32.73
CA ALA C 530 30.24 16.37 -32.72
C ALA C 530 30.06 17.40 -31.60
N ILE C 531 28.83 17.90 -31.44
CA ILE C 531 28.55 18.84 -30.36
C ILE C 531 28.78 18.19 -29.00
N ALA C 532 28.40 16.92 -28.88
CA ALA C 532 28.63 16.20 -27.63
C ALA C 532 30.11 16.10 -27.32
N ASN C 533 30.93 15.92 -28.35
CA ASN C 533 32.37 15.82 -28.14
C ASN C 533 33.00 17.16 -27.78
N GLU C 534 32.49 18.25 -28.35
CA GLU C 534 32.99 19.55 -27.98
C GLU C 534 32.77 19.81 -26.49
N CYS C 535 33.79 20.33 -25.82
CA CYS C 535 33.77 20.51 -24.37
C CYS C 535 33.24 21.86 -23.95
N GLN C 536 32.47 22.54 -24.80
CA GLN C 536 32.02 23.89 -24.46
C GLN C 536 30.85 23.87 -23.49
N ALA C 537 30.06 22.81 -23.49
CA ALA C 537 28.89 22.73 -22.63
C ALA C 537 28.52 21.28 -22.36
N ASN C 538 27.79 21.05 -21.27
CA ASN C 538 27.31 19.71 -20.95
C ASN C 538 26.35 19.24 -22.02
N PHE C 539 26.18 17.93 -22.12
CA PHE C 539 25.32 17.35 -23.15
C PHE C 539 24.42 16.30 -22.55
N ILE C 540 23.11 16.45 -22.72
CA ILE C 540 22.12 15.48 -22.30
C ILE C 540 21.41 14.96 -23.54
N SER C 541 21.45 13.66 -23.74
CA SER C 541 20.91 13.02 -24.93
C SER C 541 19.61 12.31 -24.57
N ILE C 542 18.60 12.48 -25.41
CA ILE C 542 17.28 11.90 -25.19
C ILE C 542 16.84 11.16 -26.44
N LYS C 543 16.65 9.85 -26.32
CA LYS C 543 15.96 9.11 -27.36
C LYS C 543 14.48 9.46 -27.30
N GLY C 544 13.81 9.45 -28.45
CA GLY C 544 12.53 10.09 -28.58
C GLY C 544 11.50 9.70 -27.54
N PRO C 545 10.99 8.47 -27.61
CA PRO C 545 9.93 8.07 -26.70
C PRO C 545 10.41 7.65 -25.32
N GLU C 546 11.63 8.00 -24.94
CA GLU C 546 12.18 7.52 -23.68
C GLU C 546 11.44 8.09 -22.48
N LEU C 547 10.76 9.22 -22.67
CA LEU C 547 10.16 9.91 -21.53
C LEU C 547 8.82 9.31 -21.14
N LEU C 548 8.10 8.72 -22.11
CA LEU C 548 6.73 8.30 -21.88
C LEU C 548 6.67 7.12 -20.90
N THR C 549 5.66 7.16 -20.03
CA THR C 549 5.44 6.12 -19.03
C THR C 549 3.95 5.81 -18.98
N MET C 550 3.62 4.57 -18.61
CA MET C 550 2.23 4.12 -18.66
C MET C 550 1.38 4.75 -17.57
N TRP C 551 2.01 5.31 -16.55
CA TRP C 551 1.24 5.88 -15.44
C TRP C 551 0.67 7.25 -15.83
N PHE C 552 -0.22 7.76 -14.98
CA PHE C 552 -1.09 8.85 -15.41
C PHE C 552 -0.35 10.18 -15.50
N GLY C 553 0.49 10.49 -14.52
CA GLY C 553 1.16 11.77 -14.54
C GLY C 553 2.66 11.68 -14.64
N GLU C 554 3.19 10.48 -14.90
CA GLU C 554 4.63 10.28 -14.83
C GLU C 554 5.34 10.77 -16.09
N SER C 555 4.63 10.83 -17.22
CA SER C 555 5.26 11.31 -18.45
C SER C 555 5.66 12.77 -18.32
N GLU C 556 4.72 13.61 -17.86
CA GLU C 556 5.03 15.02 -17.67
C GLU C 556 6.03 15.20 -16.55
N ALA C 557 6.00 14.33 -15.55
CA ALA C 557 7.00 14.39 -14.50
C ALA C 557 8.40 14.14 -15.05
N ASN C 558 8.52 13.17 -15.95
CA ASN C 558 9.81 12.92 -16.60
C ASN C 558 10.26 14.12 -17.42
N VAL C 559 9.32 14.75 -18.14
CA VAL C 559 9.68 15.94 -18.91
C VAL C 559 10.22 17.04 -17.99
N ARG C 560 9.53 17.31 -16.89
CA ARG C 560 10.00 18.36 -15.99
C ARG C 560 11.35 17.99 -15.38
N GLU C 561 11.55 16.72 -15.02
CA GLU C 561 12.81 16.34 -14.41
C GLU C 561 13.97 16.50 -15.39
N ILE C 562 13.77 16.13 -16.66
CA ILE C 562 14.86 16.26 -17.61
C ILE C 562 15.16 17.74 -17.87
N PHE C 563 14.13 18.58 -17.91
CA PHE C 563 14.40 20.00 -18.13
C PHE C 563 15.05 20.64 -16.91
N ASP C 564 14.69 20.17 -15.71
CA ASP C 564 15.33 20.67 -14.49
C ASP C 564 16.79 20.25 -14.42
N LYS C 565 17.10 19.02 -14.83
CA LYS C 565 18.49 18.60 -14.93
C LYS C 565 19.25 19.47 -15.91
N ALA C 566 18.62 19.80 -17.05
CA ALA C 566 19.27 20.68 -18.01
C ALA C 566 19.52 22.06 -17.44
N ARG C 567 18.56 22.61 -16.69
CA ARG C 567 18.74 23.94 -16.11
C ARG C 567 19.83 23.94 -15.05
N GLN C 568 19.90 22.90 -14.22
CA GLN C 568 20.88 22.88 -13.14
C GLN C 568 22.30 22.79 -13.67
N ALA C 569 22.50 22.02 -14.74
CA ALA C 569 23.82 21.81 -15.31
C ALA C 569 24.15 22.80 -16.41
N ALA C 570 23.52 23.96 -16.44
CA ALA C 570 23.74 24.90 -17.52
C ALA C 570 25.17 25.43 -17.46
N PRO C 571 25.80 25.72 -18.62
CA PRO C 571 25.27 25.61 -19.97
C PRO C 571 25.16 24.17 -20.45
N CYS C 572 23.99 23.79 -20.94
CA CYS C 572 23.71 22.41 -21.27
C CYS C 572 23.05 22.33 -22.63
N VAL C 573 23.29 21.24 -23.33
CA VAL C 573 22.69 20.98 -24.64
C VAL C 573 21.74 19.81 -24.49
N LEU C 574 20.47 20.04 -24.73
CA LEU C 574 19.44 19.02 -24.68
C LEU C 574 19.13 18.59 -26.10
N PHE C 575 19.47 17.36 -26.44
CA PHE C 575 19.28 16.87 -27.80
C PHE C 575 18.16 15.85 -27.81
N PHE C 576 17.11 16.14 -28.58
CA PHE C 576 15.98 15.24 -28.75
C PHE C 576 16.12 14.55 -30.09
N ASP C 577 16.65 13.33 -30.07
CA ASP C 577 16.69 12.53 -31.27
C ASP C 577 15.29 12.01 -31.60
N GLN C 578 14.94 12.05 -32.88
CA GLN C 578 13.59 11.72 -33.33
C GLN C 578 12.56 12.52 -32.55
N LEU C 579 12.61 13.84 -32.73
CA LEU C 579 11.70 14.73 -32.00
C LEU C 579 10.25 14.47 -32.32
N ASP C 580 9.95 13.97 -33.52
CA ASP C 580 8.56 13.87 -33.95
C ASP C 580 7.78 12.81 -33.18
N SER C 581 8.46 12.04 -32.34
CA SER C 581 7.76 11.03 -31.56
C SER C 581 6.97 11.66 -30.42
N ILE C 582 7.56 12.63 -29.71
CA ILE C 582 6.88 13.22 -28.56
C ILE C 582 6.30 14.59 -28.85
N ALA C 583 6.51 15.14 -30.04
CA ALA C 583 5.90 16.39 -30.46
C ALA C 583 4.95 16.10 -31.62
N LYS C 584 3.70 16.50 -31.47
CA LYS C 584 2.67 16.17 -32.45
C LYS C 584 1.63 17.28 -32.45
N ALA C 585 0.78 17.27 -33.47
CA ALA C 585 -0.05 18.44 -33.74
C ALA C 585 -1.10 18.68 -32.66
N ARG C 586 -1.25 17.75 -31.72
CA ARG C 586 -2.25 17.73 -30.65
C ARG C 586 -3.67 17.54 -31.16
N GLY C 587 -3.88 17.41 -32.47
CA GLY C 587 -5.20 17.12 -32.97
C GLY C 587 -5.28 15.75 -33.61
N GLY C 588 -4.17 15.30 -34.20
CA GLY C 588 -4.19 14.05 -34.95
C GLY C 588 -4.49 12.84 -34.09
N ASN C 589 -3.82 12.73 -32.94
CA ASN C 589 -3.97 11.55 -32.11
C ASN C 589 -5.30 11.58 -31.36
N ILE C 590 -6.03 10.48 -31.42
CA ILE C 590 -7.29 10.31 -30.71
C ILE C 590 -7.24 9.00 -29.94
N GLY C 591 -7.55 9.06 -28.66
CA GLY C 591 -7.48 7.87 -27.83
C GLY C 591 -6.07 7.36 -27.63
N ASP C 592 -5.10 8.25 -27.48
CA ASP C 592 -3.71 7.88 -27.23
C ASP C 592 -3.45 8.02 -25.73
N GLY C 593 -3.74 6.97 -24.97
CA GLY C 593 -3.57 7.03 -23.53
C GLY C 593 -4.46 8.06 -22.87
N GLY C 594 -5.67 8.23 -23.38
CA GLY C 594 -6.56 9.27 -22.87
C GLY C 594 -6.02 10.67 -23.10
N GLY C 595 -5.40 10.91 -24.25
CA GLY C 595 -4.79 12.18 -24.53
C GLY C 595 -3.57 12.52 -23.71
N ALA C 596 -2.76 11.52 -23.34
CA ALA C 596 -1.56 11.80 -22.55
C ALA C 596 -0.46 12.42 -23.40
N ALA C 597 -0.41 12.09 -24.69
CA ALA C 597 0.60 12.67 -25.55
C ALA C 597 0.42 14.17 -25.70
N ASP C 598 -0.84 14.63 -25.74
CA ASP C 598 -1.10 16.05 -25.78
C ASP C 598 -0.61 16.74 -24.52
N ARG C 599 -0.78 16.11 -23.37
CA ARG C 599 -0.28 16.69 -22.13
C ARG C 599 1.23 16.72 -22.10
N VAL C 600 1.88 15.71 -22.70
CA VAL C 600 3.34 15.75 -22.81
C VAL C 600 3.78 16.93 -23.66
N ILE C 601 3.08 17.15 -24.78
CA ILE C 601 3.40 18.29 -25.64
C ILE C 601 3.22 19.59 -24.91
N ASN C 602 2.13 19.72 -24.15
CA ASN C 602 1.89 20.96 -23.41
C ASN C 602 2.94 21.18 -22.33
N GLN C 603 3.37 20.13 -21.66
CA GLN C 603 4.42 20.29 -20.67
C GLN C 603 5.72 20.74 -21.32
N ILE C 604 6.05 20.17 -22.48
CA ILE C 604 7.26 20.60 -23.18
C ILE C 604 7.14 22.07 -23.59
N LEU C 605 5.98 22.47 -24.11
CA LEU C 605 5.77 23.85 -24.50
C LEU C 605 5.97 24.80 -23.34
N THR C 606 5.40 24.44 -22.18
CA THR C 606 5.54 25.30 -21.00
C THR C 606 6.99 25.34 -20.53
N GLU C 607 7.72 24.24 -20.68
CA GLU C 607 9.06 24.16 -20.13
C GLU C 607 10.06 24.93 -20.98
N MET C 608 9.93 24.89 -22.31
CA MET C 608 10.89 25.62 -23.14
C MET C 608 10.74 27.13 -23.00
N ASP C 609 9.51 27.64 -23.02
CA ASP C 609 9.27 29.07 -22.89
C ASP C 609 7.99 29.29 -22.10
N GLY C 610 8.14 29.65 -20.83
CA GLY C 610 7.02 29.84 -19.94
C GLY C 610 7.30 31.02 -19.04
N MET C 611 6.80 30.93 -17.81
CA MET C 611 7.01 32.00 -16.83
C MET C 611 8.15 31.62 -15.89
N SER C 612 9.37 31.70 -16.42
CA SER C 612 10.57 31.53 -15.61
C SER C 612 11.75 32.15 -16.36
N THR C 613 12.75 32.56 -15.59
CA THR C 613 13.93 33.18 -16.19
C THR C 613 14.67 32.18 -17.06
N LYS C 614 15.24 32.69 -18.14
CA LYS C 614 15.94 31.84 -19.08
C LYS C 614 17.32 31.47 -18.55
N LYS C 615 17.72 30.23 -18.79
CA LYS C 615 19.07 29.77 -18.51
C LYS C 615 19.77 29.51 -19.83
N ASN C 616 21.02 29.06 -19.73
CA ASN C 616 21.79 28.71 -20.92
C ASN C 616 21.56 27.25 -21.28
N VAL C 617 20.30 26.93 -21.59
CA VAL C 617 19.91 25.59 -22.01
C VAL C 617 19.54 25.65 -23.48
N PHE C 618 20.31 24.96 -24.31
CA PHE C 618 20.08 24.94 -25.75
C PHE C 618 19.41 23.62 -26.11
N ILE C 619 18.24 23.70 -26.72
CA ILE C 619 17.48 22.53 -27.16
C ILE C 619 17.76 22.33 -28.63
N ILE C 620 18.20 21.13 -29.00
CA ILE C 620 18.48 20.76 -30.37
C ILE C 620 17.62 19.55 -30.72
N GLY C 621 16.94 19.59 -31.85
CA GLY C 621 16.07 18.51 -32.23
C GLY C 621 16.32 18.03 -33.65
N ALA C 622 16.19 16.73 -33.88
CA ALA C 622 16.37 16.13 -35.19
C ALA C 622 15.14 15.31 -35.53
N THR C 623 14.60 15.51 -36.72
CA THR C 623 13.39 14.80 -37.15
C THR C 623 13.43 14.54 -38.64
N ASN C 624 13.00 13.34 -39.04
CA ASN C 624 12.86 13.03 -40.46
C ASN C 624 11.66 13.73 -41.05
N ARG C 625 10.55 13.75 -40.32
CA ARG C 625 9.29 14.28 -40.82
C ARG C 625 8.89 15.50 -40.01
N PRO C 626 9.24 16.70 -40.44
CA PRO C 626 8.90 17.91 -39.66
C PRO C 626 7.53 18.50 -39.97
N ASP C 627 6.76 17.87 -40.85
CA ASP C 627 5.44 18.42 -41.18
C ASP C 627 4.45 18.19 -40.05
N ILE C 628 4.66 17.16 -39.24
CA ILE C 628 3.75 16.86 -38.13
C ILE C 628 4.11 17.54 -36.83
N ILE C 629 5.27 18.20 -36.74
CA ILE C 629 5.67 18.79 -35.47
C ILE C 629 4.69 19.89 -35.10
N ASP C 630 4.36 19.97 -33.81
CA ASP C 630 3.38 20.93 -33.34
C ASP C 630 3.86 22.35 -33.64
N PRO C 631 3.04 23.17 -34.29
CA PRO C 631 3.52 24.50 -34.68
C PRO C 631 3.95 25.37 -33.52
N ALA C 632 3.42 25.15 -32.32
CA ALA C 632 3.86 25.93 -31.17
C ALA C 632 5.30 25.61 -30.81
N ILE C 633 5.75 24.39 -31.09
CA ILE C 633 7.16 24.04 -30.86
C ILE C 633 8.05 24.84 -31.79
N LEU C 634 7.64 25.00 -33.04
CA LEU C 634 8.50 25.59 -34.06
C LEU C 634 8.55 27.11 -33.98
N ARG C 635 8.04 27.69 -32.90
CA ARG C 635 8.01 29.13 -32.73
C ARG C 635 9.40 29.67 -32.42
N PRO C 636 9.71 30.89 -32.86
CA PRO C 636 11.00 31.49 -32.51
C PRO C 636 11.24 31.65 -31.02
N GLY C 637 10.22 31.48 -30.19
CA GLY C 637 10.48 31.39 -28.76
C GLY C 637 11.20 30.12 -28.38
N ARG C 638 10.80 29.00 -28.98
CA ARG C 638 11.23 27.69 -28.47
C ARG C 638 12.34 27.08 -29.31
N LEU C 639 12.08 26.82 -30.60
CA LEU C 639 13.06 26.26 -31.52
C LEU C 639 13.36 27.34 -32.55
N ASP C 640 14.43 28.10 -32.31
CA ASP C 640 14.67 29.32 -33.07
C ASP C 640 14.83 29.03 -34.55
N GLN C 641 15.86 28.26 -34.92
CA GLN C 641 16.33 28.14 -36.29
C GLN C 641 15.93 26.79 -36.84
N LEU C 642 15.34 26.78 -38.02
CA LEU C 642 15.02 25.55 -38.73
C LEU C 642 16.07 25.34 -39.81
N ILE C 643 17.03 24.47 -39.52
CA ILE C 643 18.15 24.19 -40.42
C ILE C 643 17.81 22.94 -41.22
N TYR C 644 17.98 23.02 -42.52
CA TYR C 644 17.67 21.92 -43.43
C TYR C 644 18.96 21.24 -43.86
N ILE C 645 19.10 19.96 -43.51
CA ILE C 645 20.27 19.16 -43.85
C ILE C 645 19.95 18.39 -45.12
N PRO C 646 20.44 18.81 -46.28
CA PRO C 646 19.98 18.21 -47.54
C PRO C 646 20.84 17.04 -47.96
N LEU C 647 20.46 16.44 -49.08
CA LEU C 647 21.29 15.43 -49.71
C LEU C 647 22.53 16.09 -50.29
N PRO C 648 23.72 15.60 -49.98
CA PRO C 648 24.95 16.33 -50.31
C PRO C 648 25.13 16.51 -51.80
N ASP C 649 25.74 17.63 -52.19
CA ASP C 649 26.11 17.85 -53.58
C ASP C 649 27.55 17.38 -53.82
N GLU C 650 28.04 17.61 -55.04
CA GLU C 650 29.23 16.91 -55.51
C GLU C 650 30.46 17.25 -54.68
N LYS C 651 30.66 18.52 -54.35
CA LYS C 651 31.80 18.87 -53.50
C LYS C 651 31.61 18.31 -52.10
N SER C 652 30.37 18.29 -51.62
CA SER C 652 30.11 17.67 -50.32
C SER C 652 30.36 16.17 -50.38
N ARG C 653 30.07 15.54 -51.52
CA ARG C 653 30.34 14.11 -51.64
C ARG C 653 31.84 13.83 -51.67
N VAL C 654 32.61 14.71 -52.34
CA VAL C 654 34.06 14.59 -52.27
C VAL C 654 34.53 14.70 -50.83
N ALA C 655 33.99 15.68 -50.09
CA ALA C 655 34.39 15.86 -48.70
C ALA C 655 34.03 14.65 -47.86
N ILE C 656 32.85 14.07 -48.08
CA ILE C 656 32.42 12.90 -47.32
C ILE C 656 33.35 11.73 -47.59
N LEU C 657 33.67 11.48 -48.86
CA LEU C 657 34.54 10.37 -49.20
C LEU C 657 35.94 10.57 -48.62
N LYS C 658 36.45 11.79 -48.66
CA LYS C 658 37.75 12.06 -48.06
C LYS C 658 37.71 11.88 -46.54
N ALA C 659 36.63 12.31 -45.90
CA ALA C 659 36.52 12.22 -44.45
C ALA C 659 36.42 10.78 -43.98
N ASN C 660 35.70 9.94 -44.72
CA ASN C 660 35.57 8.55 -44.32
C ASN C 660 36.87 7.78 -44.50
N LEU C 661 37.62 8.07 -45.56
CA LEU C 661 38.77 7.27 -45.94
C LEU C 661 40.10 7.83 -45.43
N ARG C 662 40.09 8.88 -44.62
CA ARG C 662 41.36 9.53 -44.27
C ARG C 662 42.16 8.68 -43.29
N LYS C 663 41.49 7.83 -42.51
CA LYS C 663 42.21 6.96 -41.58
C LYS C 663 42.68 5.68 -42.28
N SER C 664 41.95 5.22 -43.29
CA SER C 664 42.24 3.93 -43.89
C SER C 664 43.38 4.03 -44.90
N PRO C 665 44.24 3.02 -44.96
CA PRO C 665 45.19 2.95 -46.08
C PRO C 665 44.46 2.75 -47.39
N VAL C 666 44.78 3.59 -48.37
CA VAL C 666 44.09 3.57 -49.66
C VAL C 666 45.11 3.77 -50.77
N ALA C 667 44.83 3.18 -51.92
CA ALA C 667 45.71 3.32 -53.08
C ALA C 667 45.68 4.77 -53.59
N LYS C 668 46.74 5.13 -54.31
CA LYS C 668 46.85 6.51 -54.81
C LYS C 668 46.05 6.70 -56.09
N ASP C 669 45.85 5.62 -56.86
CA ASP C 669 45.26 5.76 -58.18
C ASP C 669 43.75 5.97 -58.11
N VAL C 670 43.14 5.63 -56.97
CA VAL C 670 41.69 5.76 -56.87
C VAL C 670 41.29 7.23 -56.86
N ASP C 671 40.31 7.57 -57.70
CA ASP C 671 39.89 8.95 -57.92
C ASP C 671 38.54 9.17 -57.26
N LEU C 672 38.54 9.83 -56.11
CA LEU C 672 37.30 10.04 -55.37
C LEU C 672 36.39 11.01 -56.09
N GLU C 673 36.96 11.90 -56.91
CA GLU C 673 36.15 12.82 -57.69
C GLU C 673 35.23 12.07 -58.64
N PHE C 674 35.69 10.93 -59.15
CA PHE C 674 34.82 10.15 -60.03
C PHE C 674 33.67 9.52 -59.27
N LEU C 675 33.92 9.00 -58.07
CA LEU C 675 32.81 8.49 -57.27
C LEU C 675 31.81 9.60 -56.98
N ALA C 676 32.31 10.79 -56.63
CA ALA C 676 31.41 11.90 -56.35
C ALA C 676 30.59 12.26 -57.58
N LYS C 677 31.21 12.25 -58.76
CA LYS C 677 30.47 12.56 -59.98
C LYS C 677 29.42 11.51 -60.27
N MET C 678 29.75 10.23 -60.11
CA MET C 678 28.87 9.17 -60.53
C MET C 678 27.72 8.97 -59.54
N THR C 679 27.97 9.23 -58.26
CA THR C 679 26.96 9.10 -57.22
C THR C 679 26.16 10.40 -57.11
N ASN C 680 25.02 10.43 -57.81
CA ASN C 680 24.27 11.68 -57.89
C ASN C 680 23.42 11.92 -56.64
N GLY C 681 22.46 11.04 -56.37
CA GLY C 681 21.57 11.21 -55.24
C GLY C 681 21.95 10.45 -54.00
N PHE C 682 23.15 9.89 -53.98
CA PHE C 682 23.61 9.14 -52.82
C PHE C 682 23.69 10.01 -51.58
N SER C 683 23.28 9.45 -50.45
CA SER C 683 23.36 10.13 -49.17
C SER C 683 24.75 9.93 -48.56
N GLY C 684 24.92 10.45 -47.34
CA GLY C 684 26.17 10.20 -46.63
C GLY C 684 26.31 8.75 -46.21
N ALA C 685 25.21 8.15 -45.73
CA ALA C 685 25.26 6.76 -45.31
C ALA C 685 25.56 5.85 -46.48
N ASP C 686 25.07 6.19 -47.68
CA ASP C 686 25.36 5.38 -48.85
C ASP C 686 26.84 5.39 -49.19
N LEU C 687 27.48 6.55 -49.13
CA LEU C 687 28.91 6.62 -49.41
C LEU C 687 29.72 5.88 -48.34
N THR C 688 29.31 6.01 -47.08
CA THR C 688 29.97 5.22 -46.04
C THR C 688 29.80 3.73 -46.29
N GLU C 689 28.64 3.32 -46.80
CA GLU C 689 28.43 1.91 -47.12
C GLU C 689 29.32 1.46 -48.26
N ILE C 690 29.51 2.30 -49.27
CA ILE C 690 30.44 1.94 -50.35
C ILE C 690 31.83 1.74 -49.80
N CYS C 691 32.29 2.65 -48.95
CA CYS C 691 33.63 2.51 -48.38
C CYS C 691 33.74 1.24 -47.51
N GLN C 692 32.71 0.96 -46.70
CA GLN C 692 32.75 -0.22 -45.85
C GLN C 692 32.72 -1.50 -46.68
N ARG C 693 31.98 -1.50 -47.78
CA ARG C 693 31.96 -2.67 -48.66
C ARG C 693 33.32 -2.89 -49.30
N ALA C 694 33.98 -1.82 -49.73
CA ALA C 694 35.34 -1.98 -50.25
C ALA C 694 36.27 -2.54 -49.18
N CYS C 695 36.14 -2.05 -47.94
CA CYS C 695 36.94 -2.60 -46.85
C CYS C 695 36.68 -4.08 -46.65
N LYS C 696 35.42 -4.50 -46.69
CA LYS C 696 35.11 -5.91 -46.46
C LYS C 696 35.63 -6.78 -47.58
N LEU C 697 35.57 -6.30 -48.83
CA LEU C 697 36.14 -7.06 -49.92
C LEU C 697 37.65 -7.21 -49.75
N ALA C 698 38.32 -6.14 -49.30
CA ALA C 698 39.76 -6.25 -49.04
C ALA C 698 40.04 -7.26 -47.93
N ILE C 699 39.22 -7.27 -46.88
CA ILE C 699 39.41 -8.24 -45.80
C ILE C 699 39.24 -9.66 -46.32
N ARG C 700 38.22 -9.89 -47.14
CA ARG C 700 38.01 -11.20 -47.74
C ARG C 700 39.23 -11.63 -48.54
N GLU C 701 39.77 -10.72 -49.35
CA GLU C 701 40.93 -11.07 -50.18
C GLU C 701 42.14 -11.39 -49.31
N SER C 702 42.35 -10.63 -48.23
CA SER C 702 43.47 -10.89 -47.33
C SER C 702 43.33 -12.26 -46.69
N ILE C 703 42.12 -12.61 -46.24
CA ILE C 703 41.93 -13.90 -45.58
C ILE C 703 42.13 -15.04 -46.58
N GLU C 704 41.67 -14.85 -47.82
CA GLU C 704 41.92 -15.86 -48.85
C GLU C 704 43.42 -16.05 -49.10
N SER C 705 44.17 -14.95 -49.19
CA SER C 705 45.60 -15.07 -49.40
C SER C 705 46.29 -15.75 -48.22
N GLU C 706 45.87 -15.41 -46.99
CA GLU C 706 46.46 -16.05 -45.82
C GLU C 706 46.18 -17.54 -45.81
N ILE C 707 44.95 -17.94 -46.16
CA ILE C 707 44.61 -19.36 -46.20
C ILE C 707 45.44 -20.07 -47.26
N ARG C 708 45.61 -19.46 -48.44
CA ARG C 708 46.40 -20.11 -49.49
C ARG C 708 47.86 -20.24 -49.08
N ARG C 709 48.41 -19.21 -48.43
CA ARG C 709 49.78 -19.33 -47.91
C ARG C 709 49.88 -20.46 -46.90
N GLU C 710 48.90 -20.56 -45.99
CA GLU C 710 48.91 -21.64 -45.01
C GLU C 710 48.85 -23.00 -45.69
N ARG C 711 48.07 -23.11 -46.76
CA ARG C 711 48.01 -24.36 -47.52
C ARG C 711 49.36 -24.71 -48.11
N GLU C 712 50.00 -23.75 -48.78
CA GLU C 712 51.25 -24.05 -49.48
C GLU C 712 52.39 -24.31 -48.50
N ARG C 713 52.31 -23.75 -47.30
CA ARG C 713 53.32 -24.03 -46.29
C ARG C 713 53.25 -25.50 -45.85
N GLN C 714 52.06 -26.01 -45.62
CA GLN C 714 51.88 -27.38 -45.13
C GLN C 714 52.31 -28.40 -46.17
N PRO C 727 50.05 -8.96 -48.83
CA PRO C 727 49.02 -9.40 -49.75
C PRO C 727 48.15 -8.24 -50.22
N VAL C 728 47.49 -7.58 -49.27
CA VAL C 728 46.74 -6.36 -49.56
C VAL C 728 47.15 -5.28 -48.55
N PRO C 729 48.25 -4.57 -48.79
CA PRO C 729 48.63 -3.48 -47.89
C PRO C 729 47.60 -2.37 -47.83
N GLU C 730 46.89 -2.13 -48.94
CA GLU C 730 45.97 -1.02 -49.05
C GLU C 730 44.79 -1.40 -49.93
N ILE C 731 43.68 -0.68 -49.75
CA ILE C 731 42.50 -0.90 -50.58
C ILE C 731 42.79 -0.45 -52.00
N ARG C 732 42.42 -1.30 -52.96
CA ARG C 732 42.76 -1.08 -54.36
C ARG C 732 41.57 -0.53 -55.12
N ARG C 733 41.81 -0.25 -56.40
CA ARG C 733 40.77 0.32 -57.27
C ARG C 733 39.66 -0.67 -57.54
N ASP C 734 40.01 -1.94 -57.79
CA ASP C 734 39.00 -2.92 -58.16
C ASP C 734 38.07 -3.23 -56.99
N HIS C 735 38.56 -3.12 -55.75
CA HIS C 735 37.67 -3.25 -54.60
C HIS C 735 36.58 -2.21 -54.64
N PHE C 736 36.94 -0.96 -54.91
CA PHE C 736 35.94 0.09 -55.03
C PHE C 736 35.02 -0.16 -56.22
N GLU C 737 35.55 -0.74 -57.29
CA GLU C 737 34.68 -1.05 -58.43
C GLU C 737 33.60 -2.06 -58.06
N GLU C 738 33.99 -3.13 -57.36
CA GLU C 738 33.00 -4.13 -56.95
C GLU C 738 32.01 -3.56 -55.95
N ALA C 739 32.51 -2.82 -54.96
CA ALA C 739 31.62 -2.21 -53.97
C ALA C 739 30.63 -1.25 -54.64
N MET C 740 31.13 -0.43 -55.57
CA MET C 740 30.28 0.50 -56.29
C MET C 740 29.26 -0.25 -57.14
N ARG C 741 29.64 -1.43 -57.62
CA ARG C 741 28.68 -2.28 -58.33
C ARG C 741 27.54 -2.68 -57.40
N PHE C 742 27.84 -3.00 -56.14
CA PHE C 742 26.78 -3.42 -55.23
C PHE C 742 25.92 -2.25 -54.76
N ALA C 743 26.36 -1.02 -55.01
CA ALA C 743 25.77 0.15 -54.36
C ALA C 743 24.34 0.40 -54.81
N ARG C 744 23.57 1.08 -53.95
CA ARG C 744 22.21 1.50 -54.24
C ARG C 744 21.98 2.87 -53.63
N ARG C 745 20.89 3.50 -54.03
CA ARG C 745 20.49 4.82 -53.53
C ARG C 745 19.37 4.64 -52.51
N SER C 746 19.65 4.96 -51.24
CA SER C 746 18.70 4.65 -50.19
C SER C 746 17.53 5.63 -50.16
N VAL C 747 17.77 6.89 -50.47
CA VAL C 747 16.73 7.91 -50.39
C VAL C 747 16.11 8.11 -51.76
N SER C 748 14.85 7.75 -51.90
CA SER C 748 14.17 7.87 -53.18
C SER C 748 13.85 9.33 -53.50
N ASP C 749 13.49 9.59 -54.75
CA ASP C 749 13.31 10.97 -55.21
C ASP C 749 12.01 11.57 -54.69
N ASN C 750 11.00 10.74 -54.42
CA ASN C 750 9.76 11.25 -53.83
C ASN C 750 10.03 11.88 -52.47
N ASP C 751 10.87 11.24 -51.67
CA ASP C 751 11.22 11.80 -50.37
C ASP C 751 11.90 13.15 -50.53
N ILE C 752 12.80 13.27 -51.50
CA ILE C 752 13.46 14.54 -51.76
C ILE C 752 12.42 15.59 -52.12
N ARG C 753 11.45 15.23 -52.96
CA ARG C 753 10.41 16.19 -53.33
C ARG C 753 9.63 16.63 -52.11
N LYS C 754 9.35 15.71 -51.19
CA LYS C 754 8.62 16.09 -49.97
C LYS C 754 9.41 17.09 -49.14
N TYR C 755 10.69 16.82 -48.90
CA TYR C 755 11.48 17.71 -48.07
C TYR C 755 11.65 19.08 -48.73
N GLU C 756 11.87 19.10 -50.04
CA GLU C 756 11.94 20.38 -50.73
C GLU C 756 10.60 21.10 -50.68
N MET C 757 9.49 20.36 -50.61
CA MET C 757 8.20 21.00 -50.47
C MET C 757 8.08 21.71 -49.13
N PHE C 758 8.51 21.06 -48.04
CA PHE C 758 8.47 21.74 -46.74
C PHE C 758 9.39 22.95 -46.72
N ALA C 759 10.61 22.80 -47.24
CA ALA C 759 11.52 23.93 -47.29
C ALA C 759 10.97 25.06 -48.15
N GLN C 760 10.23 24.71 -49.21
CA GLN C 760 9.62 25.71 -50.08
C GLN C 760 8.50 26.45 -49.36
N THR C 761 7.73 25.73 -48.55
CA THR C 761 6.73 26.41 -47.73
C THR C 761 7.39 27.41 -46.80
N LEU C 762 8.51 27.01 -46.18
CA LEU C 762 9.23 27.95 -45.32
C LEU C 762 9.74 29.16 -46.11
N GLN C 763 10.31 28.93 -47.29
CA GLN C 763 10.85 30.03 -48.08
C GLN C 763 9.74 30.98 -48.53
N GLN C 764 8.60 30.44 -48.93
CA GLN C 764 7.47 31.29 -49.30
C GLN C 764 6.95 32.07 -48.10
N SER C 765 6.94 31.43 -46.92
CA SER C 765 6.58 32.15 -45.71
C SER C 765 7.56 33.28 -45.42
N ARG C 766 8.83 33.10 -45.78
CA ARG C 766 9.83 34.14 -45.56
C ARG C 766 9.47 35.43 -46.29
N GLY C 767 8.71 35.32 -47.38
CA GLY C 767 8.34 36.48 -48.16
C GLY C 767 9.37 36.80 -49.23
N PHE C 768 9.29 38.03 -49.72
CA PHE C 768 10.23 38.47 -50.74
C PHE C 768 11.64 38.54 -50.16
N GLY C 769 12.59 37.97 -50.90
CA GLY C 769 13.98 38.06 -50.52
C GLY C 769 14.60 39.37 -50.98
N SER C 770 15.92 39.48 -50.78
CA SER C 770 16.68 40.66 -51.14
C SER C 770 16.10 41.91 -50.50
N PHE C 771 15.70 41.79 -49.23
CA PHE C 771 15.15 42.92 -48.51
C PHE C 771 16.22 44.00 -48.35
N ARG C 772 15.94 45.18 -48.87
CA ARG C 772 16.87 46.30 -48.81
C ARG C 772 16.17 47.54 -48.28
N PHE C 773 16.79 48.20 -47.31
CA PHE C 773 16.26 49.44 -46.80
C PHE C 773 16.31 50.51 -47.90
N PRO C 774 15.28 51.36 -47.99
CA PRO C 774 15.27 52.38 -49.04
C PRO C 774 16.40 53.37 -48.85
N SER C 775 16.89 53.89 -49.97
CA SER C 775 17.99 54.87 -50.00
C SER C 775 19.22 54.35 -49.26
N LEU D 12 -23.00 44.97 21.63
CA LEU D 12 -23.38 43.56 21.66
C LEU D 12 -22.14 42.66 21.70
N SER D 13 -21.71 42.17 20.54
CA SER D 13 -20.55 41.31 20.49
C SER D 13 -19.29 42.06 20.91
N THR D 14 -19.10 43.28 20.41
CA THR D 14 -17.91 44.05 20.76
C THR D 14 -18.13 44.85 22.04
N ALA D 15 -19.28 44.67 22.69
CA ALA D 15 -19.59 45.43 23.89
C ALA D 15 -18.60 45.12 25.01
N ILE D 16 -18.13 43.87 25.10
CA ILE D 16 -17.22 43.49 26.16
C ILE D 16 -15.88 44.20 26.01
N LEU D 17 -15.49 44.52 24.77
CA LEU D 17 -14.19 45.13 24.55
C LEU D 17 -14.19 46.62 24.90
N LYS D 18 -15.34 47.28 24.75
CA LYS D 18 -15.39 48.72 24.98
C LYS D 18 -15.27 49.03 26.47
N GLN D 19 -14.53 50.11 26.79
CA GLN D 19 -14.31 50.47 28.18
C GLN D 19 -15.43 51.36 28.71
N LYS D 20 -16.28 51.87 27.82
CA LYS D 20 -17.48 52.64 28.15
C LYS D 20 -17.18 53.96 28.86
N ASN D 21 -15.93 54.44 28.81
CA ASN D 21 -15.56 55.76 29.33
C ASN D 21 -15.99 55.94 30.78
N ARG D 22 -15.65 54.97 31.62
CA ARG D 22 -15.99 55.06 33.03
C ARG D 22 -15.18 56.18 33.69
N PRO D 23 -15.77 56.91 34.64
CA PRO D 23 -15.06 58.06 35.22
C PRO D 23 -13.77 57.70 35.93
N ASN D 24 -13.70 56.52 36.54
CA ASN D 24 -12.54 56.17 37.36
C ASN D 24 -11.27 56.03 36.53
N ARG D 25 -11.37 55.43 35.35
CA ARG D 25 -10.21 55.26 34.49
C ARG D 25 -9.64 56.61 34.10
N LEU D 26 -8.32 56.75 34.23
CA LEU D 26 -7.65 58.03 34.00
C LEU D 26 -6.41 57.84 33.13
N ILE D 27 -6.13 58.86 32.32
CA ILE D 27 -4.99 58.78 31.40
C ILE D 27 -3.69 58.91 32.17
N VAL D 28 -2.80 57.93 31.99
CA VAL D 28 -1.49 57.99 32.63
C VAL D 28 -0.66 59.08 31.99
N ASP D 29 -0.06 59.93 32.81
CA ASP D 29 0.70 61.09 32.36
C ASP D 29 2.02 61.14 33.10
N GLU D 30 3.01 61.77 32.48
CA GLU D 30 4.31 61.93 33.12
C GLU D 30 4.21 62.86 34.33
N ALA D 31 4.81 62.45 35.43
CA ALA D 31 4.85 63.24 36.66
C ALA D 31 6.17 63.97 36.72
N ILE D 32 6.11 65.30 36.81
CA ILE D 32 7.33 66.10 36.78
C ILE D 32 8.17 65.86 38.03
N ASN D 33 7.54 65.87 39.20
CA ASN D 33 8.27 65.88 40.46
C ASN D 33 7.83 64.81 41.45
N GLU D 34 6.83 63.99 41.12
CA GLU D 34 6.42 62.92 42.01
C GLU D 34 7.52 61.86 42.11
N ASP D 35 7.60 61.23 43.28
CA ASP D 35 8.59 60.19 43.51
C ASP D 35 8.03 58.82 43.11
N ASN D 36 8.76 57.76 43.49
CA ASN D 36 8.37 56.42 43.08
C ASN D 36 7.06 55.99 43.74
N SER D 37 6.80 56.45 44.97
CA SER D 37 5.69 55.93 45.74
C SER D 37 4.52 56.90 45.87
N VAL D 38 4.50 57.99 45.12
CA VAL D 38 3.40 58.94 45.19
C VAL D 38 2.88 59.23 43.80
N VAL D 39 1.61 59.65 43.74
CA VAL D 39 0.97 60.06 42.50
C VAL D 39 0.22 61.36 42.76
N SER D 40 0.03 62.14 41.71
CA SER D 40 -0.62 63.44 41.81
C SER D 40 -1.82 63.50 40.87
N LEU D 41 -2.92 64.04 41.37
CA LEU D 41 -4.15 64.17 40.60
C LEU D 41 -4.70 65.58 40.71
N SER D 42 -5.53 65.94 39.75
CA SER D 42 -6.16 67.26 39.74
C SER D 42 -7.15 67.40 40.90
N GLN D 43 -7.34 68.63 41.34
CA GLN D 43 -8.33 68.89 42.38
C GLN D 43 -9.75 68.51 41.97
N PRO D 44 -10.26 68.88 40.78
CA PRO D 44 -11.64 68.48 40.45
C PRO D 44 -11.87 66.98 40.48
N LYS D 45 -10.90 66.19 40.04
CA LYS D 45 -11.07 64.75 40.01
C LYS D 45 -11.18 64.17 41.41
N MET D 46 -10.32 64.64 42.33
CA MET D 46 -10.41 64.22 43.72
C MET D 46 -11.74 64.64 44.32
N ASP D 47 -12.20 65.86 44.01
CA ASP D 47 -13.51 66.30 44.47
C ASP D 47 -14.61 65.37 43.95
N GLU D 48 -14.47 64.90 42.71
CA GLU D 48 -15.36 63.86 42.21
C GLU D 48 -15.12 62.53 42.92
N LEU D 49 -13.86 62.20 43.19
CA LEU D 49 -13.52 60.93 43.81
C LEU D 49 -13.56 60.96 45.33
N GLN D 50 -13.72 62.13 45.93
CA GLN D 50 -13.70 62.28 47.40
C GLN D 50 -12.43 61.70 48.00
N LEU D 51 -11.29 61.96 47.33
CA LEU D 51 -9.99 61.49 47.78
C LEU D 51 -9.24 62.66 48.40
N PHE D 52 -8.83 62.50 49.65
CA PHE D 52 -8.12 63.55 50.36
C PHE D 52 -6.61 63.43 50.12
N ARG D 53 -5.90 64.50 50.44
CA ARG D 53 -4.47 64.57 50.20
C ARG D 53 -3.73 63.63 51.15
N GLY D 54 -2.77 62.90 50.60
CA GLY D 54 -1.99 61.96 51.37
C GLY D 54 -2.63 60.60 51.58
N ASP D 55 -3.80 60.36 51.01
CA ASP D 55 -4.48 59.08 51.19
C ASP D 55 -3.82 57.98 50.37
N THR D 56 -3.88 56.76 50.88
CA THR D 56 -3.40 55.60 50.14
C THR D 56 -4.48 55.07 49.21
N VAL D 57 -4.08 54.76 47.97
CA VAL D 57 -5.00 54.27 46.96
C VAL D 57 -4.41 53.02 46.31
N LEU D 58 -5.28 52.26 45.65
CA LEU D 58 -4.88 51.07 44.89
C LEU D 58 -5.06 51.34 43.41
N LEU D 59 -4.01 51.10 42.63
CA LEU D 59 -3.99 51.42 41.21
C LEU D 59 -4.08 50.15 40.39
N LYS D 60 -5.08 50.10 39.50
CA LYS D 60 -5.21 48.97 38.60
C LYS D 60 -4.16 49.05 37.50
N GLY D 61 -3.80 47.87 36.97
CA GLY D 61 -2.82 47.80 35.91
C GLY D 61 -3.08 46.61 35.00
N LYS D 62 -2.35 46.58 33.90
CA LYS D 62 -2.45 45.47 32.96
C LYS D 62 -1.74 44.23 33.49
N LYS D 63 -2.15 43.07 32.97
CA LYS D 63 -1.51 41.79 33.28
C LYS D 63 -1.54 41.48 34.78
N ARG D 64 -2.68 41.74 35.41
CA ARG D 64 -2.87 41.45 36.84
C ARG D 64 -1.79 42.11 37.70
N ARG D 65 -1.44 43.35 37.37
CA ARG D 65 -0.45 44.10 38.11
C ARG D 65 -1.14 45.23 38.87
N GLU D 66 -0.79 45.38 40.15
CA GLU D 66 -1.32 46.44 40.98
C GLU D 66 -0.18 47.04 41.80
N ALA D 67 -0.36 48.31 42.18
CA ALA D 67 0.59 49.01 43.02
C ALA D 67 -0.15 50.03 43.86
N VAL D 68 0.48 50.44 44.96
CA VAL D 68 -0.09 51.41 45.89
C VAL D 68 0.81 52.63 45.94
N CYS D 69 0.20 53.81 45.86
CA CYS D 69 0.94 55.07 45.89
C CYS D 69 0.15 56.09 46.68
N ILE D 70 0.85 57.14 47.11
CA ILE D 70 0.24 58.23 47.88
C ILE D 70 -0.32 59.25 46.89
N VAL D 71 -1.63 59.48 46.97
CA VAL D 71 -2.25 60.46 46.10
C VAL D 71 -1.86 61.87 46.55
N LEU D 72 -1.73 62.77 45.58
CA LEU D 72 -1.32 64.15 45.86
C LEU D 72 -2.16 65.08 44.98
N SER D 73 -2.04 66.37 45.24
CA SER D 73 -2.69 67.40 44.44
C SER D 73 -1.66 68.02 43.51
N ASP D 74 -1.97 68.06 42.22
CA ASP D 74 -1.15 68.76 41.24
C ASP D 74 -2.04 69.70 40.43
N ASP D 75 -1.61 70.95 40.29
CA ASP D 75 -2.36 71.90 39.48
C ASP D 75 -2.23 71.57 38.00
N THR D 76 -1.06 71.07 37.56
CA THR D 76 -0.82 70.86 36.14
C THR D 76 -1.62 69.68 35.60
N CYS D 77 -1.93 68.71 36.46
CA CYS D 77 -2.58 67.49 36.00
C CYS D 77 -4.01 67.78 35.55
N SER D 78 -4.44 67.08 34.50
CA SER D 78 -5.76 67.31 33.93
C SER D 78 -6.82 66.46 34.64
N ASP D 79 -8.09 66.75 34.32
CA ASP D 79 -9.20 66.03 34.92
C ASP D 79 -9.20 64.56 34.50
N GLU D 80 -8.93 64.30 33.22
CA GLU D 80 -8.92 62.93 32.71
C GLU D 80 -7.56 62.26 32.81
N LYS D 81 -6.57 62.94 33.40
CA LYS D 81 -5.20 62.45 33.42
C LYS D 81 -4.74 62.21 34.85
N ILE D 82 -3.75 61.34 35.00
CA ILE D 82 -3.05 61.09 36.25
C ILE D 82 -1.55 61.18 36.00
N ARG D 83 -0.85 61.98 36.79
CA ARG D 83 0.58 62.15 36.64
C ARG D 83 1.29 61.04 37.42
N MET D 84 2.17 60.31 36.73
CA MET D 84 2.78 59.12 37.29
C MET D 84 4.28 59.09 36.98
N ASN D 85 5.04 58.50 37.90
CA ASN D 85 6.46 58.25 37.69
C ASN D 85 6.65 57.03 36.80
N ARG D 86 7.84 56.93 36.20
CA ARG D 86 8.15 55.74 35.41
C ARG D 86 8.15 54.49 36.27
N VAL D 87 8.48 54.64 37.56
CA VAL D 87 8.54 53.50 38.46
C VAL D 87 7.16 52.85 38.58
N VAL D 88 6.12 53.65 38.78
CA VAL D 88 4.78 53.09 38.94
C VAL D 88 4.31 52.47 37.63
N ARG D 89 4.68 53.07 36.49
CA ARG D 89 4.33 52.48 35.21
C ARG D 89 5.00 51.12 35.02
N ASN D 90 6.27 51.02 35.43
CA ASN D 90 6.95 49.72 35.38
C ASN D 90 6.26 48.72 36.29
N ASN D 91 5.85 49.15 37.48
CA ASN D 91 5.15 48.24 38.39
C ASN D 91 3.83 47.77 37.79
N LEU D 92 3.11 48.67 37.13
CA LEU D 92 1.79 48.37 36.58
C LEU D 92 1.84 47.88 35.14
N ARG D 93 3.03 47.87 34.52
CA ARG D 93 3.18 47.44 33.12
C ARG D 93 2.28 48.23 32.18
N VAL D 94 2.16 49.53 32.44
CA VAL D 94 1.28 50.40 31.65
C VAL D 94 2.13 51.47 30.98
N ARG D 95 1.91 51.67 29.68
CA ARG D 95 2.58 52.72 28.94
C ARG D 95 1.89 54.05 29.17
N LEU D 96 2.47 55.11 28.60
CA LEU D 96 1.84 56.41 28.66
C LEU D 96 0.54 56.41 27.88
N GLY D 97 -0.48 57.05 28.46
CA GLY D 97 -1.77 57.18 27.80
C GLY D 97 -2.76 56.06 28.07
N ASP D 98 -2.37 55.01 28.79
CA ASP D 98 -3.31 53.96 29.12
C ASP D 98 -4.21 54.40 30.27
N VAL D 99 -5.43 53.86 30.29
CA VAL D 99 -6.43 54.22 31.29
C VAL D 99 -6.41 53.18 32.40
N ILE D 100 -6.33 53.64 33.65
CA ILE D 100 -6.30 52.78 34.82
C ILE D 100 -7.29 53.32 35.84
N SER D 101 -7.97 52.41 36.54
CA SER D 101 -8.86 52.81 37.61
C SER D 101 -8.07 53.03 38.90
N ILE D 102 -8.50 54.02 39.68
CA ILE D 102 -7.88 54.34 40.96
C ILE D 102 -8.93 54.20 42.05
N GLN D 103 -8.60 53.43 43.09
CA GLN D 103 -9.52 53.18 44.18
C GLN D 103 -8.75 53.24 45.50
N PRO D 104 -9.39 53.71 46.58
CA PRO D 104 -8.71 53.73 47.88
C PRO D 104 -8.36 52.33 48.36
N CYS D 105 -7.19 52.21 48.96
CA CYS D 105 -6.78 50.93 49.52
C CYS D 105 -7.56 50.67 50.80
N PRO D 106 -8.26 49.55 50.91
CA PRO D 106 -9.04 49.28 52.13
C PRO D 106 -8.21 48.59 53.19
N ASP D 107 -8.34 49.04 54.45
CA ASP D 107 -7.63 48.46 55.58
C ASP D 107 -6.13 48.41 55.34
N VAL D 108 -5.58 49.52 54.82
CA VAL D 108 -4.14 49.61 54.64
C VAL D 108 -3.45 49.59 56.00
N LYS D 109 -2.36 48.83 56.08
CA LYS D 109 -1.67 48.63 57.35
C LYS D 109 -0.18 48.93 57.18
N TYR D 110 0.46 49.29 58.28
CA TYR D 110 1.90 49.48 58.28
C TYR D 110 2.60 48.15 58.07
N GLY D 111 3.75 48.19 57.40
CA GLY D 111 4.50 46.97 57.14
C GLY D 111 5.25 46.51 58.37
N LYS D 112 5.01 45.26 58.78
CA LYS D 112 5.78 44.69 59.88
C LYS D 112 7.22 44.42 59.46
N ARG D 113 7.41 43.80 58.30
CA ARG D 113 8.73 43.53 57.75
C ARG D 113 8.62 43.47 56.24
N ILE D 114 9.63 44.02 55.56
CA ILE D 114 9.68 44.03 54.10
C ILE D 114 11.04 43.50 53.64
N HIS D 115 11.02 42.60 52.67
CA HIS D 115 12.22 42.04 52.07
C HIS D 115 12.34 42.55 50.64
N VAL D 116 13.51 43.06 50.28
CA VAL D 116 13.76 43.66 48.99
C VAL D 116 15.01 43.04 48.38
N LEU D 117 15.00 42.84 47.07
CA LEU D 117 16.12 42.21 46.36
C LEU D 117 16.53 43.08 45.17
N PRO D 118 17.77 43.51 45.10
CA PRO D 118 18.20 44.35 43.97
C PRO D 118 18.49 43.54 42.72
N ILE D 119 18.55 44.27 41.60
CA ILE D 119 18.75 43.64 40.29
C ILE D 119 20.22 43.30 40.10
N ASP D 120 20.49 42.19 39.41
CA ASP D 120 21.85 41.67 39.30
C ASP D 120 22.76 42.65 38.55
N ASP D 121 22.26 43.28 37.50
CA ASP D 121 23.12 44.15 36.69
C ASP D 121 23.54 45.40 37.48
N THR D 122 22.62 45.96 38.27
CA THR D 122 22.94 47.19 38.99
C THR D 122 23.94 46.96 40.11
N VAL D 123 23.83 45.82 40.80
CA VAL D 123 24.73 45.56 41.93
C VAL D 123 26.15 45.32 41.46
N GLU D 124 26.33 45.11 40.15
CA GLU D 124 27.67 45.05 39.60
C GLU D 124 28.35 46.41 39.68
N GLY D 125 29.56 46.42 40.23
CA GLY D 125 30.30 47.65 40.36
C GLY D 125 29.97 48.49 41.58
N ILE D 126 29.15 47.99 42.50
CA ILE D 126 28.79 48.70 43.71
C ILE D 126 29.72 48.23 44.82
N THR D 127 30.68 49.08 45.20
CA THR D 127 31.61 48.72 46.27
C THR D 127 30.94 48.78 47.63
N GLY D 128 30.12 49.81 47.86
CA GLY D 128 29.45 49.93 49.14
C GLY D 128 28.26 49.00 49.25
N ASN D 129 27.82 48.79 50.49
CA ASN D 129 26.67 47.93 50.73
C ASN D 129 25.41 48.51 50.12
N LEU D 130 24.63 47.66 49.46
CA LEU D 130 23.39 48.10 48.83
C LEU D 130 22.39 48.59 49.86
N PHE D 131 22.30 47.90 51.00
CA PHE D 131 21.39 48.33 52.06
C PHE D 131 21.81 49.66 52.65
N GLU D 132 23.11 49.82 52.94
CA GLU D 132 23.59 51.04 53.59
C GLU D 132 23.54 52.23 52.64
N VAL D 133 24.04 52.06 51.42
CA VAL D 133 24.14 53.19 50.49
C VAL D 133 22.74 53.63 50.03
N TYR D 134 21.84 52.68 49.79
CA TYR D 134 20.55 52.98 49.19
C TYR D 134 19.38 52.71 50.12
N LEU D 135 19.24 51.49 50.64
CA LEU D 135 18.03 51.12 51.36
C LEU D 135 17.84 51.94 52.63
N LYS D 136 18.90 52.09 53.43
CA LYS D 136 18.75 52.72 54.74
C LYS D 136 18.27 54.17 54.67
N PRO D 137 18.84 55.05 53.84
CA PRO D 137 18.31 56.42 53.80
C PRO D 137 16.95 56.54 53.14
N TYR D 138 16.72 55.80 52.04
CA TYR D 138 15.46 55.91 51.33
C TYR D 138 14.29 55.45 52.18
N PHE D 139 14.45 54.35 52.90
CA PHE D 139 13.37 53.77 53.69
C PHE D 139 13.33 54.31 55.12
N LEU D 140 14.20 55.25 55.47
CA LEU D 140 14.17 55.88 56.77
C LEU D 140 13.13 57.00 56.75
N GLU D 141 12.03 56.80 57.47
CA GLU D 141 10.90 57.74 57.50
C GLU D 141 10.35 58.01 56.09
N ALA D 142 10.34 56.99 55.24
CA ALA D 142 9.76 57.14 53.92
C ALA D 142 8.24 57.19 53.99
N TYR D 143 7.63 56.30 54.78
CA TYR D 143 6.17 56.14 54.84
C TYR D 143 5.60 55.91 53.44
N ARG D 144 6.30 55.08 52.66
CA ARG D 144 5.95 54.84 51.27
C ARG D 144 5.25 53.50 51.14
N PRO D 145 3.97 53.47 50.75
CA PRO D 145 3.30 52.19 50.52
C PRO D 145 3.88 51.47 49.31
N ILE D 146 4.03 50.15 49.44
CA ILE D 146 4.55 49.31 48.37
C ILE D 146 3.76 48.01 48.31
N ARG D 147 3.91 47.31 47.19
CA ARG D 147 3.27 46.02 46.98
C ARG D 147 4.28 45.06 46.37
N LYS D 148 3.95 43.77 46.44
CA LYS D 148 4.84 42.74 45.91
C LYS D 148 5.05 42.93 44.41
N GLY D 149 6.26 42.63 43.94
CA GLY D 149 6.56 42.75 42.53
C GLY D 149 6.82 44.16 42.05
N ASP D 150 7.01 45.10 42.95
CA ASP D 150 7.24 46.50 42.60
C ASP D 150 8.73 46.77 42.53
N ILE D 151 9.16 47.41 41.45
CA ILE D 151 10.57 47.76 41.25
C ILE D 151 10.65 49.28 41.26
N PHE D 152 11.49 49.81 42.16
CA PHE D 152 11.67 51.24 42.32
C PHE D 152 13.15 51.58 42.18
N LEU D 153 13.44 52.61 41.40
CA LEU D 153 14.82 53.01 41.17
C LEU D 153 15.30 53.92 42.30
N VAL D 154 16.53 53.66 42.77
CA VAL D 154 17.13 54.41 43.86
C VAL D 154 18.39 55.10 43.34
N ARG D 155 18.49 56.40 43.55
CA ARG D 155 19.65 57.16 43.11
C ARG D 155 20.80 56.99 44.08
N GLY D 156 22.00 57.34 43.60
CA GLY D 156 23.21 57.30 44.40
C GLY D 156 24.23 56.32 43.83
N GLY D 157 25.45 56.48 44.31
CA GLY D 157 26.53 55.60 43.92
C GLY D 157 27.02 55.87 42.50
N MET D 158 27.87 54.97 42.02
CA MET D 158 28.38 55.06 40.66
C MET D 158 27.30 54.70 39.65
N ARG D 159 26.38 53.81 40.02
CA ARG D 159 25.20 53.50 39.20
C ARG D 159 23.99 53.39 40.11
N ALA D 160 22.86 53.92 39.65
CA ALA D 160 21.61 53.77 40.38
C ALA D 160 21.17 52.31 40.39
N VAL D 161 20.73 51.84 41.55
CA VAL D 161 20.38 50.44 41.77
C VAL D 161 18.87 50.34 41.92
N GLU D 162 18.26 49.52 41.07
CA GLU D 162 16.83 49.23 41.21
C GLU D 162 16.62 48.19 42.29
N PHE D 163 15.58 48.40 43.10
CA PHE D 163 15.26 47.51 44.20
C PHE D 163 13.83 47.01 44.05
N LYS D 164 13.64 45.70 44.20
CA LYS D 164 12.34 45.07 44.04
C LYS D 164 11.96 44.37 45.34
N VAL D 165 10.78 44.70 45.87
CA VAL D 165 10.31 44.15 47.14
C VAL D 165 9.56 42.85 46.82
N VAL D 166 10.27 41.73 46.98
CA VAL D 166 9.68 40.43 46.68
C VAL D 166 8.61 40.06 47.70
N GLU D 167 8.88 40.30 48.98
CA GLU D 167 8.00 39.87 50.06
C GLU D 167 7.50 41.08 50.84
N THR D 168 6.19 41.13 51.08
CA THR D 168 5.58 42.17 51.89
C THR D 168 4.79 41.52 53.02
N ASP D 169 5.02 41.98 54.24
CA ASP D 169 4.27 41.55 55.40
C ASP D 169 3.65 42.77 56.07
N PRO D 170 2.31 42.87 56.14
CA PRO D 170 1.34 41.88 55.63
C PRO D 170 1.16 41.93 54.12
N SER D 171 1.01 40.75 53.51
CA SER D 171 0.82 40.67 52.07
C SER D 171 -0.61 41.06 51.71
N PRO D 172 -0.81 41.79 50.60
CA PRO D 172 0.28 42.34 49.81
C PRO D 172 0.53 43.83 50.06
N TYR D 173 -0.26 44.45 50.93
CA TYR D 173 -0.24 45.89 51.12
C TYR D 173 0.41 46.21 52.46
N CYS D 174 1.38 47.12 52.45
CA CYS D 174 2.13 47.47 53.65
C CYS D 174 2.67 48.89 53.51
N ILE D 175 3.03 49.47 54.66
CA ILE D 175 3.60 50.81 54.73
C ILE D 175 5.02 50.69 55.27
N VAL D 176 5.98 51.29 54.57
CA VAL D 176 7.35 51.33 55.06
C VAL D 176 7.42 52.24 56.29
N ALA D 177 8.02 51.73 57.35
CA ALA D 177 8.20 52.47 58.58
C ALA D 177 9.65 52.32 59.02
N PRO D 178 10.18 53.30 59.77
CA PRO D 178 11.57 53.17 60.25
C PRO D 178 11.81 51.94 61.10
N ASP D 179 10.82 51.54 61.92
CA ASP D 179 11.00 50.35 62.75
C ASP D 179 10.84 49.07 61.94
N THR D 180 10.30 49.18 60.72
CA THR D 180 10.21 48.04 59.84
C THR D 180 11.61 47.59 59.41
N VAL D 181 11.84 46.28 59.44
CA VAL D 181 13.15 45.74 59.12
C VAL D 181 13.34 45.73 57.60
N ILE D 182 14.49 46.22 57.15
CA ILE D 182 14.87 46.19 55.74
C ILE D 182 16.19 45.45 55.61
N HIS D 183 16.27 44.52 54.67
CA HIS D 183 17.47 43.72 54.46
C HIS D 183 17.61 43.40 52.98
N CYS D 184 18.86 43.39 52.50
CA CYS D 184 19.18 43.07 51.12
C CYS D 184 19.68 41.64 50.95
N GLU D 185 19.50 40.80 51.97
CA GLU D 185 19.94 39.41 51.89
C GLU D 185 19.15 38.67 50.81
N GLY D 186 19.83 37.76 50.12
CA GLY D 186 19.20 36.95 49.10
C GLY D 186 19.88 37.10 47.74
N GLU D 187 19.50 36.22 46.84
CA GLU D 187 20.05 36.24 45.48
C GLU D 187 19.56 37.50 44.76
N PRO D 188 20.40 38.11 43.92
CA PRO D 188 19.92 39.27 43.15
C PRO D 188 18.85 38.87 42.16
N ILE D 189 17.95 39.82 41.87
CA ILE D 189 16.95 39.58 40.83
C ILE D 189 17.62 39.70 39.46
N LYS D 190 17.39 38.69 38.63
CA LYS D 190 18.00 38.65 37.31
C LYS D 190 17.39 39.70 36.40
N ARG D 191 18.25 40.41 35.65
CA ARG D 191 17.76 41.42 34.71
C ARG D 191 16.92 40.77 33.61
N GLU D 192 17.32 39.60 33.14
CA GLU D 192 16.54 38.92 32.11
C GLU D 192 15.16 38.54 32.62
N ASP D 193 15.05 38.15 33.89
CA ASP D 193 13.75 37.83 34.47
C ASP D 193 12.84 39.06 34.49
N GLU D 194 13.39 40.21 34.88
CA GLU D 194 12.59 41.43 34.90
C GLU D 194 12.17 41.83 33.48
N GLU D 195 13.08 41.68 32.52
CA GLU D 195 12.72 41.96 31.13
C GLU D 195 11.61 41.05 30.65
N GLU D 196 11.69 39.76 30.97
CA GLU D 196 10.65 38.83 30.58
C GLU D 196 9.31 39.17 31.21
N SER D 197 9.33 39.57 32.48
CA SER D 197 8.10 40.03 33.13
C SER D 197 7.55 41.28 32.44
N LEU D 198 8.43 42.17 31.99
CA LEU D 198 8.00 43.32 31.23
C LEU D 198 7.33 42.90 29.92
N ASN D 199 7.90 41.93 29.22
CA ASN D 199 7.40 41.52 27.91
C ASN D 199 6.46 40.32 28.08
N GLU D 200 5.31 40.58 28.68
CA GLU D 200 4.21 39.63 28.74
C GLU D 200 3.08 40.18 27.88
N VAL D 201 2.58 39.36 26.96
CA VAL D 201 1.53 39.80 26.07
C VAL D 201 0.20 39.80 26.79
N GLY D 202 -0.63 40.79 26.48
CA GLY D 202 -1.99 40.84 26.98
C GLY D 202 -2.96 40.87 25.83
N TYR D 203 -4.21 41.19 26.15
CA TYR D 203 -5.22 41.30 25.11
C TYR D 203 -4.92 42.47 24.18
N ASP D 204 -4.04 43.38 24.61
CA ASP D 204 -3.70 44.53 23.77
C ASP D 204 -2.75 44.14 22.65
N ASP D 205 -1.88 43.16 22.89
CA ASP D 205 -0.89 42.80 21.86
C ASP D 205 -1.53 42.05 20.70
N ILE D 206 -2.73 41.53 20.90
CA ILE D 206 -3.44 40.87 19.80
C ILE D 206 -4.01 41.92 18.85
N GLY D 207 -3.71 41.78 17.57
CA GLY D 207 -4.20 42.72 16.58
C GLY D 207 -5.13 42.08 15.57
N GLY D 208 -6.10 42.84 15.09
CA GLY D 208 -7.13 42.27 14.24
C GLY D 208 -8.06 41.41 15.07
N CYS D 209 -9.00 40.76 14.38
CA CYS D 209 -9.92 39.80 14.98
C CYS D 209 -10.52 40.32 16.29
N ARG D 210 -11.09 41.52 16.24
CA ARG D 210 -11.70 42.10 17.44
C ARG D 210 -12.89 41.26 17.91
N LYS D 211 -13.69 40.78 16.97
CA LYS D 211 -14.83 39.93 17.35
C LYS D 211 -14.37 38.61 17.96
N GLN D 212 -13.32 38.01 17.39
CA GLN D 212 -12.79 36.78 17.94
C GLN D 212 -12.24 36.99 19.35
N LEU D 213 -11.53 38.10 19.56
CA LEU D 213 -11.04 38.41 20.89
C LEU D 213 -12.18 38.65 21.87
N ALA D 214 -13.25 39.32 21.41
CA ALA D 214 -14.41 39.52 22.27
C ALA D 214 -15.04 38.20 22.67
N GLN D 215 -15.18 37.27 21.71
CA GLN D 215 -15.74 35.97 22.05
C GLN D 215 -14.84 35.21 23.01
N ILE D 216 -13.53 35.27 22.82
CA ILE D 216 -12.63 34.61 23.75
C ILE D 216 -12.79 35.18 25.16
N LYS D 217 -12.84 36.51 25.28
CA LYS D 217 -13.00 37.13 26.58
C LYS D 217 -14.34 36.77 27.21
N GLU D 218 -15.39 36.66 26.39
CA GLU D 218 -16.68 36.23 26.93
C GLU D 218 -16.61 34.82 27.46
N MET D 219 -15.84 33.95 26.81
CA MET D 219 -15.76 32.58 27.29
C MET D 219 -14.94 32.46 28.58
N VAL D 220 -13.79 33.13 28.65
CA VAL D 220 -12.86 32.93 29.76
C VAL D 220 -12.99 34.02 30.83
N GLU D 221 -13.00 35.29 30.43
CA GLU D 221 -12.95 36.37 31.41
C GLU D 221 -14.28 36.55 32.12
N LEU D 222 -15.39 36.54 31.37
CA LEU D 222 -16.68 36.86 31.96
C LEU D 222 -17.12 35.89 33.06
N PRO D 223 -17.07 34.56 32.90
CA PRO D 223 -17.50 33.69 34.00
C PRO D 223 -16.70 33.87 35.28
N LEU D 224 -15.38 34.07 35.18
CA LEU D 224 -14.58 34.23 36.38
C LEU D 224 -14.85 35.55 37.08
N ARG D 225 -14.98 36.62 36.30
CA ARG D 225 -15.28 37.93 36.88
C ARG D 225 -16.63 37.95 37.55
N HIS D 226 -17.67 37.48 36.87
CA HIS D 226 -19.05 37.67 37.29
C HIS D 226 -19.84 36.38 37.18
N PRO D 227 -19.55 35.39 38.04
CA PRO D 227 -20.39 34.18 38.04
C PRO D 227 -21.82 34.44 38.45
N ALA D 228 -22.06 35.55 39.17
CA ALA D 228 -23.42 35.86 39.62
C ALA D 228 -24.36 36.09 38.45
N LEU D 229 -23.87 36.66 37.36
CA LEU D 229 -24.71 36.85 36.17
C LEU D 229 -25.26 35.52 35.67
N PHE D 230 -24.36 34.54 35.49
CA PHE D 230 -24.78 33.24 34.97
C PHE D 230 -25.65 32.50 35.98
N LYS D 231 -25.34 32.60 37.26
CA LYS D 231 -26.20 31.96 38.27
C LYS D 231 -27.59 32.57 38.26
N GLU D 232 -27.68 33.89 38.09
CA GLU D 232 -28.98 34.55 38.04
C GLU D 232 -29.77 34.11 36.81
N ILE D 233 -29.12 34.04 35.65
CA ILE D 233 -29.81 33.56 34.45
C ILE D 233 -29.90 32.03 34.42
N GLY D 234 -29.15 31.35 35.27
CA GLY D 234 -29.30 29.91 35.42
C GLY D 234 -28.91 29.07 34.23
N VAL D 235 -27.77 29.38 33.62
CA VAL D 235 -27.22 28.56 32.53
C VAL D 235 -25.76 28.27 32.85
N LYS D 236 -25.25 27.22 32.22
CA LYS D 236 -23.82 26.94 32.35
C LYS D 236 -23.08 27.59 31.22
N PRO D 237 -22.13 28.48 31.51
CA PRO D 237 -21.36 29.11 30.44
C PRO D 237 -20.56 28.09 29.67
N PRO D 238 -20.27 28.32 28.40
CA PRO D 238 -19.49 27.36 27.61
C PRO D 238 -18.14 27.08 28.26
N ARG D 239 -17.71 25.83 28.15
CA ARG D 239 -16.48 25.38 28.79
C ARG D 239 -15.39 25.00 27.79
N GLY D 240 -15.71 24.90 26.50
CA GLY D 240 -14.71 24.53 25.54
C GLY D 240 -14.56 25.53 24.42
N ILE D 241 -13.34 25.83 24.03
CA ILE D 241 -13.05 26.73 22.92
C ILE D 241 -12.09 26.03 21.98
N LEU D 242 -12.41 26.02 20.69
CA LEU D 242 -11.50 25.53 19.67
C LEU D 242 -11.12 26.69 18.76
N LEU D 243 -9.84 27.01 18.72
CA LEU D 243 -9.31 28.05 17.84
C LEU D 243 -8.70 27.38 16.63
N TYR D 244 -9.22 27.69 15.44
CA TYR D 244 -8.71 27.07 14.22
C TYR D 244 -8.43 28.15 13.20
N GLY D 245 -7.36 27.98 12.44
CA GLY D 245 -7.02 28.90 11.39
C GLY D 245 -5.69 28.56 10.75
N PRO D 246 -5.38 29.21 9.64
CA PRO D 246 -4.11 28.93 8.96
C PRO D 246 -2.93 29.33 9.81
N PRO D 247 -1.76 28.75 9.57
CA PRO D 247 -0.61 29.03 10.43
C PRO D 247 -0.23 30.50 10.43
N GLY D 248 0.14 31.01 11.60
CA GLY D 248 0.61 32.36 11.71
C GLY D 248 -0.43 33.40 12.00
N THR D 249 -1.69 33.01 12.23
CA THR D 249 -2.72 34.01 12.44
C THR D 249 -2.78 34.49 13.88
N GLY D 250 -2.28 33.69 14.82
CA GLY D 250 -2.22 34.11 16.21
C GLY D 250 -3.01 33.30 17.21
N LYS D 251 -3.15 32.00 17.02
CA LYS D 251 -3.85 31.18 18.01
C LYS D 251 -3.02 31.01 19.28
N THR D 252 -1.75 30.63 19.13
CA THR D 252 -0.90 30.47 20.30
C THR D 252 -0.62 31.82 20.96
N LEU D 253 -0.67 32.91 20.21
CA LEU D 253 -0.52 34.22 20.82
C LEU D 253 -1.71 34.56 21.71
N ILE D 254 -2.91 34.21 21.27
CA ILE D 254 -4.09 34.37 22.12
C ILE D 254 -3.97 33.48 23.35
N ALA D 255 -3.43 32.28 23.17
CA ALA D 255 -3.22 31.41 24.33
C ALA D 255 -2.25 32.02 25.33
N ARG D 256 -1.15 32.61 24.83
CA ARG D 256 -0.23 33.28 25.74
C ARG D 256 -0.90 34.46 26.43
N ALA D 257 -1.71 35.22 25.70
CA ALA D 257 -2.39 36.35 26.32
C ALA D 257 -3.29 35.89 27.45
N VAL D 258 -4.07 34.83 27.21
CA VAL D 258 -4.95 34.30 28.24
C VAL D 258 -4.14 33.79 29.43
N ALA D 259 -3.04 33.09 29.17
CA ALA D 259 -2.22 32.57 30.25
C ALA D 259 -1.59 33.69 31.06
N ASN D 260 -1.19 34.78 30.40
CA ASN D 260 -0.49 35.84 31.09
C ASN D 260 -1.44 36.70 31.93
N GLU D 261 -2.63 36.98 31.43
CA GLU D 261 -3.53 37.86 32.17
C GLU D 261 -4.87 37.23 32.52
N THR D 262 -4.89 36.03 33.09
CA THR D 262 -6.07 35.48 33.72
C THR D 262 -5.76 35.15 35.17
N GLY D 263 -6.79 35.14 36.01
CA GLY D 263 -6.59 34.79 37.41
C GLY D 263 -6.69 33.30 37.66
N ALA D 264 -7.25 32.56 36.72
CA ALA D 264 -7.46 31.13 36.90
C ALA D 264 -6.16 30.36 36.73
N PHE D 265 -6.21 29.08 37.12
CA PHE D 265 -5.07 28.20 36.93
C PHE D 265 -4.93 27.85 35.45
N PHE D 266 -3.71 27.93 34.93
CA PHE D 266 -3.43 27.64 33.53
C PHE D 266 -2.49 26.44 33.46
N PHE D 267 -2.97 25.37 32.85
CA PHE D 267 -2.19 24.16 32.62
C PHE D 267 -2.04 23.95 31.12
N LEU D 268 -0.81 23.74 30.66
CA LEU D 268 -0.48 23.63 29.25
C LEU D 268 -0.22 22.18 28.89
N ILE D 269 -0.91 21.69 27.86
CA ILE D 269 -0.65 20.39 27.27
C ILE D 269 -0.23 20.61 25.82
N ASN D 270 0.94 20.11 25.46
CA ASN D 270 1.39 20.09 24.09
C ASN D 270 1.10 18.70 23.54
N GLY D 271 0.57 18.64 22.30
CA GLY D 271 0.02 17.42 21.77
C GLY D 271 0.88 16.18 21.94
N PRO D 272 2.01 16.07 21.24
CA PRO D 272 2.80 14.84 21.34
C PRO D 272 3.36 14.57 22.72
N GLU D 273 3.42 15.60 23.58
CA GLU D 273 4.06 15.46 24.88
C GLU D 273 3.38 14.40 25.73
N ILE D 274 2.10 14.11 25.43
CA ILE D 274 1.34 13.14 26.23
C ILE D 274 1.88 11.73 26.02
N MET D 275 2.27 11.40 24.80
CA MET D 275 2.64 10.02 24.44
C MET D 275 3.76 9.52 25.34
N SER D 276 3.66 8.25 25.75
CA SER D 276 4.69 7.61 26.56
C SER D 276 4.84 6.15 26.15
N LYS D 277 6.01 5.59 26.45
CA LYS D 277 6.35 4.26 25.96
C LYS D 277 5.51 3.18 26.62
N LEU D 278 5.23 3.33 27.92
CA LEU D 278 4.50 2.30 28.65
C LEU D 278 3.04 2.26 28.22
N ALA D 279 2.45 1.06 28.25
CA ALA D 279 1.06 0.90 27.88
C ALA D 279 0.16 1.50 28.94
N GLY D 280 -0.80 2.31 28.52
CA GLY D 280 -1.69 2.99 29.44
C GLY D 280 -1.11 4.21 30.11
N GLU D 281 0.08 4.66 29.70
CA GLU D 281 0.69 5.81 30.34
C GLU D 281 0.19 7.12 29.74
N SER D 282 -0.20 7.11 28.46
CA SER D 282 -0.73 8.32 27.84
C SER D 282 -2.08 8.71 28.44
N GLU D 283 -2.96 7.71 28.59
CA GLU D 283 -4.24 7.98 29.26
C GLU D 283 -4.00 8.46 30.67
N SER D 284 -3.00 7.91 31.34
CA SER D 284 -2.67 8.34 32.69
C SER D 284 -2.20 9.80 32.70
N ASN D 285 -1.42 10.20 31.70
CA ASN D 285 -1.00 11.59 31.60
C ASN D 285 -2.17 12.53 31.42
N LEU D 286 -3.11 12.18 30.54
CA LEU D 286 -4.28 13.03 30.36
C LEU D 286 -5.11 13.10 31.64
N ARG D 287 -5.33 11.95 32.30
CA ARG D 287 -6.12 11.95 33.52
C ARG D 287 -5.45 12.77 34.61
N LYS D 288 -4.13 12.67 34.72
CA LYS D 288 -3.41 13.48 35.71
C LYS D 288 -3.55 14.96 35.40
N ALA D 289 -3.47 15.33 34.13
CA ALA D 289 -3.63 16.75 33.77
C ALA D 289 -5.01 17.27 34.17
N PHE D 290 -6.06 16.54 33.82
CA PHE D 290 -7.40 17.01 34.15
C PHE D 290 -7.65 16.99 35.65
N GLU D 291 -7.09 16.00 36.36
CA GLU D 291 -7.22 15.97 37.81
C GLU D 291 -6.52 17.15 38.47
N GLU D 292 -5.31 17.48 37.99
CA GLU D 292 -4.59 18.64 38.50
C GLU D 292 -5.37 19.92 38.25
N ALA D 293 -6.00 20.04 37.08
CA ALA D 293 -6.83 21.21 36.82
C ALA D 293 -8.02 21.26 37.78
N GLU D 294 -8.66 20.11 38.02
CA GLU D 294 -9.84 20.09 38.88
C GLU D 294 -9.47 20.37 40.33
N LYS D 295 -8.23 20.06 40.72
CA LYS D 295 -7.81 20.32 42.11
C LYS D 295 -7.84 21.81 42.42
N ASN D 296 -7.43 22.64 41.47
CA ASN D 296 -7.34 24.08 41.68
C ASN D 296 -8.60 24.82 41.25
N ALA D 297 -9.69 24.10 40.98
CA ALA D 297 -11.02 24.61 40.67
C ALA D 297 -10.98 25.53 39.44
N PRO D 298 -11.08 26.86 39.50
CA PRO D 298 -11.19 27.60 38.23
C PRO D 298 -9.89 27.49 37.44
N ALA D 299 -9.94 26.74 36.35
CA ALA D 299 -8.73 26.39 35.63
C ALA D 299 -8.98 26.48 34.13
N ILE D 300 -7.90 26.70 33.40
CA ILE D 300 -7.92 26.73 31.94
C ILE D 300 -6.88 25.74 31.44
N ILE D 301 -7.31 24.80 30.61
CA ILE D 301 -6.42 23.82 30.00
C ILE D 301 -6.30 24.15 28.52
N PHE D 302 -5.08 24.37 28.06
CA PHE D 302 -4.82 24.67 26.66
C PHE D 302 -4.09 23.49 26.03
N ILE D 303 -4.74 22.82 25.09
CA ILE D 303 -4.15 21.72 24.35
C ILE D 303 -3.66 22.26 23.02
N ASP D 304 -2.36 22.52 22.93
CA ASP D 304 -1.75 23.01 21.71
C ASP D 304 -1.53 21.85 20.74
N GLU D 305 -1.75 22.12 19.45
CA GLU D 305 -1.69 21.07 18.44
C GLU D 305 -2.63 19.93 18.79
N LEU D 306 -3.93 20.24 18.82
CA LEU D 306 -4.91 19.22 19.20
C LEU D 306 -4.97 18.11 18.16
N ASP D 307 -4.80 18.44 16.88
CA ASP D 307 -4.94 17.45 15.83
C ASP D 307 -3.88 16.35 15.94
N ALA D 308 -2.84 16.60 16.73
CA ALA D 308 -1.81 15.57 16.94
C ALA D 308 -2.37 14.41 17.75
N ILE D 309 -3.16 14.69 18.78
CA ILE D 309 -3.63 13.64 19.68
C ILE D 309 -5.13 13.38 19.61
N ALA D 310 -5.84 13.99 18.67
CA ALA D 310 -7.27 13.74 18.51
C ALA D 310 -7.60 13.52 17.04
N PRO D 311 -7.13 12.44 16.45
CA PRO D 311 -7.52 12.11 15.08
C PRO D 311 -8.87 11.40 15.06
N LYS D 312 -9.38 11.19 13.86
CA LYS D 312 -10.66 10.48 13.72
C LYS D 312 -10.48 9.03 14.11
N ARG D 313 -11.42 8.51 14.91
CA ARG D 313 -11.30 7.14 15.40
C ARG D 313 -11.48 6.13 14.27
N GLU D 314 -12.35 6.43 13.30
CA GLU D 314 -12.49 5.55 12.15
C GLU D 314 -11.21 5.53 11.33
N LYS D 315 -10.56 6.67 11.15
CA LYS D 315 -9.38 6.73 10.30
C LYS D 315 -8.16 6.12 10.99
N THR D 316 -8.01 6.33 12.29
CA THR D 316 -6.82 5.87 12.99
C THR D 316 -6.73 4.35 12.99
N HIS D 317 -5.52 3.83 12.77
CA HIS D 317 -5.26 2.40 12.73
C HIS D 317 -4.56 1.88 13.98
N GLY D 318 -4.13 2.75 14.88
CA GLY D 318 -3.38 2.35 16.06
C GLY D 318 -4.30 2.33 17.28
N GLU D 319 -4.21 1.24 18.04
CA GLU D 319 -5.09 1.09 19.21
C GLU D 319 -4.80 2.14 20.27
N VAL D 320 -3.52 2.47 20.49
CA VAL D 320 -3.18 3.43 21.53
C VAL D 320 -3.78 4.80 21.22
N GLU D 321 -3.68 5.24 19.97
CA GLU D 321 -4.21 6.56 19.60
C GLU D 321 -5.71 6.62 19.78
N ARG D 322 -6.43 5.58 19.34
CA ARG D 322 -7.88 5.56 19.51
C ARG D 322 -8.26 5.52 20.98
N ARG D 323 -7.50 4.79 21.79
CA ARG D 323 -7.80 4.76 23.22
C ARG D 323 -7.57 6.13 23.84
N ILE D 324 -6.56 6.86 23.38
CA ILE D 324 -6.32 8.21 23.87
C ILE D 324 -7.48 9.13 23.48
N VAL D 325 -7.96 9.02 22.25
CA VAL D 325 -9.09 9.85 21.83
C VAL D 325 -10.31 9.56 22.70
N SER D 326 -10.60 8.28 22.93
CA SER D 326 -11.74 7.94 23.76
C SER D 326 -11.54 8.42 25.20
N GLN D 327 -10.32 8.38 25.70
CA GLN D 327 -10.03 8.91 27.03
C GLN D 327 -10.34 10.40 27.09
N LEU D 328 -9.94 11.14 26.07
CA LEU D 328 -10.26 12.57 26.03
C LEU D 328 -11.76 12.78 26.01
N LEU D 329 -12.47 11.97 25.23
CA LEU D 329 -13.92 12.12 25.13
C LEU D 329 -14.59 11.90 26.49
N THR D 330 -14.18 10.85 27.20
CA THR D 330 -14.81 10.58 28.49
C THR D 330 -14.40 11.61 29.54
N LEU D 331 -13.19 12.14 29.44
CA LEU D 331 -12.76 13.19 30.38
C LEU D 331 -13.59 14.45 30.20
N MET D 332 -13.84 14.84 28.95
CA MET D 332 -14.54 16.10 28.73
C MET D 332 -16.04 15.97 28.99
N ASP D 333 -16.60 14.77 28.83
CA ASP D 333 -18.02 14.54 29.03
C ASP D 333 -18.25 13.09 29.44
N GLY D 334 -18.91 12.88 30.56
CA GLY D 334 -19.16 11.54 31.05
C GLY D 334 -20.10 11.56 32.24
N LEU D 335 -20.01 10.51 33.06
CA LEU D 335 -20.80 10.46 34.28
C LEU D 335 -20.44 11.58 35.24
N LYS D 336 -19.16 11.88 35.38
CA LYS D 336 -18.71 12.98 36.23
C LYS D 336 -18.37 14.17 35.34
N GLN D 337 -19.09 15.26 35.52
CA GLN D 337 -18.87 16.45 34.70
C GLN D 337 -17.80 17.35 35.32
N ARG D 338 -17.12 18.09 34.47
CA ARG D 338 -16.05 18.96 34.93
C ARG D 338 -16.61 20.04 35.86
N ALA D 339 -15.84 20.35 36.90
CA ALA D 339 -16.23 21.34 37.89
C ALA D 339 -15.45 22.63 37.65
N HIS D 340 -16.02 23.50 36.82
CA HIS D 340 -15.45 24.82 36.56
C HIS D 340 -14.05 24.73 35.97
N VAL D 341 -13.92 24.00 34.87
CA VAL D 341 -12.67 23.89 34.11
C VAL D 341 -12.95 24.25 32.66
N ILE D 342 -12.20 25.22 32.15
CA ILE D 342 -12.30 25.65 30.76
C ILE D 342 -11.23 24.91 29.97
N VAL D 343 -11.60 24.40 28.81
CA VAL D 343 -10.68 23.65 27.96
C VAL D 343 -10.54 24.37 26.63
N MET D 344 -9.32 24.72 26.26
CA MET D 344 -9.02 25.38 24.99
C MET D 344 -8.13 24.48 24.16
N ALA D 345 -8.27 24.56 22.84
CA ALA D 345 -7.41 23.82 21.93
C ALA D 345 -7.23 24.62 20.65
N ALA D 346 -6.05 24.53 20.07
CA ALA D 346 -5.71 25.23 18.83
C ALA D 346 -5.25 24.21 17.81
N THR D 347 -5.87 24.20 16.64
CA THR D 347 -5.53 23.24 15.60
C THR D 347 -5.48 23.93 14.25
N ASN D 348 -4.51 23.56 13.43
CA ASN D 348 -4.45 24.06 12.06
C ASN D 348 -5.49 23.39 11.19
N ARG D 349 -5.71 22.09 11.41
CA ARG D 349 -6.60 21.28 10.59
C ARG D 349 -7.83 20.95 11.40
N PRO D 350 -8.86 21.79 11.43
CA PRO D 350 -9.99 21.50 12.31
C PRO D 350 -10.75 20.24 11.91
N ASN D 351 -10.72 19.87 10.63
CA ASN D 351 -11.51 18.73 10.19
C ASN D 351 -10.88 17.41 10.62
N SER D 352 -9.59 17.43 10.96
CA SER D 352 -8.92 16.20 11.38
C SER D 352 -9.40 15.75 12.75
N ILE D 353 -10.04 16.63 13.51
CA ILE D 353 -10.50 16.29 14.85
C ILE D 353 -11.65 15.29 14.76
N ASP D 354 -11.74 14.43 15.77
CA ASP D 354 -12.83 13.46 15.82
C ASP D 354 -14.16 14.18 15.95
N PRO D 355 -15.19 13.76 15.22
CA PRO D 355 -16.48 14.50 15.27
C PRO D 355 -17.11 14.52 16.64
N ALA D 356 -16.81 13.54 17.50
CA ALA D 356 -17.45 13.50 18.81
C ALA D 356 -16.96 14.64 19.71
N LEU D 357 -15.72 15.09 19.50
CA LEU D 357 -15.21 16.21 20.29
C LEU D 357 -15.88 17.51 19.90
N ARG D 358 -16.25 17.65 18.63
CA ARG D 358 -16.82 18.90 18.15
C ARG D 358 -18.29 19.06 18.52
N ARG D 359 -18.77 18.34 19.53
CA ARG D 359 -20.14 18.43 19.99
C ARG D 359 -20.26 19.49 21.09
N PHE D 360 -21.49 19.85 21.44
CA PHE D 360 -21.70 20.91 22.43
C PHE D 360 -21.09 20.56 23.78
N GLY D 361 -21.11 19.30 24.17
CA GLY D 361 -20.60 18.94 25.48
C GLY D 361 -19.14 19.29 25.66
N ARG D 362 -18.34 19.08 24.62
CA ARG D 362 -16.89 19.11 24.75
C ARG D 362 -16.23 20.34 24.14
N PHE D 363 -16.35 20.55 22.83
CA PHE D 363 -15.81 21.74 22.15
C PHE D 363 -16.98 22.43 21.48
N ASP D 364 -17.68 23.26 22.25
CA ASP D 364 -18.96 23.78 21.80
C ASP D 364 -18.81 25.05 20.97
N ARG D 365 -17.86 25.91 21.32
CA ARG D 365 -17.62 27.14 20.60
C ARG D 365 -16.34 27.02 19.80
N GLU D 366 -16.44 27.14 18.49
CA GLU D 366 -15.30 27.11 17.60
C GLU D 366 -15.07 28.51 17.07
N VAL D 367 -13.93 29.09 17.43
CA VAL D 367 -13.62 30.48 17.11
C VAL D 367 -12.61 30.49 15.98
N ASP D 368 -12.94 31.14 14.87
CA ASP D 368 -12.14 31.10 13.67
C ASP D 368 -11.23 32.32 13.63
N ILE D 369 -9.93 32.09 13.80
CA ILE D 369 -8.92 33.13 13.64
C ILE D 369 -8.51 33.15 12.17
N GLY D 370 -8.88 34.22 11.47
CA GLY D 370 -8.71 34.25 10.03
C GLY D 370 -7.66 35.26 9.61
N ILE D 371 -7.44 35.30 8.29
CA ILE D 371 -6.47 36.24 7.73
C ILE D 371 -7.00 37.66 7.91
N PRO D 372 -6.21 38.58 8.45
CA PRO D 372 -6.71 39.95 8.66
C PRO D 372 -6.93 40.67 7.34
N ASP D 373 -7.87 41.61 7.34
CA ASP D 373 -8.04 42.54 6.25
C ASP D 373 -7.05 43.70 6.40
N ALA D 374 -7.17 44.71 5.53
CA ALA D 374 -6.16 45.76 5.49
C ALA D 374 -6.10 46.53 6.80
N THR D 375 -7.25 46.89 7.37
CA THR D 375 -7.25 47.60 8.64
C THR D 375 -6.70 46.71 9.74
N GLY D 376 -7.00 45.41 9.69
CA GLY D 376 -6.47 44.50 10.68
C GLY D 376 -4.96 44.46 10.68
N ARG D 377 -4.35 44.38 9.49
CA ARG D 377 -2.90 44.31 9.45
C ARG D 377 -2.27 45.67 9.74
N LEU D 378 -2.99 46.76 9.49
CA LEU D 378 -2.53 48.06 9.99
C LEU D 378 -2.48 48.07 11.50
N GLU D 379 -3.52 47.53 12.15
CA GLU D 379 -3.53 47.46 13.61
C GLU D 379 -2.41 46.58 14.13
N ILE D 380 -2.16 45.46 13.46
CA ILE D 380 -1.04 44.59 13.83
C ILE D 380 0.28 45.34 13.70
N LEU D 381 0.43 46.11 12.62
CA LEU D 381 1.68 46.84 12.42
C LEU D 381 1.89 47.90 13.50
N GLN D 382 0.82 48.60 13.89
CA GLN D 382 0.96 49.56 14.98
C GLN D 382 1.37 48.87 16.26
N ILE D 383 0.74 47.74 16.58
CA ILE D 383 1.12 47.02 17.79
C ILE D 383 2.58 46.59 17.75
N HIS D 384 3.03 46.05 16.61
CA HIS D 384 4.41 45.58 16.52
C HIS D 384 5.41 46.73 16.63
N THR D 385 5.13 47.85 15.96
CA THR D 385 6.11 48.91 15.84
C THR D 385 5.98 49.97 16.93
N LYS D 386 5.05 49.83 17.87
CA LYS D 386 5.03 50.76 19.00
C LYS D 386 6.30 50.63 19.83
N ASN D 387 6.90 49.44 19.87
CA ASN D 387 8.13 49.26 20.63
C ASN D 387 9.35 49.63 19.80
N MET D 388 9.34 49.32 18.51
CA MET D 388 10.50 49.57 17.66
C MET D 388 10.78 51.06 17.56
N LYS D 389 12.05 51.41 17.34
CA LYS D 389 12.39 52.79 17.03
C LYS D 389 12.05 53.10 15.58
N LEU D 390 11.33 54.18 15.35
CA LEU D 390 10.88 54.57 14.03
C LEU D 390 11.26 56.02 13.78
N ALA D 391 11.51 56.34 12.51
CA ALA D 391 11.70 57.73 12.13
C ALA D 391 10.35 58.41 11.90
N ASP D 392 10.41 59.67 11.46
CA ASP D 392 9.17 60.39 11.16
C ASP D 392 8.63 60.04 9.78
N ASP D 393 9.49 59.56 8.89
CA ASP D 393 9.08 59.39 7.50
C ASP D 393 8.28 58.10 7.30
N VAL D 394 8.32 57.18 8.28
CA VAL D 394 7.66 55.90 8.10
C VAL D 394 6.15 56.06 8.18
N ASP D 395 5.45 55.48 7.21
CA ASP D 395 4.00 55.58 7.09
C ASP D 395 3.43 54.17 7.08
N LEU D 396 2.70 53.82 8.15
CA LEU D 396 2.26 52.44 8.29
C LEU D 396 1.02 52.15 7.46
N GLU D 397 0.28 53.17 7.04
CA GLU D 397 -0.85 52.92 6.15
C GLU D 397 -0.38 52.34 4.83
N GLN D 398 0.73 52.87 4.30
CA GLN D 398 1.27 52.33 3.06
C GLN D 398 1.69 50.88 3.23
N VAL D 399 2.44 50.58 4.29
CA VAL D 399 2.92 49.22 4.50
C VAL D 399 1.75 48.26 4.70
N ALA D 400 0.68 48.73 5.34
CA ALA D 400 -0.50 47.89 5.49
C ALA D 400 -1.20 47.65 4.17
N ASN D 401 -1.32 48.69 3.33
CA ASN D 401 -2.01 48.52 2.05
C ASN D 401 -1.23 47.62 1.11
N GLU D 402 0.10 47.68 1.13
CA GLU D 402 0.88 46.85 0.22
C GLU D 402 0.79 45.37 0.57
N THR D 403 0.99 45.02 1.84
CA THR D 403 1.03 43.61 2.25
C THR D 403 -0.36 43.00 2.10
N HIS D 404 -0.50 42.17 1.06
CA HIS D 404 -1.83 41.72 0.65
C HIS D 404 -2.31 40.52 1.45
N GLY D 405 -1.61 39.40 1.35
CA GLY D 405 -2.06 38.18 1.99
C GLY D 405 -1.38 37.84 3.29
N HIS D 406 -0.72 38.80 3.93
CA HIS D 406 0.06 38.51 5.12
C HIS D 406 -0.86 38.27 6.31
N VAL D 407 -0.44 37.37 7.20
CA VAL D 407 -1.33 36.88 8.26
C VAL D 407 -0.99 37.41 9.64
N GLY D 408 0.19 38.00 9.83
CA GLY D 408 0.61 38.49 11.12
C GLY D 408 1.96 37.98 11.55
N ALA D 409 2.26 36.70 11.27
CA ALA D 409 3.64 36.26 11.39
C ALA D 409 4.48 36.83 10.25
N ASP D 410 3.87 37.00 9.08
CA ASP D 410 4.57 37.59 7.95
C ASP D 410 4.84 39.07 8.18
N LEU D 411 3.92 39.76 8.86
CA LEU D 411 4.16 41.17 9.20
C LEU D 411 5.32 41.28 10.19
N ALA D 412 5.39 40.35 11.14
CA ALA D 412 6.55 40.33 12.04
C ALA D 412 7.84 40.07 11.28
N ALA D 413 7.79 39.18 10.29
CA ALA D 413 8.97 38.95 9.47
C ALA D 413 9.36 40.21 8.71
N LEU D 414 8.37 40.96 8.22
CA LEU D 414 8.65 42.22 7.53
C LEU D 414 9.32 43.22 8.47
N CYS D 415 8.83 43.32 9.71
CA CYS D 415 9.46 44.21 10.68
C CYS D 415 10.90 43.80 10.96
N SER D 416 11.14 42.49 11.14
CA SER D 416 12.49 42.02 11.40
C SER D 416 13.42 42.29 10.22
N GLU D 417 12.91 42.12 9.00
CA GLU D 417 13.72 42.41 7.82
C GLU D 417 14.06 43.88 7.72
N ALA D 418 13.09 44.76 7.99
CA ALA D 418 13.39 46.19 7.96
C ALA D 418 14.43 46.56 9.00
N ALA D 419 14.32 46.00 10.21
CA ALA D 419 15.31 46.29 11.24
C ALA D 419 16.69 45.77 10.83
N LEU D 420 16.75 44.57 10.25
CA LEU D 420 18.02 44.01 9.83
C LEU D 420 18.66 44.87 8.75
N GLN D 421 17.86 45.37 7.81
CA GLN D 421 18.41 46.28 6.80
C GLN D 421 18.91 47.57 7.42
N ALA D 422 18.17 48.09 8.41
CA ALA D 422 18.60 49.32 9.09
C ALA D 422 19.94 49.12 9.75
N ILE D 423 20.14 47.98 10.40
CA ILE D 423 21.45 47.68 10.98
C ILE D 423 22.49 47.50 9.89
N ARG D 424 22.12 46.85 8.78
CA ARG D 424 23.05 46.65 7.68
C ARG D 424 23.58 47.97 7.13
N LYS D 425 22.75 49.01 7.15
CA LYS D 425 23.19 50.30 6.61
C LYS D 425 24.38 50.85 7.37
N LYS D 426 24.57 50.41 8.61
CA LYS D 426 25.65 50.92 9.45
C LYS D 426 26.83 49.97 9.59
N MET D 427 27.03 49.05 8.64
CA MET D 427 28.19 48.17 8.73
C MET D 427 29.50 48.93 8.54
N ASP D 428 29.46 50.05 7.84
CA ASP D 428 30.68 50.82 7.65
C ASP D 428 31.26 51.29 8.98
N LEU D 429 30.39 51.78 9.87
CA LEU D 429 30.87 52.22 11.17
C LEU D 429 31.09 51.05 12.12
N ILE D 430 30.10 50.15 12.22
CA ILE D 430 30.16 49.04 13.15
C ILE D 430 31.20 48.04 12.70
N ASP D 431 31.85 47.39 13.66
CA ASP D 431 32.86 46.37 13.39
C ASP D 431 32.51 45.10 14.15
N LEU D 432 32.52 43.96 13.45
CA LEU D 432 32.33 42.69 14.13
C LEU D 432 33.51 42.36 15.04
N GLU D 433 34.72 42.73 14.60
CA GLU D 433 35.91 42.44 15.40
C GLU D 433 35.91 43.20 16.71
N ASP D 434 35.48 44.46 16.69
CA ASP D 434 35.42 45.27 17.89
C ASP D 434 34.40 44.71 18.88
N GLU D 435 34.76 44.70 20.16
CA GLU D 435 33.90 44.07 21.16
C GLU D 435 32.71 44.96 21.52
N THR D 436 32.82 46.27 21.25
CA THR D 436 31.78 47.21 21.63
C THR D 436 31.53 48.19 20.49
N ILE D 437 30.36 48.84 20.55
CA ILE D 437 29.91 49.75 19.51
C ILE D 437 29.69 51.13 20.12
N ASP D 438 29.95 52.17 19.34
CA ASP D 438 29.82 53.54 19.81
C ASP D 438 28.37 53.87 20.10
N ALA D 439 28.15 54.71 21.12
CA ALA D 439 26.80 55.12 21.49
C ALA D 439 26.22 56.08 20.46
N GLU D 440 27.07 56.83 19.77
CA GLU D 440 26.59 57.73 18.72
C GLU D 440 25.93 56.95 17.60
N VAL D 441 26.50 55.80 17.24
CA VAL D 441 25.87 54.95 16.22
C VAL D 441 24.55 54.41 16.72
N MET D 442 24.48 54.04 18.00
CA MET D 442 23.24 53.56 18.58
C MET D 442 22.14 54.61 18.51
N ASN D 443 22.48 55.87 18.80
CA ASN D 443 21.51 56.94 18.63
C ASN D 443 21.13 57.12 17.16
N SER D 444 22.11 57.03 16.26
CA SER D 444 21.84 57.28 14.85
C SER D 444 21.03 56.16 14.24
N LEU D 445 21.00 54.99 14.89
CA LEU D 445 20.32 53.84 14.32
C LEU D 445 18.82 53.90 14.59
N ALA D 446 18.04 53.92 13.51
CA ALA D 446 16.58 53.91 13.60
C ALA D 446 16.02 53.44 12.27
N VAL D 447 14.91 52.72 12.33
CA VAL D 447 14.30 52.19 11.12
C VAL D 447 13.61 53.30 10.35
N THR D 448 13.94 53.41 9.07
CA THR D 448 13.41 54.46 8.22
C THR D 448 12.50 53.84 7.17
N MET D 449 11.87 54.70 6.36
CA MET D 449 10.92 54.21 5.37
C MET D 449 11.60 53.40 4.28
N ASP D 450 12.83 53.76 3.91
CA ASP D 450 13.53 53.01 2.88
C ASP D 450 13.76 51.56 3.30
N ASP D 451 14.02 51.34 4.59
CA ASP D 451 14.14 49.98 5.10
C ASP D 451 12.85 49.21 4.91
N PHE D 452 11.71 49.86 5.18
CA PHE D 452 10.43 49.18 4.99
C PHE D 452 10.15 48.92 3.51
N ARG D 453 10.59 49.83 2.64
CA ARG D 453 10.42 49.59 1.20
C ARG D 453 11.23 48.39 0.75
N TRP D 454 12.47 48.27 1.23
CA TRP D 454 13.27 47.10 0.88
C TRP D 454 12.65 45.82 1.45
N ALA D 455 12.15 45.88 2.68
CA ALA D 455 11.50 44.71 3.27
C ALA D 455 10.29 44.31 2.46
N LEU D 456 9.51 45.29 2.01
CA LEU D 456 8.36 44.99 1.16
C LEU D 456 8.78 44.37 -0.16
N SER D 457 9.92 44.82 -0.70
CA SER D 457 10.43 44.19 -1.91
C SER D 457 10.76 42.72 -1.68
N GLN D 458 11.35 42.41 -0.52
CA GLN D 458 11.68 41.01 -0.23
C GLN D 458 10.45 40.21 0.18
N SER D 459 9.48 40.84 0.84
CA SER D 459 8.46 40.11 1.58
C SER D 459 7.58 39.28 0.65
N ASN D 460 7.12 38.15 1.17
CA ASN D 460 6.20 37.23 0.51
C ASN D 460 5.44 36.44 1.56
N PRO D 461 4.16 36.19 1.35
CA PRO D 461 3.39 35.42 2.35
C PRO D 461 3.99 34.04 2.57
N SER D 462 3.88 33.55 3.80
CA SER D 462 4.39 32.22 4.10
C SER D 462 3.58 31.15 3.40
N ALA D 463 2.29 31.41 3.14
CA ALA D 463 1.46 30.42 2.49
C ALA D 463 1.90 30.15 1.07
N LEU D 464 2.46 31.15 0.41
CA LEU D 464 2.87 31.05 -0.98
C LEU D 464 4.33 30.68 -1.15
N ARG D 465 5.00 30.24 -0.09
CA ARG D 465 6.42 29.89 -0.19
C ARG D 465 6.62 28.70 -1.11
N GLU D 466 5.69 27.75 -1.09
CA GLU D 466 5.84 26.56 -1.92
C GLU D 466 5.60 26.88 -3.39
N THR D 467 4.58 27.69 -3.67
CA THR D 467 4.22 28.04 -5.04
C THR D 467 4.80 29.42 -5.40
N VAL D 468 6.12 29.50 -5.40
CA VAL D 468 6.84 30.71 -5.80
C VAL D 468 7.81 30.35 -6.92
N VAL D 469 7.87 31.19 -7.94
CA VAL D 469 8.70 30.97 -9.11
C VAL D 469 9.33 32.30 -9.49
N GLU D 470 10.59 32.25 -9.93
CA GLU D 470 11.25 33.48 -10.36
C GLU D 470 10.69 33.92 -11.71
N VAL D 471 10.36 35.21 -11.80
CA VAL D 471 9.67 35.76 -12.97
C VAL D 471 10.61 36.70 -13.70
N PRO D 472 10.64 36.69 -15.04
CA PRO D 472 11.70 37.40 -15.77
C PRO D 472 11.64 38.92 -15.70
N GLN D 473 10.78 39.51 -14.88
CA GLN D 473 10.79 40.96 -14.63
C GLN D 473 10.43 41.76 -15.87
N VAL D 474 9.26 41.49 -16.44
CA VAL D 474 8.73 42.30 -17.54
C VAL D 474 7.94 43.48 -16.96
N THR D 475 7.86 44.55 -17.74
CA THR D 475 7.10 45.74 -17.37
C THR D 475 6.13 46.07 -18.50
N TRP D 476 5.08 46.82 -18.17
CA TRP D 476 4.03 47.10 -19.15
C TRP D 476 4.57 47.81 -20.39
N GLU D 477 5.70 48.51 -20.25
CA GLU D 477 6.25 49.20 -21.42
C GLU D 477 6.98 48.23 -22.34
N ASP D 478 7.39 47.07 -21.85
CA ASP D 478 8.05 46.10 -22.70
C ASP D 478 7.08 45.47 -23.69
N ILE D 479 5.80 45.34 -23.30
CA ILE D 479 4.80 44.84 -24.22
C ILE D 479 4.41 45.95 -25.20
N GLY D 480 4.38 45.62 -26.49
CA GLY D 480 4.02 46.58 -27.50
C GLY D 480 2.66 46.31 -28.09
N GLY D 481 1.88 47.35 -28.35
CA GLY D 481 0.52 47.15 -28.78
C GLY D 481 -0.35 46.69 -27.63
N LEU D 482 -1.51 46.13 -27.98
CA LEU D 482 -2.42 45.56 -27.00
C LEU D 482 -2.79 46.56 -25.92
N GLU D 483 -3.05 47.81 -26.31
CA GLU D 483 -3.29 48.84 -25.31
C GLU D 483 -4.62 48.63 -24.59
N ASP D 484 -5.67 48.28 -25.34
CA ASP D 484 -6.96 48.03 -24.72
C ASP D 484 -6.90 46.82 -23.78
N VAL D 485 -6.18 45.77 -24.17
CA VAL D 485 -6.03 44.61 -23.30
C VAL D 485 -5.26 44.98 -22.04
N LYS D 486 -4.20 45.79 -22.18
CA LYS D 486 -3.49 46.24 -21.00
C LYS D 486 -4.40 46.99 -20.04
N ARG D 487 -5.17 47.96 -20.57
CA ARG D 487 -6.03 48.74 -19.69
C ARG D 487 -7.10 47.87 -19.07
N GLU D 488 -7.59 46.87 -19.81
CA GLU D 488 -8.64 46.00 -19.28
C GLU D 488 -8.11 45.09 -18.18
N LEU D 489 -6.90 44.57 -18.33
CA LEU D 489 -6.32 43.77 -17.25
C LEU D 489 -6.04 44.61 -16.03
N GLN D 490 -5.54 45.84 -16.21
CA GLN D 490 -5.32 46.71 -15.07
C GLN D 490 -6.62 47.03 -14.35
N GLU D 491 -7.68 47.32 -15.10
CA GLU D 491 -8.98 47.55 -14.47
C GLU D 491 -9.46 46.30 -13.74
N LEU D 492 -9.32 45.14 -14.36
CA LEU D 492 -9.76 43.89 -13.75
C LEU D 492 -9.12 43.70 -12.38
N VAL D 493 -7.81 43.86 -12.30
CA VAL D 493 -7.14 43.61 -11.03
C VAL D 493 -7.43 44.73 -10.03
N GLN D 494 -7.53 45.97 -10.51
CA GLN D 494 -7.49 47.11 -9.59
C GLN D 494 -8.87 47.49 -9.06
N TYR D 495 -9.90 47.43 -9.89
CA TYR D 495 -11.20 47.96 -9.48
C TYR D 495 -11.78 47.26 -8.26
N PRO D 496 -11.89 45.93 -8.19
CA PRO D 496 -12.48 45.31 -7.01
C PRO D 496 -11.66 45.50 -5.75
N VAL D 497 -10.37 45.82 -5.88
CA VAL D 497 -9.51 45.97 -4.71
C VAL D 497 -9.51 47.41 -4.24
N GLU D 498 -9.26 48.36 -5.15
CA GLU D 498 -9.10 49.75 -4.76
C GLU D 498 -10.44 50.46 -4.66
N HIS D 499 -11.47 49.98 -5.35
CA HIS D 499 -12.77 50.62 -5.38
C HIS D 499 -13.89 49.60 -5.14
N PRO D 500 -13.98 49.06 -3.92
CA PRO D 500 -15.08 48.12 -3.66
C PRO D 500 -16.39 48.83 -3.33
N ASP D 501 -16.29 50.04 -2.78
CA ASP D 501 -17.48 50.79 -2.42
C ASP D 501 -18.30 51.17 -3.65
N LYS D 502 -17.64 51.40 -4.78
CA LYS D 502 -18.36 51.65 -6.02
C LYS D 502 -19.19 50.44 -6.42
N PHE D 503 -18.61 49.25 -6.34
CA PHE D 503 -19.36 48.04 -6.67
C PHE D 503 -20.52 47.83 -5.70
N LEU D 504 -20.30 48.13 -4.43
CA LEU D 504 -21.39 48.03 -3.45
C LEU D 504 -22.50 49.02 -3.77
N LYS D 505 -22.14 50.24 -4.16
CA LYS D 505 -23.13 51.24 -4.53
C LYS D 505 -23.97 50.78 -5.72
N PHE D 506 -23.31 50.24 -6.74
CA PHE D 506 -24.04 49.62 -7.83
C PHE D 506 -24.50 48.20 -7.51
N GLY D 507 -24.07 47.65 -6.37
CA GLY D 507 -24.58 46.38 -5.90
C GLY D 507 -24.37 45.21 -6.85
N MET D 508 -23.20 45.14 -7.48
CA MET D 508 -22.89 44.07 -8.42
C MET D 508 -21.49 43.56 -8.17
N THR D 509 -21.31 42.24 -8.19
CA THR D 509 -20.01 41.66 -7.97
C THR D 509 -19.16 41.78 -9.24
N PRO D 510 -17.84 41.85 -9.11
CA PRO D 510 -16.98 41.95 -10.30
C PRO D 510 -16.92 40.63 -11.05
N SER D 511 -16.50 40.71 -12.30
CA SER D 511 -16.15 39.50 -13.05
C SER D 511 -14.70 39.11 -12.75
N LYS D 512 -14.47 37.82 -12.51
CA LYS D 512 -13.17 37.36 -12.05
C LYS D 512 -12.58 36.25 -12.91
N GLY D 513 -12.63 36.37 -14.22
CA GLY D 513 -12.01 35.38 -15.08
C GLY D 513 -11.68 35.91 -16.45
N VAL D 514 -10.53 35.52 -17.00
CA VAL D 514 -10.08 35.96 -18.31
C VAL D 514 -9.44 34.76 -19.01
N LEU D 515 -9.69 34.62 -20.31
CA LEU D 515 -9.03 33.61 -21.12
C LEU D 515 -8.33 34.29 -22.28
N PHE D 516 -7.03 34.05 -22.40
CA PHE D 516 -6.25 34.52 -23.54
C PHE D 516 -6.12 33.38 -24.54
N TYR D 517 -6.54 33.60 -25.78
CA TYR D 517 -6.36 32.63 -26.84
C TYR D 517 -5.92 33.35 -28.10
N GLY D 518 -5.01 32.74 -28.84
CA GLY D 518 -4.48 33.35 -30.03
C GLY D 518 -3.38 32.51 -30.65
N PRO D 519 -2.77 33.02 -31.71
CA PRO D 519 -1.70 32.28 -32.36
C PRO D 519 -0.50 32.19 -31.43
N PRO D 520 0.37 31.20 -31.63
CA PRO D 520 1.59 31.11 -30.84
C PRO D 520 2.48 32.33 -31.04
N GLY D 521 3.03 32.83 -29.93
CA GLY D 521 3.96 33.93 -29.98
C GLY D 521 3.35 35.31 -30.07
N CYS D 522 2.14 35.52 -29.57
CA CYS D 522 1.45 36.77 -29.78
C CYS D 522 1.35 37.64 -28.52
N GLY D 523 1.72 37.14 -27.35
CA GLY D 523 1.78 37.97 -26.17
C GLY D 523 0.89 37.61 -25.00
N LYS D 524 0.62 36.32 -24.79
CA LYS D 524 -0.22 35.94 -23.65
C LYS D 524 0.61 35.73 -22.39
N THR D 525 1.64 34.90 -22.48
CA THR D 525 2.52 34.71 -21.34
C THR D 525 3.24 36.00 -20.97
N LEU D 526 3.45 36.88 -21.96
CA LEU D 526 4.07 38.18 -21.67
C LEU D 526 3.14 39.05 -20.83
N LEU D 527 1.84 39.05 -21.14
CA LEU D 527 0.89 39.77 -20.31
C LEU D 527 0.84 39.17 -18.92
N ALA D 528 0.93 37.85 -18.82
CA ALA D 528 0.98 37.22 -17.49
C ALA D 528 2.20 37.66 -16.70
N LYS D 529 3.37 37.73 -17.35
CA LYS D 529 4.57 38.20 -16.66
C LYS D 529 4.42 39.65 -16.21
N ALA D 530 3.83 40.49 -17.07
CA ALA D 530 3.65 41.89 -16.69
C ALA D 530 2.74 42.01 -15.48
N ILE D 531 1.65 41.24 -15.45
CA ILE D 531 0.75 41.25 -14.30
C ILE D 531 1.48 40.76 -13.06
N ALA D 532 2.28 39.72 -13.20
CA ALA D 532 2.97 39.15 -12.05
C ALA D 532 3.96 40.14 -11.46
N ASN D 533 4.64 40.91 -12.31
CA ASN D 533 5.63 41.85 -11.81
C ASN D 533 4.98 43.10 -11.22
N GLU D 534 3.98 43.66 -11.89
CA GLU D 534 3.51 44.99 -11.52
C GLU D 534 2.33 44.98 -10.57
N CYS D 535 1.25 44.30 -10.91
CA CYS D 535 -0.04 44.53 -10.26
C CYS D 535 0.03 44.24 -8.76
N GLN D 536 -0.92 44.84 -8.03
CA GLN D 536 -1.00 44.71 -6.58
C GLN D 536 -1.95 43.57 -6.22
N ALA D 537 -1.50 42.35 -6.51
CA ALA D 537 -2.22 41.13 -6.14
C ALA D 537 -1.25 39.97 -6.24
N ASN D 538 -1.36 39.04 -5.30
CA ASN D 538 -0.48 37.89 -5.29
C ASN D 538 -0.65 37.06 -6.56
N PHE D 539 0.42 36.39 -6.98
CA PHE D 539 0.42 35.64 -8.23
C PHE D 539 0.82 34.21 -7.96
N ILE D 540 0.00 33.28 -8.45
CA ILE D 540 0.30 31.86 -8.44
C ILE D 540 0.31 31.36 -9.86
N SER D 541 1.44 30.84 -10.31
CA SER D 541 1.62 30.42 -11.69
C SER D 541 1.59 28.90 -11.73
N ILE D 542 0.81 28.35 -12.67
CA ILE D 542 0.60 26.92 -12.76
C ILE D 542 0.88 26.47 -14.19
N LYS D 543 1.88 25.60 -14.35
CA LYS D 543 1.97 24.82 -15.58
C LYS D 543 0.81 23.85 -15.62
N GLY D 544 0.29 23.58 -16.82
CA GLY D 544 -0.91 22.80 -16.94
C GLY D 544 -0.85 21.46 -16.24
N PRO D 545 -0.03 20.54 -16.76
CA PRO D 545 -0.03 19.17 -16.23
C PRO D 545 0.74 18.99 -14.93
N GLU D 546 1.08 20.08 -14.24
CA GLU D 546 1.87 19.94 -13.01
C GLU D 546 1.02 19.40 -11.87
N LEU D 547 -0.30 19.55 -11.96
CA LEU D 547 -1.19 19.16 -10.87
C LEU D 547 -1.44 17.65 -10.88
N LEU D 548 -1.39 17.02 -12.04
CA LEU D 548 -1.80 15.63 -12.18
C LEU D 548 -0.82 14.69 -11.49
N THR D 549 -1.37 13.62 -10.91
CA THR D 549 -0.58 12.64 -10.18
C THR D 549 -1.15 11.26 -10.47
N MET D 550 -0.29 10.24 -10.38
CA MET D 550 -0.70 8.88 -10.73
C MET D 550 -1.68 8.32 -9.71
N TRP D 551 -1.60 8.76 -8.46
CA TRP D 551 -2.40 8.15 -7.41
C TRP D 551 -3.87 8.51 -7.56
N PHE D 552 -4.74 7.63 -7.08
CA PHE D 552 -6.18 7.81 -7.27
C PHE D 552 -6.70 8.87 -6.32
N GLY D 553 -7.40 9.86 -6.85
CA GLY D 553 -7.94 10.92 -6.03
C GLY D 553 -6.96 11.99 -5.62
N GLU D 554 -5.70 11.88 -6.03
CA GLU D 554 -4.69 12.84 -5.61
C GLU D 554 -4.68 14.07 -6.50
N SER D 555 -5.05 13.92 -7.78
CA SER D 555 -5.02 15.06 -8.69
C SER D 555 -6.02 16.12 -8.27
N GLU D 556 -7.23 15.70 -7.93
CA GLU D 556 -8.23 16.64 -7.45
C GLU D 556 -7.82 17.23 -6.10
N ALA D 557 -7.06 16.47 -5.30
CA ALA D 557 -6.54 17.02 -4.07
C ALA D 557 -5.59 18.18 -4.36
N ASN D 558 -4.72 18.01 -5.36
CA ASN D 558 -3.82 19.10 -5.73
C ASN D 558 -4.59 20.31 -6.23
N VAL D 559 -5.62 20.09 -7.04
CA VAL D 559 -6.43 21.21 -7.53
C VAL D 559 -7.09 21.94 -6.38
N ARG D 560 -7.68 21.19 -5.45
CA ARG D 560 -8.36 21.81 -4.32
C ARG D 560 -7.38 22.57 -3.45
N GLU D 561 -6.19 22.02 -3.24
CA GLU D 561 -5.18 22.70 -2.43
C GLU D 561 -4.73 24.00 -3.07
N ILE D 562 -4.54 24.00 -4.39
CA ILE D 562 -4.08 25.22 -5.04
C ILE D 562 -5.17 26.29 -5.00
N PHE D 563 -6.44 25.90 -5.15
CA PHE D 563 -7.48 26.90 -5.04
C PHE D 563 -7.64 27.40 -3.61
N ASP D 564 -7.39 26.53 -2.63
CA ASP D 564 -7.41 26.96 -1.24
C ASP D 564 -6.29 27.96 -0.94
N LYS D 565 -5.10 27.71 -1.48
CA LYS D 565 -4.02 28.67 -1.34
C LYS D 565 -4.37 30.00 -1.98
N ALA D 566 -5.02 29.95 -3.15
CA ALA D 566 -5.45 31.20 -3.77
C ALA D 566 -6.46 31.94 -2.91
N ARG D 567 -7.36 31.21 -2.25
CA ARG D 567 -8.35 31.86 -1.39
C ARG D 567 -7.72 32.47 -0.16
N GLN D 568 -6.74 31.78 0.44
CA GLN D 568 -6.11 32.33 1.65
C GLN D 568 -5.35 33.62 1.36
N ALA D 569 -4.63 33.67 0.24
CA ALA D 569 -3.81 34.82 -0.09
C ALA D 569 -4.52 35.85 -0.94
N ALA D 570 -5.85 35.91 -0.89
CA ALA D 570 -6.58 36.86 -1.70
C ALA D 570 -6.25 38.28 -1.27
N PRO D 571 -6.23 39.25 -2.19
CA PRO D 571 -6.47 39.13 -3.62
C PRO D 571 -5.33 38.44 -4.36
N CYS D 572 -5.64 37.40 -5.12
CA CYS D 572 -4.64 36.57 -5.76
C CYS D 572 -5.02 36.36 -7.21
N VAL D 573 -4.01 36.21 -8.05
CA VAL D 573 -4.18 35.91 -9.47
C VAL D 573 -3.69 34.50 -9.70
N LEU D 574 -4.52 33.68 -10.31
CA LEU D 574 -4.19 32.28 -10.57
C LEU D 574 -4.07 32.12 -12.08
N PHE D 575 -2.88 31.75 -12.55
CA PHE D 575 -2.60 31.71 -13.97
C PHE D 575 -2.32 30.29 -14.40
N PHE D 576 -3.09 29.80 -15.37
CA PHE D 576 -2.90 28.48 -15.96
C PHE D 576 -2.25 28.67 -17.32
N ASP D 577 -0.98 28.30 -17.43
CA ASP D 577 -0.20 28.66 -18.61
C ASP D 577 -0.73 27.98 -19.86
N GLN D 578 -1.07 26.70 -19.77
CA GLN D 578 -1.63 25.94 -20.90
C GLN D 578 -2.92 25.31 -20.40
N LEU D 579 -4.02 26.02 -20.57
CA LEU D 579 -5.27 25.59 -19.98
C LEU D 579 -5.81 24.34 -20.65
N ASP D 580 -5.54 24.16 -21.94
CA ASP D 580 -6.13 23.05 -22.68
C ASP D 580 -5.55 21.71 -22.25
N SER D 581 -4.45 21.72 -21.50
CA SER D 581 -3.90 20.47 -20.99
C SER D 581 -4.73 19.94 -19.83
N ILE D 582 -5.28 20.84 -19.02
CA ILE D 582 -5.91 20.42 -17.78
C ILE D 582 -7.43 20.51 -17.87
N ALA D 583 -7.96 21.33 -18.78
CA ALA D 583 -9.39 21.49 -18.95
C ALA D 583 -9.77 21.15 -20.38
N LYS D 584 -10.17 19.92 -20.60
CA LYS D 584 -10.50 19.44 -21.94
C LYS D 584 -11.92 18.89 -21.92
N ALA D 585 -12.50 18.74 -23.11
CA ALA D 585 -13.87 18.25 -23.20
C ALA D 585 -13.99 16.89 -22.54
N ARG D 586 -15.04 16.71 -21.74
CA ARG D 586 -15.16 15.49 -20.95
C ARG D 586 -15.63 14.31 -21.81
N GLY D 587 -15.19 13.12 -21.41
CA GLY D 587 -15.68 11.89 -21.98
C GLY D 587 -14.92 11.38 -23.19
N GLY D 588 -13.98 12.15 -23.73
CA GLY D 588 -13.27 11.75 -24.92
C GLY D 588 -12.00 10.96 -24.72
N ASN D 589 -11.69 10.58 -23.48
CA ASN D 589 -10.44 9.91 -23.14
C ASN D 589 -10.70 8.44 -22.88
N ILE D 590 -10.08 7.58 -23.71
CA ILE D 590 -10.28 6.14 -23.56
C ILE D 590 -9.58 5.63 -22.30
N GLY D 591 -8.34 6.07 -22.07
CA GLY D 591 -7.61 5.64 -20.90
C GLY D 591 -7.71 6.65 -19.77
N ASP D 592 -6.64 7.43 -19.58
CA ASP D 592 -6.61 8.50 -18.57
C ASP D 592 -6.93 7.97 -17.18
N GLY D 593 -6.45 6.76 -16.89
CA GLY D 593 -6.82 6.12 -15.64
C GLY D 593 -8.30 5.80 -15.63
N GLY D 594 -8.93 6.01 -14.49
CA GLY D 594 -10.37 5.90 -14.41
C GLY D 594 -11.06 7.23 -14.63
N GLY D 595 -10.87 7.82 -15.80
CA GLY D 595 -11.39 9.15 -16.06
C GLY D 595 -10.83 10.20 -15.11
N ALA D 596 -9.54 10.09 -14.79
CA ALA D 596 -8.95 11.03 -13.85
C ALA D 596 -8.91 12.43 -14.42
N ALA D 597 -8.71 12.56 -15.73
CA ALA D 597 -8.77 13.88 -16.36
C ALA D 597 -10.16 14.48 -16.21
N ASP D 598 -11.21 13.68 -16.42
CA ASP D 598 -12.56 14.20 -16.27
C ASP D 598 -12.86 14.59 -14.84
N ARG D 599 -12.36 13.82 -13.88
CA ARG D 599 -12.55 14.19 -12.48
C ARG D 599 -11.83 15.49 -12.14
N VAL D 600 -10.63 15.69 -12.71
CA VAL D 600 -9.92 16.95 -12.50
C VAL D 600 -10.71 18.11 -13.08
N ILE D 601 -11.28 17.92 -14.28
CA ILE D 601 -12.06 18.99 -14.89
C ILE D 601 -13.29 19.30 -14.04
N ASN D 602 -13.92 18.27 -13.48
CA ASN D 602 -15.07 18.51 -12.61
C ASN D 602 -14.67 19.27 -11.35
N GLN D 603 -13.52 18.93 -10.77
CA GLN D 603 -13.08 19.65 -9.59
C GLN D 603 -12.82 21.12 -9.90
N ILE D 604 -12.20 21.41 -11.04
CA ILE D 604 -12.00 22.80 -11.43
C ILE D 604 -13.33 23.50 -11.64
N LEU D 605 -14.26 22.83 -12.32
CA LEU D 605 -15.58 23.41 -12.55
C LEU D 605 -16.26 23.77 -11.24
N THR D 606 -16.14 22.91 -10.25
CA THR D 606 -16.76 23.19 -8.96
C THR D 606 -16.05 24.33 -8.23
N GLU D 607 -14.72 24.39 -8.34
CA GLU D 607 -13.98 25.39 -7.60
C GLU D 607 -14.23 26.80 -8.15
N MET D 608 -14.25 26.96 -9.47
CA MET D 608 -14.42 28.29 -10.03
C MET D 608 -15.83 28.82 -9.77
N ASP D 609 -16.84 27.96 -9.82
CA ASP D 609 -18.22 28.36 -9.57
C ASP D 609 -18.95 27.20 -8.91
N GLY D 610 -19.29 27.36 -7.63
CA GLY D 610 -19.92 26.31 -6.89
C GLY D 610 -20.77 26.89 -5.78
N MET D 611 -20.99 26.09 -4.74
CA MET D 611 -21.79 26.53 -3.61
C MET D 611 -21.08 27.58 -2.77
N SER D 612 -19.77 27.46 -2.58
CA SER D 612 -19.05 28.37 -1.72
C SER D 612 -19.14 29.80 -2.23
N THR D 613 -19.21 30.75 -1.30
CA THR D 613 -19.33 32.16 -1.68
C THR D 613 -18.06 32.61 -2.38
N LYS D 614 -18.23 33.54 -3.33
CA LYS D 614 -17.10 33.99 -4.12
C LYS D 614 -16.16 34.85 -3.27
N LYS D 615 -14.87 34.59 -3.42
CA LYS D 615 -13.84 35.43 -2.82
C LYS D 615 -13.14 36.18 -3.94
N ASN D 616 -12.06 36.87 -3.59
CA ASN D 616 -11.47 37.86 -4.48
C ASN D 616 -10.27 37.25 -5.20
N VAL D 617 -10.53 36.17 -5.92
CA VAL D 617 -9.51 35.41 -6.64
C VAL D 617 -9.81 35.48 -8.12
N PHE D 618 -8.81 35.87 -8.91
CA PHE D 618 -8.96 36.04 -10.36
C PHE D 618 -8.25 34.89 -11.06
N ILE D 619 -8.99 34.15 -11.88
CA ILE D 619 -8.43 33.05 -12.65
C ILE D 619 -8.15 33.57 -14.05
N ILE D 620 -6.91 33.39 -14.51
CA ILE D 620 -6.50 33.77 -15.86
C ILE D 620 -5.95 32.51 -16.53
N GLY D 621 -6.32 32.30 -17.77
CA GLY D 621 -5.85 31.14 -18.51
C GLY D 621 -5.40 31.54 -19.91
N ALA D 622 -4.41 30.81 -20.40
CA ALA D 622 -3.88 31.01 -21.75
C ALA D 622 -3.95 29.68 -22.48
N THR D 623 -4.30 29.72 -23.76
CA THR D 623 -4.45 28.50 -24.55
C THR D 623 -4.15 28.78 -26.02
N ASN D 624 -3.55 27.79 -26.68
CA ASN D 624 -3.31 27.88 -28.12
C ASN D 624 -4.47 27.32 -28.90
N ARG D 625 -5.22 26.40 -28.30
CA ARG D 625 -6.34 25.75 -28.95
C ARG D 625 -7.59 25.89 -28.09
N PRO D 626 -8.34 26.98 -28.23
CA PRO D 626 -9.52 27.15 -27.38
C PRO D 626 -10.67 26.25 -27.75
N ASP D 627 -10.59 25.54 -28.88
CA ASP D 627 -11.71 24.72 -29.31
C ASP D 627 -11.89 23.49 -28.42
N ILE D 628 -10.78 22.88 -27.98
CA ILE D 628 -10.88 21.62 -27.25
C ILE D 628 -11.19 21.84 -25.79
N ILE D 629 -11.17 23.09 -25.32
CA ILE D 629 -11.45 23.35 -23.91
C ILE D 629 -12.94 23.12 -23.62
N ASP D 630 -13.21 22.58 -22.44
CA ASP D 630 -14.56 22.18 -22.07
C ASP D 630 -15.52 23.37 -22.16
N PRO D 631 -16.69 23.20 -22.76
CA PRO D 631 -17.61 24.34 -22.87
C PRO D 631 -18.07 24.88 -21.52
N ALA D 632 -18.09 24.04 -20.48
CA ALA D 632 -18.54 24.51 -19.18
C ALA D 632 -17.54 25.47 -18.54
N ILE D 633 -16.26 25.31 -18.88
CA ILE D 633 -15.24 26.22 -18.36
C ILE D 633 -15.43 27.62 -18.90
N LEU D 634 -15.86 27.73 -20.15
CA LEU D 634 -15.96 29.04 -20.81
C LEU D 634 -17.24 29.78 -20.46
N ARG D 635 -18.11 29.19 -19.66
CA ARG D 635 -19.38 29.81 -19.30
C ARG D 635 -19.14 30.99 -18.37
N PRO D 636 -19.82 32.13 -18.59
CA PRO D 636 -19.60 33.29 -17.70
C PRO D 636 -19.88 32.96 -16.25
N GLY D 637 -19.03 33.49 -15.38
CA GLY D 637 -18.91 33.01 -14.02
C GLY D 637 -17.72 32.11 -13.81
N ARG D 638 -17.26 31.45 -14.89
CA ARG D 638 -15.96 30.81 -14.97
C ARG D 638 -15.29 31.33 -16.24
N LEU D 639 -14.21 32.06 -16.11
CA LEU D 639 -13.58 32.68 -17.27
C LEU D 639 -14.61 33.56 -18.00
N ASP D 640 -15.01 34.63 -17.32
CA ASP D 640 -16.08 35.48 -17.81
C ASP D 640 -15.77 36.04 -19.19
N GLN D 641 -14.57 36.57 -19.37
CA GLN D 641 -14.23 37.36 -20.54
C GLN D 641 -13.19 36.64 -21.37
N LEU D 642 -13.52 36.36 -22.63
CA LEU D 642 -12.59 35.74 -23.56
C LEU D 642 -11.94 36.84 -24.39
N ILE D 643 -10.61 36.93 -24.31
CA ILE D 643 -9.85 37.96 -25.00
C ILE D 643 -9.01 37.27 -26.07
N TYR D 644 -9.09 37.78 -27.30
CA TYR D 644 -8.38 37.21 -28.44
C TYR D 644 -7.16 38.07 -28.70
N ILE D 645 -5.97 37.49 -28.57
CA ILE D 645 -4.72 38.18 -28.82
C ILE D 645 -4.30 37.92 -30.26
N PRO D 646 -4.59 38.80 -31.19
CA PRO D 646 -4.39 38.48 -32.61
C PRO D 646 -2.95 38.75 -33.05
N LEU D 647 -2.68 38.40 -34.29
CA LEU D 647 -1.40 38.77 -34.87
C LEU D 647 -1.31 40.29 -35.00
N PRO D 648 -0.18 40.89 -34.63
CA PRO D 648 -0.10 42.35 -34.62
C PRO D 648 -0.26 42.93 -36.02
N ASP D 649 -0.91 44.09 -36.09
CA ASP D 649 -0.93 44.88 -37.31
C ASP D 649 0.23 45.86 -37.33
N GLU D 650 0.23 46.76 -38.32
CA GLU D 650 1.42 47.55 -38.60
C GLU D 650 1.81 48.45 -37.43
N LYS D 651 0.83 49.13 -36.83
CA LYS D 651 1.14 49.97 -35.68
C LYS D 651 1.69 49.15 -34.53
N SER D 652 1.08 47.99 -34.27
CA SER D 652 1.57 47.12 -33.22
C SER D 652 2.96 46.61 -33.55
N ARG D 653 3.25 46.37 -34.82
CA ARG D 653 4.59 45.90 -35.18
C ARG D 653 5.63 46.98 -34.95
N VAL D 654 5.31 48.23 -35.28
CA VAL D 654 6.21 49.33 -34.96
C VAL D 654 6.45 49.38 -33.45
N ALA D 655 5.38 49.24 -32.67
CA ALA D 655 5.51 49.30 -31.22
C ALA D 655 6.38 48.15 -30.69
N ILE D 656 6.20 46.95 -31.26
CA ILE D 656 6.97 45.79 -30.83
C ILE D 656 8.45 45.99 -31.12
N LEU D 657 8.77 46.45 -32.34
CA LEU D 657 10.17 46.66 -32.70
C LEU D 657 10.80 47.74 -31.84
N LYS D 658 10.05 48.80 -31.53
CA LYS D 658 10.60 49.82 -30.64
C LYS D 658 10.78 49.30 -29.23
N ALA D 659 9.87 48.43 -28.77
CA ALA D 659 9.93 47.94 -27.40
C ALA D 659 11.08 46.95 -27.21
N ASN D 660 11.37 46.14 -28.23
CA ASN D 660 12.50 45.21 -28.11
C ASN D 660 13.83 45.94 -28.18
N LEU D 661 13.88 47.07 -28.89
CA LEU D 661 15.14 47.75 -29.16
C LEU D 661 15.37 48.96 -28.26
N ARG D 662 14.57 49.12 -27.20
CA ARG D 662 14.71 50.32 -26.37
C ARG D 662 16.01 50.29 -25.57
N LYS D 663 16.46 49.10 -25.18
CA LYS D 663 17.72 49.00 -24.46
C LYS D 663 18.91 48.88 -25.41
N SER D 664 18.68 48.30 -26.58
CA SER D 664 19.77 48.01 -27.49
C SER D 664 20.23 49.27 -28.21
N PRO D 665 21.52 49.51 -28.34
CA PRO D 665 22.00 50.66 -29.12
C PRO D 665 21.92 50.37 -30.61
N VAL D 666 21.01 51.07 -31.29
CA VAL D 666 20.80 50.87 -32.72
C VAL D 666 21.05 52.19 -33.43
N ALA D 667 21.64 52.09 -34.62
CA ALA D 667 21.95 53.29 -35.40
C ALA D 667 20.68 53.98 -35.88
N LYS D 668 20.78 55.29 -36.07
CA LYS D 668 19.61 56.09 -36.43
C LYS D 668 19.11 55.75 -37.82
N ASP D 669 20.02 55.33 -38.72
CA ASP D 669 19.63 55.11 -40.10
C ASP D 669 18.67 53.93 -40.25
N VAL D 670 18.56 53.11 -39.20
CA VAL D 670 17.62 51.99 -39.24
C VAL D 670 16.19 52.52 -39.10
N ASP D 671 15.36 52.20 -40.06
CA ASP D 671 13.98 52.67 -40.11
C ASP D 671 13.06 51.54 -39.68
N LEU D 672 12.54 51.62 -38.46
CA LEU D 672 11.69 50.55 -37.94
C LEU D 672 10.35 50.51 -38.65
N GLU D 673 9.88 51.66 -39.14
CA GLU D 673 8.61 51.70 -39.85
C GLU D 673 8.65 50.85 -41.11
N PHE D 674 9.77 50.90 -41.85
CA PHE D 674 9.90 50.08 -43.04
C PHE D 674 9.92 48.59 -42.68
N LEU D 675 10.61 48.23 -41.60
CA LEU D 675 10.62 46.84 -41.16
C LEU D 675 9.21 46.38 -40.82
N ALA D 676 8.45 47.21 -40.11
CA ALA D 676 7.09 46.84 -39.75
C ALA D 676 6.22 46.71 -40.99
N LYS D 677 6.45 47.56 -41.99
CA LYS D 677 5.64 47.49 -43.21
C LYS D 677 5.93 46.21 -43.99
N MET D 678 7.21 45.86 -44.16
CA MET D 678 7.56 44.69 -44.94
C MET D 678 7.11 43.40 -44.25
N THR D 679 7.27 43.32 -42.93
CA THR D 679 6.88 42.13 -42.18
C THR D 679 5.37 42.14 -41.99
N ASN D 680 4.67 41.32 -42.76
CA ASN D 680 3.23 41.18 -42.65
C ASN D 680 2.90 39.77 -42.18
N GLY D 681 2.05 39.67 -41.16
CA GLY D 681 1.74 38.39 -40.57
C GLY D 681 2.79 37.86 -39.63
N PHE D 682 3.86 38.60 -39.38
CA PHE D 682 4.87 38.18 -38.42
C PHE D 682 4.29 38.27 -37.01
N SER D 683 4.46 37.21 -36.24
CA SER D 683 4.10 37.28 -34.84
C SER D 683 5.14 38.09 -34.07
N GLY D 684 4.82 38.43 -32.82
CA GLY D 684 5.78 39.18 -32.03
C GLY D 684 7.08 38.45 -31.84
N ALA D 685 7.02 37.13 -31.67
CA ALA D 685 8.23 36.34 -31.51
C ALA D 685 9.11 36.43 -32.74
N ASP D 686 8.51 36.54 -33.93
CA ASP D 686 9.30 36.67 -35.14
C ASP D 686 10.09 37.97 -35.17
N LEU D 687 9.46 39.08 -34.77
CA LEU D 687 10.17 40.35 -34.72
C LEU D 687 11.28 40.32 -33.68
N THR D 688 11.02 39.71 -32.53
CA THR D 688 12.07 39.57 -31.53
C THR D 688 13.22 38.72 -32.08
N GLU D 689 12.91 37.69 -32.86
CA GLU D 689 13.95 36.87 -33.46
C GLU D 689 14.78 37.67 -34.47
N ILE D 690 14.13 38.55 -35.23
CA ILE D 690 14.88 39.41 -36.15
C ILE D 690 15.85 40.28 -35.37
N CYS D 691 15.39 40.91 -34.29
CA CYS D 691 16.29 41.75 -33.51
C CYS D 691 17.44 40.93 -32.93
N GLN D 692 17.15 39.73 -32.44
CA GLN D 692 18.20 38.90 -31.86
C GLN D 692 19.21 38.45 -32.90
N ARG D 693 18.75 38.15 -34.12
CA ARG D 693 19.66 37.76 -35.18
C ARG D 693 20.58 38.92 -35.56
N ALA D 694 20.02 40.13 -35.65
CA ALA D 694 20.86 41.30 -35.93
C ALA D 694 21.91 41.48 -34.83
N CYS D 695 21.50 41.30 -33.58
CA CYS D 695 22.46 41.38 -32.47
C CYS D 695 23.56 40.34 -32.62
N LYS D 696 23.20 39.11 -32.97
CA LYS D 696 24.20 38.05 -33.12
C LYS D 696 25.19 38.37 -34.22
N LEU D 697 24.71 38.89 -35.34
CA LEU D 697 25.61 39.27 -36.42
C LEU D 697 26.56 40.38 -35.99
N ALA D 698 26.05 41.34 -35.22
CA ALA D 698 26.94 42.38 -34.70
C ALA D 698 28.01 41.80 -33.77
N ILE D 699 27.62 40.86 -32.91
CA ILE D 699 28.60 40.24 -32.02
C ILE D 699 29.65 39.48 -32.82
N ARG D 700 29.22 38.78 -33.87
CA ARG D 700 30.19 38.08 -34.72
C ARG D 700 31.18 39.05 -35.33
N GLU D 701 30.69 40.18 -35.84
CA GLU D 701 31.58 41.16 -36.43
C GLU D 701 32.57 41.70 -35.40
N SER D 702 32.10 41.96 -34.19
CA SER D 702 33.00 42.41 -33.13
C SER D 702 34.07 41.37 -32.83
N ILE D 703 33.69 40.10 -32.78
CA ILE D 703 34.67 39.04 -32.50
C ILE D 703 35.72 38.99 -33.59
N GLU D 704 35.31 39.05 -34.85
CA GLU D 704 36.29 38.98 -35.94
C GLU D 704 37.21 40.19 -35.93
N SER D 705 36.67 41.38 -35.62
CA SER D 705 37.53 42.56 -35.53
C SER D 705 38.56 42.41 -34.42
N GLU D 706 38.13 41.90 -33.25
CA GLU D 706 39.06 41.72 -32.15
C GLU D 706 40.13 40.68 -32.49
N ILE D 707 39.74 39.61 -33.17
CA ILE D 707 40.71 38.60 -33.59
C ILE D 707 41.74 39.19 -34.55
N ARG D 708 41.26 39.99 -35.51
CA ARG D 708 42.18 40.64 -36.44
C ARG D 708 43.14 41.56 -35.71
N ARG D 709 42.64 42.34 -34.75
CA ARG D 709 43.52 43.22 -33.99
C ARG D 709 44.56 42.44 -33.20
N GLU D 710 44.14 41.35 -32.55
CA GLU D 710 45.09 40.53 -31.81
C GLU D 710 46.14 39.94 -32.74
N ARG D 711 45.73 39.49 -33.92
CA ARG D 711 46.68 38.98 -34.90
C ARG D 711 47.67 40.05 -35.33
N GLU D 712 47.19 41.28 -35.54
CA GLU D 712 48.07 42.37 -35.95
C GLU D 712 49.06 42.73 -34.86
N ARG D 713 48.64 42.68 -33.60
CA ARG D 713 49.55 43.02 -32.51
C ARG D 713 50.72 42.05 -32.44
N GLN D 714 50.46 40.75 -32.54
CA GLN D 714 51.52 39.75 -32.45
C GLN D 714 52.15 39.50 -33.81
N PRO D 727 34.99 49.36 -33.36
CA PRO D 727 34.60 48.29 -34.28
C PRO D 727 33.13 48.38 -34.65
N VAL D 728 32.26 47.88 -33.77
CA VAL D 728 30.81 47.97 -33.98
C VAL D 728 30.16 48.57 -32.75
N PRO D 729 30.20 49.90 -32.59
CA PRO D 729 29.57 50.51 -31.41
C PRO D 729 28.08 50.27 -31.33
N GLU D 730 27.41 50.17 -32.47
CA GLU D 730 25.95 50.06 -32.50
C GLU D 730 25.53 49.25 -33.72
N ILE D 731 24.31 48.70 -33.65
CA ILE D 731 23.81 47.84 -34.70
C ILE D 731 23.45 48.68 -35.92
N ARG D 732 23.87 48.22 -37.09
CA ARG D 732 23.74 48.96 -38.34
C ARG D 732 22.68 48.33 -39.23
N ARG D 733 22.55 48.86 -40.44
CA ARG D 733 21.48 48.43 -41.33
C ARG D 733 21.81 47.10 -42.01
N ASP D 734 23.09 46.84 -42.27
CA ASP D 734 23.47 45.60 -42.94
C ASP D 734 23.15 44.38 -42.08
N HIS D 735 23.36 44.50 -40.76
CA HIS D 735 22.98 43.41 -39.87
C HIS D 735 21.48 43.13 -39.96
N PHE D 736 20.66 44.19 -40.02
CA PHE D 736 19.23 43.98 -40.13
C PHE D 736 18.86 43.38 -41.47
N GLU D 737 19.59 43.72 -42.52
CA GLU D 737 19.31 43.12 -43.83
C GLU D 737 19.61 41.62 -43.83
N GLU D 738 20.74 41.22 -43.24
CA GLU D 738 21.03 39.80 -43.12
C GLU D 738 19.99 39.09 -42.25
N ALA D 739 19.66 39.68 -41.10
CA ALA D 739 18.66 39.07 -40.23
C ALA D 739 17.34 38.91 -40.95
N MET D 740 16.98 39.88 -41.80
CA MET D 740 15.72 39.79 -42.53
C MET D 740 15.77 38.71 -43.58
N ARG D 741 16.90 38.53 -44.27
CA ARG D 741 16.95 37.46 -45.26
C ARG D 741 16.87 36.10 -44.59
N PHE D 742 17.29 36.02 -43.32
CA PHE D 742 17.13 34.77 -42.59
C PHE D 742 15.72 34.58 -42.04
N ALA D 743 14.90 35.63 -42.02
CA ALA D 743 13.65 35.61 -41.29
C ALA D 743 12.60 34.73 -41.97
N ARG D 744 11.59 34.33 -41.19
CA ARG D 744 10.48 33.53 -41.70
C ARG D 744 9.22 33.87 -40.92
N ARG D 745 8.08 33.41 -41.44
CA ARG D 745 6.79 33.65 -40.83
C ARG D 745 6.39 32.42 -40.02
N SER D 746 6.21 32.59 -38.71
CA SER D 746 6.06 31.44 -37.83
C SER D 746 4.66 30.82 -37.92
N VAL D 747 3.62 31.65 -38.05
CA VAL D 747 2.25 31.18 -38.02
C VAL D 747 1.68 31.24 -39.43
N SER D 748 1.20 30.10 -39.92
CA SER D 748 0.71 30.00 -41.29
C SER D 748 -0.74 30.49 -41.38
N ASP D 749 -1.28 30.41 -42.59
CA ASP D 749 -2.62 30.97 -42.83
C ASP D 749 -3.72 30.03 -42.36
N ASN D 750 -3.45 28.73 -42.30
CA ASN D 750 -4.45 27.80 -41.79
C ASN D 750 -4.72 28.05 -40.31
N ASP D 751 -3.65 28.27 -39.54
CA ASP D 751 -3.81 28.57 -38.12
C ASP D 751 -4.60 29.86 -37.94
N ILE D 752 -4.22 30.90 -38.69
CA ILE D 752 -4.93 32.17 -38.63
C ILE D 752 -6.40 31.95 -38.92
N ARG D 753 -6.70 31.14 -39.95
CA ARG D 753 -8.07 30.90 -40.33
C ARG D 753 -8.85 30.22 -39.21
N LYS D 754 -8.24 29.26 -38.51
CA LYS D 754 -9.00 28.56 -37.48
C LYS D 754 -9.23 29.45 -36.25
N TYR D 755 -8.25 30.29 -35.89
CA TYR D 755 -8.51 31.23 -34.80
C TYR D 755 -9.60 32.23 -35.19
N GLU D 756 -9.53 32.75 -36.42
CA GLU D 756 -10.56 33.67 -36.88
C GLU D 756 -11.91 32.97 -36.95
N MET D 757 -11.91 31.66 -37.17
CA MET D 757 -13.16 30.91 -37.19
C MET D 757 -13.77 30.81 -35.81
N PHE D 758 -12.96 30.57 -34.79
CA PHE D 758 -13.49 30.60 -33.42
C PHE D 758 -14.03 31.98 -33.07
N ALA D 759 -13.28 33.02 -33.43
CA ALA D 759 -13.75 34.38 -33.17
C ALA D 759 -15.04 34.68 -33.92
N GLN D 760 -15.16 34.20 -35.16
CA GLN D 760 -16.36 34.44 -35.95
C GLN D 760 -17.55 33.67 -35.38
N THR D 761 -17.32 32.47 -34.86
CA THR D 761 -18.40 31.76 -34.19
C THR D 761 -18.91 32.55 -33.00
N LEU D 762 -18.01 33.10 -32.19
CA LEU D 762 -18.47 33.94 -31.08
C LEU D 762 -19.20 35.19 -31.58
N GLN D 763 -18.67 35.85 -32.60
CA GLN D 763 -19.28 37.08 -33.10
C GLN D 763 -20.68 36.82 -33.67
N GLN D 764 -20.85 35.71 -34.41
CA GLN D 764 -22.16 35.36 -34.91
C GLN D 764 -23.09 34.94 -33.78
N SER D 765 -22.53 34.35 -32.72
CA SER D 765 -23.34 34.05 -31.54
C SER D 765 -23.84 35.32 -30.89
N ARG D 766 -23.07 36.41 -31.00
CA ARG D 766 -23.52 37.69 -30.43
C ARG D 766 -24.85 38.11 -31.02
N GLY D 767 -25.06 37.87 -32.31
CA GLY D 767 -26.31 38.19 -32.96
C GLY D 767 -26.39 39.58 -33.56
N PHE D 768 -25.44 40.46 -33.27
CA PHE D 768 -25.41 41.80 -33.82
C PHE D 768 -24.06 42.44 -33.48
N GLY D 769 -23.43 43.04 -34.49
CA GLY D 769 -22.23 43.81 -34.23
C GLY D 769 -22.51 45.05 -33.39
N SER D 770 -23.64 45.71 -33.65
CA SER D 770 -24.04 46.89 -32.91
C SER D 770 -25.46 46.71 -32.41
N PHE D 771 -25.70 47.17 -31.19
CA PHE D 771 -26.99 47.09 -30.53
C PHE D 771 -27.39 48.48 -30.06
N ARG D 772 -28.55 48.94 -30.51
CA ARG D 772 -29.03 50.29 -30.19
C ARG D 772 -30.46 50.22 -29.67
N PHE D 773 -30.71 50.91 -28.56
CA PHE D 773 -32.04 50.94 -27.98
C PHE D 773 -32.98 51.72 -28.88
N PRO D 774 -34.26 51.35 -28.94
CA PRO D 774 -35.22 52.14 -29.71
C PRO D 774 -35.47 53.48 -29.03
N SER D 775 -35.82 54.48 -29.83
CA SER D 775 -36.09 55.81 -29.31
C SER D 775 -37.59 56.03 -29.15
N PRO E 23 -53.36 5.26 47.41
CA PRO E 23 -53.48 6.65 47.87
C PRO E 23 -52.13 7.26 48.23
N ASN E 24 -51.06 6.50 48.03
CA ASN E 24 -49.72 7.01 48.32
C ASN E 24 -49.35 8.18 47.42
N ARG E 25 -49.72 8.09 46.14
CA ARG E 25 -49.44 9.18 45.21
C ARG E 25 -50.13 10.46 45.66
N LEU E 26 -49.37 11.56 45.67
CA LEU E 26 -49.87 12.86 46.07
C LEU E 26 -49.21 13.91 45.20
N ILE E 27 -49.82 15.10 45.18
CA ILE E 27 -49.38 16.19 44.31
C ILE E 27 -48.78 17.28 45.17
N VAL E 28 -47.54 17.69 44.84
CA VAL E 28 -46.84 18.66 45.66
C VAL E 28 -47.51 20.03 45.56
N ASP E 29 -47.81 20.61 46.72
CA ASP E 29 -48.47 21.90 46.80
C ASP E 29 -47.81 22.74 47.88
N GLU E 30 -47.97 24.05 47.79
CA GLU E 30 -47.35 24.96 48.74
C GLU E 30 -47.99 24.85 50.12
N ALA E 31 -47.16 25.06 51.15
CA ALA E 31 -47.62 25.08 52.54
C ALA E 31 -47.58 26.51 53.06
N ILE E 32 -48.69 26.95 53.66
CA ILE E 32 -48.79 28.32 54.15
C ILE E 32 -47.91 28.51 55.38
N ASN E 33 -47.96 27.57 56.33
CA ASN E 33 -47.22 27.70 57.58
C ASN E 33 -46.47 26.45 58.03
N GLU E 34 -46.74 25.29 57.45
CA GLU E 34 -46.08 24.07 57.90
C GLU E 34 -44.61 24.10 57.53
N ASP E 35 -43.75 23.87 58.53
CA ASP E 35 -42.31 23.95 58.31
C ASP E 35 -41.78 22.62 57.76
N ASN E 36 -40.46 22.59 57.56
CA ASN E 36 -39.82 21.46 56.91
C ASN E 36 -40.07 20.15 57.67
N SER E 37 -40.14 20.23 58.99
CA SER E 37 -40.20 19.02 59.80
C SER E 37 -41.57 18.36 59.77
N VAL E 38 -42.58 19.03 59.22
CA VAL E 38 -43.94 18.52 59.21
C VAL E 38 -44.49 18.59 57.79
N VAL E 39 -45.59 17.85 57.58
CA VAL E 39 -46.32 17.85 56.32
C VAL E 39 -47.81 17.96 56.63
N SER E 40 -48.53 18.68 55.76
CA SER E 40 -49.94 18.97 55.96
C SER E 40 -50.79 18.20 54.97
N LEU E 41 -51.75 17.42 55.47
CA LEU E 41 -52.65 16.65 54.64
C LEU E 41 -54.09 16.95 55.08
N SER E 42 -55.03 16.76 54.14
CA SER E 42 -56.43 16.95 54.44
C SER E 42 -56.94 15.81 55.32
N GLN E 43 -57.99 16.10 56.07
CA GLN E 43 -58.59 15.08 56.95
C GLN E 43 -58.93 13.80 56.22
N PRO E 44 -59.63 13.83 55.09
CA PRO E 44 -59.90 12.56 54.39
C PRO E 44 -58.64 11.84 53.98
N LYS E 45 -57.50 12.53 53.89
CA LYS E 45 -56.31 11.83 53.47
C LYS E 45 -55.83 10.88 54.56
N MET E 46 -55.74 11.36 55.80
CA MET E 46 -55.42 10.45 56.90
C MET E 46 -56.53 9.44 57.10
N ASP E 47 -57.78 9.81 56.76
CA ASP E 47 -58.86 8.83 56.83
C ASP E 47 -58.65 7.70 55.83
N GLU E 48 -58.17 8.05 54.64
CA GLU E 48 -57.93 7.06 53.58
C GLU E 48 -56.63 6.30 53.80
N LEU E 49 -55.59 6.98 54.27
CA LEU E 49 -54.30 6.35 54.55
C LEU E 49 -54.25 5.68 55.91
N GLN E 50 -55.30 5.82 56.72
CA GLN E 50 -55.34 5.24 58.06
C GLN E 50 -54.14 5.69 58.90
N LEU E 51 -53.83 6.98 58.82
CA LEU E 51 -52.73 7.55 59.58
C LEU E 51 -53.25 8.06 60.92
N PHE E 52 -52.59 7.68 62.00
CA PHE E 52 -52.96 8.17 63.31
C PHE E 52 -52.36 9.55 63.57
N ARG E 53 -52.97 10.26 64.51
CA ARG E 53 -52.50 11.59 64.86
C ARG E 53 -51.12 11.51 65.52
N GLY E 54 -50.24 12.44 65.15
CA GLY E 54 -48.91 12.49 65.70
C GLY E 54 -47.93 11.48 65.14
N ASP E 55 -48.31 10.74 64.11
CA ASP E 55 -47.45 9.71 63.56
C ASP E 55 -46.38 10.32 62.66
N THR E 56 -45.28 9.58 62.52
CA THR E 56 -44.21 9.94 61.60
C THR E 56 -44.38 9.14 60.31
N VAL E 57 -44.35 9.83 59.17
CA VAL E 57 -44.59 9.22 57.87
C VAL E 57 -43.37 9.47 56.99
N LEU E 58 -42.90 8.41 56.34
CA LEU E 58 -41.79 8.54 55.39
C LEU E 58 -42.33 9.04 54.05
N LEU E 59 -41.59 9.98 53.45
CA LEU E 59 -41.99 10.61 52.20
C LEU E 59 -41.07 10.13 51.08
N LYS E 60 -41.64 9.52 50.05
CA LYS E 60 -40.87 9.12 48.89
C LYS E 60 -40.80 10.26 47.88
N GLY E 61 -39.60 10.49 47.35
CA GLY E 61 -39.38 11.58 46.44
C GLY E 61 -38.57 11.13 45.24
N LYS E 62 -38.33 12.09 44.34
CA LYS E 62 -37.54 11.82 43.15
C LYS E 62 -36.08 11.55 43.52
N LYS E 63 -35.38 10.84 42.64
CA LYS E 63 -33.96 10.52 42.82
C LYS E 63 -33.69 9.71 44.08
N ARG E 64 -34.70 8.96 44.54
CA ARG E 64 -34.59 8.11 45.72
C ARG E 64 -34.12 8.89 46.95
N ARG E 65 -34.58 10.14 47.08
CA ARG E 65 -34.31 10.96 48.24
C ARG E 65 -35.57 11.07 49.08
N GLU E 66 -35.49 10.59 50.32
CA GLU E 66 -36.65 10.49 51.20
C GLU E 66 -36.45 11.36 52.42
N ALA E 67 -37.56 11.75 53.03
CA ALA E 67 -37.55 12.52 54.26
C ALA E 67 -38.66 12.02 55.17
N VAL E 68 -38.47 12.20 56.47
CA VAL E 68 -39.46 11.80 57.48
C VAL E 68 -39.97 13.07 58.14
N CYS E 69 -41.30 13.18 58.22
CA CYS E 69 -41.94 14.41 58.68
C CYS E 69 -43.20 14.06 59.46
N ILE E 70 -43.71 15.05 60.20
CA ILE E 70 -44.91 14.84 61.00
C ILE E 70 -46.14 15.20 60.19
N VAL E 71 -47.09 14.26 60.10
CA VAL E 71 -48.34 14.50 59.40
C VAL E 71 -49.15 15.54 60.16
N LEU E 72 -49.96 16.32 59.44
CA LEU E 72 -50.81 17.33 60.04
C LEU E 72 -52.17 17.34 59.35
N SER E 73 -53.16 17.87 60.07
CA SER E 73 -54.53 17.95 59.58
C SER E 73 -54.89 19.42 59.36
N ASP E 74 -55.29 19.74 58.14
CA ASP E 74 -55.67 21.10 57.75
C ASP E 74 -56.84 21.04 56.78
N ASP E 75 -57.87 21.84 57.04
CA ASP E 75 -59.03 21.84 56.17
C ASP E 75 -58.71 22.46 54.82
N THR E 76 -57.85 23.48 54.80
CA THR E 76 -57.54 24.18 53.55
C THR E 76 -56.78 23.29 52.59
N CYS E 77 -55.98 22.36 53.11
CA CYS E 77 -55.20 21.47 52.25
C CYS E 77 -56.12 20.57 51.43
N SER E 78 -55.78 20.42 50.15
CA SER E 78 -56.59 19.60 49.26
C SER E 78 -56.37 18.12 49.53
N ASP E 79 -57.40 17.32 49.23
CA ASP E 79 -57.32 15.88 49.45
C ASP E 79 -56.23 15.24 48.61
N GLU E 80 -56.15 15.63 47.34
CA GLU E 80 -55.19 15.06 46.40
C GLU E 80 -53.84 15.77 46.42
N LYS E 81 -53.70 16.83 47.21
CA LYS E 81 -52.48 17.64 47.22
C LYS E 81 -51.79 17.56 48.57
N ILE E 82 -50.47 17.60 48.53
CA ILE E 82 -49.64 17.71 49.73
C ILE E 82 -49.09 19.12 49.83
N ARG E 83 -49.55 19.86 50.85
CA ARG E 83 -49.02 21.18 51.14
C ARG E 83 -47.66 20.99 51.80
N MET E 84 -46.59 21.49 51.16
CA MET E 84 -45.28 21.45 51.80
C MET E 84 -44.43 22.55 51.14
N ASN E 85 -43.33 22.95 51.79
CA ASN E 85 -42.60 24.14 51.33
C ASN E 85 -41.34 23.76 50.54
N ARG E 86 -40.52 24.78 50.30
CA ARG E 86 -39.42 24.70 49.34
C ARG E 86 -38.24 23.87 49.86
N VAL E 87 -37.87 24.03 51.13
CA VAL E 87 -36.59 23.49 51.60
C VAL E 87 -36.62 21.97 51.60
N VAL E 88 -37.67 21.37 52.14
CA VAL E 88 -37.72 19.92 52.15
C VAL E 88 -38.14 19.40 50.78
N ARG E 89 -38.67 20.29 49.92
CA ARG E 89 -38.77 19.93 48.51
C ARG E 89 -37.38 19.71 47.91
N ASN E 90 -36.42 20.56 48.29
CA ASN E 90 -35.03 20.30 47.94
C ASN E 90 -34.51 19.04 48.60
N ASN E 91 -34.97 18.76 49.82
CA ASN E 91 -34.58 17.52 50.49
C ASN E 91 -35.03 16.31 49.69
N LEU E 92 -36.25 16.33 49.17
CA LEU E 92 -36.80 15.26 48.37
C LEU E 92 -36.43 15.37 46.90
N ARG E 93 -35.70 16.42 46.52
CA ARG E 93 -35.35 16.68 45.13
C ARG E 93 -36.59 16.70 44.23
N VAL E 94 -37.63 17.37 44.70
CA VAL E 94 -38.92 17.41 44.01
C VAL E 94 -39.29 18.86 43.74
N ARG E 95 -39.94 19.10 42.60
CA ARG E 95 -40.45 20.42 42.26
C ARG E 95 -41.86 20.59 42.80
N LEU E 96 -42.48 21.71 42.41
CA LEU E 96 -43.89 21.91 42.65
C LEU E 96 -44.72 20.99 41.75
N GLY E 97 -45.78 20.41 42.33
CA GLY E 97 -46.68 19.56 41.57
C GLY E 97 -46.14 18.17 41.28
N ASP E 98 -45.00 17.79 41.85
CA ASP E 98 -44.41 16.50 41.58
C ASP E 98 -45.21 15.38 42.22
N VAL E 99 -45.18 14.20 41.58
CA VAL E 99 -45.84 13.03 42.15
C VAL E 99 -44.94 12.42 43.22
N ILE E 100 -45.46 12.33 44.44
CA ILE E 100 -44.71 11.77 45.55
C ILE E 100 -45.57 10.71 46.24
N SER E 101 -44.90 9.80 46.92
CA SER E 101 -45.55 8.70 47.64
C SER E 101 -45.30 8.85 49.13
N ILE E 102 -46.35 8.74 49.92
CA ILE E 102 -46.27 8.87 51.38
C ILE E 102 -46.65 7.54 52.01
N GLN E 103 -45.79 7.05 52.91
CA GLN E 103 -46.04 5.85 53.68
C GLN E 103 -45.66 6.12 55.12
N PRO E 104 -46.27 5.40 56.07
CA PRO E 104 -45.85 5.53 57.46
C PRO E 104 -44.39 5.15 57.63
N CYS E 105 -43.71 5.83 58.56
CA CYS E 105 -42.29 5.57 58.77
C CYS E 105 -42.12 4.20 59.42
N PRO E 106 -41.33 3.31 58.82
CA PRO E 106 -41.22 1.95 59.36
C PRO E 106 -40.19 1.83 60.47
N ASP E 107 -40.63 1.35 61.63
CA ASP E 107 -39.75 1.13 62.79
C ASP E 107 -38.99 2.40 63.15
N VAL E 108 -39.71 3.53 63.16
CA VAL E 108 -39.08 4.81 63.48
C VAL E 108 -38.67 4.81 64.95
N LYS E 109 -37.43 5.23 65.21
CA LYS E 109 -36.86 5.18 66.54
C LYS E 109 -36.32 6.56 66.91
N TYR E 110 -36.44 6.92 68.18
CA TYR E 110 -35.91 8.19 68.65
C TYR E 110 -34.39 8.18 68.61
N GLY E 111 -33.82 9.29 68.18
CA GLY E 111 -32.38 9.36 67.98
C GLY E 111 -31.65 9.63 69.27
N LYS E 112 -30.70 8.75 69.60
CA LYS E 112 -29.89 8.96 70.81
C LYS E 112 -29.02 10.20 70.67
N ARG E 113 -28.47 10.44 69.48
CA ARG E 113 -27.75 11.67 69.21
C ARG E 113 -27.88 12.01 67.73
N ILE E 114 -27.95 13.30 67.45
CA ILE E 114 -28.08 13.83 66.10
C ILE E 114 -26.93 14.79 65.84
N HIS E 115 -26.35 14.71 64.64
CA HIS E 115 -25.27 15.58 64.22
C HIS E 115 -25.68 16.26 62.92
N VAL E 116 -25.38 17.56 62.80
CA VAL E 116 -25.81 18.35 61.65
C VAL E 116 -24.62 19.17 61.17
N LEU E 117 -24.68 19.58 59.90
CA LEU E 117 -23.65 20.43 59.31
C LEU E 117 -24.34 21.57 58.58
N PRO E 118 -24.23 22.81 59.06
CA PRO E 118 -24.85 23.93 58.34
C PRO E 118 -24.07 24.31 57.09
N ILE E 119 -24.72 25.11 56.25
CA ILE E 119 -24.12 25.53 54.99
C ILE E 119 -23.14 26.67 55.22
N ASP E 120 -22.01 26.64 54.50
CA ASP E 120 -20.90 27.54 54.81
C ASP E 120 -21.29 29.00 54.62
N ASP E 121 -22.02 29.32 53.55
CA ASP E 121 -22.37 30.71 53.31
C ASP E 121 -23.30 31.23 54.40
N THR E 122 -24.18 30.38 54.92
CA THR E 122 -25.07 30.79 56.01
C THR E 122 -24.31 31.00 57.31
N VAL E 123 -23.26 30.20 57.53
CA VAL E 123 -22.49 30.31 58.77
C VAL E 123 -21.78 31.66 58.83
N GLU E 124 -21.32 32.16 57.69
CA GLU E 124 -20.63 33.44 57.65
C GLU E 124 -21.58 34.55 58.08
N GLY E 125 -21.04 35.53 58.81
CA GLY E 125 -21.80 36.69 59.21
C GLY E 125 -22.61 36.55 60.48
N ILE E 126 -22.62 35.38 61.10
CA ILE E 126 -23.35 35.15 62.34
C ILE E 126 -22.32 35.14 63.47
N THR E 127 -22.25 36.25 64.22
CA THR E 127 -21.29 36.34 65.31
C THR E 127 -21.60 35.33 66.43
N GLY E 128 -22.88 35.17 66.75
CA GLY E 128 -23.25 34.23 67.78
C GLY E 128 -23.10 32.79 67.33
N ASN E 129 -23.06 31.88 68.31
CA ASN E 129 -22.91 30.47 68.00
C ASN E 129 -24.15 29.93 67.29
N LEU E 130 -23.93 29.14 66.24
CA LEU E 130 -25.05 28.62 65.45
C LEU E 130 -25.95 27.71 66.27
N PHE E 131 -25.35 26.82 67.07
CA PHE E 131 -26.13 25.86 67.85
C PHE E 131 -26.98 26.57 68.89
N GLU E 132 -26.40 27.56 69.58
CA GLU E 132 -27.14 28.26 70.63
C GLU E 132 -28.26 29.11 70.06
N VAL E 133 -27.97 29.86 69.00
CA VAL E 133 -28.96 30.77 68.44
C VAL E 133 -30.07 30.01 67.74
N TYR E 134 -29.72 28.99 66.95
CA TYR E 134 -30.69 28.28 66.12
C TYR E 134 -30.97 26.86 66.60
N LEU E 135 -29.95 26.02 66.73
CA LEU E 135 -30.20 24.60 66.94
C LEU E 135 -30.80 24.32 68.31
N LYS E 136 -30.32 25.02 69.35
CA LYS E 136 -30.83 24.77 70.70
C LYS E 136 -32.31 25.09 70.82
N PRO E 137 -32.82 26.26 70.40
CA PRO E 137 -34.27 26.47 70.52
C PRO E 137 -35.10 25.62 69.57
N TYR E 138 -34.57 25.34 68.37
CA TYR E 138 -35.31 24.53 67.42
C TYR E 138 -35.41 23.08 67.86
N PHE E 139 -34.33 22.53 68.40
CA PHE E 139 -34.27 21.12 68.76
C PHE E 139 -34.63 20.85 70.21
N LEU E 140 -35.03 21.88 70.96
CA LEU E 140 -35.50 21.68 72.33
C LEU E 140 -36.98 21.32 72.29
N GLU E 141 -37.32 20.13 72.79
CA GLU E 141 -38.68 19.61 72.75
C GLU E 141 -39.22 19.54 71.33
N ALA E 142 -38.33 19.35 70.36
CA ALA E 142 -38.74 19.35 68.96
C ALA E 142 -39.58 18.13 68.62
N TYR E 143 -39.10 16.94 69.01
CA TYR E 143 -39.77 15.68 68.69
C TYR E 143 -39.98 15.54 67.19
N ARG E 144 -39.01 16.06 66.42
CA ARG E 144 -39.10 16.09 64.97
C ARG E 144 -38.24 14.96 64.39
N PRO E 145 -38.80 14.12 63.53
CA PRO E 145 -37.96 13.12 62.87
C PRO E 145 -37.25 13.70 61.66
N ILE E 146 -35.99 13.29 61.47
CA ILE E 146 -35.18 13.75 60.35
C ILE E 146 -34.55 12.53 59.69
N ARG E 147 -34.42 12.60 58.37
CA ARG E 147 -33.78 11.56 57.58
C ARG E 147 -32.47 12.08 57.03
N LYS E 148 -31.61 11.14 56.61
CA LYS E 148 -30.27 11.49 56.16
C LYS E 148 -30.32 12.33 54.88
N GLY E 149 -29.45 13.33 54.82
CA GLY E 149 -29.33 14.20 53.66
C GLY E 149 -30.27 15.38 53.65
N ASP E 150 -31.19 15.48 54.61
CA ASP E 150 -32.14 16.57 54.63
C ASP E 150 -31.47 17.87 55.07
N ILE E 151 -31.96 18.99 54.55
CA ILE E 151 -31.57 20.31 55.02
C ILE E 151 -32.82 21.03 55.50
N PHE E 152 -32.74 21.65 56.67
CA PHE E 152 -33.85 22.40 57.23
C PHE E 152 -33.40 23.83 57.50
N LEU E 153 -34.29 24.77 57.25
CA LEU E 153 -33.99 26.19 57.39
C LEU E 153 -34.61 26.73 58.67
N VAL E 154 -33.78 27.36 59.50
CA VAL E 154 -34.21 27.92 60.77
C VAL E 154 -34.06 29.45 60.69
N ARG E 155 -35.15 30.16 60.91
CA ARG E 155 -35.12 31.61 60.83
C ARG E 155 -34.46 32.21 62.08
N GLY E 156 -33.92 33.40 61.93
CA GLY E 156 -33.25 34.11 63.00
C GLY E 156 -31.92 34.68 62.57
N GLY E 157 -31.48 35.69 63.34
CA GLY E 157 -30.22 36.34 63.07
C GLY E 157 -30.27 37.26 61.87
N MET E 158 -29.09 37.78 61.51
CA MET E 158 -28.99 38.63 60.33
C MET E 158 -29.27 37.82 59.06
N ARG E 159 -28.73 36.61 58.98
CA ARG E 159 -28.93 35.75 57.81
C ARG E 159 -29.61 34.48 58.26
N ALA E 160 -30.60 34.04 57.49
CA ALA E 160 -31.22 32.75 57.76
C ALA E 160 -30.22 31.64 57.49
N VAL E 161 -30.06 30.74 58.46
CA VAL E 161 -29.04 29.71 58.43
C VAL E 161 -29.70 28.36 58.18
N GLU E 162 -29.26 27.68 57.13
CA GLU E 162 -29.78 26.37 56.76
C GLU E 162 -28.82 25.29 57.25
N PHE E 163 -29.38 24.28 57.92
CA PHE E 163 -28.59 23.21 58.52
C PHE E 163 -28.83 21.92 57.75
N LYS E 164 -27.75 21.28 57.32
CA LYS E 164 -27.82 20.03 56.56
C LYS E 164 -27.32 18.87 57.42
N VAL E 165 -28.16 17.87 57.61
CA VAL E 165 -27.83 16.73 58.47
C VAL E 165 -27.07 15.73 57.60
N VAL E 166 -25.87 15.36 58.06
CA VAL E 166 -25.07 14.38 57.33
C VAL E 166 -25.10 13.03 58.04
N GLU E 167 -25.13 13.04 59.37
CA GLU E 167 -25.09 11.83 60.17
C GLU E 167 -26.38 11.69 60.95
N THR E 168 -27.09 10.58 60.75
CA THR E 168 -28.33 10.29 61.46
C THR E 168 -28.15 9.01 62.27
N ASP E 169 -28.47 9.09 63.56
CA ASP E 169 -28.38 7.96 64.46
C ASP E 169 -29.69 7.81 65.23
N PRO E 170 -30.40 6.68 65.11
CA PRO E 170 -30.03 5.57 64.22
C PRO E 170 -30.43 5.83 62.76
N SER E 171 -29.57 5.43 61.83
CA SER E 171 -29.85 5.66 60.42
C SER E 171 -30.95 4.71 59.93
N PRO E 172 -31.86 5.20 59.08
CA PRO E 172 -31.93 6.59 58.63
C PRO E 172 -32.97 7.43 59.36
N TYR E 173 -33.82 6.79 60.16
CA TYR E 173 -34.91 7.48 60.84
C TYR E 173 -34.54 7.74 62.29
N CYS E 174 -34.43 9.02 62.67
CA CYS E 174 -34.11 9.40 64.03
C CYS E 174 -34.98 10.57 64.45
N ILE E 175 -35.39 10.57 65.71
CA ILE E 175 -36.25 11.60 66.27
C ILE E 175 -35.48 12.32 67.37
N VAL E 176 -35.50 13.65 67.33
CA VAL E 176 -34.72 14.45 68.27
C VAL E 176 -35.50 14.61 69.56
N ALA E 177 -34.98 14.01 70.64
CA ALA E 177 -35.54 14.15 71.97
C ALA E 177 -34.92 15.34 72.70
N PRO E 178 -35.59 15.87 73.72
CA PRO E 178 -35.00 17.01 74.46
C PRO E 178 -33.65 16.70 75.08
N ASP E 179 -33.44 15.48 75.59
CA ASP E 179 -32.15 15.14 76.18
C ASP E 179 -31.07 15.01 75.10
N THR E 180 -31.48 14.74 73.86
CA THR E 180 -30.54 14.69 72.76
C THR E 180 -29.89 16.06 72.55
N VAL E 181 -28.57 16.07 72.40
CA VAL E 181 -27.81 17.29 72.19
C VAL E 181 -27.35 17.33 70.74
N ILE E 182 -27.57 18.46 70.08
CA ILE E 182 -27.20 18.66 68.69
C ILE E 182 -25.91 19.46 68.65
N HIS E 183 -24.92 18.95 67.91
CA HIS E 183 -23.63 19.61 67.77
C HIS E 183 -23.37 19.88 66.31
N CYS E 184 -23.10 21.14 65.99
CA CYS E 184 -22.85 21.57 64.61
C CYS E 184 -21.38 21.57 64.25
N GLU E 185 -20.51 21.11 65.14
CA GLU E 185 -19.08 21.15 64.89
C GLU E 185 -18.71 20.24 63.73
N GLY E 186 -17.79 20.72 62.89
CA GLY E 186 -17.36 20.01 61.70
C GLY E 186 -17.13 20.99 60.57
N GLU E 187 -17.02 20.45 59.35
CA GLU E 187 -16.77 21.28 58.18
C GLU E 187 -18.10 21.72 57.57
N PRO E 188 -18.35 23.01 57.42
CA PRO E 188 -19.63 23.46 56.86
C PRO E 188 -19.80 22.99 55.42
N ILE E 189 -21.05 22.71 55.04
CA ILE E 189 -21.33 22.23 53.70
C ILE E 189 -21.24 23.39 52.71
N LYS E 190 -20.55 23.16 51.60
CA LYS E 190 -20.41 24.18 50.57
C LYS E 190 -21.73 24.46 49.88
N ARG E 191 -21.95 25.73 49.52
CA ARG E 191 -23.15 26.09 48.77
C ARG E 191 -23.16 25.40 47.40
N GLU E 192 -21.99 25.33 46.74
CA GLU E 192 -21.90 24.62 45.47
C GLU E 192 -22.21 23.14 45.66
N ASP E 193 -21.76 22.55 46.76
CA ASP E 193 -22.10 21.16 47.05
C ASP E 193 -23.60 20.99 47.25
N GLU E 194 -24.25 21.93 47.94
CA GLU E 194 -25.68 21.85 48.13
C GLU E 194 -26.42 21.93 46.80
N GLU E 195 -26.00 22.85 45.92
CA GLU E 195 -26.63 22.95 44.61
C GLU E 195 -26.41 21.67 43.81
N GLU E 196 -25.20 21.13 43.82
CA GLU E 196 -24.90 19.92 43.05
C GLU E 196 -25.73 18.74 43.55
N SER E 197 -25.85 18.61 44.87
CA SER E 197 -26.70 17.56 45.43
C SER E 197 -28.16 17.77 45.05
N LEU E 198 -28.60 19.03 44.98
CA LEU E 198 -29.97 19.32 44.54
C LEU E 198 -30.17 18.95 43.07
N ASN E 199 -29.24 19.35 42.21
CA ASN E 199 -29.34 19.07 40.78
C ASN E 199 -28.91 17.62 40.52
N GLU E 200 -29.87 16.71 40.56
CA GLU E 200 -29.63 15.30 40.31
C GLU E 200 -30.51 14.84 39.17
N VAL E 201 -29.93 14.08 38.24
CA VAL E 201 -30.66 13.71 37.03
C VAL E 201 -31.64 12.58 37.33
N GLY E 202 -32.87 12.74 36.82
CA GLY E 202 -33.86 11.69 36.89
C GLY E 202 -34.54 11.53 35.54
N TYR E 203 -35.40 10.51 35.45
CA TYR E 203 -36.08 10.22 34.18
C TYR E 203 -36.96 11.38 33.74
N ASP E 204 -37.38 12.24 34.67
CA ASP E 204 -38.15 13.41 34.28
C ASP E 204 -37.31 14.38 33.47
N ASP E 205 -35.98 14.32 33.64
CA ASP E 205 -35.11 15.25 32.91
C ASP E 205 -34.94 14.83 31.45
N ILE E 206 -35.00 13.52 31.17
CA ILE E 206 -34.86 13.09 29.79
C ILE E 206 -36.14 13.32 29.02
N GLY E 207 -36.02 13.99 27.89
CA GLY E 207 -37.16 14.21 27.01
C GLY E 207 -36.86 13.69 25.61
N GLY E 208 -37.92 13.37 24.88
CA GLY E 208 -37.78 12.85 23.54
C GLY E 208 -37.49 11.37 23.46
N CYS E 209 -37.36 10.69 24.60
CA CYS E 209 -37.19 9.25 24.65
C CYS E 209 -38.05 8.60 25.73
N ARG E 210 -39.26 9.12 25.94
CA ARG E 210 -40.14 8.55 26.96
C ARG E 210 -40.50 7.11 26.61
N LYS E 211 -40.74 6.83 25.33
CA LYS E 211 -40.92 5.44 24.91
C LYS E 211 -39.66 4.63 25.18
N GLN E 212 -38.49 5.20 24.87
CA GLN E 212 -37.23 4.50 25.12
C GLN E 212 -36.97 4.37 26.61
N LEU E 213 -37.35 5.38 27.40
CA LEU E 213 -37.19 5.28 28.84
C LEU E 213 -38.05 4.16 29.41
N ALA E 214 -39.31 4.06 28.95
CA ALA E 214 -40.17 2.97 29.39
C ALA E 214 -39.59 1.61 28.98
N GLN E 215 -39.11 1.52 27.73
CA GLN E 215 -38.53 0.27 27.26
C GLN E 215 -37.32 -0.14 28.09
N ILE E 216 -36.44 0.83 28.38
CA ILE E 216 -35.27 0.53 29.19
C ILE E 216 -35.68 0.12 30.59
N LYS E 217 -36.67 0.78 31.16
CA LYS E 217 -37.15 0.40 32.49
C LYS E 217 -37.65 -1.03 32.50
N GLU E 218 -38.36 -1.44 31.44
CA GLU E 218 -38.71 -2.86 31.33
C GLU E 218 -37.46 -3.73 31.21
N MET E 219 -36.41 -3.19 30.59
CA MET E 219 -35.19 -3.99 30.41
C MET E 219 -34.37 -4.12 31.70
N VAL E 220 -34.19 -3.03 32.45
CA VAL E 220 -33.23 -3.01 33.55
C VAL E 220 -33.92 -2.95 34.91
N GLU E 221 -34.70 -1.91 35.18
CA GLU E 221 -35.12 -1.67 36.56
C GLU E 221 -36.24 -2.61 36.99
N LEU E 222 -37.15 -2.95 36.07
CA LEU E 222 -38.21 -3.90 36.43
C LEU E 222 -37.66 -5.28 36.77
N PRO E 223 -36.76 -5.89 35.99
CA PRO E 223 -36.21 -7.19 36.41
C PRO E 223 -35.50 -7.14 37.75
N LEU E 224 -34.83 -6.02 38.06
CA LEU E 224 -34.12 -5.94 39.33
C LEU E 224 -35.06 -5.74 40.50
N ARG E 225 -36.09 -4.92 40.33
CA ARG E 225 -37.06 -4.72 41.40
C ARG E 225 -37.85 -6.00 41.70
N HIS E 226 -38.26 -6.72 40.66
CA HIS E 226 -39.05 -7.93 40.81
C HIS E 226 -38.39 -9.06 40.05
N PRO E 227 -37.30 -9.61 40.58
CA PRO E 227 -36.70 -10.79 39.92
C PRO E 227 -37.58 -12.03 40.06
N ALA E 228 -38.26 -12.18 41.20
CA ALA E 228 -39.11 -13.35 41.40
C ALA E 228 -40.28 -13.35 40.42
N LEU E 229 -40.71 -12.17 39.98
CA LEU E 229 -41.75 -12.10 38.96
C LEU E 229 -41.33 -12.80 37.67
N PHE E 230 -40.17 -12.42 37.12
CA PHE E 230 -39.67 -13.08 35.92
C PHE E 230 -39.33 -14.54 36.20
N LYS E 231 -38.93 -14.84 37.45
CA LYS E 231 -38.67 -16.21 37.83
C LYS E 231 -39.91 -17.07 37.69
N GLU E 232 -41.06 -16.55 38.11
CA GLU E 232 -42.30 -17.33 38.05
C GLU E 232 -42.90 -17.28 36.65
N ILE E 233 -42.56 -16.26 35.86
CA ILE E 233 -43.03 -16.22 34.48
C ILE E 233 -42.35 -17.30 33.65
N GLY E 234 -41.05 -17.49 33.85
CA GLY E 234 -40.30 -18.47 33.10
C GLY E 234 -39.49 -17.93 31.95
N VAL E 235 -39.34 -16.62 31.84
CA VAL E 235 -38.55 -15.98 30.79
C VAL E 235 -37.28 -15.42 31.43
N LYS E 236 -36.14 -15.66 30.78
CA LYS E 236 -34.89 -15.13 31.30
C LYS E 236 -34.78 -13.64 30.97
N PRO E 237 -34.54 -12.79 31.97
CA PRO E 237 -34.32 -11.37 31.70
C PRO E 237 -33.07 -11.16 30.88
N PRO E 238 -33.08 -10.22 29.94
CA PRO E 238 -31.88 -9.96 29.12
C PRO E 238 -30.75 -9.38 29.96
N ARG E 239 -29.57 -9.99 29.84
CA ARG E 239 -28.43 -9.58 30.65
C ARG E 239 -27.79 -8.31 30.12
N GLY E 240 -27.77 -8.12 28.81
CA GLY E 240 -27.06 -7.00 28.24
C GLY E 240 -27.91 -6.06 27.41
N ILE E 241 -27.73 -4.76 27.61
CA ILE E 241 -28.42 -3.73 26.83
C ILE E 241 -27.37 -2.84 26.20
N LEU E 242 -27.44 -2.66 24.88
CA LEU E 242 -26.53 -1.81 24.14
C LEU E 242 -27.28 -0.57 23.68
N LEU E 243 -26.78 0.60 24.08
CA LEU E 243 -27.34 1.88 23.66
C LEU E 243 -26.44 2.47 22.60
N TYR E 244 -26.97 2.65 21.39
CA TYR E 244 -26.19 3.21 20.29
C TYR E 244 -26.99 4.32 19.64
N GLY E 245 -26.32 5.37 19.21
CA GLY E 245 -26.96 6.47 18.55
C GLY E 245 -25.97 7.55 18.18
N PRO E 246 -26.45 8.60 17.52
CA PRO E 246 -25.56 9.71 17.19
C PRO E 246 -25.07 10.39 18.44
N PRO E 247 -23.96 11.12 18.35
CA PRO E 247 -23.49 11.86 19.52
C PRO E 247 -24.50 12.91 19.97
N GLY E 248 -24.60 13.08 21.29
CA GLY E 248 -25.45 14.09 21.86
C GLY E 248 -26.91 13.73 22.01
N THR E 249 -27.28 12.47 21.81
CA THR E 249 -28.69 12.07 21.87
C THR E 249 -29.12 11.66 23.27
N GLY E 250 -28.20 11.58 24.22
CA GLY E 250 -28.58 11.35 25.61
C GLY E 250 -28.34 9.97 26.16
N LYS E 251 -27.41 9.20 25.58
CA LYS E 251 -27.13 7.87 26.11
C LYS E 251 -26.49 7.96 27.50
N THR E 252 -25.45 8.77 27.65
CA THR E 252 -24.81 8.92 28.95
C THR E 252 -25.75 9.57 29.94
N LEU E 253 -26.62 10.47 29.48
CA LEU E 253 -27.61 11.06 30.38
C LEU E 253 -28.59 10.02 30.89
N ILE E 254 -29.02 9.11 30.00
CA ILE E 254 -29.90 8.03 30.43
C ILE E 254 -29.19 7.13 31.45
N ALA E 255 -27.90 6.85 31.22
CA ALA E 255 -27.17 6.03 32.17
C ALA E 255 -27.04 6.72 33.53
N ARG E 256 -26.79 8.04 33.52
CA ARG E 256 -26.71 8.79 34.78
C ARG E 256 -28.04 8.75 35.51
N ALA E 257 -29.15 8.93 34.78
CA ALA E 257 -30.47 8.87 35.40
C ALA E 257 -30.73 7.48 35.98
N VAL E 258 -30.33 6.44 35.25
CA VAL E 258 -30.47 5.07 35.74
C VAL E 258 -29.72 4.91 37.06
N ALA E 259 -28.48 5.40 37.11
CA ALA E 259 -27.70 5.29 38.33
C ALA E 259 -28.33 6.07 39.47
N ASN E 260 -28.99 7.18 39.16
CA ASN E 260 -29.45 8.07 40.21
C ASN E 260 -30.82 7.66 40.77
N GLU E 261 -31.66 7.02 39.96
CA GLU E 261 -32.96 6.59 40.46
C GLU E 261 -33.03 5.11 40.81
N THR E 262 -31.92 4.38 40.74
CA THR E 262 -31.91 2.97 41.06
C THR E 262 -31.05 2.74 42.29
N GLY E 263 -31.58 1.99 43.26
CA GLY E 263 -30.83 1.61 44.43
C GLY E 263 -29.88 0.45 44.23
N ALA E 264 -29.98 -0.24 43.09
CA ALA E 264 -29.04 -1.29 42.77
C ALA E 264 -27.66 -0.71 42.54
N PHE E 265 -26.65 -1.52 42.81
CA PHE E 265 -25.27 -1.06 42.71
C PHE E 265 -24.95 -0.63 41.28
N PHE E 266 -24.29 0.52 41.15
CA PHE E 266 -23.89 1.04 39.85
C PHE E 266 -22.37 1.06 39.78
N PHE E 267 -21.83 0.43 38.75
CA PHE E 267 -20.39 0.40 38.54
C PHE E 267 -20.07 1.01 37.18
N LEU E 268 -19.02 1.82 37.14
CA LEU E 268 -18.61 2.54 35.95
C LEU E 268 -17.37 1.91 35.34
N ILE E 269 -17.42 1.67 34.03
CA ILE E 269 -16.27 1.20 33.27
C ILE E 269 -16.10 2.10 32.07
N ASN E 270 -14.90 2.60 31.87
CA ASN E 270 -14.52 3.34 30.67
C ASN E 270 -13.39 2.59 29.98
N GLY E 271 -13.52 2.38 28.66
CA GLY E 271 -12.60 1.55 27.94
C GLY E 271 -11.14 1.91 28.07
N PRO E 272 -10.75 3.18 27.85
CA PRO E 272 -9.34 3.54 28.04
C PRO E 272 -8.86 3.36 29.47
N GLU E 273 -9.73 3.47 30.45
CA GLU E 273 -9.30 3.39 31.86
C GLU E 273 -8.85 1.98 32.23
N ILE E 274 -9.30 0.98 31.48
CA ILE E 274 -8.95 -0.40 31.81
C ILE E 274 -7.47 -0.66 31.60
N MET E 275 -6.89 -0.05 30.58
CA MET E 275 -5.50 -0.34 30.21
C MET E 275 -4.54 0.01 31.34
N SER E 276 -3.51 -0.82 31.51
CA SER E 276 -2.48 -0.60 32.50
C SER E 276 -1.17 -1.21 32.01
N LYS E 277 -0.06 -0.77 32.60
CA LYS E 277 1.25 -1.12 32.07
C LYS E 277 1.62 -2.56 32.37
N LEU E 278 1.40 -3.02 33.60
CA LEU E 278 1.77 -4.39 33.96
C LEU E 278 0.95 -5.38 33.16
N ALA E 279 1.61 -6.41 32.64
CA ALA E 279 0.94 -7.40 31.80
C ALA E 279 -0.13 -8.14 32.60
N GLY E 280 -1.30 -8.31 31.98
CA GLY E 280 -2.43 -8.95 32.63
C GLY E 280 -3.21 -8.07 33.57
N GLU E 281 -2.84 -6.79 33.72
CA GLU E 281 -3.56 -5.91 34.64
C GLU E 281 -4.91 -5.51 34.05
N SER E 282 -5.01 -5.45 32.73
CA SER E 282 -6.28 -5.06 32.11
C SER E 282 -7.34 -6.14 32.30
N GLU E 283 -6.98 -7.40 32.02
CA GLU E 283 -7.91 -8.49 32.24
C GLU E 283 -8.24 -8.63 33.72
N SER E 284 -7.25 -8.40 34.58
CA SER E 284 -7.52 -8.42 36.02
C SER E 284 -8.49 -7.32 36.42
N ASN E 285 -8.38 -6.14 35.80
CA ASN E 285 -9.30 -5.05 36.11
C ASN E 285 -10.73 -5.40 35.67
N LEU E 286 -10.87 -5.97 34.48
CA LEU E 286 -12.20 -6.40 34.06
C LEU E 286 -12.78 -7.44 35.00
N ARG E 287 -11.96 -8.44 35.39
CA ARG E 287 -12.43 -9.48 36.29
C ARG E 287 -12.79 -8.91 37.65
N LYS E 288 -12.00 -7.96 38.15
CA LYS E 288 -12.28 -7.34 39.45
C LYS E 288 -13.58 -6.52 39.38
N ALA E 289 -13.80 -5.82 38.28
CA ALA E 289 -15.04 -5.07 38.13
C ALA E 289 -16.24 -6.01 38.16
N PHE E 290 -16.17 -7.10 37.41
CA PHE E 290 -17.29 -8.04 37.40
C PHE E 290 -17.44 -8.73 38.76
N GLU E 291 -16.33 -8.97 39.45
CA GLU E 291 -16.40 -9.54 40.79
C GLU E 291 -17.13 -8.61 41.75
N GLU E 292 -16.77 -7.33 41.74
CA GLU E 292 -17.45 -6.39 42.63
C GLU E 292 -18.90 -6.22 42.25
N ALA E 293 -19.23 -6.36 40.97
CA ALA E 293 -20.63 -6.37 40.57
C ALA E 293 -21.35 -7.59 41.14
N GLU E 294 -20.68 -8.74 41.17
CA GLU E 294 -21.31 -9.94 41.70
C GLU E 294 -21.48 -9.89 43.21
N LYS E 295 -20.50 -9.33 43.92
CA LYS E 295 -20.57 -9.29 45.38
C LYS E 295 -21.78 -8.49 45.85
N ASN E 296 -22.02 -7.35 45.23
CA ASN E 296 -23.14 -6.48 45.57
C ASN E 296 -24.24 -6.68 44.54
N ALA E 297 -25.33 -7.33 44.94
CA ALA E 297 -26.41 -7.60 44.02
C ALA E 297 -27.72 -7.11 44.62
N PRO E 298 -28.66 -6.62 43.79
CA PRO E 298 -28.53 -6.47 42.34
C PRO E 298 -27.65 -5.29 41.96
N ALA E 299 -27.07 -5.32 40.77
CA ALA E 299 -26.12 -4.31 40.35
C ALA E 299 -26.22 -4.06 38.85
N ILE E 300 -25.75 -2.89 38.43
CA ILE E 300 -25.68 -2.52 37.02
C ILE E 300 -24.24 -2.18 36.69
N ILE E 301 -23.73 -2.74 35.60
CA ILE E 301 -22.42 -2.41 35.06
C ILE E 301 -22.64 -1.52 33.84
N PHE E 302 -22.04 -0.33 33.87
CA PHE E 302 -22.11 0.57 32.72
C PHE E 302 -20.74 0.64 32.07
N ILE E 303 -20.67 0.32 30.79
CA ILE E 303 -19.44 0.36 30.02
C ILE E 303 -19.56 1.51 29.02
N ASP E 304 -18.86 2.60 29.29
CA ASP E 304 -18.91 3.79 28.45
C ASP E 304 -17.82 3.71 27.39
N GLU E 305 -18.17 4.09 26.16
CA GLU E 305 -17.30 3.92 25.01
C GLU E 305 -16.92 2.45 24.85
N LEU E 306 -17.92 1.63 24.56
CA LEU E 306 -17.69 0.20 24.41
C LEU E 306 -16.75 -0.09 23.25
N ASP E 307 -16.85 0.65 22.16
CA ASP E 307 -16.00 0.41 21.01
C ASP E 307 -14.54 0.69 21.31
N ALA E 308 -14.27 1.46 22.36
CA ALA E 308 -12.89 1.71 22.76
C ALA E 308 -12.25 0.45 23.34
N ILE E 309 -13.01 -0.33 24.11
CA ILE E 309 -12.45 -1.48 24.79
C ILE E 309 -12.61 -2.75 23.95
N ALA E 310 -13.63 -2.79 23.09
CA ALA E 310 -13.99 -4.00 22.35
C ALA E 310 -14.06 -3.71 20.85
N PRO E 311 -12.91 -3.59 20.20
CA PRO E 311 -12.89 -3.52 18.73
C PRO E 311 -12.98 -4.92 18.13
N LYS E 312 -13.07 -4.95 16.80
CA LYS E 312 -13.11 -6.23 16.11
C LYS E 312 -11.81 -7.00 16.34
N ARG E 313 -11.93 -8.29 16.61
CA ARG E 313 -10.74 -9.11 16.83
C ARG E 313 -9.89 -9.23 15.57
N GLU E 314 -10.54 -9.41 14.41
CA GLU E 314 -9.77 -9.56 13.19
C GLU E 314 -9.12 -8.24 12.77
N LYS E 315 -9.74 -7.11 13.12
CA LYS E 315 -9.12 -5.83 12.82
C LYS E 315 -7.94 -5.54 13.74
N THR E 316 -8.05 -5.93 15.01
CA THR E 316 -7.04 -5.58 15.99
C THR E 316 -5.70 -6.24 15.68
N HIS E 317 -4.63 -5.46 15.83
CA HIS E 317 -3.27 -5.96 15.62
C HIS E 317 -2.47 -6.12 16.90
N GLY E 318 -3.10 -5.97 18.06
CA GLY E 318 -2.42 -6.10 19.34
C GLY E 318 -2.92 -7.32 20.09
N GLU E 319 -1.97 -8.05 20.70
CA GLU E 319 -2.34 -9.26 21.44
C GLU E 319 -3.21 -8.93 22.65
N VAL E 320 -2.86 -7.87 23.38
CA VAL E 320 -3.57 -7.55 24.61
C VAL E 320 -5.03 -7.20 24.31
N GLU E 321 -5.28 -6.45 23.24
CA GLU E 321 -6.65 -6.05 22.94
C GLU E 321 -7.50 -7.23 22.50
N ARG E 322 -6.92 -8.16 21.74
CA ARG E 322 -7.66 -9.38 21.42
C ARG E 322 -7.98 -10.17 22.69
N ARG E 323 -7.01 -10.26 23.59
CA ARG E 323 -7.28 -10.96 24.85
C ARG E 323 -8.39 -10.27 25.63
N ILE E 324 -8.44 -8.94 25.56
CA ILE E 324 -9.48 -8.18 26.28
C ILE E 324 -10.86 -8.42 25.67
N VAL E 325 -10.95 -8.46 24.35
CA VAL E 325 -12.23 -8.74 23.71
C VAL E 325 -12.70 -10.14 24.07
N SER E 326 -11.78 -11.11 24.04
CA SER E 326 -12.16 -12.47 24.44
C SER E 326 -12.58 -12.52 25.91
N GLN E 327 -11.91 -11.74 26.75
CA GLN E 327 -12.28 -11.65 28.16
C GLN E 327 -13.69 -11.09 28.31
N LEU E 328 -14.03 -10.08 27.51
CA LEU E 328 -15.38 -9.53 27.56
C LEU E 328 -16.42 -10.55 27.14
N LEU E 329 -16.13 -11.32 26.09
CA LEU E 329 -17.07 -12.36 25.68
C LEU E 329 -17.25 -13.40 26.78
N THR E 330 -16.15 -13.84 27.39
CA THR E 330 -16.22 -14.79 28.48
C THR E 330 -17.01 -14.23 29.65
N LEU E 331 -16.84 -12.94 29.95
CA LEU E 331 -17.50 -12.37 31.10
C LEU E 331 -18.99 -12.18 30.85
N MET E 332 -19.38 -11.92 29.61
CA MET E 332 -20.80 -11.99 29.27
C MET E 332 -21.36 -13.40 29.44
N ASP E 333 -20.61 -14.41 29.01
CA ASP E 333 -21.07 -15.78 29.20
C ASP E 333 -21.23 -16.10 30.68
N GLY E 334 -20.28 -15.67 31.50
CA GLY E 334 -20.41 -15.84 32.94
C GLY E 334 -21.55 -15.04 33.52
N LEU E 335 -21.82 -13.86 32.95
CA LEU E 335 -22.94 -13.04 33.40
C LEU E 335 -24.26 -13.74 33.14
N LYS E 336 -24.30 -14.59 32.12
CA LYS E 336 -25.52 -15.35 31.85
C LYS E 336 -25.93 -16.19 33.06
N GLN E 337 -24.98 -16.77 33.77
CA GLN E 337 -25.33 -17.54 34.97
C GLN E 337 -25.47 -16.64 36.18
N ARG E 338 -24.97 -15.41 36.10
CA ARG E 338 -25.18 -14.45 37.18
C ARG E 338 -26.67 -14.13 37.29
N ALA E 339 -27.15 -13.98 38.52
CA ALA E 339 -28.59 -13.82 38.72
C ALA E 339 -29.01 -12.36 38.61
N HIS E 340 -28.38 -11.47 39.38
CA HIS E 340 -28.91 -10.12 39.56
C HIS E 340 -27.98 -9.03 39.04
N VAL E 341 -27.17 -9.32 38.04
CA VAL E 341 -26.28 -8.33 37.44
C VAL E 341 -26.65 -8.17 35.97
N ILE E 342 -26.90 -6.92 35.56
CA ILE E 342 -27.21 -6.58 34.18
C ILE E 342 -26.22 -5.52 33.71
N VAL E 343 -25.65 -5.73 32.53
CA VAL E 343 -24.65 -4.83 31.96
C VAL E 343 -25.30 -3.99 30.86
N MET E 344 -24.98 -2.71 30.85
CA MET E 344 -25.47 -1.77 29.84
C MET E 344 -24.29 -1.01 29.25
N ALA E 345 -24.29 -0.85 27.94
CA ALA E 345 -23.17 -0.25 27.23
C ALA E 345 -23.65 0.85 26.31
N ALA E 346 -22.77 1.84 26.08
CA ALA E 346 -23.07 2.96 25.21
C ALA E 346 -21.93 3.13 24.21
N THR E 347 -22.27 3.26 22.93
CA THR E 347 -21.29 3.43 21.87
C THR E 347 -21.78 4.44 20.84
N ASN E 348 -20.87 5.28 20.36
CA ASN E 348 -21.19 6.17 19.25
C ASN E 348 -21.22 5.39 17.94
N ARG E 349 -20.44 4.32 17.86
CA ARG E 349 -20.30 3.55 16.63
C ARG E 349 -20.84 2.15 16.84
N PRO E 350 -22.10 1.87 16.48
CA PRO E 350 -22.59 0.50 16.67
C PRO E 350 -21.84 -0.53 15.83
N ASN E 351 -21.30 -0.12 14.69
CA ASN E 351 -20.69 -1.09 13.78
C ASN E 351 -19.32 -1.55 14.29
N SER E 352 -18.57 -0.65 14.94
CA SER E 352 -17.21 -1.00 15.35
C SER E 352 -17.21 -2.07 16.42
N ILE E 353 -18.34 -2.27 17.11
CA ILE E 353 -18.44 -3.35 18.08
C ILE E 353 -18.26 -4.68 17.36
N ASP E 354 -17.55 -5.60 18.00
CA ASP E 354 -17.30 -6.89 17.39
C ASP E 354 -18.61 -7.62 17.15
N PRO E 355 -18.83 -8.17 15.96
CA PRO E 355 -20.14 -8.79 15.68
C PRO E 355 -20.48 -9.93 16.62
N ALA E 356 -19.47 -10.58 17.19
CA ALA E 356 -19.74 -11.63 18.18
C ALA E 356 -20.38 -11.05 19.43
N LEU E 357 -20.01 -9.83 19.81
CA LEU E 357 -20.62 -9.19 20.97
C LEU E 357 -22.08 -8.86 20.71
N ARG E 358 -22.46 -8.72 19.44
CA ARG E 358 -23.85 -8.45 19.11
C ARG E 358 -24.67 -9.73 18.96
N ARG E 359 -24.05 -10.89 19.14
CA ARG E 359 -24.76 -12.16 19.00
C ARG E 359 -25.66 -12.41 20.21
N PHE E 360 -26.60 -13.31 20.03
CA PHE E 360 -27.59 -13.58 21.06
C PHE E 360 -26.94 -14.17 22.30
N GLY E 361 -27.41 -13.74 23.47
CA GLY E 361 -26.83 -14.09 24.74
C GLY E 361 -25.83 -13.08 25.27
N ARG E 362 -25.22 -12.29 24.39
CA ARG E 362 -24.32 -11.22 24.77
C ARG E 362 -24.86 -9.93 24.19
N PHE E 363 -25.24 -8.99 25.04
CA PHE E 363 -25.94 -7.77 24.61
C PHE E 363 -27.11 -8.13 23.71
N ASP E 364 -28.07 -8.87 24.28
CA ASP E 364 -29.19 -9.38 23.49
C ASP E 364 -30.06 -8.25 22.95
N ARG E 365 -30.40 -7.28 23.80
CA ARG E 365 -31.31 -6.20 23.44
C ARG E 365 -30.52 -4.95 23.10
N GLU E 366 -30.73 -4.42 21.90
CA GLU E 366 -30.07 -3.20 21.45
C GLU E 366 -31.12 -2.10 21.30
N VAL E 367 -30.88 -0.97 21.93
CA VAL E 367 -31.79 0.17 21.89
C VAL E 367 -31.15 1.27 21.05
N ASP E 368 -31.87 1.72 20.03
CA ASP E 368 -31.40 2.78 19.16
C ASP E 368 -32.01 4.10 19.62
N ILE E 369 -31.17 4.95 20.22
CA ILE E 369 -31.61 6.25 20.73
C ILE E 369 -31.52 7.24 19.58
N GLY E 370 -32.61 7.35 18.80
CA GLY E 370 -32.57 8.17 17.61
C GLY E 370 -32.71 9.65 17.91
N ILE E 371 -32.66 10.44 16.85
CA ILE E 371 -32.84 11.88 17.01
C ILE E 371 -34.30 12.17 17.35
N PRO E 372 -34.60 13.12 18.24
CA PRO E 372 -35.99 13.39 18.58
C PRO E 372 -36.73 14.06 17.43
N ASP E 373 -38.05 13.91 17.42
CA ASP E 373 -38.90 14.68 16.51
C ASP E 373 -39.36 15.96 17.18
N ALA E 374 -40.33 16.63 16.55
CA ALA E 374 -40.75 17.95 17.00
C ALA E 374 -41.27 17.92 18.44
N THR E 375 -42.13 16.96 18.76
CA THR E 375 -42.65 16.85 20.12
C THR E 375 -41.53 16.57 21.11
N GLY E 376 -40.59 15.70 20.75
CA GLY E 376 -39.46 15.43 21.62
C GLY E 376 -38.60 16.66 21.85
N ARG E 377 -38.37 17.45 20.82
CA ARG E 377 -37.59 18.66 20.97
C ARG E 377 -38.30 19.65 21.88
N LEU E 378 -39.62 19.75 21.75
CA LEU E 378 -40.37 20.62 22.66
C LEU E 378 -40.26 20.14 24.10
N GLU E 379 -40.33 18.82 24.31
CA GLU E 379 -40.17 18.29 25.66
C GLU E 379 -38.80 18.61 26.22
N ILE E 380 -37.75 18.44 25.43
CA ILE E 380 -36.40 18.74 25.89
C ILE E 380 -36.26 20.22 26.24
N LEU E 381 -36.83 21.09 25.40
CA LEU E 381 -36.79 22.52 25.70
C LEU E 381 -37.51 22.84 27.01
N GLN E 382 -38.68 22.25 27.21
CA GLN E 382 -39.42 22.51 28.44
C GLN E 382 -38.66 22.02 29.66
N ILE E 383 -37.99 20.87 29.55
CA ILE E 383 -37.21 20.38 30.68
C ILE E 383 -36.02 21.27 30.96
N HIS E 384 -35.28 21.66 29.91
CA HIS E 384 -34.08 22.47 30.13
C HIS E 384 -34.43 23.84 30.71
N THR E 385 -35.51 24.45 30.22
CA THR E 385 -35.83 25.83 30.56
C THR E 385 -36.63 25.98 31.84
N LYS E 386 -36.68 24.95 32.69
CA LYS E 386 -37.44 25.07 33.94
C LYS E 386 -36.74 26.01 34.92
N ASN E 387 -35.41 26.04 34.90
CA ASN E 387 -34.67 26.86 35.86
C ASN E 387 -34.39 28.26 35.30
N MET E 388 -34.42 28.40 33.98
CA MET E 388 -34.05 29.65 33.35
C MET E 388 -35.11 30.73 33.59
N LYS E 389 -34.70 31.98 33.48
CA LYS E 389 -35.62 33.12 33.67
C LYS E 389 -36.21 33.54 32.33
N LEU E 390 -37.11 32.69 31.83
CA LEU E 390 -37.81 33.00 30.59
C LEU E 390 -38.81 34.14 30.79
N ALA E 391 -38.98 34.94 29.74
CA ALA E 391 -39.99 35.98 29.76
C ALA E 391 -41.36 35.42 29.40
N ASP E 392 -42.36 36.30 29.37
CA ASP E 392 -43.71 35.86 29.05
C ASP E 392 -43.89 35.63 27.56
N ASP E 393 -43.20 36.42 26.73
CA ASP E 393 -43.46 36.39 25.29
C ASP E 393 -43.00 35.08 24.64
N VAL E 394 -41.97 34.45 25.22
CA VAL E 394 -41.38 33.28 24.58
C VAL E 394 -42.32 32.08 24.66
N ASP E 395 -42.50 31.40 23.53
CA ASP E 395 -43.23 30.13 23.48
C ASP E 395 -42.34 29.09 22.84
N LEU E 396 -42.23 27.93 23.49
CA LEU E 396 -41.20 26.97 23.13
C LEU E 396 -41.59 26.16 21.89
N GLU E 397 -42.88 26.13 21.57
CA GLU E 397 -43.34 25.32 20.44
C GLU E 397 -42.77 25.84 19.12
N GLN E 398 -42.71 27.17 18.96
CA GLN E 398 -42.10 27.73 17.77
C GLN E 398 -40.64 27.34 17.65
N VAL E 399 -39.90 27.41 18.76
CA VAL E 399 -38.49 27.04 18.74
C VAL E 399 -38.33 25.56 18.40
N ALA E 400 -39.22 24.71 18.92
CA ALA E 400 -39.17 23.30 18.57
C ALA E 400 -39.43 23.08 17.09
N ASN E 401 -40.39 23.82 16.52
CA ASN E 401 -40.68 23.68 15.10
C ASN E 401 -39.50 24.13 14.24
N GLU E 402 -38.82 25.20 14.65
CA GLU E 402 -37.76 25.76 13.81
C GLU E 402 -36.61 24.79 13.63
N THR E 403 -36.17 24.16 14.72
CA THR E 403 -35.03 23.24 14.64
C THR E 403 -35.42 21.94 13.96
N HIS E 404 -34.50 21.38 13.18
CA HIS E 404 -34.78 20.17 12.41
C HIS E 404 -33.99 18.96 12.86
N GLY E 405 -32.66 19.04 12.88
CA GLY E 405 -31.82 17.91 13.22
C GLY E 405 -31.17 17.96 14.58
N HIS E 406 -31.58 18.86 15.46
CA HIS E 406 -30.91 18.99 16.74
C HIS E 406 -31.20 17.77 17.61
N VAL E 407 -30.17 17.28 18.30
CA VAL E 407 -30.23 15.99 18.96
C VAL E 407 -30.37 16.12 20.48
N GLY E 408 -30.62 17.31 20.98
CA GLY E 408 -30.74 17.52 22.41
C GLY E 408 -29.53 18.15 23.06
N ALA E 409 -28.34 17.97 22.51
CA ALA E 409 -27.18 18.74 22.92
C ALA E 409 -27.12 20.08 22.21
N ASP E 410 -27.52 20.11 20.92
CA ASP E 410 -27.59 21.36 20.19
C ASP E 410 -28.65 22.27 20.79
N LEU E 411 -29.73 21.70 21.33
CA LEU E 411 -30.74 22.51 22.00
C LEU E 411 -30.17 23.19 23.24
N ALA E 412 -29.35 22.46 24.01
CA ALA E 412 -28.68 23.07 25.16
C ALA E 412 -27.71 24.16 24.72
N ALA E 413 -27.00 23.93 23.61
CA ALA E 413 -26.15 24.97 23.06
C ALA E 413 -26.97 26.21 22.71
N LEU E 414 -28.13 26.00 22.11
CA LEU E 414 -29.00 27.11 21.74
C LEU E 414 -29.43 27.90 22.97
N CYS E 415 -29.82 27.19 24.04
CA CYS E 415 -30.23 27.88 25.27
C CYS E 415 -29.08 28.69 25.85
N SER E 416 -27.88 28.11 25.89
CA SER E 416 -26.73 28.83 26.43
C SER E 416 -26.39 30.05 25.59
N GLU E 417 -26.46 29.92 24.27
CA GLU E 417 -26.17 31.07 23.41
C GLU E 417 -27.20 32.18 23.61
N ALA E 418 -28.47 31.82 23.76
CA ALA E 418 -29.49 32.83 24.00
C ALA E 418 -29.26 33.54 25.32
N ALA E 419 -28.90 32.79 26.36
CA ALA E 419 -28.59 33.44 27.64
C ALA E 419 -27.39 34.37 27.50
N LEU E 420 -26.38 33.95 26.74
CA LEU E 420 -25.21 34.79 26.55
C LEU E 420 -25.58 36.08 25.82
N GLN E 421 -26.46 35.99 24.83
CA GLN E 421 -26.92 37.20 24.14
C GLN E 421 -27.68 38.12 25.09
N ALA E 422 -28.55 37.55 25.92
CA ALA E 422 -29.27 38.36 26.89
C ALA E 422 -28.32 39.09 27.83
N ILE E 423 -27.25 38.41 28.27
CA ILE E 423 -26.26 39.08 29.09
C ILE E 423 -25.55 40.17 28.31
N ARG E 424 -25.29 39.93 27.02
CA ARG E 424 -24.64 40.95 26.20
C ARG E 424 -25.47 42.22 26.11
N LYS E 425 -26.81 42.08 26.07
CA LYS E 425 -27.65 43.26 26.02
C LYS E 425 -27.46 44.15 27.26
N LYS E 426 -27.11 43.54 28.39
CA LYS E 426 -26.94 44.29 29.63
C LYS E 426 -25.52 44.79 29.85
N MET E 427 -24.59 44.55 28.92
CA MET E 427 -23.20 44.90 29.18
C MET E 427 -22.90 46.34 28.82
N ASP E 428 -23.88 47.06 28.27
CA ASP E 428 -23.70 48.51 28.13
C ASP E 428 -23.75 49.19 29.49
N LEU E 429 -24.67 48.74 30.35
CA LEU E 429 -24.84 49.37 31.66
C LEU E 429 -23.75 48.93 32.63
N ILE E 430 -23.33 47.67 32.55
CA ILE E 430 -22.36 47.09 33.47
C ILE E 430 -21.13 46.67 32.67
N ASP E 431 -19.95 46.96 33.20
CA ASP E 431 -18.73 46.64 32.49
C ASP E 431 -18.03 45.44 33.12
N LEU E 432 -17.26 44.74 32.29
CA LEU E 432 -16.49 43.60 32.77
C LEU E 432 -15.45 44.03 33.80
N GLU E 433 -14.82 45.19 33.57
CA GLU E 433 -13.78 45.67 34.48
C GLU E 433 -14.38 46.02 35.85
N ASP E 434 -15.68 46.23 35.91
CA ASP E 434 -16.35 46.50 37.18
C ASP E 434 -16.28 45.27 38.08
N GLU E 435 -16.30 45.50 39.39
CA GLU E 435 -16.17 44.37 40.31
C GLU E 435 -17.53 43.94 40.86
N THR E 436 -18.49 44.86 40.92
CA THR E 436 -19.83 44.56 41.43
C THR E 436 -20.88 45.01 40.44
N ILE E 437 -22.04 44.37 40.50
CA ILE E 437 -23.16 44.62 39.60
C ILE E 437 -24.36 45.10 40.40
N ASP E 438 -25.05 46.10 39.88
CA ASP E 438 -26.23 46.64 40.55
C ASP E 438 -27.35 45.60 40.56
N ALA E 439 -28.15 45.63 41.63
CA ALA E 439 -29.23 44.66 41.76
C ALA E 439 -30.33 44.90 40.72
N GLU E 440 -30.51 46.15 40.30
CA GLU E 440 -31.53 46.46 39.30
C GLU E 440 -31.21 45.76 37.98
N VAL E 441 -29.94 45.79 37.56
CA VAL E 441 -29.54 45.09 36.34
C VAL E 441 -29.77 43.59 36.50
N MET E 442 -29.46 43.04 37.68
CA MET E 442 -29.68 41.62 37.92
C MET E 442 -31.15 41.26 37.78
N ASN E 443 -32.05 42.11 38.30
CA ASN E 443 -33.47 41.87 38.09
C ASN E 443 -33.85 42.04 36.63
N SER E 444 -33.10 42.86 35.89
CA SER E 444 -33.42 43.07 34.48
C SER E 444 -33.12 41.84 33.63
N LEU E 445 -32.35 40.90 34.18
CA LEU E 445 -31.91 39.74 33.40
C LEU E 445 -33.08 38.83 33.09
N ALA E 446 -33.31 38.58 31.81
CA ALA E 446 -34.36 37.68 31.35
C ALA E 446 -34.14 37.39 29.88
N VAL E 447 -34.49 36.19 29.48
CA VAL E 447 -34.39 35.77 28.08
C VAL E 447 -35.70 36.10 27.38
N THR E 448 -35.60 36.86 26.30
CA THR E 448 -36.76 37.22 25.50
C THR E 448 -36.77 36.37 24.24
N MET E 449 -37.78 36.61 23.39
CA MET E 449 -37.85 35.85 22.14
C MET E 449 -36.81 36.33 21.13
N ASP E 450 -36.37 37.59 21.25
CA ASP E 450 -35.29 38.05 20.39
C ASP E 450 -34.03 37.22 20.61
N ASP E 451 -33.78 36.81 21.86
CA ASP E 451 -32.60 35.99 22.13
C ASP E 451 -32.70 34.62 21.47
N PHE E 452 -33.87 33.98 21.55
CA PHE E 452 -34.01 32.69 20.87
C PHE E 452 -33.97 32.84 19.36
N ARG E 453 -34.45 33.96 18.83
CA ARG E 453 -34.34 34.19 17.39
C ARG E 453 -32.88 34.34 16.98
N TRP E 454 -32.09 35.08 17.77
CA TRP E 454 -30.67 35.20 17.49
C TRP E 454 -29.98 33.84 17.55
N ALA E 455 -30.28 33.06 18.59
CA ALA E 455 -29.65 31.76 18.73
C ALA E 455 -30.03 30.84 17.57
N LEU E 456 -31.30 30.88 17.16
CA LEU E 456 -31.75 30.05 16.04
C LEU E 456 -31.06 30.46 14.75
N SER E 457 -30.81 31.76 14.57
CA SER E 457 -30.00 32.17 13.44
C SER E 457 -28.59 31.61 13.53
N GLN E 458 -28.01 31.61 14.73
CA GLN E 458 -26.63 31.15 14.90
C GLN E 458 -26.53 29.63 14.92
N SER E 459 -27.59 28.93 15.32
CA SER E 459 -27.50 27.51 15.65
C SER E 459 -27.20 26.66 14.43
N ASN E 460 -26.62 25.47 14.68
CA ASN E 460 -26.30 24.46 13.68
C ASN E 460 -26.12 23.11 14.34
N PRO E 461 -26.63 22.03 13.74
CA PRO E 461 -26.46 20.71 14.32
C PRO E 461 -24.99 20.31 14.38
N SER E 462 -24.65 19.53 15.40
CA SER E 462 -23.26 19.12 15.59
C SER E 462 -22.77 18.23 14.47
N ALA E 463 -23.64 17.36 13.94
CA ALA E 463 -23.23 16.49 12.86
C ALA E 463 -22.85 17.28 11.62
N LEU E 464 -23.62 18.33 11.32
CA LEU E 464 -23.36 19.12 10.11
C LEU E 464 -22.14 20.02 10.28
N ARG E 465 -21.66 20.17 11.52
CA ARG E 465 -20.51 21.04 11.75
C ARG E 465 -19.29 20.59 10.96
N GLU E 466 -19.19 19.29 10.69
CA GLU E 466 -18.06 18.79 9.91
C GLU E 466 -18.12 19.30 8.48
N THR E 467 -19.32 19.32 7.88
CA THR E 467 -19.50 19.67 6.47
C THR E 467 -20.47 20.84 6.34
N VAL E 468 -19.95 22.05 6.47
CA VAL E 468 -20.69 23.28 6.30
C VAL E 468 -19.85 24.24 5.45
N VAL E 469 -20.51 24.91 4.50
CA VAL E 469 -19.86 25.86 3.62
C VAL E 469 -20.65 27.16 3.64
N GLU E 470 -19.96 28.28 3.53
CA GLU E 470 -20.65 29.56 3.40
C GLU E 470 -21.34 29.62 2.04
N VAL E 471 -22.66 29.75 2.05
CA VAL E 471 -23.47 29.80 0.83
C VAL E 471 -23.97 31.23 0.69
N PRO E 472 -23.83 31.85 -0.48
CA PRO E 472 -24.30 33.23 -0.64
C PRO E 472 -25.79 33.33 -0.40
N GLN E 473 -26.22 34.47 0.13
CA GLN E 473 -27.65 34.67 0.34
C GLN E 473 -28.37 34.73 -0.99
N VAL E 474 -29.19 33.72 -1.24
CA VAL E 474 -30.00 33.62 -2.45
C VAL E 474 -31.42 33.30 -2.02
N THR E 475 -32.38 34.04 -2.57
CA THR E 475 -33.79 33.85 -2.25
C THR E 475 -34.56 33.54 -3.53
N TRP E 476 -35.79 33.06 -3.36
CA TRP E 476 -36.53 32.53 -4.51
C TRP E 476 -36.85 33.60 -5.55
N GLU E 477 -37.00 34.86 -5.14
CA GLU E 477 -37.28 35.88 -6.15
C GLU E 477 -36.00 36.32 -6.85
N ASP E 478 -34.84 35.91 -6.35
CA ASP E 478 -33.61 36.17 -7.09
C ASP E 478 -33.56 35.35 -8.38
N ILE E 479 -34.11 34.14 -8.35
CA ILE E 479 -34.18 33.33 -9.55
C ILE E 479 -35.32 33.82 -10.43
N GLY E 480 -35.03 34.04 -11.71
CA GLY E 480 -36.00 34.55 -12.66
C GLY E 480 -36.54 33.42 -13.53
N GLY E 481 -37.85 33.33 -13.58
CA GLY E 481 -38.46 32.23 -14.29
C GLY E 481 -38.39 30.94 -13.50
N LEU E 482 -38.58 29.82 -14.21
CA LEU E 482 -38.55 28.49 -13.61
C LEU E 482 -39.54 28.38 -12.46
N GLU E 483 -40.72 29.00 -12.62
CA GLU E 483 -41.71 29.00 -11.55
C GLU E 483 -42.23 27.59 -11.29
N ASP E 484 -42.44 26.81 -12.36
CA ASP E 484 -42.88 25.44 -12.19
C ASP E 484 -41.86 24.62 -11.42
N VAL E 485 -40.57 24.80 -11.73
CA VAL E 485 -39.52 24.07 -11.03
C VAL E 485 -39.43 24.51 -9.57
N LYS E 486 -39.57 25.81 -9.31
CA LYS E 486 -39.58 26.27 -7.93
C LYS E 486 -40.71 25.62 -7.15
N ARG E 487 -41.92 25.60 -7.72
CA ARG E 487 -43.05 25.03 -7.01
C ARG E 487 -42.89 23.53 -6.82
N GLU E 488 -42.34 22.85 -7.83
CA GLU E 488 -42.09 21.42 -7.70
C GLU E 488 -41.10 21.12 -6.59
N LEU E 489 -40.02 21.91 -6.51
CA LEU E 489 -39.03 21.69 -5.46
C LEU E 489 -39.62 21.96 -4.09
N GLN E 490 -40.40 23.04 -3.95
CA GLN E 490 -41.05 23.32 -2.67
C GLN E 490 -41.97 22.18 -2.27
N GLU E 491 -42.75 21.66 -3.22
CA GLU E 491 -43.63 20.53 -2.93
C GLU E 491 -42.82 19.32 -2.49
N LEU E 492 -41.79 18.97 -3.25
CA LEU E 492 -41.07 17.73 -2.98
C LEU E 492 -40.30 17.80 -1.67
N VAL E 493 -39.92 19.00 -1.24
CA VAL E 493 -39.21 19.14 0.03
C VAL E 493 -40.19 19.25 1.20
N GLN E 494 -41.36 19.84 0.98
CA GLN E 494 -42.24 20.16 2.11
C GLN E 494 -43.26 19.06 2.38
N TYR E 495 -43.82 18.46 1.34
CA TYR E 495 -44.95 17.55 1.52
C TYR E 495 -44.61 16.32 2.36
N PRO E 496 -43.55 15.55 2.05
CA PRO E 496 -43.32 14.32 2.84
C PRO E 496 -43.08 14.57 4.32
N VAL E 497 -42.49 15.70 4.68
CA VAL E 497 -42.24 15.98 6.09
C VAL E 497 -43.49 16.56 6.74
N GLU E 498 -44.19 17.44 6.04
CA GLU E 498 -45.37 18.09 6.63
C GLU E 498 -46.56 17.15 6.70
N HIS E 499 -46.82 16.39 5.64
CA HIS E 499 -48.00 15.53 5.56
C HIS E 499 -47.62 14.14 5.04
N PRO E 500 -46.93 13.34 5.84
CA PRO E 500 -46.74 11.93 5.45
C PRO E 500 -48.04 11.15 5.43
N ASP E 501 -49.05 11.64 6.16
CA ASP E 501 -50.29 10.90 6.31
C ASP E 501 -51.01 10.70 4.99
N LYS E 502 -51.02 11.73 4.14
CA LYS E 502 -51.66 11.60 2.83
C LYS E 502 -50.96 10.53 1.99
N PHE E 503 -49.62 10.55 2.00
CA PHE E 503 -48.86 9.59 1.20
C PHE E 503 -49.10 8.16 1.69
N LEU E 504 -49.17 7.96 3.01
CA LEU E 504 -49.45 6.61 3.50
C LEU E 504 -50.89 6.22 3.22
N LYS E 505 -51.81 7.19 3.24
CA LYS E 505 -53.21 6.90 2.94
C LYS E 505 -53.37 6.40 1.51
N PHE E 506 -52.72 7.06 0.56
CA PHE E 506 -52.84 6.66 -0.84
C PHE E 506 -51.89 5.53 -1.22
N GLY E 507 -51.05 5.08 -0.30
CA GLY E 507 -50.15 3.97 -0.58
C GLY E 507 -49.04 4.29 -1.54
N MET E 508 -48.66 5.56 -1.66
CA MET E 508 -47.57 5.98 -2.53
C MET E 508 -46.39 6.41 -1.68
N THR E 509 -45.25 5.77 -1.90
CA THR E 509 -44.01 6.24 -1.29
C THR E 509 -43.46 7.42 -2.07
N PRO E 510 -43.17 8.54 -1.41
CA PRO E 510 -42.71 9.73 -2.13
C PRO E 510 -41.36 9.51 -2.79
N SER E 511 -41.11 10.25 -3.86
CA SER E 511 -39.85 10.14 -4.57
C SER E 511 -38.75 10.88 -3.82
N LYS E 512 -37.65 10.18 -3.55
CA LYS E 512 -36.52 10.73 -2.82
C LYS E 512 -35.34 11.11 -3.71
N GLY E 513 -35.54 11.17 -5.03
CA GLY E 513 -34.45 11.55 -5.91
C GLY E 513 -34.84 12.56 -6.96
N VAL E 514 -33.94 13.50 -7.24
CA VAL E 514 -34.12 14.49 -8.30
C VAL E 514 -32.82 14.58 -9.07
N LEU E 515 -32.90 14.73 -10.38
CA LEU E 515 -31.74 15.00 -11.23
C LEU E 515 -31.96 16.30 -11.97
N PHE E 516 -30.99 17.20 -11.88
CA PHE E 516 -31.02 18.46 -12.60
C PHE E 516 -30.06 18.35 -13.77
N TYR E 517 -30.57 18.51 -14.99
CA TYR E 517 -29.71 18.44 -16.17
C TYR E 517 -30.12 19.55 -17.13
N GLY E 518 -29.13 20.21 -17.71
CA GLY E 518 -29.38 21.29 -18.64
C GLY E 518 -28.11 21.93 -19.14
N PRO E 519 -28.25 22.97 -19.95
CA PRO E 519 -27.08 23.69 -20.46
C PRO E 519 -26.35 24.41 -19.35
N PRO E 520 -25.07 24.71 -19.53
CA PRO E 520 -24.34 25.50 -18.53
C PRO E 520 -24.95 26.87 -18.34
N GLY E 521 -24.99 27.32 -17.08
CA GLY E 521 -25.44 28.66 -16.76
C GLY E 521 -26.93 28.86 -16.68
N CYS E 522 -27.71 27.81 -16.40
CA CYS E 522 -29.16 27.92 -16.42
C CYS E 522 -29.79 27.91 -15.04
N GLY E 523 -29.05 27.58 -13.99
CA GLY E 523 -29.58 27.73 -12.65
C GLY E 523 -29.81 26.47 -11.85
N LYS E 524 -28.95 25.46 -11.97
CA LYS E 524 -29.04 24.30 -11.10
C LYS E 524 -28.40 24.58 -9.74
N THR E 525 -27.14 25.02 -9.74
CA THR E 525 -26.50 25.40 -8.49
C THR E 525 -27.23 26.57 -7.85
N LEU E 526 -27.84 27.44 -8.65
CA LEU E 526 -28.62 28.53 -8.10
C LEU E 526 -29.84 28.02 -7.33
N LEU E 527 -30.53 27.03 -7.90
CA LEU E 527 -31.66 26.42 -7.19
C LEU E 527 -31.18 25.74 -5.92
N ALA E 528 -30.01 25.10 -5.96
CA ALA E 528 -29.47 24.49 -4.75
C ALA E 528 -29.17 25.54 -3.69
N LYS E 529 -28.60 26.68 -4.08
CA LYS E 529 -28.36 27.75 -3.12
C LYS E 529 -29.66 28.25 -2.51
N ALA E 530 -30.68 28.44 -3.34
CA ALA E 530 -31.96 28.92 -2.85
C ALA E 530 -32.57 27.93 -1.87
N ILE E 531 -32.47 26.63 -2.17
CA ILE E 531 -33.01 25.61 -1.28
C ILE E 531 -32.23 25.61 0.03
N ALA E 532 -30.93 25.81 -0.02
CA ALA E 532 -30.13 25.86 1.20
C ALA E 532 -30.53 27.04 2.08
N ASN E 533 -30.70 28.21 1.48
CA ASN E 533 -31.02 29.39 2.30
C ASN E 533 -32.45 29.35 2.81
N GLU E 534 -33.41 29.02 1.94
CA GLU E 534 -34.82 29.26 2.22
C GLU E 534 -35.52 28.07 2.86
N CYS E 535 -35.39 26.89 2.27
CA CYS E 535 -36.12 25.73 2.76
C CYS E 535 -35.70 25.37 4.18
N GLN E 536 -36.64 24.80 4.92
CA GLN E 536 -36.39 24.41 6.31
C GLN E 536 -36.09 22.91 6.37
N ALA E 537 -34.97 22.56 5.74
CA ALA E 537 -34.42 21.22 5.78
C ALA E 537 -32.91 21.32 5.64
N ASN E 538 -32.19 20.50 6.41
CA ASN E 538 -30.74 20.59 6.46
C ASN E 538 -30.15 20.34 5.09
N PHE E 539 -29.06 21.04 4.77
CA PHE E 539 -28.43 20.98 3.46
C PHE E 539 -27.00 20.51 3.60
N ILE E 540 -26.65 19.46 2.86
CA ILE E 540 -25.27 19.01 2.75
C ILE E 540 -24.82 19.20 1.31
N SER E 541 -23.91 20.15 1.10
CA SER E 541 -23.41 20.46 -0.23
C SER E 541 -22.03 19.86 -0.37
N ILE E 542 -21.82 19.07 -1.42
CA ILE E 542 -20.55 18.40 -1.62
C ILE E 542 -20.15 18.50 -3.08
N LYS E 543 -18.87 18.81 -3.32
CA LYS E 543 -18.30 18.63 -4.64
C LYS E 543 -18.21 17.15 -4.95
N GLY E 544 -18.08 16.82 -6.25
CA GLY E 544 -17.98 15.43 -6.62
C GLY E 544 -16.71 14.74 -6.16
N PRO E 545 -15.55 15.04 -6.75
CA PRO E 545 -14.37 14.22 -6.50
C PRO E 545 -13.77 14.34 -5.11
N GLU E 546 -14.45 15.01 -4.16
CA GLU E 546 -13.83 15.23 -2.86
C GLU E 546 -13.89 13.98 -1.99
N LEU E 547 -14.73 13.02 -2.36
CA LEU E 547 -14.84 11.79 -1.56
C LEU E 547 -13.66 10.86 -1.81
N LEU E 548 -13.06 10.92 -3.00
CA LEU E 548 -12.10 9.91 -3.42
C LEU E 548 -10.77 10.07 -2.70
N THR E 549 -10.14 8.93 -2.38
CA THR E 549 -8.88 8.91 -1.66
C THR E 549 -8.03 7.75 -2.18
N MET E 550 -6.70 7.92 -2.13
CA MET E 550 -5.81 6.92 -2.73
C MET E 550 -5.78 5.63 -1.93
N TRP E 551 -6.00 5.72 -0.62
CA TRP E 551 -5.92 4.53 0.22
C TRP E 551 -7.07 3.58 -0.10
N PHE E 552 -6.84 2.29 0.11
CA PHE E 552 -7.84 1.30 -0.26
C PHE E 552 -9.00 1.31 0.72
N GLY E 553 -10.20 1.55 0.20
CA GLY E 553 -11.40 1.54 1.01
C GLY E 553 -11.79 2.87 1.62
N GLU E 554 -10.96 3.91 1.50
CA GLU E 554 -11.29 5.19 2.10
C GLU E 554 -12.45 5.86 1.39
N SER E 555 -12.51 5.76 0.06
CA SER E 555 -13.58 6.39 -0.69
C SER E 555 -14.95 5.82 -0.31
N GLU E 556 -15.03 4.50 -0.20
CA GLU E 556 -16.28 3.87 0.22
C GLU E 556 -16.65 4.27 1.64
N ALA E 557 -15.65 4.35 2.52
CA ALA E 557 -15.91 4.78 3.89
C ALA E 557 -16.45 6.20 3.92
N ASN E 558 -15.89 7.08 3.10
CA ASN E 558 -16.38 8.46 3.05
C ASN E 558 -17.81 8.51 2.55
N VAL E 559 -18.13 7.72 1.53
CA VAL E 559 -19.51 7.67 1.04
C VAL E 559 -20.45 7.19 2.13
N ARG E 560 -20.07 6.14 2.84
CA ARG E 560 -20.92 5.62 3.90
C ARG E 560 -21.12 6.64 5.00
N GLU E 561 -20.05 7.33 5.42
CA GLU E 561 -20.20 8.24 6.54
C GLU E 561 -20.97 9.50 6.14
N ILE E 562 -20.87 9.91 4.87
CA ILE E 562 -21.64 11.08 4.47
C ILE E 562 -23.12 10.74 4.40
N PHE E 563 -23.46 9.56 3.88
CA PHE E 563 -24.86 9.16 3.91
C PHE E 563 -25.35 8.96 5.35
N ASP E 564 -24.46 8.49 6.22
CA ASP E 564 -24.82 8.29 7.62
C ASP E 564 -25.14 9.62 8.29
N LYS E 565 -24.27 10.61 8.12
CA LYS E 565 -24.52 11.91 8.76
C LYS E 565 -25.63 12.65 8.05
N ALA E 566 -26.01 12.21 6.86
CA ALA E 566 -27.25 12.70 6.26
C ALA E 566 -28.47 12.09 6.95
N ARG E 567 -28.43 10.79 7.25
CA ARG E 567 -29.54 10.18 7.97
C ARG E 567 -29.70 10.76 9.37
N GLN E 568 -28.59 11.01 10.07
CA GLN E 568 -28.69 11.45 11.46
C GLN E 568 -29.36 12.82 11.57
N ALA E 569 -29.39 13.59 10.50
CA ALA E 569 -29.94 14.93 10.54
C ALA E 569 -31.22 15.11 9.74
N ALA E 570 -32.02 14.06 9.55
CA ALA E 570 -33.21 14.19 8.72
C ALA E 570 -34.21 15.12 9.39
N PRO E 571 -34.97 15.91 8.61
CA PRO E 571 -34.98 15.99 7.15
C PRO E 571 -33.78 16.74 6.60
N CYS E 572 -33.06 16.11 5.67
CA CYS E 572 -31.85 16.67 5.11
C CYS E 572 -31.87 16.55 3.60
N VAL E 573 -31.22 17.51 2.94
CA VAL E 573 -31.10 17.53 1.48
C VAL E 573 -29.63 17.29 1.15
N LEU E 574 -29.36 16.24 0.40
CA LEU E 574 -28.00 15.86 0.02
C LEU E 574 -27.81 16.21 -1.44
N PHE E 575 -27.00 17.23 -1.71
CA PHE E 575 -26.84 17.77 -3.06
C PHE E 575 -25.48 17.36 -3.61
N PHE E 576 -25.50 16.62 -4.71
CA PHE E 576 -24.29 16.22 -5.41
C PHE E 576 -24.07 17.17 -6.58
N ASP E 577 -23.16 18.11 -6.42
CA ASP E 577 -22.78 18.98 -7.52
C ASP E 577 -21.85 18.24 -8.47
N GLN E 578 -22.03 18.45 -9.76
CA GLN E 578 -21.23 17.77 -10.77
C GLN E 578 -21.31 16.25 -10.57
N LEU E 579 -22.52 15.73 -10.75
CA LEU E 579 -22.76 14.32 -10.48
C LEU E 579 -21.97 13.40 -11.40
N ASP E 580 -21.66 13.84 -12.62
CA ASP E 580 -20.96 12.98 -13.56
C ASP E 580 -19.51 12.73 -13.14
N SER E 581 -19.04 13.43 -12.10
CA SER E 581 -17.71 13.16 -11.57
C SER E 581 -17.66 11.81 -10.86
N ILE E 582 -18.73 11.46 -10.16
CA ILE E 582 -18.72 10.22 -9.39
C ILE E 582 -19.34 9.08 -10.18
N ALA E 583 -20.55 9.27 -10.69
CA ALA E 583 -21.28 8.24 -11.41
C ALA E 583 -20.97 8.35 -12.90
N LYS E 584 -20.07 7.50 -13.38
CA LYS E 584 -19.79 7.40 -14.81
C LYS E 584 -20.15 5.98 -15.26
N ALA E 585 -20.20 5.81 -16.58
CA ALA E 585 -20.56 4.53 -17.16
C ALA E 585 -19.64 3.43 -16.65
N ARG E 586 -20.24 2.37 -16.12
CA ARG E 586 -19.48 1.32 -15.45
C ARG E 586 -18.58 0.58 -16.43
N GLY E 587 -17.49 0.03 -15.90
CA GLY E 587 -16.58 -0.78 -16.67
C GLY E 587 -15.39 -0.05 -17.26
N GLY E 588 -15.48 1.26 -17.45
CA GLY E 588 -14.33 2.01 -17.94
C GLY E 588 -13.20 2.07 -16.93
N ASN E 589 -13.53 2.27 -15.66
CA ASN E 589 -12.50 2.33 -14.63
C ASN E 589 -11.79 1.00 -14.47
N ILE E 590 -12.54 -0.11 -14.53
CA ILE E 590 -11.91 -1.43 -14.45
C ILE E 590 -11.01 -1.66 -15.65
N GLY E 591 -11.42 -1.20 -16.83
CA GLY E 591 -10.63 -1.40 -18.03
C GLY E 591 -9.28 -0.72 -17.96
N ASP E 592 -9.25 0.53 -17.49
CA ASP E 592 -8.01 1.30 -17.38
C ASP E 592 -7.95 1.95 -16.01
N GLY E 593 -6.87 1.71 -15.29
CA GLY E 593 -6.68 2.30 -13.99
C GLY E 593 -6.98 1.36 -12.85
N GLY E 594 -7.07 1.95 -11.65
CA GLY E 594 -7.32 1.15 -10.46
C GLY E 594 -8.69 0.50 -10.47
N GLY E 595 -9.71 1.22 -10.95
CA GLY E 595 -11.05 0.70 -10.97
C GLY E 595 -11.86 0.96 -9.71
N ALA E 596 -11.40 1.87 -8.84
CA ALA E 596 -12.11 2.12 -7.59
C ALA E 596 -13.37 2.94 -7.83
N ALA E 597 -13.50 3.56 -9.01
CA ALA E 597 -14.72 4.30 -9.32
C ALA E 597 -15.93 3.37 -9.36
N ASP E 598 -15.75 2.16 -9.89
CA ASP E 598 -16.84 1.21 -9.92
C ASP E 598 -17.27 0.82 -8.51
N ARG E 599 -16.32 0.61 -7.61
CA ARG E 599 -16.68 0.28 -6.23
C ARG E 599 -17.35 1.46 -5.54
N VAL E 600 -16.92 2.68 -5.85
CA VAL E 600 -17.57 3.86 -5.29
C VAL E 600 -19.02 3.95 -5.72
N ILE E 601 -19.28 3.75 -7.02
CA ILE E 601 -20.66 3.86 -7.50
C ILE E 601 -21.51 2.70 -6.98
N ASN E 602 -20.93 1.51 -6.86
CA ASN E 602 -21.66 0.42 -6.21
C ASN E 602 -22.03 0.78 -4.78
N GLN E 603 -21.08 1.38 -4.04
CA GLN E 603 -21.37 1.77 -2.66
C GLN E 603 -22.46 2.82 -2.60
N ILE E 604 -22.46 3.76 -3.54
CA ILE E 604 -23.49 4.80 -3.54
C ILE E 604 -24.86 4.20 -3.84
N LEU E 605 -24.92 3.29 -4.80
CA LEU E 605 -26.21 2.63 -5.08
C LEU E 605 -26.69 1.83 -3.89
N THR E 606 -25.78 1.12 -3.21
CA THR E 606 -26.15 0.38 -2.02
C THR E 606 -26.69 1.30 -0.93
N GLU E 607 -26.01 2.42 -0.68
CA GLU E 607 -26.45 3.32 0.39
C GLU E 607 -27.76 4.00 0.00
N MET E 608 -27.97 4.22 -1.30
CA MET E 608 -29.24 4.78 -1.74
C MET E 608 -30.38 3.81 -1.51
N ASP E 609 -30.15 2.52 -1.77
CA ASP E 609 -31.18 1.52 -1.48
C ASP E 609 -31.39 1.35 0.02
N GLY E 610 -30.33 1.52 0.81
CA GLY E 610 -30.42 1.19 2.22
C GLY E 610 -31.35 2.10 2.99
N MET E 611 -31.35 3.39 2.67
CA MET E 611 -32.14 4.36 3.43
C MET E 611 -33.63 4.08 3.28
N SER E 612 -34.35 4.17 4.39
CA SER E 612 -35.77 3.82 4.42
C SER E 612 -36.62 4.95 3.86
N THR E 613 -37.86 4.60 3.48
CA THR E 613 -38.78 5.59 2.95
C THR E 613 -39.22 6.57 4.02
N LYS E 614 -39.45 6.08 5.24
CA LYS E 614 -39.91 6.96 6.32
C LYS E 614 -38.89 8.03 6.63
N LYS E 615 -37.61 7.73 6.44
CA LYS E 615 -36.56 8.70 6.68
C LYS E 615 -36.59 9.78 5.61
N ASN E 616 -36.42 11.04 6.03
CA ASN E 616 -36.55 12.18 5.14
C ASN E 616 -35.17 12.63 4.67
N VAL E 617 -34.65 11.95 3.66
CA VAL E 617 -33.41 12.32 2.99
C VAL E 617 -33.68 12.43 1.51
N PHE E 618 -33.60 13.64 0.97
CA PHE E 618 -33.86 13.91 -0.43
C PHE E 618 -32.53 14.16 -1.13
N ILE E 619 -32.30 13.45 -2.23
CA ILE E 619 -31.01 13.46 -2.91
C ILE E 619 -31.19 14.21 -4.22
N ILE E 620 -30.40 15.27 -4.41
CA ILE E 620 -30.44 16.08 -5.61
C ILE E 620 -29.10 15.96 -6.32
N GLY E 621 -29.14 15.71 -7.62
CA GLY E 621 -27.94 15.67 -8.41
C GLY E 621 -27.99 16.68 -9.54
N ALA E 622 -26.92 17.44 -9.71
CA ALA E 622 -26.84 18.43 -10.78
C ALA E 622 -25.78 17.99 -11.76
N THR E 623 -26.05 18.17 -13.04
CA THR E 623 -25.12 17.81 -14.09
C THR E 623 -25.44 18.59 -15.36
N ASN E 624 -24.41 18.90 -16.13
CA ASN E 624 -24.60 19.46 -17.46
C ASN E 624 -24.11 18.51 -18.54
N ARG E 625 -23.73 17.29 -18.17
CA ARG E 625 -23.40 16.21 -19.10
C ARG E 625 -24.18 14.99 -18.67
N PRO E 626 -25.50 14.98 -18.89
CA PRO E 626 -26.30 13.85 -18.38
C PRO E 626 -26.02 12.54 -19.09
N ASP E 627 -25.44 12.59 -20.30
CA ASP E 627 -25.32 11.39 -21.10
C ASP E 627 -24.28 10.42 -20.53
N ILE E 628 -23.24 10.94 -19.87
CA ILE E 628 -22.21 10.06 -19.33
C ILE E 628 -22.59 9.49 -17.98
N ILE E 629 -23.79 9.80 -17.47
CA ILE E 629 -24.18 9.29 -16.16
C ILE E 629 -24.56 7.82 -16.25
N ASP E 630 -24.13 7.05 -15.27
CA ASP E 630 -24.48 5.64 -15.22
C ASP E 630 -25.99 5.48 -15.14
N PRO E 631 -26.60 4.67 -16.04
CA PRO E 631 -28.06 4.52 -15.99
C PRO E 631 -28.57 3.85 -14.74
N ALA E 632 -27.70 3.16 -14.00
CA ALA E 632 -28.14 2.47 -12.79
C ALA E 632 -28.65 3.45 -11.75
N ILE E 633 -28.10 4.67 -11.72
CA ILE E 633 -28.53 5.64 -10.72
C ILE E 633 -29.81 6.34 -11.18
N LEU E 634 -30.16 6.21 -12.45
CA LEU E 634 -31.44 6.71 -12.93
C LEU E 634 -32.54 5.65 -12.90
N ARG E 635 -32.20 4.43 -12.52
CA ARG E 635 -33.18 3.35 -12.46
C ARG E 635 -34.26 3.69 -11.41
N PRO E 636 -35.51 3.32 -11.66
CA PRO E 636 -36.59 3.71 -10.74
C PRO E 636 -36.32 3.26 -9.32
N GLY E 637 -36.65 4.14 -8.38
CA GLY E 637 -36.30 4.00 -6.99
C GLY E 637 -35.11 4.82 -6.56
N ARG E 638 -34.27 5.24 -7.50
CA ARG E 638 -33.10 6.08 -7.23
C ARG E 638 -33.06 7.20 -8.26
N LEU E 639 -33.06 8.45 -7.78
CA LEU E 639 -33.14 9.61 -8.66
C LEU E 639 -34.30 9.45 -9.66
N ASP E 640 -35.49 9.18 -9.12
CA ASP E 640 -36.65 8.96 -9.98
C ASP E 640 -36.98 10.18 -10.82
N GLN E 641 -37.03 11.36 -10.19
CA GLN E 641 -37.47 12.56 -10.87
C GLN E 641 -36.33 13.15 -11.69
N LEU E 642 -36.61 13.44 -12.96
CA LEU E 642 -35.66 14.11 -13.84
C LEU E 642 -36.25 15.44 -14.25
N ILE E 643 -35.58 16.53 -13.90
CA ILE E 643 -36.02 17.88 -14.22
C ILE E 643 -35.02 18.49 -15.18
N TYR E 644 -35.51 18.97 -16.31
CA TYR E 644 -34.68 19.61 -17.32
C TYR E 644 -34.80 21.11 -17.17
N ILE E 645 -33.67 21.76 -16.88
CA ILE E 645 -33.64 23.21 -16.68
C ILE E 645 -33.39 23.84 -18.05
N PRO E 646 -34.42 24.34 -18.74
CA PRO E 646 -34.26 24.74 -20.13
C PRO E 646 -33.51 26.05 -20.27
N LEU E 647 -33.05 26.28 -21.49
CA LEU E 647 -32.50 27.59 -21.82
C LEU E 647 -33.62 28.62 -21.76
N PRO E 648 -33.44 29.72 -21.03
CA PRO E 648 -34.60 30.57 -20.70
C PRO E 648 -35.29 31.15 -21.92
N ASP E 649 -36.60 31.31 -21.81
CA ASP E 649 -37.43 31.91 -22.84
C ASP E 649 -37.49 33.43 -22.65
N GLU E 650 -38.33 34.07 -23.46
CA GLU E 650 -38.41 35.53 -23.43
C GLU E 650 -38.89 36.04 -22.07
N LYS E 651 -39.99 35.50 -21.55
CA LYS E 651 -40.46 35.91 -20.23
C LYS E 651 -39.44 35.52 -19.17
N SER E 652 -38.79 34.38 -19.34
CA SER E 652 -37.74 33.98 -18.41
C SER E 652 -36.60 34.99 -18.43
N ARG E 653 -36.20 35.45 -19.62
CA ARG E 653 -35.12 36.43 -19.70
C ARG E 653 -35.52 37.76 -19.11
N VAL E 654 -36.78 38.16 -19.28
CA VAL E 654 -37.26 39.38 -18.64
C VAL E 654 -37.17 39.25 -17.13
N ALA E 655 -37.60 38.10 -16.59
CA ALA E 655 -37.53 37.89 -15.15
C ALA E 655 -36.10 37.92 -14.66
N ILE E 656 -35.19 37.30 -15.42
CA ILE E 656 -33.78 37.27 -15.03
C ILE E 656 -33.21 38.69 -14.99
N LEU E 657 -33.47 39.48 -16.03
CA LEU E 657 -32.94 40.84 -16.09
C LEU E 657 -33.52 41.69 -14.97
N LYS E 658 -34.81 41.52 -14.65
CA LYS E 658 -35.38 42.24 -13.52
C LYS E 658 -34.73 41.83 -12.21
N ALA E 659 -34.51 40.53 -12.02
CA ALA E 659 -33.99 40.05 -10.74
C ALA E 659 -32.55 40.50 -10.53
N ASN E 660 -31.76 40.54 -11.60
CA ASN E 660 -30.36 40.92 -11.45
C ASN E 660 -30.21 42.39 -11.06
N LEU E 661 -31.11 43.24 -11.51
CA LEU E 661 -30.98 44.68 -11.34
C LEU E 661 -31.83 45.23 -10.21
N ARG E 662 -32.38 44.37 -9.36
CA ARG E 662 -33.28 44.83 -8.31
C ARG E 662 -32.56 45.70 -7.29
N LYS E 663 -31.29 45.42 -7.03
CA LYS E 663 -30.51 46.14 -6.04
C LYS E 663 -29.69 47.28 -6.65
N SER E 664 -29.77 47.50 -7.95
CA SER E 664 -28.91 48.45 -8.62
C SER E 664 -29.71 49.63 -9.15
N PRO E 665 -29.27 50.85 -8.93
CA PRO E 665 -29.97 52.01 -9.51
C PRO E 665 -29.83 52.02 -11.02
N VAL E 666 -30.96 51.88 -11.71
CA VAL E 666 -31.00 51.81 -13.16
C VAL E 666 -31.97 52.86 -13.66
N ALA E 667 -31.58 53.56 -14.73
CA ALA E 667 -32.44 54.57 -15.31
C ALA E 667 -33.73 53.97 -15.84
N LYS E 668 -34.81 54.75 -15.75
CA LYS E 668 -36.11 54.28 -16.24
C LYS E 668 -36.10 54.10 -17.74
N ASP E 669 -35.23 54.83 -18.44
CA ASP E 669 -35.21 54.76 -19.89
C ASP E 669 -34.72 53.39 -20.37
N VAL E 670 -34.03 52.66 -19.50
CA VAL E 670 -33.54 51.33 -19.86
C VAL E 670 -34.71 50.40 -20.09
N ASP E 671 -34.73 49.75 -21.25
CA ASP E 671 -35.81 48.88 -21.67
C ASP E 671 -35.35 47.43 -21.61
N LEU E 672 -35.84 46.69 -20.62
CA LEU E 672 -35.44 45.30 -20.47
C LEU E 672 -36.12 44.42 -21.51
N GLU E 673 -37.30 44.82 -21.98
CA GLU E 673 -38.01 44.02 -22.97
C GLU E 673 -37.21 43.90 -24.26
N PHE E 674 -36.58 44.99 -24.70
CA PHE E 674 -35.77 44.94 -25.90
C PHE E 674 -34.55 44.05 -25.71
N LEU E 675 -33.93 44.11 -24.52
CA LEU E 675 -32.79 43.25 -24.23
C LEU E 675 -33.19 41.78 -24.29
N ALA E 676 -34.35 41.45 -23.74
CA ALA E 676 -34.84 40.08 -23.83
C ALA E 676 -35.12 39.69 -25.28
N LYS E 677 -35.67 40.62 -26.06
CA LYS E 677 -35.95 40.35 -27.46
C LYS E 677 -34.67 40.02 -28.24
N MET E 678 -33.62 40.81 -28.05
CA MET E 678 -32.43 40.66 -28.89
C MET E 678 -31.63 39.43 -28.53
N THR E 679 -31.54 39.11 -27.23
CA THR E 679 -30.77 37.96 -26.76
C THR E 679 -31.62 36.69 -26.83
N ASN E 680 -31.71 36.12 -28.03
CA ASN E 680 -32.61 34.99 -28.24
C ASN E 680 -32.08 33.72 -27.58
N GLY E 681 -30.79 33.42 -27.77
CA GLY E 681 -30.21 32.20 -27.25
C GLY E 681 -29.37 32.35 -26.01
N PHE E 682 -29.34 33.53 -25.40
CA PHE E 682 -28.52 33.75 -24.22
C PHE E 682 -29.05 32.96 -23.04
N SER E 683 -28.13 32.48 -22.21
CA SER E 683 -28.49 31.83 -20.97
C SER E 683 -28.42 32.83 -19.82
N GLY E 684 -28.77 32.36 -18.62
CA GLY E 684 -28.82 33.27 -17.48
C GLY E 684 -27.48 33.90 -17.17
N ALA E 685 -26.41 33.11 -17.26
CA ALA E 685 -25.08 33.63 -16.97
C ALA E 685 -24.69 34.72 -17.94
N ASP E 686 -25.09 34.60 -19.21
CA ASP E 686 -24.77 35.61 -20.20
C ASP E 686 -25.48 36.93 -19.88
N LEU E 687 -26.76 36.86 -19.50
CA LEU E 687 -27.47 38.08 -19.13
C LEU E 687 -26.84 38.71 -17.91
N THR E 688 -26.43 37.89 -16.94
CA THR E 688 -25.76 38.42 -15.76
C THR E 688 -24.46 39.12 -16.14
N GLU E 689 -23.68 38.54 -17.06
CA GLU E 689 -22.40 39.15 -17.39
C GLU E 689 -22.61 40.40 -18.25
N ILE E 690 -23.71 40.46 -18.99
CA ILE E 690 -24.07 41.71 -19.66
C ILE E 690 -24.31 42.81 -18.63
N CYS E 691 -25.10 42.50 -17.60
CA CYS E 691 -25.34 43.50 -16.57
C CYS E 691 -24.06 43.88 -15.83
N GLN E 692 -23.18 42.90 -15.58
CA GLN E 692 -21.92 43.18 -14.90
C GLN E 692 -21.00 44.04 -15.76
N ARG E 693 -21.01 43.84 -17.07
CA ARG E 693 -20.24 44.71 -17.96
C ARG E 693 -20.78 46.13 -17.93
N ALA E 694 -22.10 46.28 -17.90
CA ALA E 694 -22.68 47.62 -17.76
C ALA E 694 -22.23 48.28 -16.46
N CYS E 695 -22.26 47.52 -15.37
CA CYS E 695 -21.80 48.05 -14.09
C CYS E 695 -20.33 48.45 -14.13
N LYS E 696 -19.48 47.63 -14.76
CA LYS E 696 -18.06 47.97 -14.84
C LYS E 696 -17.83 49.23 -15.65
N LEU E 697 -18.56 49.40 -16.76
CA LEU E 697 -18.42 50.63 -17.53
C LEU E 697 -18.84 51.84 -16.71
N ALA E 698 -19.92 51.70 -15.93
CA ALA E 698 -20.32 52.80 -15.05
C ALA E 698 -19.23 53.14 -14.04
N ILE E 699 -18.62 52.11 -13.44
CA ILE E 699 -17.55 52.34 -12.47
C ILE E 699 -16.39 53.05 -13.13
N ARG E 700 -16.03 52.63 -14.35
CA ARG E 700 -14.94 53.27 -15.05
C ARG E 700 -15.22 54.74 -15.30
N GLU E 701 -16.44 55.06 -15.75
CA GLU E 701 -16.78 56.45 -16.01
C GLU E 701 -16.72 57.28 -14.72
N SER E 702 -17.23 56.73 -13.62
CA SER E 702 -17.18 57.47 -12.36
C SER E 702 -15.74 57.72 -11.94
N ILE E 703 -14.87 56.74 -12.13
CA ILE E 703 -13.46 56.92 -11.74
C ILE E 703 -12.80 57.98 -12.62
N GLU E 704 -13.09 57.99 -13.92
CA GLU E 704 -12.53 59.04 -14.77
C GLU E 704 -13.00 60.42 -14.35
N SER E 705 -14.29 60.56 -14.03
CA SER E 705 -14.78 61.87 -13.58
C SER E 705 -14.12 62.28 -12.27
N GLU E 706 -13.95 61.33 -11.35
CA GLU E 706 -13.30 61.64 -10.08
C GLU E 706 -11.85 62.07 -10.28
N ILE E 707 -11.13 61.40 -11.18
CA ILE E 707 -9.75 61.78 -11.45
C ILE E 707 -9.70 63.16 -12.09
N ARG E 708 -10.64 63.45 -12.98
CA ARG E 708 -10.69 64.78 -13.59
C ARG E 708 -10.88 65.87 -12.53
N ARG E 709 -11.83 65.66 -11.61
CA ARG E 709 -12.06 66.65 -10.56
C ARG E 709 -10.85 66.79 -9.66
N GLU E 710 -10.21 65.68 -9.30
CA GLU E 710 -9.02 65.77 -8.47
C GLU E 710 -7.89 66.50 -9.18
N ARG E 711 -7.70 66.22 -10.46
CA ARG E 711 -6.63 66.87 -11.22
C ARG E 711 -6.85 68.37 -11.31
N GLU E 712 -8.09 68.79 -11.56
CA GLU E 712 -8.35 70.23 -11.63
C GLU E 712 -8.31 70.86 -10.25
N ARG E 713 -8.51 70.06 -9.19
CA ARG E 713 -8.42 70.59 -7.83
C ARG E 713 -6.99 70.90 -7.44
N GLN E 714 -6.02 70.10 -7.89
CA GLN E 714 -4.62 70.33 -7.58
C GLN E 714 -4.06 71.44 -8.45
N PRO E 727 -22.09 62.52 -11.00
CA PRO E 727 -21.59 62.13 -12.32
C PRO E 727 -22.46 61.04 -12.95
N VAL E 728 -22.41 59.86 -12.38
CA VAL E 728 -23.21 58.72 -12.86
C VAL E 728 -24.06 58.18 -11.71
N PRO E 729 -25.21 58.79 -11.45
CA PRO E 729 -26.09 58.25 -10.39
C PRO E 729 -26.59 56.86 -10.68
N GLU E 730 -26.70 56.49 -11.95
CA GLU E 730 -27.26 55.20 -12.33
C GLU E 730 -26.68 54.75 -13.67
N ILE E 731 -26.81 53.45 -13.94
CA ILE E 731 -26.38 52.90 -15.22
C ILE E 731 -27.33 53.36 -16.31
N ARG E 732 -26.78 53.90 -17.40
CA ARG E 732 -27.55 54.47 -18.48
C ARG E 732 -27.71 53.48 -19.63
N ARG E 733 -28.28 53.98 -20.73
CA ARG E 733 -28.44 53.14 -21.92
C ARG E 733 -27.10 52.89 -22.61
N ASP E 734 -26.19 53.85 -22.53
CA ASP E 734 -24.89 53.70 -23.19
C ASP E 734 -24.13 52.49 -22.66
N HIS E 735 -24.14 52.32 -21.34
CA HIS E 735 -23.42 51.20 -20.75
C HIS E 735 -24.00 49.87 -21.21
N PHE E 736 -25.33 49.77 -21.26
CA PHE E 736 -25.95 48.52 -21.70
C PHE E 736 -25.71 48.27 -23.17
N GLU E 737 -25.67 49.33 -23.99
CA GLU E 737 -25.36 49.16 -25.40
C GLU E 737 -23.94 48.62 -25.60
N GLU E 738 -22.96 49.20 -24.90
CA GLU E 738 -21.59 48.71 -25.02
C GLU E 738 -21.47 47.29 -24.48
N ALA E 739 -22.12 47.01 -23.36
CA ALA E 739 -22.09 45.67 -22.79
C ALA E 739 -22.68 44.66 -23.77
N MET E 740 -23.74 45.03 -24.47
CA MET E 740 -24.32 44.13 -25.46
C MET E 740 -23.39 43.96 -26.66
N ARG E 741 -22.63 45.01 -26.99
CA ARG E 741 -21.61 44.83 -28.02
C ARG E 741 -20.58 43.80 -27.60
N PHE E 742 -20.28 43.72 -26.30
CA PHE E 742 -19.31 42.72 -25.84
C PHE E 742 -19.97 41.37 -25.55
N ALA E 743 -21.29 41.29 -25.69
CA ALA E 743 -21.99 40.05 -25.34
C ALA E 743 -21.73 38.95 -26.35
N ARG E 744 -21.87 37.70 -25.90
CA ARG E 744 -21.73 36.52 -26.75
C ARG E 744 -22.45 35.36 -26.10
N ARG E 745 -22.94 34.44 -26.93
CA ARG E 745 -23.72 33.31 -26.42
C ARG E 745 -22.80 32.24 -25.85
N SER E 746 -23.10 31.79 -24.63
CA SER E 746 -22.24 30.81 -23.98
C SER E 746 -22.46 29.41 -24.53
N VAL E 747 -23.70 29.07 -24.90
CA VAL E 747 -24.08 27.71 -25.26
C VAL E 747 -24.44 27.65 -26.74
N SER E 748 -23.75 26.81 -27.48
CA SER E 748 -24.06 26.61 -28.89
C SER E 748 -25.21 25.64 -29.06
N ASP E 749 -25.75 25.60 -30.27
CA ASP E 749 -26.98 24.83 -30.52
C ASP E 749 -26.74 23.34 -30.38
N ASN E 750 -25.52 22.88 -30.66
CA ASN E 750 -25.23 21.44 -30.60
C ASN E 750 -25.41 20.90 -29.19
N ASP E 751 -25.03 21.70 -28.18
CA ASP E 751 -25.23 21.30 -26.80
C ASP E 751 -26.71 21.09 -26.50
N ILE E 752 -27.55 22.04 -26.91
CA ILE E 752 -28.99 21.91 -26.70
C ILE E 752 -29.51 20.67 -27.42
N ARG E 753 -28.99 20.41 -28.62
CA ARG E 753 -29.40 19.23 -29.36
C ARG E 753 -29.09 17.96 -28.59
N LYS E 754 -27.91 17.89 -27.95
CA LYS E 754 -27.57 16.67 -27.24
C LYS E 754 -28.40 16.52 -25.95
N TYR E 755 -28.76 17.65 -25.31
CA TYR E 755 -29.67 17.53 -24.17
C TYR E 755 -31.04 17.03 -24.60
N GLU E 756 -31.55 17.53 -25.73
CA GLU E 756 -32.82 17.02 -26.25
C GLU E 756 -32.69 15.54 -26.64
N MET E 757 -31.53 15.13 -27.14
CA MET E 757 -31.29 13.72 -27.42
C MET E 757 -31.38 12.89 -26.15
N PHE E 758 -30.80 13.36 -25.06
CA PHE E 758 -30.93 12.64 -23.79
C PHE E 758 -32.38 12.56 -23.36
N ALA E 759 -33.12 13.65 -23.52
CA ALA E 759 -34.54 13.65 -23.14
C ALA E 759 -35.32 12.63 -23.97
N GLN E 760 -35.05 12.57 -25.27
CA GLN E 760 -35.76 11.62 -26.13
C GLN E 760 -35.39 10.19 -25.80
N THR E 761 -34.11 9.93 -25.51
CA THR E 761 -33.71 8.60 -25.08
C THR E 761 -34.39 8.22 -23.77
N LEU E 762 -34.52 9.17 -22.86
CA LEU E 762 -35.24 8.92 -21.62
C LEU E 762 -36.71 8.59 -21.89
N GLN E 763 -37.34 9.33 -22.79
CA GLN E 763 -38.74 9.07 -23.12
C GLN E 763 -38.91 7.69 -23.74
N GLN E 764 -37.98 7.30 -24.62
CA GLN E 764 -38.02 5.95 -25.19
C GLN E 764 -37.83 4.89 -24.11
N SER E 765 -36.91 5.14 -23.17
CA SER E 765 -36.76 4.21 -22.05
C SER E 765 -37.95 4.26 -21.11
N ARG E 766 -38.59 5.42 -20.99
CA ARG E 766 -39.76 5.57 -20.15
C ARG E 766 -40.96 4.81 -20.71
N PRO F 23 -36.31 -57.15 22.75
CA PRO F 23 -37.07 -57.54 23.95
C PRO F 23 -36.68 -56.75 25.19
N ASN F 24 -35.44 -56.23 25.21
CA ASN F 24 -35.01 -55.43 26.35
C ASN F 24 -35.79 -54.12 26.43
N ARG F 25 -35.97 -53.44 25.31
CA ARG F 25 -36.66 -52.17 25.31
C ARG F 25 -38.15 -52.38 25.59
N LEU F 26 -38.71 -51.52 26.44
CA LEU F 26 -40.12 -51.59 26.80
C LEU F 26 -40.67 -50.17 26.92
N ILE F 27 -41.97 -50.03 26.67
CA ILE F 27 -42.58 -48.70 26.71
C ILE F 27 -42.65 -48.21 28.14
N VAL F 28 -42.18 -46.98 28.36
CA VAL F 28 -42.17 -46.39 29.69
C VAL F 28 -43.60 -46.19 30.18
N ASP F 29 -43.87 -46.62 31.41
CA ASP F 29 -45.16 -46.40 32.04
C ASP F 29 -44.94 -46.29 33.54
N GLU F 30 -46.00 -45.92 34.26
CA GLU F 30 -45.93 -45.64 35.69
C GLU F 30 -46.69 -46.71 36.47
N ALA F 31 -46.18 -47.04 37.66
CA ALA F 31 -46.80 -48.02 38.55
C ALA F 31 -47.16 -47.31 39.86
N ILE F 32 -48.42 -46.90 39.99
CA ILE F 32 -48.85 -46.19 41.18
C ILE F 32 -48.89 -47.12 42.39
N ASN F 33 -49.33 -48.37 42.21
CA ASN F 33 -49.49 -49.27 43.35
C ASN F 33 -48.16 -49.60 44.00
N GLU F 34 -47.13 -49.88 43.20
CA GLU F 34 -45.83 -50.21 43.75
C GLU F 34 -45.19 -48.98 44.39
N ASP F 35 -44.33 -49.23 45.38
CA ASP F 35 -43.63 -48.14 46.03
C ASP F 35 -42.60 -47.53 45.09
N ASN F 36 -42.16 -46.31 45.43
CA ASN F 36 -41.27 -45.56 44.55
C ASN F 36 -39.94 -46.28 44.34
N SER F 37 -39.47 -46.99 45.36
CA SER F 37 -38.18 -47.68 45.23
C SER F 37 -38.24 -48.80 44.20
N VAL F 38 -39.29 -49.61 44.24
CA VAL F 38 -39.37 -50.80 43.41
C VAL F 38 -40.02 -50.48 42.07
N VAL F 39 -39.87 -51.40 41.12
CA VAL F 39 -40.50 -51.30 39.81
C VAL F 39 -41.26 -52.60 39.55
N SER F 40 -42.22 -52.53 38.64
CA SER F 40 -43.11 -53.65 38.37
C SER F 40 -43.09 -54.00 36.88
N LEU F 41 -43.02 -55.29 36.58
CA LEU F 41 -43.02 -55.80 35.21
C LEU F 41 -43.98 -56.97 35.10
N SER F 42 -44.60 -57.10 33.93
CA SER F 42 -45.60 -58.13 33.71
C SER F 42 -45.00 -59.53 33.81
N GLN F 43 -45.81 -60.48 34.27
CA GLN F 43 -45.35 -61.85 34.42
C GLN F 43 -44.92 -62.51 33.11
N PRO F 44 -45.65 -62.42 31.99
CA PRO F 44 -45.15 -63.04 30.76
C PRO F 44 -43.84 -62.45 30.27
N LYS F 45 -43.73 -61.11 30.26
CA LYS F 45 -42.48 -60.48 29.87
C LYS F 45 -41.36 -60.81 30.84
N MET F 46 -41.68 -60.90 32.14
CA MET F 46 -40.66 -61.29 33.11
C MET F 46 -40.16 -62.71 32.85
N ASP F 47 -41.06 -63.61 32.48
CA ASP F 47 -40.65 -64.98 32.18
C ASP F 47 -39.80 -65.03 30.92
N GLU F 48 -40.15 -64.22 29.92
CA GLU F 48 -39.36 -64.21 28.69
C GLU F 48 -37.95 -63.71 28.95
N LEU F 49 -37.80 -62.70 29.81
CA LEU F 49 -36.49 -62.12 30.08
C LEU F 49 -35.61 -63.04 30.93
N GLN F 50 -36.16 -64.12 31.47
CA GLN F 50 -35.48 -65.13 32.30
C GLN F 50 -34.98 -64.57 33.62
N LEU F 51 -35.50 -63.43 34.07
CA LEU F 51 -35.15 -62.91 35.38
C LEU F 51 -36.12 -63.43 36.44
N PHE F 52 -35.81 -63.16 37.69
CA PHE F 52 -36.58 -63.64 38.82
C PHE F 52 -37.00 -62.47 39.69
N ARG F 53 -38.07 -62.67 40.47
CA ARG F 53 -38.63 -61.60 41.28
C ARG F 53 -37.63 -61.16 42.36
N GLY F 54 -37.65 -59.87 42.67
CA GLY F 54 -36.74 -59.32 43.64
C GLY F 54 -35.32 -59.12 43.16
N ASP F 55 -35.07 -59.29 41.86
CA ASP F 55 -33.72 -59.18 41.32
C ASP F 55 -33.41 -57.75 40.95
N THR F 56 -32.25 -57.26 41.40
CA THR F 56 -31.82 -55.92 41.06
C THR F 56 -31.45 -55.87 39.58
N VAL F 57 -32.00 -54.91 38.86
CA VAL F 57 -31.80 -54.76 37.43
C VAL F 57 -31.46 -53.31 37.12
N LEU F 58 -30.43 -53.11 36.30
CA LEU F 58 -30.10 -51.77 35.83
C LEU F 58 -31.12 -51.31 34.80
N LEU F 59 -31.40 -50.01 34.81
CA LEU F 59 -32.28 -49.39 33.83
C LEU F 59 -31.46 -48.42 32.98
N LYS F 60 -31.60 -48.53 31.66
CA LYS F 60 -30.84 -47.72 30.72
C LYS F 60 -31.68 -46.52 30.30
N GLY F 61 -31.10 -45.32 30.40
CA GLY F 61 -31.81 -44.12 30.05
C GLY F 61 -30.88 -43.11 29.41
N LYS F 62 -31.49 -42.10 28.79
CA LYS F 62 -30.74 -41.05 28.13
C LYS F 62 -30.12 -40.10 29.14
N LYS F 63 -29.31 -39.16 28.62
CA LYS F 63 -28.55 -38.18 29.40
C LYS F 63 -27.52 -38.83 30.29
N ARG F 64 -27.08 -40.05 29.97
CA ARG F 64 -26.10 -40.79 30.77
C ARG F 64 -26.58 -40.98 32.22
N ARG F 65 -27.88 -41.17 32.41
CA ARG F 65 -28.48 -41.35 33.72
C ARG F 65 -29.09 -42.76 33.78
N GLU F 66 -28.69 -43.53 34.78
CA GLU F 66 -29.20 -44.88 34.99
C GLU F 66 -29.55 -45.09 36.45
N ALA F 67 -30.34 -46.14 36.70
CA ALA F 67 -30.72 -46.53 38.05
C ALA F 67 -30.89 -48.04 38.12
N VAL F 68 -30.85 -48.56 39.35
CA VAL F 68 -31.13 -49.96 39.63
C VAL F 68 -32.19 -50.04 40.72
N CYS F 69 -33.19 -50.91 40.52
CA CYS F 69 -34.31 -51.01 41.44
C CYS F 69 -34.78 -52.46 41.53
N ILE F 70 -35.59 -52.72 42.56
CA ILE F 70 -36.16 -54.05 42.74
C ILE F 70 -37.35 -54.21 41.81
N VAL F 71 -37.34 -55.27 41.00
CA VAL F 71 -38.38 -55.54 40.02
C VAL F 71 -39.27 -56.66 40.56
N LEU F 72 -40.58 -56.54 40.33
CA LEU F 72 -41.57 -57.45 40.90
C LEU F 72 -42.65 -57.78 39.87
N SER F 73 -43.38 -58.85 40.13
CA SER F 73 -44.41 -59.32 39.21
C SER F 73 -45.72 -58.55 39.42
N ASP F 74 -46.25 -58.02 38.32
CA ASP F 74 -47.51 -57.27 38.34
C ASP F 74 -48.39 -57.74 37.19
N ASP F 75 -49.64 -58.11 37.51
CA ASP F 75 -50.57 -58.51 36.46
C ASP F 75 -51.14 -57.29 35.72
N THR F 76 -51.22 -56.14 36.41
CA THR F 76 -51.71 -54.94 35.76
C THR F 76 -50.72 -54.44 34.72
N CYS F 77 -49.46 -54.83 34.83
CA CYS F 77 -48.45 -54.40 33.87
C CYS F 77 -48.71 -55.02 32.50
N SER F 78 -48.52 -54.21 31.46
CA SER F 78 -48.66 -54.70 30.10
C SER F 78 -47.46 -55.58 29.72
N ASP F 79 -47.69 -56.49 28.79
CA ASP F 79 -46.61 -57.35 28.32
C ASP F 79 -45.53 -56.54 27.61
N GLU F 80 -45.93 -55.56 26.82
CA GLU F 80 -45.01 -54.75 26.03
C GLU F 80 -44.61 -53.45 26.73
N LYS F 81 -45.04 -53.24 27.97
CA LYS F 81 -44.72 -52.01 28.70
C LYS F 81 -44.10 -52.34 30.05
N ILE F 82 -43.29 -51.40 30.53
CA ILE F 82 -42.74 -51.43 31.89
C ILE F 82 -43.46 -50.36 32.71
N ARG F 83 -44.02 -50.76 33.84
CA ARG F 83 -44.66 -49.83 34.76
C ARG F 83 -43.63 -49.46 35.82
N MET F 84 -43.17 -48.21 35.78
CA MET F 84 -41.99 -47.79 36.53
C MET F 84 -42.23 -46.42 37.14
N ASN F 85 -41.78 -46.27 38.39
CA ASN F 85 -42.28 -45.23 39.28
C ASN F 85 -41.77 -43.84 38.89
N ARG F 86 -42.46 -42.82 39.41
CA ARG F 86 -42.17 -41.44 39.04
C ARG F 86 -40.74 -41.05 39.42
N VAL F 87 -40.31 -41.40 40.63
CA VAL F 87 -38.97 -41.03 41.07
C VAL F 87 -37.93 -41.78 40.25
N VAL F 88 -38.24 -43.00 39.84
CA VAL F 88 -37.30 -43.74 39.00
C VAL F 88 -37.34 -43.21 37.57
N ARG F 89 -38.48 -42.66 37.14
CA ARG F 89 -38.49 -41.91 35.88
C ARG F 89 -37.59 -40.68 35.97
N ASN F 90 -37.56 -40.03 37.13
CA ASN F 90 -36.59 -38.97 37.34
C ASN F 90 -35.16 -39.52 37.33
N ASN F 91 -34.98 -40.73 37.85
CA ASN F 91 -33.68 -41.38 37.79
C ASN F 91 -33.21 -41.57 36.35
N LEU F 92 -34.09 -42.07 35.47
CA LEU F 92 -33.69 -42.28 34.09
C LEU F 92 -33.61 -40.96 33.32
N ARG F 93 -34.32 -39.92 33.80
CA ARG F 93 -34.40 -38.64 33.11
C ARG F 93 -34.90 -38.81 31.68
N VAL F 94 -35.84 -39.73 31.50
CA VAL F 94 -36.35 -40.11 30.19
C VAL F 94 -37.82 -39.73 30.10
N ARG F 95 -38.27 -39.43 28.89
CA ARG F 95 -39.67 -39.10 28.67
C ARG F 95 -40.54 -40.36 28.70
N LEU F 96 -41.81 -40.16 29.08
CA LEU F 96 -42.75 -41.28 29.11
C LEU F 96 -43.00 -41.82 27.71
N GLY F 97 -43.24 -43.12 27.62
CA GLY F 97 -43.48 -43.77 26.35
C GLY F 97 -42.23 -44.17 25.60
N ASP F 98 -41.05 -43.87 26.13
CA ASP F 98 -39.81 -44.19 25.44
C ASP F 98 -39.44 -45.65 25.68
N VAL F 99 -38.33 -46.06 25.07
CA VAL F 99 -37.81 -47.42 25.18
C VAL F 99 -36.59 -47.40 26.10
N ILE F 100 -36.62 -48.25 27.12
CA ILE F 100 -35.54 -48.31 28.12
C ILE F 100 -35.12 -49.76 28.27
N SER F 101 -33.82 -50.01 28.19
CA SER F 101 -33.30 -51.37 28.30
C SER F 101 -33.42 -51.88 29.72
N ILE F 102 -33.67 -53.17 29.87
CA ILE F 102 -33.73 -53.83 31.16
C ILE F 102 -32.70 -54.95 31.18
N GLN F 103 -31.70 -54.81 32.04
CA GLN F 103 -30.64 -55.79 32.19
C GLN F 103 -30.35 -55.98 33.68
N PRO F 104 -29.94 -57.17 34.09
CA PRO F 104 -29.60 -57.38 35.50
C PRO F 104 -28.37 -56.57 35.90
N CYS F 105 -28.34 -56.16 37.16
CA CYS F 105 -27.16 -55.46 37.67
C CYS F 105 -26.03 -56.46 37.87
N PRO F 106 -24.85 -56.23 37.29
CA PRO F 106 -23.76 -57.20 37.42
C PRO F 106 -22.86 -56.96 38.63
N ASP F 107 -22.66 -58.01 39.44
CA ASP F 107 -21.68 -57.99 40.52
C ASP F 107 -21.93 -56.86 41.52
N VAL F 108 -23.08 -56.92 42.20
CA VAL F 108 -23.41 -55.90 43.18
C VAL F 108 -22.49 -56.03 44.40
N LYS F 109 -22.06 -54.89 44.93
CA LYS F 109 -21.13 -54.82 46.04
C LYS F 109 -21.68 -53.91 47.13
N TYR F 110 -21.48 -54.29 48.39
CA TYR F 110 -21.92 -53.46 49.50
C TYR F 110 -20.91 -52.36 49.79
N GLY F 111 -21.41 -51.21 50.25
CA GLY F 111 -20.56 -50.08 50.55
C GLY F 111 -20.63 -49.66 52.00
N LYS F 112 -19.50 -49.79 52.72
CA LYS F 112 -19.49 -49.52 54.15
C LYS F 112 -19.83 -48.06 54.45
N ARG F 113 -19.27 -47.13 53.69
CA ARG F 113 -19.43 -45.71 53.94
C ARG F 113 -20.01 -45.04 52.70
N ILE F 114 -21.05 -44.24 52.88
CA ILE F 114 -21.69 -43.51 51.78
C ILE F 114 -22.47 -42.34 52.36
N HIS F 115 -22.56 -41.26 51.58
CA HIS F 115 -23.24 -40.03 51.99
C HIS F 115 -24.15 -39.55 50.87
N VAL F 116 -25.36 -39.13 51.23
CA VAL F 116 -26.40 -38.75 50.27
C VAL F 116 -26.84 -37.32 50.57
N LEU F 117 -26.98 -36.51 49.52
CA LEU F 117 -27.33 -35.10 49.64
C LEU F 117 -28.74 -34.86 49.12
N PRO F 118 -29.63 -34.30 49.92
CA PRO F 118 -30.99 -34.03 49.47
C PRO F 118 -31.12 -32.67 48.80
N ILE F 119 -32.27 -32.47 48.16
CA ILE F 119 -32.59 -31.16 47.60
C ILE F 119 -32.73 -30.14 48.72
N ASP F 120 -32.12 -28.97 48.54
CA ASP F 120 -32.01 -28.00 49.63
C ASP F 120 -33.37 -27.51 50.09
N ASP F 121 -34.29 -27.25 49.14
CA ASP F 121 -35.59 -26.71 49.52
C ASP F 121 -36.42 -27.75 50.27
N THR F 122 -36.12 -29.03 50.07
CA THR F 122 -36.85 -30.08 50.79
C THR F 122 -36.53 -30.06 52.28
N VAL F 123 -35.26 -29.83 52.63
CA VAL F 123 -34.86 -29.79 54.03
C VAL F 123 -34.88 -28.38 54.62
N GLU F 124 -35.36 -27.39 53.87
CA GLU F 124 -35.41 -26.02 54.36
C GLU F 124 -36.40 -25.88 55.50
N GLY F 125 -36.01 -25.15 56.54
CA GLY F 125 -36.87 -24.91 57.68
C GLY F 125 -36.90 -26.02 58.71
N ILE F 126 -36.01 -26.99 58.62
CA ILE F 126 -35.96 -28.13 59.54
C ILE F 126 -34.65 -28.05 60.31
N THR F 127 -34.75 -28.03 61.64
CA THR F 127 -33.58 -27.90 62.50
C THR F 127 -32.96 -29.24 62.87
N GLY F 128 -33.67 -30.35 62.68
CA GLY F 128 -33.11 -31.65 63.01
C GLY F 128 -32.13 -32.13 61.97
N ASN F 129 -31.33 -33.12 62.36
CA ASN F 129 -30.37 -33.69 61.43
C ASN F 129 -31.09 -34.44 60.31
N LEU F 130 -30.63 -34.23 59.07
CA LEU F 130 -31.32 -34.79 57.92
C LEU F 130 -31.29 -36.31 57.92
N PHE F 131 -30.14 -36.89 58.30
CA PHE F 131 -30.03 -38.34 58.38
C PHE F 131 -30.90 -38.90 59.50
N GLU F 132 -30.95 -38.20 60.63
CA GLU F 132 -31.69 -38.72 61.77
C GLU F 132 -33.20 -38.64 61.55
N VAL F 133 -33.68 -37.51 61.04
CA VAL F 133 -35.13 -37.31 60.93
C VAL F 133 -35.72 -38.20 59.85
N TYR F 134 -35.08 -38.26 58.68
CA TYR F 134 -35.66 -38.92 57.51
C TYR F 134 -34.95 -40.22 57.13
N LEU F 135 -33.63 -40.19 56.96
CA LEU F 135 -32.92 -41.39 56.54
C LEU F 135 -33.01 -42.49 57.59
N LYS F 136 -32.89 -42.14 58.87
CA LYS F 136 -32.84 -43.15 59.92
C LYS F 136 -34.10 -44.02 59.98
N PRO F 137 -35.33 -43.49 59.94
CA PRO F 137 -36.49 -44.39 60.04
C PRO F 137 -36.73 -45.24 58.81
N TYR F 138 -36.51 -44.70 57.60
CA TYR F 138 -36.86 -45.41 56.37
C TYR F 138 -35.67 -45.95 55.60
N PHE F 139 -34.71 -45.10 55.25
CA PHE F 139 -33.61 -45.53 54.39
C PHE F 139 -32.70 -46.51 55.10
N LEU F 140 -32.66 -46.46 56.44
CA LEU F 140 -31.90 -47.45 57.18
C LEU F 140 -32.62 -48.80 57.18
N GLU F 141 -31.86 -49.86 56.96
CA GLU F 141 -32.38 -51.23 56.81
C GLU F 141 -33.35 -51.33 55.64
N ALA F 142 -33.19 -50.47 54.63
CA ALA F 142 -34.10 -50.50 53.48
C ALA F 142 -33.80 -51.69 52.57
N TYR F 143 -32.52 -52.01 52.38
CA TYR F 143 -32.08 -53.06 51.46
C TYR F 143 -32.62 -52.82 50.05
N ARG F 144 -32.54 -51.57 49.60
CA ARG F 144 -33.02 -51.21 48.27
C ARG F 144 -31.84 -50.74 47.41
N PRO F 145 -31.86 -51.04 46.11
CA PRO F 145 -30.73 -50.66 45.26
C PRO F 145 -30.59 -49.16 45.13
N ILE F 146 -29.34 -48.70 45.01
CA ILE F 146 -29.03 -47.30 44.81
C ILE F 146 -27.96 -47.18 43.74
N ARG F 147 -27.90 -46.01 43.11
CA ARG F 147 -26.94 -45.74 42.04
C ARG F 147 -26.40 -44.32 42.24
N LYS F 148 -25.25 -44.04 41.63
CA LYS F 148 -24.68 -42.70 41.70
C LYS F 148 -25.59 -41.71 40.97
N GLY F 149 -25.82 -40.56 41.59
CA GLY F 149 -26.69 -39.55 41.02
C GLY F 149 -28.16 -39.87 41.12
N ASP F 150 -28.55 -40.88 41.89
CA ASP F 150 -29.95 -41.28 41.95
C ASP F 150 -30.74 -40.46 42.96
N ILE F 151 -32.04 -40.38 42.72
CA ILE F 151 -32.97 -39.61 43.54
C ILE F 151 -33.96 -40.59 44.15
N PHE F 152 -34.15 -40.49 45.47
CA PHE F 152 -35.08 -41.35 46.20
C PHE F 152 -35.90 -40.51 47.17
N LEU F 153 -37.20 -40.81 47.25
CA LEU F 153 -38.05 -40.21 48.26
C LEU F 153 -38.02 -41.08 49.52
N VAL F 154 -37.70 -40.46 50.66
CA VAL F 154 -37.49 -41.16 51.92
C VAL F 154 -38.55 -40.70 52.90
N ARG F 155 -39.23 -41.66 53.53
CA ARG F 155 -40.35 -41.38 54.42
C ARG F 155 -39.83 -41.13 55.84
N GLY F 156 -39.85 -39.87 56.27
CA GLY F 156 -39.41 -39.53 57.61
C GLY F 156 -39.98 -38.20 58.02
N GLY F 157 -40.03 -37.99 59.34
CA GLY F 157 -40.57 -36.76 59.86
C GLY F 157 -42.07 -36.62 59.63
N MET F 158 -42.55 -35.38 59.77
CA MET F 158 -43.96 -35.11 59.53
C MET F 158 -44.32 -35.37 58.06
N ARG F 159 -43.47 -34.93 57.14
CA ARG F 159 -43.63 -35.18 55.72
C ARG F 159 -42.31 -35.68 55.14
N ALA F 160 -42.41 -36.56 54.15
CA ALA F 160 -41.23 -37.19 53.59
C ALA F 160 -40.34 -36.18 52.89
N VAL F 161 -39.04 -36.36 53.02
CA VAL F 161 -38.04 -35.53 52.35
C VAL F 161 -37.24 -36.40 51.40
N GLU F 162 -37.25 -36.03 50.12
CA GLU F 162 -36.47 -36.72 49.12
C GLU F 162 -34.97 -36.55 49.37
N PHE F 163 -34.22 -37.63 49.12
CA PHE F 163 -32.77 -37.61 49.21
C PHE F 163 -32.16 -38.11 47.91
N LYS F 164 -31.05 -37.50 47.52
CA LYS F 164 -30.35 -37.84 46.29
C LYS F 164 -28.99 -38.45 46.63
N VAL F 165 -28.66 -39.57 45.99
CA VAL F 165 -27.39 -40.24 46.20
C VAL F 165 -26.35 -39.64 45.28
N VAL F 166 -25.71 -38.55 45.71
CA VAL F 166 -24.79 -37.83 44.84
C VAL F 166 -23.56 -38.67 44.53
N GLU F 167 -23.03 -39.37 45.54
CA GLU F 167 -21.81 -40.15 45.39
C GLU F 167 -22.05 -41.54 45.96
N THR F 168 -21.70 -42.56 45.19
CA THR F 168 -21.84 -43.95 45.59
C THR F 168 -20.47 -44.56 45.79
N ASP F 169 -20.24 -45.13 46.97
CA ASP F 169 -18.96 -45.73 47.33
C ASP F 169 -19.20 -47.16 47.80
N PRO F 170 -18.66 -48.19 47.11
CA PRO F 170 -17.89 -48.02 45.88
C PRO F 170 -18.78 -47.75 44.68
N SER F 171 -18.26 -47.01 43.70
CA SER F 171 -19.05 -46.61 42.55
C SER F 171 -19.35 -47.82 41.67
N PRO F 172 -20.49 -47.79 40.95
CA PRO F 172 -21.53 -46.76 41.04
C PRO F 172 -22.85 -47.26 41.61
N TYR F 173 -22.90 -48.51 42.07
CA TYR F 173 -24.11 -49.12 42.61
C TYR F 173 -23.81 -49.74 43.96
N CYS F 174 -24.81 -49.74 44.85
CA CYS F 174 -24.66 -50.29 46.19
C CYS F 174 -26.01 -50.77 46.70
N ILE F 175 -25.98 -51.44 47.85
CA ILE F 175 -27.18 -51.91 48.54
C ILE F 175 -27.11 -51.44 50.00
N VAL F 176 -28.24 -50.94 50.51
CA VAL F 176 -28.30 -50.52 51.91
C VAL F 176 -28.24 -51.75 52.80
N ALA F 177 -27.41 -51.68 53.84
CA ALA F 177 -27.28 -52.75 54.81
C ALA F 177 -27.05 -52.13 56.18
N PRO F 178 -27.39 -52.85 57.26
CA PRO F 178 -27.11 -52.31 58.61
C PRO F 178 -25.64 -52.05 58.85
N ASP F 179 -24.74 -52.82 58.23
CA ASP F 179 -23.32 -52.52 58.31
C ASP F 179 -23.01 -51.18 57.68
N THR F 180 -23.65 -50.87 56.56
CA THR F 180 -23.43 -49.61 55.88
C THR F 180 -23.93 -48.45 56.73
N VAL F 181 -23.20 -47.34 56.72
CA VAL F 181 -23.56 -46.14 57.45
C VAL F 181 -23.86 -45.04 56.44
N ILE F 182 -25.05 -44.47 56.52
CA ILE F 182 -25.49 -43.39 55.64
C ILE F 182 -25.30 -42.06 56.37
N HIS F 183 -24.73 -41.08 55.68
CA HIS F 183 -24.38 -39.80 56.27
C HIS F 183 -25.13 -38.69 55.54
N CYS F 184 -25.50 -37.65 56.29
CA CYS F 184 -26.09 -36.44 55.71
C CYS F 184 -25.09 -35.30 55.60
N GLU F 185 -23.80 -35.61 55.74
CA GLU F 185 -22.77 -34.57 55.71
C GLU F 185 -22.71 -33.92 54.33
N GLY F 186 -22.28 -32.66 54.32
CA GLY F 186 -22.16 -31.89 53.10
C GLY F 186 -23.35 -30.97 52.90
N GLU F 187 -23.12 -29.89 52.15
CA GLU F 187 -24.20 -28.97 51.84
C GLU F 187 -25.22 -29.64 50.93
N PRO F 188 -26.51 -29.34 51.10
CA PRO F 188 -27.54 -30.00 50.28
C PRO F 188 -27.34 -29.69 48.80
N ILE F 189 -27.66 -30.68 47.96
CA ILE F 189 -27.56 -30.47 46.53
C ILE F 189 -28.61 -29.46 46.09
N LYS F 190 -28.19 -28.49 45.29
CA LYS F 190 -29.06 -27.40 44.91
C LYS F 190 -30.18 -27.89 44.00
N ARG F 191 -31.36 -27.27 44.13
CA ARG F 191 -32.46 -27.58 43.23
C ARG F 191 -32.11 -27.18 41.80
N GLU F 192 -31.21 -26.20 41.65
CA GLU F 192 -30.77 -25.78 40.33
C GLU F 192 -30.05 -26.91 39.60
N ASP F 193 -29.27 -27.71 40.32
CA ASP F 193 -28.61 -28.86 39.69
C ASP F 193 -29.63 -29.89 39.23
N GLU F 194 -30.67 -30.13 40.04
CA GLU F 194 -31.72 -31.05 39.63
C GLU F 194 -32.45 -30.54 38.39
N GLU F 195 -32.73 -29.24 38.35
CA GLU F 195 -33.38 -28.67 37.16
C GLU F 195 -32.46 -28.78 35.95
N GLU F 196 -31.17 -28.54 36.12
CA GLU F 196 -30.22 -28.68 35.01
C GLU F 196 -30.17 -30.12 34.52
N SER F 197 -30.27 -31.09 35.44
CA SER F 197 -30.40 -32.48 35.04
C SER F 197 -31.67 -32.68 34.22
N LEU F 198 -32.76 -32.03 34.63
CA LEU F 198 -33.97 -32.01 33.80
C LEU F 198 -33.70 -31.29 32.48
N ASN F 199 -33.01 -30.16 32.53
CA ASN F 199 -32.75 -29.34 31.35
C ASN F 199 -31.51 -29.79 30.59
N GLU F 200 -30.87 -30.88 31.00
CA GLU F 200 -29.77 -31.43 30.23
C GLU F 200 -30.26 -31.79 28.83
N VAL F 201 -29.39 -31.55 27.83
CA VAL F 201 -29.83 -31.63 26.45
C VAL F 201 -30.18 -33.06 26.08
N GLY F 202 -31.35 -33.22 25.46
CA GLY F 202 -31.77 -34.51 24.96
C GLY F 202 -32.26 -34.38 23.53
N TYR F 203 -32.50 -35.53 22.90
CA TYR F 203 -32.92 -35.54 21.51
C TYR F 203 -34.31 -34.94 21.33
N ASP F 204 -35.10 -34.90 22.41
CA ASP F 204 -36.39 -34.23 22.36
C ASP F 204 -36.23 -32.73 22.13
N ASP F 205 -35.20 -32.13 22.73
CA ASP F 205 -35.03 -30.68 22.67
C ASP F 205 -34.76 -30.20 21.25
N ILE F 206 -33.98 -30.97 20.48
CA ILE F 206 -33.61 -30.55 19.14
C ILE F 206 -34.71 -30.89 18.15
N GLY F 207 -35.13 -29.89 17.38
CA GLY F 207 -36.17 -30.08 16.39
C GLY F 207 -35.80 -29.55 15.02
N GLY F 208 -36.15 -30.30 13.98
CA GLY F 208 -35.83 -29.91 12.62
C GLY F 208 -34.42 -30.25 12.18
N CYS F 209 -33.61 -30.82 13.06
CA CYS F 209 -32.23 -31.19 12.74
C CYS F 209 -32.04 -32.69 12.66
N ARG F 210 -33.14 -33.45 12.52
CA ARG F 210 -33.01 -34.90 12.42
C ARG F 210 -32.31 -35.33 11.13
N LYS F 211 -32.34 -34.49 10.09
CA LYS F 211 -31.43 -34.71 8.97
C LYS F 211 -29.98 -34.58 9.43
N GLN F 212 -29.65 -33.46 10.08
CA GLN F 212 -28.31 -33.28 10.60
C GLN F 212 -28.01 -34.28 11.71
N LEU F 213 -29.03 -34.68 12.45
CA LEU F 213 -28.83 -35.66 13.51
C LEU F 213 -28.41 -37.01 12.92
N ALA F 214 -29.10 -37.46 11.87
CA ALA F 214 -28.68 -38.69 11.20
C ALA F 214 -27.30 -38.54 10.58
N GLN F 215 -27.01 -37.37 10.01
CA GLN F 215 -25.68 -37.14 9.45
C GLN F 215 -24.60 -37.31 10.52
N ILE F 216 -24.79 -36.67 11.69
CA ILE F 216 -23.78 -36.76 12.74
C ILE F 216 -23.72 -38.17 13.32
N LYS F 217 -24.85 -38.89 13.31
CA LYS F 217 -24.79 -40.32 13.62
C LYS F 217 -23.82 -41.01 12.68
N GLU F 218 -23.90 -40.69 11.38
CA GLU F 218 -22.99 -41.32 10.42
C GLU F 218 -21.54 -40.92 10.68
N MET F 219 -21.29 -39.64 10.94
CA MET F 219 -19.90 -39.17 11.02
C MET F 219 -19.19 -39.70 12.26
N VAL F 220 -19.80 -39.59 13.44
CA VAL F 220 -19.13 -39.85 14.70
C VAL F 220 -19.70 -41.07 15.41
N GLU F 221 -21.02 -41.24 15.40
CA GLU F 221 -21.63 -42.29 16.20
C GLU F 221 -21.21 -43.67 15.71
N LEU F 222 -21.19 -43.88 14.38
CA LEU F 222 -20.76 -45.17 13.85
C LEU F 222 -19.31 -45.49 14.21
N PRO F 223 -18.33 -44.58 14.04
CA PRO F 223 -16.96 -44.91 14.47
C PRO F 223 -16.85 -45.24 15.96
N LEU F 224 -17.61 -44.54 16.81
CA LEU F 224 -17.52 -44.81 18.24
C LEU F 224 -18.15 -46.16 18.58
N ARG F 225 -19.31 -46.46 18.00
CA ARG F 225 -20.04 -47.67 18.38
C ARG F 225 -19.40 -48.93 17.80
N HIS F 226 -18.95 -48.88 16.55
CA HIS F 226 -18.41 -50.05 15.85
C HIS F 226 -17.03 -49.72 15.29
N PRO F 227 -15.99 -49.75 16.13
CA PRO F 227 -14.62 -49.66 15.57
C PRO F 227 -14.29 -50.82 14.66
N ALA F 228 -14.83 -52.01 14.94
CA ALA F 228 -14.54 -53.18 14.13
C ALA F 228 -15.04 -53.01 12.70
N LEU F 229 -16.23 -52.41 12.55
CA LEU F 229 -16.80 -52.22 11.23
C LEU F 229 -15.89 -51.35 10.36
N PHE F 230 -15.26 -50.35 10.96
CA PHE F 230 -14.41 -49.45 10.18
C PHE F 230 -13.02 -50.01 10.00
N LYS F 231 -12.51 -50.79 10.96
CA LYS F 231 -11.17 -51.35 10.81
C LYS F 231 -11.14 -52.48 9.78
N GLU F 232 -12.12 -53.39 9.83
CA GLU F 232 -12.07 -54.54 8.91
C GLU F 232 -12.42 -54.13 7.49
N ILE F 233 -13.41 -53.24 7.32
CA ILE F 233 -13.65 -52.71 5.99
C ILE F 233 -12.44 -51.90 5.51
N GLY F 234 -11.87 -51.07 6.37
CA GLY F 234 -10.66 -50.35 6.05
C GLY F 234 -10.82 -48.88 5.70
N VAL F 235 -12.05 -48.37 5.63
CA VAL F 235 -12.23 -46.94 5.39
C VAL F 235 -11.70 -46.15 6.58
N LYS F 236 -11.16 -44.97 6.29
CA LYS F 236 -10.63 -44.12 7.34
C LYS F 236 -11.70 -43.15 7.81
N PRO F 237 -12.16 -43.26 9.06
CA PRO F 237 -13.13 -42.29 9.57
C PRO F 237 -12.53 -40.90 9.59
N PRO F 238 -13.33 -39.87 9.33
CA PRO F 238 -12.79 -38.49 9.33
C PRO F 238 -12.18 -38.15 10.68
N ARG F 239 -10.98 -37.55 10.66
CA ARG F 239 -10.35 -37.19 11.92
C ARG F 239 -11.14 -36.10 12.64
N GLY F 240 -11.85 -35.27 11.87
CA GLY F 240 -12.72 -34.27 12.45
C GLY F 240 -13.90 -34.00 11.53
N ILE F 241 -15.02 -33.64 12.16
CA ILE F 241 -16.24 -33.28 11.47
C ILE F 241 -16.59 -31.85 11.82
N LEU F 242 -16.91 -31.05 10.81
CA LEU F 242 -17.10 -29.61 10.97
C LEU F 242 -18.57 -29.25 10.75
N LEU F 243 -19.14 -28.50 11.68
CA LEU F 243 -20.49 -27.98 11.58
C LEU F 243 -20.42 -26.50 11.26
N TYR F 244 -20.97 -26.11 10.12
CA TYR F 244 -21.02 -24.72 9.72
C TYR F 244 -22.47 -24.32 9.47
N GLY F 245 -22.87 -23.20 10.04
CA GLY F 245 -24.20 -22.68 9.86
C GLY F 245 -24.30 -21.27 10.42
N PRO F 246 -25.35 -20.54 10.03
CA PRO F 246 -25.48 -19.17 10.49
C PRO F 246 -25.68 -19.13 12.00
N PRO F 247 -25.35 -18.02 12.64
CA PRO F 247 -25.49 -17.94 14.10
C PRO F 247 -26.93 -18.14 14.52
N GLY F 248 -27.12 -18.85 15.62
CA GLY F 248 -28.44 -19.12 16.15
C GLY F 248 -29.11 -20.36 15.63
N THR F 249 -28.40 -21.23 14.92
CA THR F 249 -28.96 -22.49 14.46
C THR F 249 -28.75 -23.63 15.45
N GLY F 250 -28.29 -23.35 16.65
CA GLY F 250 -28.20 -24.36 17.70
C GLY F 250 -27.22 -25.48 17.40
N LYS F 251 -26.09 -25.15 16.77
CA LYS F 251 -25.09 -26.18 16.49
C LYS F 251 -24.54 -26.77 17.78
N THR F 252 -24.26 -25.93 18.77
CA THR F 252 -23.78 -26.43 20.05
C THR F 252 -24.83 -27.32 20.72
N LEU F 253 -26.11 -27.03 20.48
CA LEU F 253 -27.17 -27.86 21.04
C LEU F 253 -27.12 -29.27 20.49
N ILE F 254 -27.03 -29.40 19.16
CA ILE F 254 -26.94 -30.71 18.53
C ILE F 254 -25.69 -31.43 18.99
N ALA F 255 -24.55 -30.72 19.03
CA ALA F 255 -23.31 -31.37 19.45
C ALA F 255 -23.40 -31.87 20.88
N ARG F 256 -23.97 -31.07 21.78
CA ARG F 256 -24.08 -31.50 23.17
C ARG F 256 -25.04 -32.66 23.32
N ALA F 257 -26.13 -32.68 22.54
CA ALA F 257 -27.04 -33.81 22.58
C ALA F 257 -26.35 -35.09 22.13
N VAL F 258 -25.62 -35.03 21.02
CA VAL F 258 -24.94 -36.22 20.52
C VAL F 258 -23.88 -36.68 21.51
N ALA F 259 -23.19 -35.72 22.16
CA ALA F 259 -22.23 -36.08 23.18
C ALA F 259 -22.90 -36.76 24.37
N ASN F 260 -24.07 -36.26 24.78
CA ASN F 260 -24.77 -36.84 25.92
C ASN F 260 -25.29 -38.24 25.61
N GLU F 261 -25.67 -38.49 24.35
CA GLU F 261 -26.10 -39.83 23.98
C GLU F 261 -24.99 -40.85 24.20
N THR F 262 -23.76 -40.48 23.87
CA THR F 262 -22.61 -41.32 24.17
C THR F 262 -22.43 -41.43 25.68
N GLY F 263 -21.99 -42.60 26.15
CA GLY F 263 -21.81 -42.77 27.58
C GLY F 263 -20.53 -42.14 28.11
N ALA F 264 -19.55 -41.95 27.23
CA ALA F 264 -18.23 -41.51 27.66
C ALA F 264 -18.22 -40.03 28.02
N PHE F 265 -17.16 -39.61 28.70
CA PHE F 265 -17.02 -38.23 29.12
C PHE F 265 -16.85 -37.31 27.92
N PHE F 266 -17.38 -36.10 28.03
CA PHE F 266 -17.36 -35.12 26.95
C PHE F 266 -16.70 -33.84 27.45
N PHE F 267 -15.81 -33.28 26.62
CA PHE F 267 -15.08 -32.06 26.97
C PHE F 267 -15.47 -30.96 26.00
N LEU F 268 -15.81 -29.79 26.53
CA LEU F 268 -16.21 -28.65 25.74
C LEU F 268 -15.10 -27.60 25.75
N ILE F 269 -14.71 -27.15 24.55
CA ILE F 269 -13.70 -26.10 24.39
C ILE F 269 -14.40 -24.82 23.98
N ASN F 270 -14.24 -23.77 24.77
CA ASN F 270 -14.82 -22.47 24.49
C ASN F 270 -13.74 -21.58 23.92
N GLY F 271 -13.89 -21.17 22.66
CA GLY F 271 -12.89 -20.38 21.99
C GLY F 271 -12.56 -19.05 22.64
N PRO F 272 -13.55 -18.24 23.00
CA PRO F 272 -13.23 -17.01 23.74
C PRO F 272 -12.49 -17.28 25.04
N GLU F 273 -12.85 -18.35 25.75
CA GLU F 273 -12.17 -18.67 27.00
C GLU F 273 -10.75 -19.15 26.75
N ILE F 274 -10.54 -19.86 25.65
CA ILE F 274 -9.18 -20.27 25.28
C ILE F 274 -8.33 -19.05 24.96
N MET F 275 -8.87 -18.10 24.20
CA MET F 275 -8.10 -16.91 23.84
C MET F 275 -7.84 -16.04 25.06
N SER F 276 -8.81 -15.93 25.97
CA SER F 276 -8.68 -15.01 27.09
C SER F 276 -7.52 -15.38 27.99
N LYS F 277 -7.22 -16.67 28.10
CA LYS F 277 -6.12 -17.10 28.95
C LYS F 277 -4.79 -16.66 28.35
N LEU F 278 -3.79 -16.52 29.22
CA LEU F 278 -2.47 -16.10 28.78
C LEU F 278 -1.82 -17.19 27.93
N ALA F 279 -0.81 -16.79 27.16
CA ALA F 279 -0.14 -17.72 26.26
C ALA F 279 0.48 -18.88 27.04
N GLY F 280 0.44 -20.06 26.44
CA GLY F 280 0.91 -21.26 27.12
C GLY F 280 -0.18 -22.00 27.84
N GLU F 281 -1.10 -21.27 28.47
CA GLU F 281 -2.21 -21.91 29.17
C GLU F 281 -3.27 -22.43 28.20
N SER F 282 -3.44 -21.73 27.07
CA SER F 282 -4.45 -22.15 26.10
C SER F 282 -4.11 -23.50 25.50
N GLU F 283 -2.90 -23.65 24.97
CA GLU F 283 -2.50 -24.94 24.42
C GLU F 283 -2.41 -25.99 25.51
N SER F 284 -2.11 -25.58 26.74
CA SER F 284 -2.14 -26.51 27.86
C SER F 284 -3.53 -27.09 28.05
N ASN F 285 -4.55 -26.24 28.08
CA ASN F 285 -5.92 -26.74 28.20
C ASN F 285 -6.30 -27.59 27.01
N LEU F 286 -5.85 -27.19 25.81
CA LEU F 286 -6.15 -27.96 24.61
C LEU F 286 -5.59 -29.38 24.70
N ARG F 287 -4.32 -29.51 25.10
CA ARG F 287 -3.70 -30.82 25.17
C ARG F 287 -4.28 -31.63 26.34
N LYS F 288 -4.71 -30.96 27.40
CA LYS F 288 -5.40 -31.66 28.48
C LYS F 288 -6.72 -32.26 27.99
N ALA F 289 -7.49 -31.49 27.23
CA ALA F 289 -8.72 -32.01 26.67
C ALA F 289 -8.46 -33.15 25.70
N PHE F 290 -7.41 -33.03 24.89
CA PHE F 290 -7.07 -34.12 23.97
C PHE F 290 -6.64 -35.37 24.73
N GLU F 291 -5.95 -35.21 25.86
CA GLU F 291 -5.63 -36.36 26.69
C GLU F 291 -6.88 -37.03 27.23
N GLU F 292 -7.83 -36.22 27.72
CA GLU F 292 -9.11 -36.76 28.17
C GLU F 292 -9.79 -37.53 27.05
N ALA F 293 -9.74 -37.01 25.82
CA ALA F 293 -10.32 -37.73 24.68
C ALA F 293 -9.58 -39.04 24.43
N GLU F 294 -8.25 -39.02 24.55
CA GLU F 294 -7.47 -40.23 24.32
C GLU F 294 -7.82 -41.32 25.32
N LYS F 295 -8.12 -40.94 26.57
CA LYS F 295 -8.38 -41.95 27.58
C LYS F 295 -9.58 -42.82 27.24
N ASN F 296 -10.65 -42.22 26.70
CA ASN F 296 -11.90 -42.92 26.47
C ASN F 296 -12.14 -43.07 24.97
N ALA F 297 -12.44 -44.29 24.53
CA ALA F 297 -12.75 -44.52 23.13
C ALA F 297 -13.95 -43.74 22.63
N PRO F 298 -15.09 -43.68 23.34
CA PRO F 298 -16.19 -42.83 22.90
C PRO F 298 -16.11 -41.38 23.38
N ALA F 299 -14.96 -40.92 23.87
CA ALA F 299 -14.83 -39.53 24.28
C ALA F 299 -14.92 -38.60 23.08
N ILE F 300 -15.50 -37.42 23.31
CA ILE F 300 -15.77 -36.45 22.25
C ILE F 300 -15.29 -35.08 22.71
N ILE F 301 -14.62 -34.35 21.81
CA ILE F 301 -14.25 -32.96 22.01
C ILE F 301 -15.16 -32.10 21.13
N PHE F 302 -15.65 -30.99 21.68
CA PHE F 302 -16.41 -30.00 20.95
C PHE F 302 -15.76 -28.63 21.14
N ILE F 303 -15.58 -27.91 20.04
CA ILE F 303 -15.02 -26.57 20.04
C ILE F 303 -16.08 -25.60 19.52
N ASP F 304 -16.35 -24.55 20.27
CA ASP F 304 -17.37 -23.58 19.94
C ASP F 304 -16.73 -22.27 19.50
N GLU F 305 -17.28 -21.67 18.45
CA GLU F 305 -16.76 -20.44 17.87
C GLU F 305 -15.28 -20.56 17.54
N LEU F 306 -14.89 -21.71 16.97
CA LEU F 306 -13.49 -21.93 16.63
C LEU F 306 -13.04 -20.95 15.55
N ASP F 307 -13.87 -20.70 14.55
CA ASP F 307 -13.46 -19.85 13.44
C ASP F 307 -13.19 -18.42 13.90
N ALA F 308 -14.04 -17.91 14.80
CA ALA F 308 -13.90 -16.52 15.23
C ALA F 308 -12.59 -16.31 15.98
N ILE F 309 -12.20 -17.28 16.80
CA ILE F 309 -10.97 -17.14 17.57
C ILE F 309 -9.75 -17.42 16.70
N ALA F 310 -9.91 -18.26 15.67
CA ALA F 310 -8.79 -18.63 14.82
C ALA F 310 -9.01 -18.13 13.41
N PRO F 311 -8.41 -17.01 13.02
CA PRO F 311 -8.52 -16.55 11.64
C PRO F 311 -7.68 -17.42 10.71
N LYS F 312 -7.75 -17.10 9.41
CA LYS F 312 -6.94 -17.82 8.45
C LYS F 312 -5.47 -17.43 8.57
N ARG F 313 -4.61 -18.45 8.43
CA ARG F 313 -3.17 -18.23 8.33
C ARG F 313 -2.83 -17.19 7.27
N GLU F 314 -3.50 -17.23 6.12
CA GLU F 314 -3.17 -16.31 5.04
C GLU F 314 -3.42 -14.86 5.46
N LYS F 315 -4.44 -14.61 6.26
CA LYS F 315 -4.82 -13.26 6.67
C LYS F 315 -5.02 -13.22 8.19
N THR F 316 -3.94 -12.97 8.91
CA THR F 316 -3.95 -12.86 10.37
C THR F 316 -2.79 -11.98 10.82
N HIS F 317 -2.98 -11.29 11.95
CA HIS F 317 -1.99 -10.36 12.47
C HIS F 317 -1.34 -10.83 13.78
N GLY F 318 -1.70 -12.01 14.27
CA GLY F 318 -1.22 -12.45 15.58
C GLY F 318 -0.30 -13.65 15.53
N GLU F 319 0.93 -13.48 16.03
CA GLU F 319 1.89 -14.57 16.01
C GLU F 319 1.55 -15.63 17.07
N VAL F 320 1.03 -15.20 18.21
CA VAL F 320 0.56 -16.16 19.21
C VAL F 320 -0.60 -16.97 18.65
N GLU F 321 -1.46 -16.33 17.87
CA GLU F 321 -2.54 -17.05 17.20
C GLU F 321 -1.97 -18.09 16.24
N ARG F 322 -0.90 -17.73 15.52
CA ARG F 322 -0.25 -18.70 14.63
C ARG F 322 0.31 -19.88 15.43
N ARG F 323 0.92 -19.60 16.58
CA ARG F 323 1.44 -20.69 17.41
C ARG F 323 0.32 -21.59 17.91
N ILE F 324 -0.81 -21.00 18.32
CA ILE F 324 -1.91 -21.81 18.84
C ILE F 324 -2.54 -22.65 17.73
N VAL F 325 -2.66 -22.09 16.52
CA VAL F 325 -3.23 -22.88 15.42
C VAL F 325 -2.26 -23.97 15.00
N SER F 326 -0.95 -23.70 15.10
CA SER F 326 0.02 -24.76 14.84
C SER F 326 -0.10 -25.88 15.85
N GLN F 327 -0.28 -25.53 17.13
CA GLN F 327 -0.46 -26.55 18.14
C GLN F 327 -1.76 -27.33 17.92
N LEU F 328 -2.80 -26.64 17.45
CA LEU F 328 -4.05 -27.32 17.12
C LEU F 328 -3.83 -28.31 15.98
N LEU F 329 -3.06 -27.92 14.96
CA LEU F 329 -2.75 -28.84 13.88
C LEU F 329 -1.96 -30.03 14.38
N THR F 330 -1.02 -29.80 15.30
CA THR F 330 -0.27 -30.93 15.87
C THR F 330 -1.20 -31.88 16.62
N LEU F 331 -2.14 -31.34 17.39
CA LEU F 331 -3.10 -32.19 18.08
C LEU F 331 -3.96 -32.97 17.10
N MET F 332 -4.39 -32.31 16.01
CA MET F 332 -5.17 -33.00 14.99
C MET F 332 -4.39 -34.13 14.37
N ASP F 333 -3.09 -33.92 14.14
CA ASP F 333 -2.24 -34.99 13.63
C ASP F 333 -2.07 -36.08 14.68
N GLY F 334 -2.15 -35.71 15.96
CA GLY F 334 -1.97 -36.69 17.02
C GLY F 334 -3.01 -37.79 17.01
N LEU F 335 -4.23 -37.44 16.61
CA LEU F 335 -5.28 -38.44 16.48
C LEU F 335 -4.91 -39.43 15.38
N LYS F 336 -4.68 -40.68 15.77
CA LYS F 336 -4.18 -41.72 14.91
C LYS F 336 -5.24 -42.73 14.49
N GLN F 337 -6.52 -42.38 14.66
CA GLN F 337 -7.72 -43.09 14.25
C GLN F 337 -7.88 -44.45 14.91
N ARG F 338 -6.98 -44.86 15.82
CA ARG F 338 -7.20 -46.10 16.55
C ARG F 338 -8.24 -45.93 17.64
N ALA F 339 -8.29 -44.75 18.26
CA ALA F 339 -9.29 -44.48 19.28
C ALA F 339 -10.63 -44.11 18.67
N HIS F 340 -10.63 -43.78 17.38
CA HIS F 340 -11.81 -43.38 16.60
C HIS F 340 -12.50 -42.17 17.20
N VAL F 341 -11.81 -41.40 18.05
CA VAL F 341 -12.39 -40.17 18.59
C VAL F 341 -12.52 -39.13 17.49
N ILE F 342 -13.71 -38.59 17.33
CA ILE F 342 -14.00 -37.59 16.30
C ILE F 342 -14.37 -36.29 17.00
N VAL F 343 -13.76 -35.19 16.59
CA VAL F 343 -13.99 -33.89 17.20
C VAL F 343 -14.88 -33.06 16.29
N MET F 344 -15.88 -32.40 16.88
CA MET F 344 -16.70 -31.42 16.17
C MET F 344 -16.18 -30.02 16.44
N ALA F 345 -16.40 -29.13 15.46
CA ALA F 345 -16.10 -27.72 15.61
C ALA F 345 -17.25 -26.90 15.06
N ALA F 346 -17.50 -25.76 15.69
CA ALA F 346 -18.63 -24.90 15.34
C ALA F 346 -18.12 -23.58 14.78
N THR F 347 -18.28 -23.39 13.47
CA THR F 347 -17.86 -22.18 12.79
C THR F 347 -19.06 -21.55 12.10
N ASN F 348 -19.25 -20.25 12.29
CA ASN F 348 -20.36 -19.57 11.65
C ASN F 348 -20.16 -19.50 10.14
N ARG F 349 -18.91 -19.35 9.70
CA ARG F 349 -18.58 -19.37 8.28
C ARG F 349 -17.32 -20.21 8.07
N PRO F 350 -17.34 -21.13 7.09
CA PRO F 350 -16.14 -21.93 6.82
C PRO F 350 -14.96 -21.09 6.36
N ASN F 351 -15.22 -19.94 5.73
CA ASN F 351 -14.14 -19.12 5.20
C ASN F 351 -13.23 -18.63 6.33
N SER F 352 -13.81 -18.28 7.47
CA SER F 352 -13.03 -17.69 8.54
C SER F 352 -12.02 -18.67 9.12
N ILE F 353 -12.35 -19.96 9.15
CA ILE F 353 -11.45 -20.94 9.74
C ILE F 353 -10.23 -21.15 8.85
N ASP F 354 -9.19 -21.72 9.43
CA ASP F 354 -7.91 -21.86 8.74
C ASP F 354 -8.04 -22.84 7.57
N PRO F 355 -7.34 -22.59 6.45
CA PRO F 355 -7.40 -23.54 5.33
C PRO F 355 -6.92 -24.94 5.68
N ALA F 356 -5.91 -25.06 6.54
CA ALA F 356 -5.39 -26.38 6.89
C ALA F 356 -6.43 -27.22 7.60
N LEU F 357 -7.20 -26.61 8.50
CA LEU F 357 -8.19 -27.36 9.27
C LEU F 357 -9.24 -27.99 8.37
N ARG F 358 -9.53 -27.35 7.24
CA ARG F 358 -10.49 -27.91 6.30
C ARG F 358 -9.87 -29.03 5.47
N ARG F 359 -8.55 -29.11 5.44
CA ARG F 359 -7.87 -30.09 4.60
C ARG F 359 -7.91 -31.47 5.26
N PHE F 360 -7.43 -32.46 4.52
CA PHE F 360 -7.44 -33.83 5.02
C PHE F 360 -6.48 -33.98 6.20
N GLY F 361 -6.77 -34.96 7.06
CA GLY F 361 -6.05 -35.12 8.32
C GLY F 361 -6.51 -34.19 9.42
N ARG F 362 -7.52 -33.36 9.13
CA ARG F 362 -8.04 -32.33 10.00
C ARG F 362 -9.56 -32.39 9.90
N PHE F 363 -10.26 -31.32 10.26
CA PHE F 363 -11.72 -31.32 10.18
C PHE F 363 -12.13 -31.33 8.71
N ASP F 364 -11.86 -32.47 8.08
CA ASP F 364 -12.03 -32.61 6.64
C ASP F 364 -13.50 -32.69 6.26
N ARG F 365 -14.28 -33.50 6.96
CA ARG F 365 -15.68 -33.66 6.62
C ARG F 365 -16.50 -32.50 7.20
N GLU F 366 -17.37 -31.94 6.37
CA GLU F 366 -18.17 -30.79 6.76
C GLU F 366 -19.64 -31.14 6.61
N VAL F 367 -20.44 -30.73 7.59
CA VAL F 367 -21.88 -30.93 7.58
C VAL F 367 -22.56 -29.58 7.78
N ASP F 368 -23.58 -29.32 6.98
CA ASP F 368 -24.28 -28.04 6.99
C ASP F 368 -25.48 -28.12 7.92
N ILE F 369 -25.62 -27.11 8.77
CA ILE F 369 -26.77 -27.00 9.66
C ILE F 369 -27.71 -25.95 9.08
N GLY F 370 -28.80 -26.40 8.48
CA GLY F 370 -29.72 -25.48 7.86
C GLY F 370 -30.72 -24.90 8.83
N ILE F 371 -31.60 -24.06 8.30
CA ILE F 371 -32.68 -23.49 9.11
C ILE F 371 -33.66 -24.59 9.48
N PRO F 372 -34.11 -24.67 10.75
CA PRO F 372 -35.09 -25.69 11.11
C PRO F 372 -36.40 -25.50 10.34
N ASP F 373 -37.07 -26.62 10.06
CA ASP F 373 -38.32 -26.56 9.32
C ASP F 373 -39.46 -26.09 10.21
N ALA F 374 -40.67 -26.14 9.65
CA ALA F 374 -41.85 -25.71 10.40
C ALA F 374 -42.07 -26.58 11.62
N THR F 375 -41.91 -27.91 11.48
CA THR F 375 -42.15 -28.80 12.60
C THR F 375 -41.14 -28.59 13.72
N GLY F 376 -39.85 -28.46 13.36
CA GLY F 376 -38.83 -28.26 14.37
C GLY F 376 -38.99 -26.95 15.11
N ARG F 377 -39.21 -25.86 14.37
CA ARG F 377 -39.43 -24.57 15.02
C ARG F 377 -40.71 -24.59 15.83
N LEU F 378 -41.71 -25.38 15.40
CA LEU F 378 -42.94 -25.51 16.17
C LEU F 378 -42.69 -26.20 17.50
N GLU F 379 -41.87 -27.25 17.50
CA GLU F 379 -41.59 -27.93 18.77
C GLU F 379 -40.70 -27.05 19.64
N ILE F 380 -39.86 -26.22 19.03
CA ILE F 380 -39.08 -25.24 19.78
C ILE F 380 -40.02 -24.24 20.46
N LEU F 381 -41.05 -23.80 19.74
CA LEU F 381 -42.05 -22.92 20.32
C LEU F 381 -42.75 -23.61 21.49
N GLN F 382 -43.05 -24.89 21.34
CA GLN F 382 -43.63 -25.66 22.44
C GLN F 382 -42.70 -25.67 23.64
N ILE F 383 -41.40 -25.84 23.41
CA ILE F 383 -40.43 -25.87 24.50
C ILE F 383 -40.43 -24.55 25.24
N HIS F 384 -40.40 -23.43 24.49
CA HIS F 384 -40.38 -22.12 25.15
C HIS F 384 -41.68 -21.85 25.90
N THR F 385 -42.83 -22.13 25.28
CA THR F 385 -44.09 -21.71 25.87
C THR F 385 -44.49 -22.57 27.07
N LYS F 386 -44.06 -23.83 27.10
CA LYS F 386 -44.47 -24.71 28.19
C LYS F 386 -43.94 -24.23 29.53
N ASN F 387 -42.82 -23.50 29.52
CA ASN F 387 -42.32 -22.90 30.75
C ASN F 387 -43.19 -21.73 31.19
N MET F 388 -43.82 -21.07 30.23
CA MET F 388 -44.60 -19.86 30.47
C MET F 388 -46.08 -20.20 30.71
N LYS F 389 -46.76 -19.31 31.42
CA LYS F 389 -48.21 -19.43 31.56
C LYS F 389 -48.90 -18.99 30.28
N LEU F 390 -49.79 -19.84 29.77
CA LEU F 390 -50.38 -19.64 28.45
C LEU F 390 -51.89 -19.44 28.57
N ALA F 391 -52.41 -18.57 27.72
CA ALA F 391 -53.85 -18.39 27.60
C ALA F 391 -54.45 -19.53 26.77
N ASP F 392 -55.77 -19.47 26.58
CA ASP F 392 -56.45 -20.53 25.84
C ASP F 392 -56.58 -20.17 24.37
N ASP F 393 -56.63 -18.88 24.04
CA ASP F 393 -56.81 -18.47 22.65
C ASP F 393 -55.54 -18.67 21.83
N VAL F 394 -54.42 -18.93 22.50
CA VAL F 394 -53.15 -19.03 21.80
C VAL F 394 -53.04 -20.38 21.08
N ASP F 395 -52.55 -20.34 19.85
CA ASP F 395 -52.21 -21.53 19.09
C ASP F 395 -50.82 -21.33 18.48
N LEU F 396 -49.97 -22.35 18.58
CA LEU F 396 -48.57 -22.19 18.19
C LEU F 396 -48.38 -22.35 16.68
N GLU F 397 -49.37 -22.92 15.99
CA GLU F 397 -49.18 -23.21 14.57
C GLU F 397 -49.11 -21.93 13.74
N GLN F 398 -49.95 -20.93 14.08
CA GLN F 398 -49.94 -19.68 13.32
C GLN F 398 -48.58 -18.99 13.43
N VAL F 399 -48.08 -18.83 14.65
CA VAL F 399 -46.79 -18.16 14.84
C VAL F 399 -45.67 -19.02 14.28
N ALA F 400 -45.86 -20.34 14.22
CA ALA F 400 -44.90 -21.20 13.54
C ALA F 400 -44.84 -20.88 12.05
N ASN F 401 -46.01 -20.69 11.42
CA ASN F 401 -46.03 -20.28 10.02
C ASN F 401 -45.38 -18.91 9.83
N GLU F 402 -45.68 -17.97 10.73
CA GLU F 402 -45.16 -16.62 10.59
C GLU F 402 -43.64 -16.57 10.75
N THR F 403 -43.09 -17.34 11.69
CA THR F 403 -41.67 -17.26 12.02
C THR F 403 -40.87 -18.14 11.05
N HIS F 404 -40.91 -17.76 9.77
CA HIS F 404 -40.22 -18.55 8.76
C HIS F 404 -38.71 -18.41 8.86
N GLY F 405 -38.21 -17.19 8.99
CA GLY F 405 -36.78 -16.92 9.04
C GLY F 405 -36.13 -17.04 10.40
N HIS F 406 -36.91 -17.33 11.44
CA HIS F 406 -36.36 -17.47 12.78
C HIS F 406 -35.47 -18.72 12.86
N VAL F 407 -34.32 -18.57 13.53
CA VAL F 407 -33.35 -19.66 13.60
C VAL F 407 -33.45 -20.45 14.90
N GLY F 408 -34.30 -20.04 15.84
CA GLY F 408 -34.49 -20.70 17.10
C GLY F 408 -34.13 -19.84 18.30
N ALA F 409 -33.01 -19.12 18.24
CA ALA F 409 -32.75 -18.08 19.23
C ALA F 409 -33.73 -16.93 19.05
N ASP F 410 -34.07 -16.62 17.79
CA ASP F 410 -35.11 -15.64 17.50
C ASP F 410 -36.44 -16.05 18.10
N LEU F 411 -36.71 -17.36 18.13
CA LEU F 411 -37.95 -17.84 18.74
C LEU F 411 -37.98 -17.54 20.23
N ALA F 412 -36.86 -17.77 20.92
CA ALA F 412 -36.79 -17.46 22.34
C ALA F 412 -36.91 -15.96 22.59
N ALA F 413 -36.27 -15.16 21.74
CA ALA F 413 -36.39 -13.71 21.88
C ALA F 413 -37.84 -13.26 21.67
N LEU F 414 -38.52 -13.84 20.68
CA LEU F 414 -39.92 -13.50 20.44
C LEU F 414 -40.79 -13.91 21.61
N CYS F 415 -40.54 -15.08 22.19
CA CYS F 415 -41.32 -15.51 23.34
C CYS F 415 -41.12 -14.58 24.53
N SER F 416 -39.87 -14.18 24.78
CA SER F 416 -39.61 -13.24 25.86
C SER F 416 -40.27 -11.90 25.62
N GLU F 417 -40.24 -11.41 24.38
CA GLU F 417 -40.92 -10.16 24.05
C GLU F 417 -42.42 -10.27 24.25
N ALA F 418 -43.01 -11.40 23.86
CA ALA F 418 -44.45 -11.59 24.04
C ALA F 418 -44.80 -11.64 25.53
N ALA F 419 -43.98 -12.30 26.34
CA ALA F 419 -44.21 -12.31 27.78
C ALA F 419 -44.12 -10.91 28.36
N LEU F 420 -43.13 -10.13 27.92
CA LEU F 420 -43.00 -8.77 28.42
C LEU F 420 -44.17 -7.90 28.00
N GLN F 421 -44.69 -8.13 26.77
CA GLN F 421 -45.90 -7.45 26.33
C GLN F 421 -47.08 -7.81 27.22
N ALA F 422 -47.23 -9.08 27.56
CA ALA F 422 -48.31 -9.51 28.45
C ALA F 422 -48.19 -8.84 29.80
N ILE F 423 -46.96 -8.71 30.31
CA ILE F 423 -46.76 -8.02 31.58
C ILE F 423 -47.10 -6.55 31.45
N ARG F 424 -46.82 -5.95 30.29
CA ARG F 424 -47.29 -4.59 30.04
C ARG F 424 -48.81 -4.51 30.15
N LYS F 425 -49.50 -5.53 29.65
CA LYS F 425 -50.96 -5.52 29.66
C LYS F 425 -51.50 -5.41 31.09
N LYS F 426 -50.91 -6.15 32.02
CA LYS F 426 -51.32 -6.11 33.42
C LYS F 426 -50.45 -5.19 34.26
N MET F 427 -49.61 -4.37 33.63
CA MET F 427 -48.71 -3.49 34.37
C MET F 427 -49.48 -2.48 35.20
N ASP F 428 -50.72 -2.17 34.79
CA ASP F 428 -51.54 -1.25 35.56
C ASP F 428 -51.81 -1.77 36.97
N LEU F 429 -52.09 -3.08 37.09
CA LEU F 429 -52.27 -3.66 38.41
C LEU F 429 -50.94 -3.79 39.14
N ILE F 430 -49.83 -3.79 38.41
CA ILE F 430 -48.51 -3.94 39.02
C ILE F 430 -48.10 -2.61 39.67
N ASP F 431 -47.63 -2.71 40.91
CA ASP F 431 -47.08 -1.57 41.65
C ASP F 431 -45.56 -1.67 41.68
N LEU F 432 -44.90 -0.63 41.19
CA LEU F 432 -43.45 -0.70 41.01
C LEU F 432 -42.70 -0.53 42.33
N GLU F 433 -43.21 0.32 43.22
CA GLU F 433 -42.50 0.62 44.46
C GLU F 433 -42.42 -0.61 45.35
N ASP F 434 -43.45 -1.45 45.33
CA ASP F 434 -43.53 -2.60 46.22
C ASP F 434 -42.99 -3.84 45.54
N GLU F 435 -41.99 -4.47 46.16
CA GLU F 435 -41.37 -5.66 45.58
C GLU F 435 -42.36 -6.82 45.54
N THR F 436 -43.22 -6.93 46.54
CA THR F 436 -44.20 -8.00 46.57
C THR F 436 -45.35 -7.70 45.62
N ILE F 437 -45.76 -8.71 44.86
CA ILE F 437 -46.83 -8.60 43.89
C ILE F 437 -47.95 -9.53 44.31
N ASP F 438 -49.19 -9.06 44.18
CA ASP F 438 -50.34 -9.88 44.54
C ASP F 438 -50.38 -11.15 43.70
N ALA F 439 -50.62 -12.28 44.36
CA ALA F 439 -50.64 -13.57 43.67
C ALA F 439 -51.82 -13.66 42.71
N GLU F 440 -52.92 -12.95 43.02
CA GLU F 440 -54.04 -12.92 42.10
C GLU F 440 -53.63 -12.30 40.77
N VAL F 441 -52.83 -11.24 40.82
CA VAL F 441 -52.31 -10.62 39.60
C VAL F 441 -51.42 -11.60 38.86
N MET F 442 -50.58 -12.35 39.59
CA MET F 442 -49.70 -13.32 38.96
C MET F 442 -50.48 -14.38 38.19
N ASN F 443 -51.46 -15.01 38.86
CA ASN F 443 -52.20 -16.07 38.18
C ASN F 443 -53.09 -15.52 37.08
N SER F 444 -53.60 -14.29 37.25
CA SER F 444 -54.42 -13.70 36.20
C SER F 444 -53.60 -13.40 34.95
N LEU F 445 -52.28 -13.37 35.08
CA LEU F 445 -51.42 -13.06 33.95
C LEU F 445 -51.26 -14.28 33.04
N ALA F 446 -51.56 -14.09 31.76
CA ALA F 446 -51.39 -15.10 30.74
C ALA F 446 -51.14 -14.41 29.41
N VAL F 447 -50.51 -15.13 28.49
CA VAL F 447 -50.08 -14.54 27.21
C VAL F 447 -51.09 -14.94 26.14
N THR F 448 -51.71 -13.94 25.52
CA THR F 448 -52.76 -14.14 24.54
C THR F 448 -52.17 -14.31 23.13
N MET F 449 -53.06 -14.51 22.17
CA MET F 449 -52.66 -14.48 20.76
C MET F 449 -52.26 -13.08 20.32
N ASP F 450 -52.89 -12.06 20.90
CA ASP F 450 -52.55 -10.69 20.53
C ASP F 450 -51.11 -10.35 20.91
N ASP F 451 -50.65 -10.85 22.07
CA ASP F 451 -49.27 -10.62 22.46
C ASP F 451 -48.30 -11.24 21.46
N PHE F 452 -48.56 -12.48 21.05
CA PHE F 452 -47.69 -13.11 20.07
C PHE F 452 -47.76 -12.42 18.72
N ARG F 453 -48.93 -11.92 18.32
CA ARG F 453 -49.03 -11.20 17.07
C ARG F 453 -48.24 -9.90 17.11
N TRP F 454 -48.30 -9.19 18.24
CA TRP F 454 -47.47 -8.01 18.43
C TRP F 454 -45.99 -8.37 18.34
N ALA F 455 -45.58 -9.47 18.98
CA ALA F 455 -44.19 -9.90 18.90
C ALA F 455 -43.79 -10.24 17.47
N LEU F 456 -44.68 -10.92 16.74
CA LEU F 456 -44.41 -11.25 15.34
C LEU F 456 -44.22 -9.98 14.52
N SER F 457 -45.06 -8.98 14.75
CA SER F 457 -44.90 -7.70 14.07
C SER F 457 -43.56 -7.05 14.41
N GLN F 458 -43.16 -7.10 15.68
CA GLN F 458 -41.87 -6.54 16.06
C GLN F 458 -40.72 -7.40 15.56
N SER F 459 -40.85 -8.71 15.67
CA SER F 459 -39.77 -9.60 15.27
C SER F 459 -39.64 -9.65 13.75
N ASN F 460 -38.46 -10.03 13.28
CA ASN F 460 -38.19 -10.10 11.85
C ASN F 460 -37.78 -11.52 11.48
N PRO F 461 -38.45 -12.17 10.53
CA PRO F 461 -38.09 -13.51 10.05
C PRO F 461 -36.80 -13.50 9.23
N PRO F 472 -39.27 -14.23 -7.29
CA PRO F 472 -39.49 -12.79 -7.27
C PRO F 472 -40.83 -12.40 -6.66
N GLN F 473 -41.03 -11.09 -6.44
CA GLN F 473 -42.32 -10.62 -5.96
C GLN F 473 -43.38 -10.65 -7.05
N VAL F 474 -42.96 -10.83 -8.31
CA VAL F 474 -43.90 -10.81 -9.41
C VAL F 474 -44.67 -12.12 -9.48
N THR F 475 -46.00 -12.01 -9.56
CA THR F 475 -46.87 -13.17 -9.75
C THR F 475 -47.83 -12.87 -10.87
N TRP F 476 -48.60 -13.88 -11.26
CA TRP F 476 -49.59 -13.71 -12.32
C TRP F 476 -50.71 -12.77 -11.89
N GLU F 477 -51.04 -12.78 -10.60
CA GLU F 477 -52.06 -11.87 -10.10
C GLU F 477 -51.63 -10.42 -10.25
N ASP F 478 -50.32 -10.16 -10.12
CA ASP F 478 -49.81 -8.83 -10.42
C ASP F 478 -50.02 -8.48 -11.88
N ILE F 479 -49.82 -9.45 -12.77
CA ILE F 479 -50.05 -9.21 -14.19
C ILE F 479 -51.52 -8.97 -14.44
N GLY F 480 -51.82 -7.93 -15.23
CA GLY F 480 -53.18 -7.58 -15.59
C GLY F 480 -53.47 -7.94 -17.03
N GLY F 481 -54.48 -8.78 -17.21
CA GLY F 481 -54.84 -9.23 -18.54
C GLY F 481 -53.86 -10.25 -19.08
N LEU F 482 -54.06 -10.58 -20.36
CA LEU F 482 -53.18 -11.50 -21.08
C LEU F 482 -53.12 -12.86 -20.36
N GLU F 483 -54.29 -13.42 -20.08
CA GLU F 483 -54.34 -14.70 -19.36
C GLU F 483 -53.80 -15.84 -20.22
N ASP F 484 -54.06 -15.79 -21.53
CA ASP F 484 -53.68 -16.90 -22.41
C ASP F 484 -52.18 -17.11 -22.44
N VAL F 485 -51.41 -16.03 -22.54
CA VAL F 485 -49.96 -16.18 -22.58
C VAL F 485 -49.43 -16.67 -21.24
N LYS F 486 -50.05 -16.24 -20.14
CA LYS F 486 -49.65 -16.75 -18.83
C LYS F 486 -49.88 -18.26 -18.76
N ARG F 487 -51.03 -18.72 -19.24
CA ARG F 487 -51.31 -20.15 -19.26
C ARG F 487 -50.32 -20.90 -20.15
N GLU F 488 -50.00 -20.33 -21.30
CA GLU F 488 -49.08 -20.99 -22.23
C GLU F 488 -47.68 -21.11 -21.63
N LEU F 489 -47.18 -20.04 -21.01
CA LEU F 489 -45.89 -20.13 -20.32
C LEU F 489 -45.92 -21.16 -19.21
N GLN F 490 -46.98 -21.17 -18.40
CA GLN F 490 -47.08 -22.17 -17.33
C GLN F 490 -47.04 -23.58 -17.91
N GLU F 491 -47.80 -23.83 -18.97
CA GLU F 491 -47.83 -25.16 -19.58
C GLU F 491 -46.46 -25.56 -20.12
N LEU F 492 -45.83 -24.68 -20.91
CA LEU F 492 -44.57 -25.04 -21.56
C LEU F 492 -43.45 -25.20 -20.54
N VAL F 493 -43.54 -24.50 -19.41
CA VAL F 493 -42.52 -24.67 -18.37
C VAL F 493 -42.77 -25.96 -17.59
N GLN F 494 -44.02 -26.22 -17.22
CA GLN F 494 -44.30 -27.33 -16.31
C GLN F 494 -44.24 -28.68 -17.01
N TYR F 495 -44.55 -28.72 -18.31
CA TYR F 495 -44.64 -30.00 -19.01
C TYR F 495 -43.34 -30.81 -19.01
N PRO F 496 -42.17 -30.25 -19.32
CA PRO F 496 -40.94 -31.06 -19.21
C PRO F 496 -40.71 -31.62 -17.82
N VAL F 497 -41.05 -30.84 -16.78
CA VAL F 497 -40.99 -31.36 -15.42
C VAL F 497 -42.08 -32.40 -15.21
N GLU F 498 -43.27 -32.15 -15.78
CA GLU F 498 -44.38 -33.09 -15.61
C GLU F 498 -44.09 -34.44 -16.27
N HIS F 499 -43.52 -34.43 -17.46
CA HIS F 499 -43.27 -35.65 -18.22
C HIS F 499 -41.83 -35.67 -18.74
N PRO F 500 -40.85 -35.88 -17.86
CA PRO F 500 -39.48 -36.12 -18.35
C PRO F 500 -39.38 -37.40 -19.14
N ASP F 501 -40.15 -38.42 -18.78
CA ASP F 501 -40.07 -39.71 -19.45
C ASP F 501 -40.56 -39.63 -20.88
N LYS F 502 -41.54 -38.79 -21.15
CA LYS F 502 -42.00 -38.61 -22.53
C LYS F 502 -40.95 -37.92 -23.38
N PHE F 503 -40.21 -36.98 -22.78
CA PHE F 503 -39.09 -36.37 -23.49
C PHE F 503 -37.98 -37.38 -23.76
N LEU F 504 -37.68 -38.23 -22.78
CA LEU F 504 -36.65 -39.25 -22.97
C LEU F 504 -37.07 -40.26 -24.04
N LYS F 505 -38.35 -40.63 -24.06
CA LYS F 505 -38.85 -41.59 -25.04
C LYS F 505 -38.66 -41.08 -26.46
N PHE F 506 -38.87 -39.78 -26.66
CA PHE F 506 -38.72 -39.16 -27.98
C PHE F 506 -37.33 -38.62 -28.21
N GLY F 507 -36.43 -38.77 -27.24
CA GLY F 507 -35.01 -38.53 -27.45
C GLY F 507 -34.61 -37.10 -27.73
N MET F 508 -35.26 -36.13 -27.11
CA MET F 508 -34.84 -34.74 -27.14
C MET F 508 -34.66 -34.23 -25.72
N THR F 509 -33.51 -33.65 -25.44
CA THR F 509 -33.30 -32.99 -24.16
C THR F 509 -34.27 -31.83 -24.02
N PRO F 510 -34.93 -31.69 -22.86
CA PRO F 510 -35.96 -30.65 -22.72
C PRO F 510 -35.42 -29.27 -23.03
N SER F 511 -36.25 -28.47 -23.71
CA SER F 511 -35.91 -27.12 -24.12
C SER F 511 -36.16 -26.17 -22.95
N LYS F 512 -35.14 -25.40 -22.60
CA LYS F 512 -35.25 -24.44 -21.51
C LYS F 512 -34.97 -23.00 -21.96
N GLY F 513 -35.37 -22.64 -23.18
CA GLY F 513 -35.20 -21.29 -23.68
C GLY F 513 -36.47 -20.67 -24.21
N VAL F 514 -36.76 -19.43 -23.83
CA VAL F 514 -37.97 -18.72 -24.23
C VAL F 514 -37.58 -17.34 -24.73
N LEU F 515 -38.19 -16.93 -25.84
CA LEU F 515 -37.98 -15.61 -26.42
C LEU F 515 -39.28 -14.81 -26.36
N PHE F 516 -39.18 -13.56 -25.93
CA PHE F 516 -40.31 -12.64 -25.85
C PHE F 516 -40.09 -11.51 -26.84
N TYR F 517 -41.05 -11.29 -27.74
CA TYR F 517 -40.97 -10.20 -28.70
C TYR F 517 -42.34 -9.52 -28.80
N GLY F 518 -42.37 -8.22 -28.57
CA GLY F 518 -43.59 -7.45 -28.62
C GLY F 518 -43.32 -5.96 -28.47
N PRO F 519 -44.38 -5.16 -28.50
CA PRO F 519 -44.20 -3.72 -28.30
C PRO F 519 -43.74 -3.42 -26.88
N PRO F 520 -43.07 -2.30 -26.67
CA PRO F 520 -42.67 -1.92 -25.31
C PRO F 520 -43.90 -1.61 -24.46
N GLY F 521 -43.75 -1.81 -23.15
CA GLY F 521 -44.84 -1.55 -22.23
C GLY F 521 -45.92 -2.62 -22.19
N CYS F 522 -45.69 -3.76 -22.82
CA CYS F 522 -46.65 -4.86 -22.84
C CYS F 522 -46.39 -5.86 -21.72
N GLY F 523 -45.43 -5.59 -20.84
CA GLY F 523 -45.15 -6.45 -19.71
C GLY F 523 -44.55 -7.80 -20.06
N LYS F 524 -43.66 -7.84 -21.05
CA LYS F 524 -42.87 -9.04 -21.29
C LYS F 524 -41.97 -9.34 -20.12
N THR F 525 -41.32 -8.31 -19.57
CA THR F 525 -40.45 -8.48 -18.42
C THR F 525 -41.21 -8.96 -17.20
N LEU F 526 -42.43 -8.46 -17.02
CA LEU F 526 -43.24 -8.90 -15.88
C LEU F 526 -43.63 -10.37 -16.01
N LEU F 527 -43.98 -10.80 -17.23
CA LEU F 527 -44.23 -12.22 -17.45
C LEU F 527 -42.99 -13.05 -17.16
N ALA F 528 -41.82 -12.53 -17.57
CA ALA F 528 -40.57 -13.24 -17.30
C ALA F 528 -40.34 -13.40 -15.80
N LYS F 529 -40.55 -12.34 -15.04
CA LYS F 529 -40.36 -12.44 -13.59
C LYS F 529 -41.40 -13.37 -12.97
N ALA F 530 -42.62 -13.37 -13.48
CA ALA F 530 -43.65 -14.27 -12.96
C ALA F 530 -43.28 -15.73 -13.20
N ILE F 531 -42.83 -16.05 -14.41
CA ILE F 531 -42.47 -17.44 -14.70
C ILE F 531 -41.21 -17.83 -13.94
N ALA F 532 -40.33 -16.87 -13.68
CA ALA F 532 -39.16 -17.15 -12.83
C ALA F 532 -39.59 -17.47 -11.40
N ASN F 533 -40.55 -16.70 -10.86
CA ASN F 533 -41.05 -17.00 -9.53
C ASN F 533 -41.73 -18.36 -9.49
N GLU F 534 -42.43 -18.73 -10.56
CA GLU F 534 -42.95 -20.09 -10.65
C GLU F 534 -41.83 -21.11 -10.61
N CYS F 535 -40.72 -20.82 -11.28
CA CYS F 535 -39.57 -21.72 -11.26
C CYS F 535 -38.98 -21.85 -9.85
N GLN F 536 -39.23 -20.86 -8.98
CA GLN F 536 -38.70 -20.84 -7.62
C GLN F 536 -37.17 -20.91 -7.61
N ALA F 537 -36.55 -20.25 -8.58
CA ALA F 537 -35.10 -20.21 -8.71
C ALA F 537 -34.63 -18.76 -8.69
N ASN F 538 -33.35 -18.58 -8.37
CA ASN F 538 -32.78 -17.24 -8.29
C ASN F 538 -32.85 -16.56 -9.65
N PHE F 539 -33.28 -15.30 -9.64
CA PHE F 539 -33.44 -14.51 -10.86
C PHE F 539 -32.40 -13.42 -10.92
N ILE F 540 -31.83 -13.22 -12.11
CA ILE F 540 -31.04 -12.04 -12.43
C ILE F 540 -31.51 -11.52 -13.79
N SER F 541 -31.62 -10.21 -13.90
CA SER F 541 -31.94 -9.54 -15.16
C SER F 541 -30.71 -8.76 -15.61
N ILE F 542 -30.23 -9.05 -16.81
CA ILE F 542 -29.05 -8.40 -17.36
C ILE F 542 -29.49 -7.58 -18.57
N LYS F 543 -29.34 -6.27 -18.48
CA LYS F 543 -29.77 -5.39 -19.55
C LYS F 543 -28.82 -5.50 -20.74
N GLY F 544 -29.14 -4.75 -21.79
CA GLY F 544 -28.34 -4.73 -22.99
C GLY F 544 -26.90 -4.36 -22.73
N PRO F 545 -26.67 -3.11 -22.29
CA PRO F 545 -25.31 -2.66 -21.95
C PRO F 545 -24.98 -2.88 -20.48
N ASN F 558 -17.63 -8.62 -20.92
CA ASN F 558 -17.63 -9.61 -19.86
C ASN F 558 -18.87 -10.51 -19.94
N VAL F 559 -19.16 -10.98 -21.15
CA VAL F 559 -20.25 -11.94 -21.33
C VAL F 559 -19.93 -13.24 -20.62
N ARG F 560 -18.70 -13.70 -20.77
CA ARG F 560 -18.28 -14.99 -20.21
C ARG F 560 -18.37 -15.00 -18.69
N GLU F 561 -17.96 -13.89 -18.05
CA GLU F 561 -18.03 -13.82 -16.60
C GLU F 561 -19.47 -13.90 -16.09
N ILE F 562 -20.38 -13.17 -16.74
CA ILE F 562 -21.78 -13.20 -16.33
C ILE F 562 -22.36 -14.58 -16.52
N PHE F 563 -22.06 -15.22 -17.66
CA PHE F 563 -22.56 -16.57 -17.88
C PHE F 563 -21.99 -17.54 -16.83
N ASP F 564 -20.70 -17.42 -16.52
CA ASP F 564 -20.10 -18.30 -15.52
C ASP F 564 -20.74 -18.08 -14.15
N LYS F 565 -21.06 -16.83 -13.82
CA LYS F 565 -21.78 -16.58 -12.57
C LYS F 565 -23.15 -17.23 -12.58
N ALA F 566 -23.79 -17.25 -13.75
CA ALA F 566 -25.05 -18.00 -13.88
C ALA F 566 -24.83 -19.49 -13.64
N ARG F 567 -23.72 -20.04 -14.15
CA ARG F 567 -23.38 -21.43 -13.86
C ARG F 567 -23.17 -21.66 -12.37
N GLN F 568 -22.57 -20.70 -11.67
CA GLN F 568 -22.26 -20.90 -10.25
C GLN F 568 -23.53 -21.10 -9.44
N ALA F 569 -24.56 -20.29 -9.70
CA ALA F 569 -25.83 -20.38 -8.99
C ALA F 569 -26.81 -21.33 -9.65
N ALA F 570 -26.33 -22.28 -10.44
CA ALA F 570 -27.22 -23.22 -11.10
C ALA F 570 -27.93 -24.10 -10.07
N PRO F 571 -29.23 -24.37 -10.26
CA PRO F 571 -30.09 -23.88 -11.34
C PRO F 571 -30.47 -22.41 -11.17
N CYS F 572 -30.39 -21.63 -12.25
CA CYS F 572 -30.63 -20.19 -12.17
C CYS F 572 -31.42 -19.74 -13.39
N VAL F 573 -32.08 -18.59 -13.25
CA VAL F 573 -32.85 -17.98 -14.33
C VAL F 573 -32.15 -16.70 -14.74
N LEU F 574 -31.83 -16.59 -16.04
CA LEU F 574 -31.21 -15.41 -16.60
C LEU F 574 -32.16 -14.79 -17.61
N PHE F 575 -32.36 -13.48 -17.50
CA PHE F 575 -33.18 -12.73 -18.44
C PHE F 575 -32.33 -11.65 -19.08
N PHE F 576 -32.43 -11.52 -20.40
CA PHE F 576 -31.74 -10.49 -21.14
C PHE F 576 -32.75 -9.62 -21.86
N ASP F 577 -32.53 -8.31 -21.86
CA ASP F 577 -33.43 -7.35 -22.46
C ASP F 577 -32.78 -6.73 -23.70
N GLN F 578 -33.63 -6.12 -24.54
CA GLN F 578 -33.24 -5.49 -25.80
C GLN F 578 -32.19 -6.31 -26.55
N LEU F 579 -32.59 -7.52 -26.94
CA LEU F 579 -31.73 -8.35 -27.79
C LEU F 579 -31.47 -7.68 -29.14
N ASP F 580 -32.49 -6.99 -29.68
CA ASP F 580 -32.34 -6.35 -30.97
C ASP F 580 -31.26 -5.26 -30.94
N SER F 581 -31.11 -4.59 -29.80
CA SER F 581 -30.08 -3.56 -29.68
C SER F 581 -28.69 -4.15 -29.84
N ILE F 582 -28.42 -5.28 -29.19
CA ILE F 582 -27.10 -5.89 -29.27
C ILE F 582 -26.87 -6.47 -30.67
N ALA F 583 -27.87 -7.13 -31.23
CA ALA F 583 -27.76 -7.76 -32.54
C ALA F 583 -27.64 -6.73 -33.65
N ALA F 596 -24.20 -6.50 -38.68
CA ALA F 596 -24.87 -7.78 -38.83
C ALA F 596 -24.40 -8.77 -37.76
N ALA F 597 -23.08 -8.92 -37.65
CA ALA F 597 -22.48 -9.79 -36.65
C ALA F 597 -21.34 -9.04 -35.96
N ASP F 598 -21.21 -9.27 -34.65
CA ASP F 598 -20.20 -8.59 -33.85
C ASP F 598 -19.58 -9.57 -32.86
N ARG F 599 -18.55 -9.09 -32.16
CA ARG F 599 -17.89 -9.92 -31.15
C ARG F 599 -18.84 -10.27 -30.01
N VAL F 600 -19.65 -9.30 -29.56
CA VAL F 600 -20.52 -9.52 -28.42
C VAL F 600 -21.55 -10.59 -28.73
N ILE F 601 -22.14 -10.55 -29.93
CA ILE F 601 -23.09 -11.58 -30.34
C ILE F 601 -22.40 -12.93 -30.41
N ASN F 602 -21.13 -12.95 -30.83
CA ASN F 602 -20.37 -14.19 -30.83
C ASN F 602 -20.23 -14.75 -29.42
N GLN F 603 -19.92 -13.88 -28.45
CA GLN F 603 -19.87 -14.32 -27.06
C GLN F 603 -21.22 -14.83 -26.60
N ILE F 604 -22.30 -14.15 -27.01
CA ILE F 604 -23.65 -14.59 -26.63
C ILE F 604 -23.91 -16.00 -27.13
N LEU F 605 -23.64 -16.25 -28.41
CA LEU F 605 -23.90 -17.58 -28.96
C LEU F 605 -23.01 -18.64 -28.33
N THR F 606 -21.73 -18.34 -28.13
CA THR F 606 -20.83 -19.35 -27.56
C THR F 606 -21.16 -19.66 -26.11
N GLU F 607 -21.34 -18.63 -25.29
CA GLU F 607 -21.74 -18.84 -23.90
C GLU F 607 -23.12 -19.49 -23.82
N MET F 608 -23.99 -19.22 -24.80
CA MET F 608 -25.32 -19.80 -24.77
C MET F 608 -25.29 -21.27 -25.20
N ASP F 609 -24.38 -21.64 -26.10
CA ASP F 609 -24.17 -23.06 -26.39
C ASP F 609 -23.62 -23.79 -25.17
N GLY F 610 -22.59 -23.21 -24.54
CA GLY F 610 -22.07 -23.79 -23.30
C GLY F 610 -23.12 -23.89 -22.22
N MET F 611 -24.02 -22.90 -22.17
CA MET F 611 -25.19 -22.97 -21.31
C MET F 611 -26.10 -24.14 -21.70
N SER F 612 -26.35 -24.30 -23.00
CA SER F 612 -27.22 -25.37 -23.47
C SER F 612 -26.67 -26.73 -23.10
N THR F 613 -25.37 -26.83 -22.89
CA THR F 613 -24.80 -28.08 -22.38
C THR F 613 -25.39 -28.44 -21.03
N LYS F 614 -25.69 -27.44 -20.19
CA LYS F 614 -26.22 -27.67 -18.85
C LYS F 614 -27.73 -27.44 -18.85
N LYS F 615 -28.49 -28.43 -18.38
CA LYS F 615 -29.94 -28.31 -18.34
C LYS F 615 -30.40 -27.23 -17.38
N ASN F 616 -29.99 -27.32 -16.10
CA ASN F 616 -30.74 -26.68 -15.03
C ASN F 616 -30.68 -25.16 -15.10
N VAL F 617 -29.75 -24.59 -15.87
CA VAL F 617 -29.72 -23.15 -16.07
C VAL F 617 -30.80 -22.76 -17.08
N PHE F 618 -31.59 -21.74 -16.72
CA PHE F 618 -32.79 -21.37 -17.47
C PHE F 618 -32.60 -19.99 -18.09
N ILE F 619 -33.00 -19.84 -19.35
CA ILE F 619 -32.78 -18.62 -20.12
C ILE F 619 -34.12 -18.10 -20.64
N ILE F 620 -34.31 -16.79 -20.53
CA ILE F 620 -35.47 -16.07 -21.06
C ILE F 620 -34.99 -14.77 -21.67
N GLY F 621 -35.53 -14.42 -22.83
CA GLY F 621 -35.09 -13.22 -23.52
C GLY F 621 -36.20 -12.35 -24.07
N ALA F 622 -36.00 -11.04 -24.03
CA ALA F 622 -36.96 -10.08 -24.57
C ALA F 622 -36.30 -9.26 -25.67
N THR F 623 -37.01 -9.09 -26.77
CA THR F 623 -36.53 -8.33 -27.92
C THR F 623 -37.54 -7.24 -28.26
N ASN F 624 -37.05 -6.01 -28.44
CA ASN F 624 -37.94 -4.92 -28.82
C ASN F 624 -38.42 -5.08 -30.26
N ARG F 625 -37.50 -5.34 -31.20
CA ARG F 625 -37.84 -5.55 -32.60
C ARG F 625 -37.28 -6.90 -33.04
N PRO F 626 -38.12 -7.93 -33.21
CA PRO F 626 -37.58 -9.24 -33.60
C PRO F 626 -37.10 -9.31 -35.04
N ASP F 627 -37.34 -8.26 -35.84
CA ASP F 627 -36.88 -8.31 -37.23
C ASP F 627 -35.36 -8.20 -37.31
N ILE F 628 -34.75 -7.39 -36.45
CA ILE F 628 -33.32 -7.12 -36.53
C ILE F 628 -32.49 -7.97 -35.58
N ILE F 629 -33.12 -8.86 -34.80
CA ILE F 629 -32.36 -9.78 -33.97
C ILE F 629 -31.67 -10.79 -34.88
N ASP F 630 -30.49 -11.23 -34.48
CA ASP F 630 -29.70 -12.11 -35.33
C ASP F 630 -30.42 -13.44 -35.53
N PRO F 631 -30.59 -13.89 -36.78
CA PRO F 631 -31.38 -15.11 -37.02
C PRO F 631 -30.78 -16.36 -36.42
N ALA F 632 -29.50 -16.34 -36.06
CA ALA F 632 -28.87 -17.53 -35.50
C ALA F 632 -29.52 -17.93 -34.19
N ILE F 633 -29.81 -16.96 -33.32
CA ILE F 633 -30.47 -17.26 -32.06
C ILE F 633 -31.88 -17.79 -32.29
N LEU F 634 -32.57 -17.25 -33.29
CA LEU F 634 -33.95 -17.64 -33.55
C LEU F 634 -34.03 -19.11 -33.99
N ARG F 635 -32.96 -19.64 -34.56
CA ARG F 635 -32.98 -21.00 -35.08
C ARG F 635 -33.16 -22.01 -33.95
N PRO F 636 -33.83 -23.13 -34.23
CA PRO F 636 -33.86 -24.23 -33.26
C PRO F 636 -32.46 -24.67 -32.88
N GLY F 637 -32.31 -25.08 -31.63
CA GLY F 637 -31.02 -25.41 -31.07
C GLY F 637 -30.37 -24.28 -30.30
N ARG F 638 -30.81 -23.04 -30.51
CA ARG F 638 -30.32 -21.90 -29.74
C ARG F 638 -31.43 -21.30 -28.89
N LEU F 639 -32.54 -20.85 -29.48
CA LEU F 639 -33.77 -20.51 -28.75
C LEU F 639 -34.94 -20.94 -29.62
N ASP F 640 -35.40 -22.18 -29.42
CA ASP F 640 -36.43 -22.75 -30.28
C ASP F 640 -37.80 -22.17 -29.97
N GLN F 641 -38.08 -21.90 -28.70
CA GLN F 641 -39.40 -21.42 -28.32
C GLN F 641 -39.51 -19.92 -28.55
N LEU F 642 -40.45 -19.53 -29.40
CA LEU F 642 -40.73 -18.12 -29.69
C LEU F 642 -42.15 -17.81 -29.24
N ILE F 643 -42.31 -16.69 -28.54
CA ILE F 643 -43.61 -16.28 -28.01
C ILE F 643 -43.82 -14.82 -28.34
N TYR F 644 -44.99 -14.49 -28.87
CA TYR F 644 -45.34 -13.12 -29.20
C TYR F 644 -46.28 -12.56 -28.15
N ILE F 645 -45.99 -11.34 -27.70
CA ILE F 645 -46.82 -10.65 -26.71
C ILE F 645 -47.57 -9.54 -27.42
N PRO F 646 -48.88 -9.65 -27.60
CA PRO F 646 -49.65 -8.58 -28.25
C PRO F 646 -49.92 -7.44 -27.29
N LEU F 647 -50.52 -6.39 -27.85
CA LEU F 647 -50.95 -5.27 -27.03
C LEU F 647 -52.15 -5.69 -26.19
N PRO F 648 -52.21 -5.29 -24.92
CA PRO F 648 -53.40 -5.59 -24.12
C PRO F 648 -54.66 -4.97 -24.72
N ASP F 649 -55.75 -5.72 -24.67
CA ASP F 649 -57.03 -5.25 -25.18
C ASP F 649 -57.80 -4.52 -24.08
N GLU F 650 -59.09 -4.27 -24.33
CA GLU F 650 -59.90 -3.55 -23.36
C GLU F 650 -59.96 -4.28 -22.03
N LYS F 651 -60.26 -5.58 -22.05
CA LYS F 651 -60.34 -6.35 -20.81
C LYS F 651 -59.00 -6.38 -20.09
N SER F 652 -57.91 -6.58 -20.84
CA SER F 652 -56.59 -6.56 -20.23
C SER F 652 -56.30 -5.20 -19.61
N ARG F 653 -56.77 -4.13 -20.25
CA ARG F 653 -56.57 -2.80 -19.71
C ARG F 653 -57.37 -2.60 -18.42
N VAL F 654 -58.59 -3.14 -18.35
CA VAL F 654 -59.35 -3.08 -17.12
C VAL F 654 -58.63 -3.85 -16.01
N ALA F 655 -58.05 -5.00 -16.36
CA ALA F 655 -57.28 -5.76 -15.36
C ALA F 655 -56.06 -4.97 -14.89
N ILE F 656 -55.38 -4.30 -15.82
CA ILE F 656 -54.25 -3.45 -15.46
C ILE F 656 -54.69 -2.36 -14.49
N LEU F 657 -55.80 -1.69 -14.80
CA LEU F 657 -56.27 -0.60 -13.95
C LEU F 657 -56.67 -1.10 -12.58
N LYS F 658 -57.30 -2.27 -12.51
CA LYS F 658 -57.63 -2.87 -11.22
C LYS F 658 -56.37 -3.17 -10.41
N ALA F 659 -55.36 -3.77 -11.07
CA ALA F 659 -54.13 -4.11 -10.36
C ALA F 659 -53.42 -2.85 -9.87
N ASN F 660 -53.46 -1.78 -10.66
CA ASN F 660 -52.78 -0.55 -10.28
C ASN F 660 -53.56 0.18 -9.18
N LEU F 661 -54.88 0.02 -9.15
CA LEU F 661 -55.71 0.67 -8.14
C LEU F 661 -55.93 -0.21 -6.91
N ARG F 662 -55.34 -1.41 -6.87
CA ARG F 662 -55.41 -2.21 -5.65
C ARG F 662 -54.74 -1.48 -4.49
N LYS F 663 -53.61 -0.82 -4.76
CA LYS F 663 -52.90 -0.13 -3.68
C LYS F 663 -53.65 1.12 -3.22
N SER F 664 -54.20 1.89 -4.15
CA SER F 664 -54.85 3.15 -3.84
C SER F 664 -56.33 3.08 -4.18
N PRO F 665 -57.22 3.35 -3.22
CA PRO F 665 -58.66 3.27 -3.49
C PRO F 665 -59.09 4.28 -4.55
N VAL F 666 -60.14 3.93 -5.29
CA VAL F 666 -60.65 4.75 -6.38
C VAL F 666 -62.13 5.03 -6.16
N ALA F 667 -62.57 6.19 -6.64
CA ALA F 667 -63.97 6.56 -6.53
C ALA F 667 -64.84 5.72 -7.45
N LYS F 668 -66.11 5.58 -7.06
CA LYS F 668 -67.01 4.69 -7.81
C LYS F 668 -67.37 5.28 -9.18
N ASP F 669 -67.43 6.61 -9.27
CA ASP F 669 -67.80 7.22 -10.55
C ASP F 669 -66.76 6.96 -11.63
N VAL F 670 -65.50 6.74 -11.22
CA VAL F 670 -64.46 6.45 -12.20
C VAL F 670 -64.68 5.09 -12.81
N ASP F 671 -64.62 5.02 -14.13
CA ASP F 671 -64.80 3.77 -14.86
C ASP F 671 -63.46 3.29 -15.40
N LEU F 672 -63.08 2.06 -15.03
CA LEU F 672 -61.89 1.46 -15.61
C LEU F 672 -62.09 1.17 -17.09
N GLU F 673 -63.31 0.74 -17.47
CA GLU F 673 -63.59 0.45 -18.87
C GLU F 673 -63.52 1.70 -19.73
N PHE F 674 -64.02 2.84 -19.20
CA PHE F 674 -63.95 4.09 -19.95
C PHE F 674 -62.50 4.50 -20.20
N LEU F 675 -61.65 4.36 -19.17
CA LEU F 675 -60.24 4.68 -19.34
C LEU F 675 -59.59 3.72 -20.33
N ALA F 676 -59.97 2.44 -20.28
CA ALA F 676 -59.44 1.48 -21.24
C ALA F 676 -59.83 1.85 -22.67
N LYS F 677 -61.08 2.31 -22.85
CA LYS F 677 -61.53 2.74 -24.16
C LYS F 677 -60.76 3.96 -24.64
N MET F 678 -60.52 4.93 -23.76
CA MET F 678 -59.73 6.09 -24.14
C MET F 678 -58.30 5.70 -24.50
N THR F 679 -57.71 4.79 -23.74
CA THR F 679 -56.37 4.30 -24.04
C THR F 679 -56.46 3.11 -25.00
N ASN F 680 -56.98 3.40 -26.19
CA ASN F 680 -57.20 2.35 -27.18
C ASN F 680 -55.89 1.68 -27.61
N GLY F 681 -54.84 2.47 -27.82
CA GLY F 681 -53.57 1.93 -28.26
C GLY F 681 -52.45 2.04 -27.26
N PHE F 682 -52.69 2.73 -26.14
CA PHE F 682 -51.66 2.93 -25.14
C PHE F 682 -51.28 1.61 -24.47
N SER F 683 -50.00 1.48 -24.15
CA SER F 683 -49.46 0.25 -23.56
C SER F 683 -49.78 0.19 -22.06
N GLY F 684 -49.53 -0.97 -21.46
CA GLY F 684 -49.81 -1.15 -20.04
C GLY F 684 -49.01 -0.20 -19.16
N ALA F 685 -47.74 0.01 -19.50
CA ALA F 685 -46.93 0.99 -18.78
C ALA F 685 -47.55 2.37 -18.84
N ASP F 686 -48.19 2.70 -19.96
CA ASP F 686 -48.86 3.98 -20.09
C ASP F 686 -50.00 4.10 -19.08
N LEU F 687 -50.80 3.05 -18.94
CA LEU F 687 -51.86 3.07 -17.93
C LEU F 687 -51.28 3.17 -16.52
N THR F 688 -50.19 2.46 -16.25
CA THR F 688 -49.58 2.51 -14.92
C THR F 688 -49.09 3.91 -14.59
N GLU F 689 -48.43 4.57 -15.54
CA GLU F 689 -47.95 5.93 -15.28
C GLU F 689 -49.09 6.92 -15.21
N ILE F 690 -50.17 6.69 -15.98
CA ILE F 690 -51.34 7.54 -15.84
C ILE F 690 -51.93 7.43 -14.44
N CYS F 691 -52.00 6.20 -13.92
CA CYS F 691 -52.45 6.01 -12.55
C CYS F 691 -51.53 6.71 -11.56
N GLN F 692 -50.22 6.61 -11.78
CA GLN F 692 -49.26 7.25 -10.88
C GLN F 692 -49.46 8.76 -10.85
N ARG F 693 -49.61 9.39 -12.03
CA ARG F 693 -49.83 10.83 -12.09
C ARG F 693 -51.17 11.21 -11.47
N ALA F 694 -52.20 10.39 -11.67
CA ALA F 694 -53.49 10.68 -11.06
C ALA F 694 -53.41 10.63 -9.54
N CYS F 695 -52.69 9.64 -9.00
CA CYS F 695 -52.52 9.56 -7.56
C CYS F 695 -51.74 10.75 -7.02
N LYS F 696 -50.69 11.17 -7.74
CA LYS F 696 -49.94 12.34 -7.31
C LYS F 696 -50.81 13.60 -7.32
N LEU F 697 -51.65 13.75 -8.35
CA LEU F 697 -52.52 14.93 -8.39
C LEU F 697 -53.56 14.89 -7.29
N ALA F 698 -54.07 13.70 -6.96
CA ALA F 698 -55.00 13.58 -5.85
C ALA F 698 -54.34 13.93 -4.52
N ILE F 699 -53.10 13.49 -4.33
CA ILE F 699 -52.35 13.88 -3.13
C ILE F 699 -52.21 15.39 -3.08
N ARG F 700 -51.86 16.00 -4.21
CA ARG F 700 -51.68 17.45 -4.24
C ARG F 700 -52.96 18.19 -3.89
N GLU F 701 -54.09 17.74 -4.45
CA GLU F 701 -55.35 18.44 -4.17
C GLU F 701 -55.78 18.24 -2.73
N SER F 702 -55.53 17.06 -2.16
CA SER F 702 -55.82 16.87 -0.74
C SER F 702 -54.97 17.81 0.13
N ILE F 703 -53.70 17.95 -0.21
CA ILE F 703 -52.83 18.86 0.54
C ILE F 703 -53.34 20.28 0.44
N GLU F 704 -53.71 20.71 -0.76
CA GLU F 704 -54.24 22.07 -0.94
C GLU F 704 -55.51 22.28 -0.14
N SER F 705 -56.41 21.28 -0.15
CA SER F 705 -57.65 21.40 0.61
C SER F 705 -57.37 21.53 2.10
N GLU F 706 -56.47 20.70 2.63
CA GLU F 706 -56.16 20.78 4.06
C GLU F 706 -55.52 22.11 4.41
N ILE F 707 -54.66 22.63 3.52
CA ILE F 707 -54.03 23.93 3.77
C ILE F 707 -55.08 25.02 3.76
N ARG F 708 -56.07 24.92 2.87
CA ARG F 708 -57.15 25.90 2.85
C ARG F 708 -57.96 25.84 4.14
N ARG F 709 -58.21 24.64 4.65
CA ARG F 709 -58.88 24.51 5.95
C ARG F 709 -58.07 25.16 7.05
N GLU F 710 -56.75 24.94 7.07
CA GLU F 710 -55.91 25.55 8.10
C GLU F 710 -55.94 27.07 7.99
N ARG F 711 -55.93 27.59 6.77
CA ARG F 711 -55.99 29.05 6.59
C ARG F 711 -57.31 29.62 7.06
N GLU F 712 -58.42 28.95 6.75
CA GLU F 712 -59.73 29.48 7.15
C GLU F 712 -59.97 29.31 8.65
N ARG F 713 -59.30 28.34 9.28
CA ARG F 713 -59.37 28.23 10.73
C ARG F 713 -58.65 29.40 11.40
N GLN F 714 -57.48 29.78 10.88
CA GLN F 714 -56.71 30.87 11.46
C GLN F 714 -56.85 32.13 10.62
N PRO F 727 -59.62 14.72 3.24
CA PRO F 727 -60.78 14.80 2.36
C PRO F 727 -61.25 13.43 1.88
N VAL F 728 -61.10 13.16 0.59
CA VAL F 728 -61.52 11.90 -0.01
C VAL F 728 -60.28 11.08 -0.34
N PRO F 729 -60.10 9.90 0.27
CA PRO F 729 -59.04 9.00 -0.21
C PRO F 729 -59.28 8.51 -1.62
N GLU F 730 -60.51 8.63 -2.10
CA GLU F 730 -60.83 8.23 -3.46
C GLU F 730 -60.13 9.15 -4.46
N ILE F 731 -60.06 8.71 -5.71
CA ILE F 731 -59.44 9.49 -6.78
C ILE F 731 -60.52 9.89 -7.77
N ARG F 732 -60.55 11.17 -8.13
CA ARG F 732 -61.54 11.68 -9.06
C ARG F 732 -61.11 11.41 -10.50
N ARG F 733 -62.11 11.42 -11.40
CA ARG F 733 -61.84 11.21 -12.82
C ARG F 733 -60.93 12.30 -13.39
N ASP F 734 -61.11 13.54 -12.93
CA ASP F 734 -60.40 14.67 -13.53
C ASP F 734 -58.92 14.40 -13.61
N HIS F 735 -58.32 14.00 -12.48
CA HIS F 735 -56.89 13.68 -12.44
C HIS F 735 -56.54 12.68 -13.53
N PHE F 736 -57.44 11.72 -13.79
CA PHE F 736 -57.20 10.77 -14.86
C PHE F 736 -57.20 11.46 -16.22
N GLU F 737 -58.11 12.42 -16.44
CA GLU F 737 -58.10 13.11 -17.74
C GLU F 737 -56.82 13.94 -17.95
N GLU F 738 -56.36 14.65 -16.92
CA GLU F 738 -55.08 15.35 -17.11
C GLU F 738 -53.91 14.38 -17.27
N ALA F 739 -53.95 13.24 -16.57
CA ALA F 739 -52.90 12.25 -16.75
C ALA F 739 -52.91 11.71 -18.18
N MET F 740 -54.09 11.54 -18.75
CA MET F 740 -54.21 11.13 -20.16
C MET F 740 -53.69 12.23 -21.08
N ARG F 741 -53.97 13.48 -20.73
CA ARG F 741 -53.52 14.61 -21.56
C ARG F 741 -52.01 14.68 -21.62
N PHE F 742 -51.33 14.52 -20.48
CA PHE F 742 -49.87 14.64 -20.48
C PHE F 742 -49.21 13.40 -21.05
N ALA F 743 -49.88 12.25 -20.99
CA ALA F 743 -49.29 10.99 -21.40
C ALA F 743 -49.08 10.95 -22.91
N ARG F 744 -48.18 10.07 -23.34
CA ARG F 744 -47.88 9.86 -24.75
C ARG F 744 -47.86 8.38 -25.08
N ARG F 745 -48.26 8.04 -26.29
CA ARG F 745 -48.31 6.64 -26.70
C ARG F 745 -46.91 6.08 -26.89
N SER F 746 -46.66 4.90 -26.32
CA SER F 746 -45.30 4.39 -26.24
C SER F 746 -44.80 3.87 -27.58
N VAL F 747 -45.65 3.16 -28.33
CA VAL F 747 -45.23 2.47 -29.55
C VAL F 747 -46.12 2.92 -30.70
N SER F 748 -45.53 3.06 -31.89
CA SER F 748 -46.30 3.42 -33.07
C SER F 748 -47.12 2.23 -33.57
N ASP F 749 -48.21 2.54 -34.27
CA ASP F 749 -49.11 1.50 -34.77
C ASP F 749 -48.43 0.62 -35.81
N ASN F 750 -47.64 1.22 -36.70
CA ASN F 750 -46.98 0.43 -37.74
C ASN F 750 -45.96 -0.54 -37.15
N ASP F 751 -45.37 -0.17 -36.01
CA ASP F 751 -44.50 -1.12 -35.31
C ASP F 751 -45.30 -2.31 -34.78
N ILE F 752 -46.49 -2.06 -34.24
CA ILE F 752 -47.36 -3.16 -33.85
C ILE F 752 -47.68 -4.02 -35.05
N ARG F 753 -47.93 -3.39 -36.21
CA ARG F 753 -48.26 -4.13 -37.41
C ARG F 753 -47.09 -5.00 -37.86
N LYS F 754 -45.86 -4.48 -37.78
CA LYS F 754 -44.72 -5.28 -38.21
C LYS F 754 -44.44 -6.43 -37.24
N TYR F 755 -44.68 -6.20 -35.94
CA TYR F 755 -44.56 -7.30 -34.99
C TYR F 755 -45.61 -8.37 -35.27
N GLU F 756 -46.84 -7.97 -35.59
CA GLU F 756 -47.87 -8.94 -35.96
C GLU F 756 -47.48 -9.69 -37.23
N MET F 757 -46.86 -8.99 -38.18
CA MET F 757 -46.39 -9.64 -39.40
C MET F 757 -45.33 -10.69 -39.08
N PHE F 758 -44.40 -10.36 -38.18
CA PHE F 758 -43.40 -11.33 -37.77
C PHE F 758 -44.04 -12.52 -37.07
N ALA F 759 -45.05 -12.27 -36.24
CA ALA F 759 -45.75 -13.36 -35.56
C ALA F 759 -46.46 -14.27 -36.56
N GLN F 760 -47.08 -13.69 -37.58
CA GLN F 760 -47.78 -14.49 -38.58
C GLN F 760 -46.81 -15.25 -39.45
N THR F 761 -45.62 -14.66 -39.70
CA THR F 761 -44.61 -15.36 -40.50
C THR F 761 -44.17 -16.65 -39.82
N LEU F 762 -44.02 -16.62 -38.50
CA LEU F 762 -43.64 -17.81 -37.75
C LEU F 762 -44.76 -18.84 -37.76
N SER F 770 -47.72 -30.54 -48.55
CA SER F 770 -47.47 -30.71 -49.98
C SER F 770 -46.42 -31.80 -50.22
N PHE F 771 -46.38 -32.77 -49.31
CA PHE F 771 -45.40 -33.86 -49.36
C PHE F 771 -46.10 -35.19 -49.23
N ARG F 772 -45.66 -36.17 -50.03
CA ARG F 772 -46.07 -37.56 -49.92
C ARG F 772 -44.83 -38.42 -49.69
N PHE F 773 -44.93 -39.42 -48.80
CA PHE F 773 -43.86 -40.37 -48.59
C PHE F 773 -44.33 -41.77 -48.90
N PRO F 774 -43.56 -42.58 -49.64
CA PRO F 774 -44.09 -43.85 -50.14
C PRO F 774 -44.51 -44.80 -49.02
N SER F 775 -45.51 -45.62 -49.34
CA SER F 775 -46.01 -46.66 -48.44
C SER F 775 -46.53 -46.09 -47.14
N UNK G 1 -10.37 3.19 -33.64
CA UNK G 1 -10.11 1.76 -33.61
C UNK G 1 -9.25 1.38 -32.40
N UNK G 2 -8.03 0.95 -32.66
CA UNK G 2 -7.13 0.57 -31.57
C UNK G 2 -6.80 1.76 -30.70
N UNK G 3 -6.68 1.52 -29.40
CA UNK G 3 -6.43 2.57 -28.43
C UNK G 3 -5.47 2.07 -27.36
N UNK G 4 -4.80 3.01 -26.71
CA UNK G 4 -3.86 2.71 -25.63
C UNK G 4 -4.38 3.27 -24.32
N UNK G 5 -3.92 2.70 -23.21
CA UNK G 5 -4.48 3.00 -21.89
C UNK G 5 -3.40 3.45 -20.93
N UNK G 6 -3.78 4.37 -20.05
CA UNK G 6 -2.94 4.82 -18.94
C UNK G 6 -3.60 4.44 -17.63
N UNK G 7 -2.81 4.18 -16.61
CA UNK G 7 -3.30 3.59 -15.37
C UNK G 7 -3.01 4.49 -14.18
N UNK G 8 -3.96 4.52 -13.24
CA UNK G 8 -3.80 5.20 -11.96
C UNK G 8 -3.86 4.17 -10.85
N UNK G 9 -2.91 4.22 -9.92
CA UNK G 9 -2.74 3.19 -8.90
C UNK G 9 -3.26 3.69 -7.55
N UNK G 10 -3.98 2.82 -6.84
CA UNK G 10 -4.44 3.10 -5.49
C UNK G 10 -3.61 2.29 -4.50
N UNK G 11 -2.94 2.98 -3.58
CA UNK G 11 -2.07 2.29 -2.63
C UNK G 11 -2.89 1.56 -1.58
N UNK G 12 -2.36 0.43 -1.13
CA UNK G 12 -2.95 -0.35 -0.04
C UNK G 12 -2.22 0.01 1.25
N UNK G 13 -2.97 0.47 2.25
CA UNK G 13 -2.36 0.95 3.48
C UNK G 13 -1.71 -0.20 4.24
N UNK G 14 -0.46 0.00 4.61
CA UNK G 14 0.26 -0.91 5.48
C UNK G 14 0.48 -0.23 6.82
N UNK G 15 -0.10 -0.79 7.87
CA UNK G 15 -0.13 -0.16 9.19
C UNK G 15 1.21 -0.43 9.88
N UNK G 16 2.00 0.63 10.04
CA UNK G 16 3.24 0.52 10.80
C UNK G 16 2.92 0.21 12.26
N UNK G 17 3.84 -0.50 12.92
CA UNK G 17 3.62 -0.96 14.28
C UNK G 17 4.45 -0.12 15.25
N UNK G 18 3.76 0.53 16.19
CA UNK G 18 4.39 1.20 17.32
C UNK G 18 3.86 0.56 18.59
N UNK G 19 4.68 -0.25 19.25
CA UNK G 19 4.25 -1.09 20.36
C UNK G 19 4.57 -0.41 21.69
N UNK G 20 3.62 -0.47 22.62
CA UNK G 20 3.84 0.01 23.97
C UNK G 20 4.30 -1.16 24.84
N UNK G 21 5.50 -1.05 25.39
CA UNK G 21 6.07 -2.13 26.18
C UNK G 21 5.27 -2.36 27.45
N UNK G 22 5.21 -3.63 27.86
CA UNK G 22 4.50 -4.00 29.08
C UNK G 22 5.40 -4.76 30.04
#